data_5X2B
#
_entry.id   5X2B
#
_cell.length_a   166.174
_cell.length_b   81.127
_cell.length_c   166.180
_cell.angle_alpha   90.00
_cell.angle_beta   119.95
_cell.angle_gamma   90.00
#
_symmetry.space_group_name_H-M   'P 1 21 1'
#
loop_
_entity.id
_entity.type
_entity.pdbx_description
1 polymer Sulfotransferase
2 polymer Sulfotransferase
3 polymer Sulfotransferase
4 non-polymer "ADENOSINE-3'-5'-DIPHOSPHATE"
5 non-polymer 'CALCIUM ION'
6 non-polymer GLYCEROL
7 water water
#
loop_
_entity_poly.entity_id
_entity_poly.type
_entity_poly.pdbx_seq_one_letter_code
_entity_poly.pdbx_strand_id
1 'polypeptide(L)'
;APSLLHKYMGIFFSTMSSEELLGSLDSFDAREDDIFLVSYPKSGTHWLAEVIERIPDAGITLTSPIELGDISKFEELKRI
PKRRAIPTHLNYEMLPVTVKQKQCKIIYIVRNPKDTAVSMFHYYRDNPNLPSTETWAAFLELFLKGDVVYGSWFDHVLSW
EEHKNDKNVLFIFYEEMKKDFVKSLKKITAFLGIDVNDSEMAKIARSTSFSEMKSNAAKENCDPNHVICALTSDRNLVFR
KGVVGDWINYFTPKQNRGFDELFTEKMRNSDVGRCLKEYAHSA
;
C,A,B,E,I,K,L
2 'polypeptide(L)'
;AILHKYMGIFFSTMSSEELLGSLDSFDAREDDIFLVSYPKSGTHWLAEVIERIPDAGITLTSPIELGDISKFEELKRIPK
RRAIPTHLNYEMLPVTVKQKQCKIIYIVRNPKDTAVSMFHYYRDNPNLPSTETWAAFLELFLKGDVVYGSWFDHVLSWEE
HKNDKNVLFIFYEEMKKDFVKSLKKITAFLGIDVNDSEMAKIARSTSFSEMKSNAAKENCDPNHVICALTSDRNLVFRKG
VVGDWINYFTPKQNRGFDELFTEKMRNSDVGRCLKEYAHSA
;
D
3 'polypeptide(L)'
;PSLLHKYMGIFFSTMSSEELLGSLDSFDAREDDIFLVSYPKSGTHWLAEVIERIPDAGITLTSPIELGDISKFEELKRIP
KRRAIPTHLNYEMLPVTVKQKQCKIIYIVRNPKDTAVSMFHYYRDNPNLPSTETWAAFLELFLKGDVVYGSWFDHVLSWE
EHKNDKNVLFIFYEEMKKDFVKSLKKITAFLGIDVNDSEMAKIARSTSFSEMKSNAAKENCDPNHVICALTSDRNLVFRK
GVVGDWINYFTPKQNRGFDELFTEKMRNSDVGRCLKEYAHSA
;
F,G,H,J
#
loop_
_chem_comp.id
_chem_comp.type
_chem_comp.name
_chem_comp.formula
A3P RNA linking ADENOSINE-3'-5'-DIPHOSPHATE 'C10 H15 N5 O10 P2'
CA non-polymer 'CALCIUM ION' 'Ca 2'
GOL non-polymer GLYCEROL 'C3 H8 O3'
#
# COMPACT_ATOMS: atom_id res chain seq x y z
N PRO A 2 -31.35 93.86 40.15
CA PRO A 2 -30.91 93.18 38.93
C PRO A 2 -29.59 92.46 39.16
N SER A 3 -29.60 91.13 39.06
CA SER A 3 -28.52 90.28 39.53
C SER A 3 -27.09 90.67 39.18
N LEU A 4 -26.14 90.01 39.83
CA LEU A 4 -24.76 90.18 39.46
C LEU A 4 -24.47 89.04 38.48
N LEU A 5 -25.23 87.97 38.61
CA LEU A 5 -25.11 86.79 37.77
C LEU A 5 -26.46 86.34 37.20
N HIS A 6 -26.40 85.65 36.07
CA HIS A 6 -27.59 85.13 35.46
C HIS A 6 -27.20 83.90 34.73
N LYS A 7 -28.21 83.21 34.27
CA LYS A 7 -28.07 81.82 33.94
C LYS A 7 -28.54 81.67 32.53
N TYR A 8 -27.76 81.07 31.64
CA TYR A 8 -28.15 80.88 30.25
C TYR A 8 -27.90 79.45 29.85
N MET A 9 -28.97 78.76 29.51
CA MET A 9 -28.90 77.34 29.18
CA MET A 9 -28.89 77.36 29.15
C MET A 9 -28.49 76.49 30.34
N GLY A 10 -28.71 77.00 31.55
CA GLY A 10 -28.38 76.29 32.75
C GLY A 10 -27.02 76.64 33.34
N ILE A 11 -26.46 77.78 32.98
CA ILE A 11 -25.15 78.16 33.49
C ILE A 11 -25.10 79.59 33.79
N PHE A 12 -24.42 79.90 34.87
CA PHE A 12 -24.40 81.23 35.35
C PHE A 12 -23.48 82.06 34.57
N PHE A 13 -23.96 83.23 34.17
CA PHE A 13 -23.09 84.26 33.64
C PHE A 13 -23.30 85.62 34.29
N SER A 14 -22.21 86.39 34.31
CA SER A 14 -22.26 87.82 34.60
C SER A 14 -23.19 88.55 33.68
N THR A 15 -23.74 89.63 34.20
CA THR A 15 -24.72 90.38 33.45
C THR A 15 -23.96 91.25 32.46
N MET A 16 -22.65 91.17 32.55
CA MET A 16 -21.77 91.82 31.61
C MET A 16 -21.63 91.01 30.34
N SER A 17 -22.34 89.91 30.23
CA SER A 17 -22.39 89.15 28.99
C SER A 17 -23.78 89.21 28.47
N SER A 18 -24.12 90.27 27.78
CA SER A 18 -25.49 90.40 27.35
C SER A 18 -25.96 88.99 27.06
N GLU A 19 -27.22 88.74 27.36
CA GLU A 19 -27.79 87.54 26.90
C GLU A 19 -27.88 87.66 25.39
N GLU A 20 -27.87 88.88 24.88
CA GLU A 20 -27.97 89.09 23.44
C GLU A 20 -26.84 88.33 22.89
N LEU A 21 -25.68 88.63 23.47
CA LEU A 21 -24.45 88.18 22.92
C LEU A 21 -24.51 86.67 22.81
N LEU A 22 -25.18 86.06 23.76
CA LEU A 22 -25.00 84.65 24.04
C LEU A 22 -25.95 83.77 23.26
N GLY A 23 -27.07 84.34 22.85
CA GLY A 23 -27.98 83.59 22.01
C GLY A 23 -27.47 83.64 20.59
N SER A 24 -26.50 84.51 20.34
CA SER A 24 -26.10 84.91 19.00
C SER A 24 -24.78 84.30 18.58
N LEU A 25 -24.21 83.51 19.47
CA LEU A 25 -22.82 83.12 19.35
C LEU A 25 -22.52 82.46 18.01
N ASP A 26 -23.38 81.57 17.57
CA ASP A 26 -23.03 80.78 16.44
C ASP A 26 -23.13 81.64 15.20
N SER A 27 -23.62 82.85 15.38
CA SER A 27 -23.55 83.79 14.28
C SER A 27 -22.13 84.30 14.19
N PHE A 28 -21.21 83.70 14.93
CA PHE A 28 -19.80 84.11 14.86
C PHE A 28 -19.11 83.43 13.72
N ASP A 29 -18.36 84.28 13.05
CA ASP A 29 -17.71 83.96 11.82
C ASP A 29 -16.22 84.02 12.06
N ALA A 30 -15.69 82.81 12.19
CA ALA A 30 -14.36 82.55 12.60
C ALA A 30 -13.46 82.84 11.45
N ARG A 31 -12.19 82.96 11.73
CA ARG A 31 -11.24 82.99 10.65
C ARG A 31 -10.31 81.80 10.86
N GLU A 32 -10.15 81.06 9.78
CA GLU A 32 -9.27 79.93 9.74
C GLU A 32 -8.06 80.16 10.57
N ASP A 33 -7.72 81.39 10.76
CA ASP A 33 -6.47 81.68 11.38
C ASP A 33 -6.68 82.07 12.83
N ASP A 34 -7.93 82.37 13.18
CA ASP A 34 -8.21 82.87 14.50
C ASP A 34 -7.63 81.99 15.54
N ILE A 35 -7.28 82.59 16.64
CA ILE A 35 -6.95 81.80 17.78
C ILE A 35 -7.82 81.95 18.99
N PHE A 36 -7.88 80.86 19.74
CA PHE A 36 -8.64 80.83 20.96
C PHE A 36 -7.89 80.31 22.15
N LEU A 37 -7.92 81.08 23.23
CA LEU A 37 -7.23 80.74 24.44
C LEU A 37 -8.30 80.37 25.36
N VAL A 38 -8.49 79.08 25.64
CA VAL A 38 -9.69 78.67 26.30
C VAL A 38 -9.41 78.16 27.69
N SER A 39 -10.28 78.53 28.60
CA SER A 39 -10.14 78.03 29.94
C SER A 39 -11.40 78.23 30.74
N TYR A 40 -11.48 77.46 31.81
CA TYR A 40 -12.37 77.68 32.91
C TYR A 40 -11.73 78.74 33.80
N PRO A 41 -12.55 79.55 34.41
CA PRO A 41 -12.11 80.70 35.20
C PRO A 41 -10.96 80.36 36.09
N LYS A 42 -10.15 81.36 36.38
CA LYS A 42 -9.13 81.14 37.38
C LYS A 42 -8.14 80.06 36.98
N SER A 43 -7.84 79.96 35.68
CA SER A 43 -7.03 78.83 35.21
C SER A 43 -5.72 79.16 34.44
N GLY A 44 -5.35 80.43 34.32
CA GLY A 44 -4.05 80.78 33.74
C GLY A 44 -4.25 81.67 32.52
N THR A 45 -5.51 81.75 32.14
CA THR A 45 -6.03 82.80 31.27
C THR A 45 -5.05 83.96 30.95
N HIS A 46 -4.86 84.84 31.93
CA HIS A 46 -3.97 85.96 31.72
C HIS A 46 -2.63 85.40 31.50
N TRP A 47 -2.14 84.70 32.51
CA TRP A 47 -0.87 84.07 32.34
C TRP A 47 -0.79 83.77 30.84
N LEU A 48 -1.62 82.88 30.35
CA LEU A 48 -1.56 82.51 28.95
C LEU A 48 -1.62 83.71 28.04
N ALA A 49 -2.62 84.52 28.22
CA ALA A 49 -2.75 85.58 27.27
C ALA A 49 -1.59 86.53 27.38
N GLU A 50 -1.01 86.66 28.55
CA GLU A 50 0.02 87.65 28.67
C GLU A 50 1.20 87.11 27.91
N VAL A 51 1.29 85.81 27.97
CA VAL A 51 2.38 85.10 27.35
C VAL A 51 2.31 85.24 25.83
N ILE A 52 1.10 85.15 25.32
CA ILE A 52 0.93 85.32 23.91
C ILE A 52 1.48 86.70 23.51
N GLU A 53 0.89 87.78 24.03
CA GLU A 53 1.30 89.15 23.66
C GLU A 53 2.82 89.36 23.69
N ARG A 54 3.51 88.63 24.55
CA ARG A 54 4.95 88.79 24.67
C ARG A 54 5.71 88.11 23.57
N ILE A 55 5.04 87.27 22.80
CA ILE A 55 5.62 86.76 21.56
C ILE A 55 5.84 87.91 20.54
N PRO A 56 7.07 88.07 20.02
CA PRO A 56 7.42 89.25 19.23
C PRO A 56 7.00 89.25 17.73
N ASP A 57 6.42 90.35 17.26
CA ASP A 57 6.13 90.55 15.83
C ASP A 57 5.49 89.32 15.26
N ALA A 58 4.69 88.66 16.07
CA ALA A 58 4.04 87.46 15.62
C ALA A 58 2.89 87.86 14.70
N GLY A 59 2.52 89.14 14.78
CA GLY A 59 1.42 89.65 14.01
C GLY A 59 0.05 89.50 14.67
N ILE A 60 -0.05 89.35 16.00
CA ILE A 60 -1.34 89.02 16.63
C ILE A 60 -1.97 90.08 17.51
N THR A 61 -3.21 90.42 17.23
CA THR A 61 -3.93 91.30 18.11
C THR A 61 -4.65 90.42 19.11
N LEU A 62 -4.34 90.62 20.37
CA LEU A 62 -5.03 89.85 21.35
C LEU A 62 -6.39 90.51 21.56
N THR A 63 -7.48 89.75 21.69
CA THR A 63 -8.84 90.35 21.68
C THR A 63 -9.61 90.25 23.02
N SER A 64 -10.42 91.23 23.35
CA SER A 64 -11.20 91.17 24.57
C SER A 64 -12.10 89.97 24.54
N PRO A 65 -12.56 89.51 25.71
CA PRO A 65 -13.23 88.22 25.66
C PRO A 65 -14.33 88.20 24.64
N ILE A 66 -14.61 87.04 24.07
CA ILE A 66 -15.68 86.94 23.10
C ILE A 66 -17.10 86.79 23.65
N GLU A 67 -17.29 86.31 24.88
CA GLU A 67 -18.64 86.24 25.45
C GLU A 67 -18.98 87.47 26.30
N LEU A 68 -18.11 88.48 26.25
CA LEU A 68 -18.24 89.76 26.96
C LEU A 68 -19.01 90.80 26.12
N GLY A 69 -20.21 91.21 26.58
CA GLY A 69 -20.88 92.40 26.08
C GLY A 69 -22.18 92.21 25.34
N ASP A 70 -22.42 93.10 24.37
CA ASP A 70 -23.57 93.08 23.45
C ASP A 70 -23.24 92.30 22.18
N ILE A 71 -24.28 91.87 21.49
CA ILE A 71 -24.15 91.43 20.11
C ILE A 71 -23.04 92.16 19.28
N SER A 72 -22.91 93.46 19.45
CA SER A 72 -21.92 94.30 18.74
C SER A 72 -20.50 93.83 18.83
N LYS A 73 -20.21 93.12 19.89
CA LYS A 73 -18.88 92.61 20.15
C LYS A 73 -18.50 91.84 18.91
N PHE A 74 -19.50 91.28 18.28
CA PHE A 74 -19.25 90.67 17.01
C PHE A 74 -18.85 91.71 16.06
N GLU A 75 -19.55 92.82 16.13
CA GLU A 75 -19.10 93.88 15.33
C GLU A 75 -17.69 94.14 15.71
N GLU A 76 -17.46 94.35 16.98
CA GLU A 76 -16.15 94.82 17.32
C GLU A 76 -15.16 93.90 16.67
N LEU A 77 -15.55 92.64 16.51
CA LEU A 77 -14.58 91.60 16.20
C LEU A 77 -14.16 91.53 14.74
N LYS A 78 -15.15 91.70 13.86
CA LYS A 78 -14.96 91.64 12.42
C LYS A 78 -13.97 92.70 11.87
N ARG A 79 -13.69 93.73 12.67
CA ARG A 79 -12.84 94.84 12.22
C ARG A 79 -11.37 94.63 12.54
N ILE A 80 -11.02 93.56 13.23
CA ILE A 80 -9.59 93.37 13.54
C ILE A 80 -8.93 92.76 12.35
N PRO A 81 -8.22 93.60 11.61
CA PRO A 81 -7.53 93.31 10.38
C PRO A 81 -6.51 92.27 10.64
N LYS A 82 -5.96 92.23 11.86
CA LYS A 82 -4.89 91.28 12.16
C LYS A 82 -5.45 89.93 12.59
N ARG A 83 -4.51 89.04 12.89
CA ARG A 83 -4.83 87.70 13.36
C ARG A 83 -5.29 87.85 14.77
N ARG A 84 -6.36 87.12 15.11
CA ARG A 84 -7.03 87.26 16.38
C ARG A 84 -6.73 86.12 17.35
N ALA A 85 -6.23 86.45 18.52
CA ALA A 85 -6.13 85.46 19.59
C ALA A 85 -7.27 85.82 20.47
N ILE A 86 -8.21 84.90 20.62
CA ILE A 86 -9.44 85.31 21.16
C ILE A 86 -9.65 84.51 22.41
N PRO A 87 -9.72 85.21 23.54
CA PRO A 87 -9.90 84.62 24.88
C PRO A 87 -11.33 84.22 25.20
N THR A 88 -11.53 83.09 25.88
CA THR A 88 -12.89 82.70 26.24
C THR A 88 -12.91 81.73 27.39
N HIS A 89 -14.00 81.70 28.16
CA HIS A 89 -14.23 80.59 29.07
C HIS A 89 -15.43 79.76 28.63
N LEU A 90 -15.87 79.88 27.40
CA LEU A 90 -17.03 79.11 26.99
C LEU A 90 -16.69 77.67 27.07
N ASN A 91 -17.73 76.86 27.27
CA ASN A 91 -17.58 75.43 27.14
C ASN A 91 -17.62 75.10 25.67
N TYR A 92 -17.29 73.87 25.36
CA TYR A 92 -17.31 73.43 23.99
C TYR A 92 -18.62 73.76 23.28
N GLU A 93 -19.71 73.26 23.85
N GLU A 93 -19.72 73.26 23.82
CA GLU A 93 -21.04 73.31 23.24
CA GLU A 93 -21.03 73.35 23.16
C GLU A 93 -21.42 74.70 22.79
C GLU A 93 -21.35 74.74 22.72
N MET A 94 -20.96 75.69 23.53
CA MET A 94 -21.33 77.06 23.27
C MET A 94 -20.31 77.75 22.46
N LEU A 95 -19.15 77.18 22.39
CA LEU A 95 -18.22 77.60 21.40
C LEU A 95 -18.95 77.59 20.04
N PRO A 96 -18.87 78.69 19.26
CA PRO A 96 -19.49 78.93 17.97
C PRO A 96 -19.19 77.86 16.98
N VAL A 97 -20.22 77.32 16.37
CA VAL A 97 -20.03 76.21 15.50
C VAL A 97 -18.99 76.54 14.50
N THR A 98 -19.03 77.76 14.07
CA THR A 98 -18.24 78.16 12.96
C THR A 98 -16.78 77.99 13.32
N VAL A 99 -16.47 78.09 14.60
CA VAL A 99 -15.11 77.88 15.04
C VAL A 99 -14.80 76.41 14.93
N LYS A 100 -15.83 75.61 15.17
CA LYS A 100 -15.62 74.19 15.09
C LYS A 100 -15.33 73.87 13.63
N GLN A 101 -16.07 74.51 12.73
CA GLN A 101 -16.05 74.25 11.29
C GLN A 101 -14.73 74.62 10.69
N LYS A 102 -14.16 75.71 11.12
CA LYS A 102 -12.86 76.08 10.59
C LYS A 102 -11.70 75.28 11.18
N GLN A 103 -11.95 74.60 12.28
CA GLN A 103 -10.87 74.02 13.08
C GLN A 103 -9.80 75.01 13.52
N CYS A 104 -10.23 76.22 13.89
CA CYS A 104 -9.30 77.19 14.44
C CYS A 104 -8.58 76.45 15.53
N LYS A 105 -7.31 76.78 15.64
CA LYS A 105 -6.51 76.27 16.67
C LYS A 105 -7.07 76.62 18.01
N ILE A 106 -7.10 75.68 18.91
CA ILE A 106 -7.39 75.99 20.30
C ILE A 106 -6.19 75.77 21.19
N ILE A 107 -6.06 76.65 22.19
CA ILE A 107 -5.25 76.33 23.33
C ILE A 107 -6.11 76.38 24.54
N TYR A 108 -6.24 75.24 25.18
CA TYR A 108 -7.07 75.10 26.36
C TYR A 108 -6.11 74.85 27.49
N ILE A 109 -6.10 75.71 28.51
CA ILE A 109 -5.15 75.55 29.59
C ILE A 109 -5.90 74.91 30.76
N VAL A 110 -5.19 74.15 31.59
CA VAL A 110 -5.84 73.43 32.69
C VAL A 110 -5.01 73.21 33.92
N ARG A 111 -5.70 73.25 35.05
CA ARG A 111 -5.08 73.29 36.37
C ARG A 111 -5.90 72.43 37.36
N ASN A 112 -5.26 71.85 38.36
CA ASN A 112 -6.02 70.99 39.25
C ASN A 112 -7.11 71.79 39.87
N PRO A 113 -8.26 71.14 40.06
CA PRO A 113 -9.54 71.75 40.38
C PRO A 113 -9.69 72.16 41.84
N LYS A 114 -8.80 71.70 42.71
CA LYS A 114 -8.92 72.07 44.09
C LYS A 114 -8.34 73.45 44.18
N ASP A 115 -7.25 73.63 43.48
CA ASP A 115 -6.65 74.95 43.39
C ASP A 115 -7.48 75.93 42.65
N THR A 116 -8.21 75.45 41.67
CA THR A 116 -9.08 76.33 40.93
C THR A 116 -10.17 76.82 41.85
N ALA A 117 -10.88 75.87 42.44
CA ALA A 117 -11.93 76.24 43.36
C ALA A 117 -11.47 77.40 44.24
N VAL A 118 -10.43 77.19 45.01
CA VAL A 118 -9.97 78.23 45.92
C VAL A 118 -9.77 79.57 45.20
N SER A 119 -8.68 79.66 44.44
CA SER A 119 -8.49 80.79 43.57
C SER A 119 -9.84 81.42 43.25
N MET A 120 -10.75 80.60 42.84
CA MET A 120 -12.07 81.06 42.56
C MET A 120 -12.71 81.59 43.87
N PHE A 121 -13.27 80.74 44.69
CA PHE A 121 -13.81 81.28 45.89
C PHE A 121 -13.19 82.65 46.13
N HIS A 122 -11.88 82.72 46.07
CA HIS A 122 -11.31 83.99 46.38
C HIS A 122 -11.92 85.04 45.49
N TYR A 123 -11.97 84.73 44.22
CA TYR A 123 -12.50 85.69 43.25
C TYR A 123 -13.94 86.13 43.54
N TYR A 124 -14.78 85.24 44.07
CA TYR A 124 -16.14 85.61 44.46
C TYR A 124 -16.05 86.61 45.60
N ARG A 125 -15.13 86.37 46.50
CA ARG A 125 -14.96 87.24 47.66
C ARG A 125 -14.64 88.64 47.21
N ASP A 126 -13.56 88.78 46.45
CA ASP A 126 -12.96 90.07 46.15
C ASP A 126 -13.50 90.86 44.95
N ASN A 127 -14.45 90.31 44.21
CA ASN A 127 -14.84 90.96 42.96
C ASN A 127 -16.32 91.38 42.99
N PRO A 128 -16.55 92.65 42.80
CA PRO A 128 -17.89 93.25 42.90
C PRO A 128 -18.80 92.90 41.73
N ASN A 129 -18.21 92.27 40.71
CA ASN A 129 -18.99 91.68 39.65
C ASN A 129 -19.45 90.31 40.04
N LEU A 130 -18.89 89.81 41.14
CA LEU A 130 -19.29 88.53 41.67
C LEU A 130 -19.94 88.64 43.03
N PRO A 131 -21.12 88.07 43.14
CA PRO A 131 -21.79 88.07 44.44
C PRO A 131 -20.94 87.23 45.37
N SER A 132 -20.04 87.92 46.07
CA SER A 132 -19.34 87.33 47.22
C SER A 132 -20.06 86.19 47.95
N THR A 133 -19.28 85.32 48.58
CA THR A 133 -19.79 84.27 49.46
C THR A 133 -19.02 84.23 50.77
N GLU A 134 -19.70 84.11 51.91
CA GLU A 134 -19.03 84.38 53.21
C GLU A 134 -17.82 83.44 53.54
N THR A 135 -18.10 82.16 53.46
CA THR A 135 -17.15 81.19 53.96
C THR A 135 -16.80 80.30 52.80
N TRP A 136 -15.65 79.67 52.95
CA TRP A 136 -15.12 78.76 51.94
C TRP A 136 -16.14 77.63 51.60
N ALA A 137 -16.79 77.12 52.62
CA ALA A 137 -17.54 75.88 52.49
C ALA A 137 -18.81 76.12 51.69
N ALA A 138 -19.24 77.37 51.65
CA ALA A 138 -20.42 77.76 50.93
C ALA A 138 -20.15 77.70 49.45
N PHE A 139 -19.05 78.30 49.09
CA PHE A 139 -18.63 78.30 47.73
C PHE A 139 -18.28 76.91 47.19
N LEU A 140 -17.66 76.08 48.00
CA LEU A 140 -17.31 74.77 47.50
C LEU A 140 -18.55 73.99 47.08
N GLU A 141 -19.61 74.10 47.87
CA GLU A 141 -20.82 73.35 47.58
C GLU A 141 -21.32 73.67 46.20
N LEU A 142 -21.15 74.93 45.82
CA LEU A 142 -21.62 75.47 44.53
C LEU A 142 -20.72 75.04 43.43
N PHE A 143 -19.45 75.14 43.73
CA PHE A 143 -18.46 74.65 42.85
C PHE A 143 -18.77 73.20 42.47
N LEU A 144 -18.89 72.35 43.48
CA LEU A 144 -19.16 70.94 43.24
C LEU A 144 -20.48 70.71 42.52
N LYS A 145 -21.39 71.64 42.66
CA LYS A 145 -22.65 71.60 41.95
C LYS A 145 -22.43 72.21 40.58
N GLY A 146 -21.43 73.07 40.47
CA GLY A 146 -21.17 73.79 39.23
C GLY A 146 -21.98 75.05 39.27
N ASP A 147 -22.40 75.42 40.47
CA ASP A 147 -23.35 76.49 40.63
C ASP A 147 -22.57 77.76 40.68
N VAL A 148 -21.50 77.74 39.90
CA VAL A 148 -20.72 78.92 39.71
C VAL A 148 -20.80 79.30 38.24
N VAL A 149 -20.38 80.51 37.98
CA VAL A 149 -20.40 81.04 36.65
C VAL A 149 -19.59 80.12 35.75
N TYR A 150 -20.04 79.92 34.53
CA TYR A 150 -19.35 79.04 33.58
C TYR A 150 -19.48 77.59 33.96
N GLY A 151 -20.20 77.32 35.05
CA GLY A 151 -20.63 75.97 35.38
C GLY A 151 -19.60 75.05 35.94
N SER A 152 -19.86 73.76 35.79
CA SER A 152 -19.06 72.79 36.50
C SER A 152 -17.67 72.66 35.95
N TRP A 153 -16.71 72.76 36.81
CA TRP A 153 -15.40 72.54 36.35
C TRP A 153 -15.48 71.31 35.46
N PHE A 154 -15.88 70.21 36.07
CA PHE A 154 -15.65 68.93 35.43
C PHE A 154 -16.17 68.91 34.01
N ASP A 155 -17.35 69.43 33.82
CA ASP A 155 -17.89 69.51 32.51
C ASP A 155 -17.02 70.30 31.56
N HIS A 156 -16.49 71.42 32.02
CA HIS A 156 -15.70 72.25 31.13
C HIS A 156 -14.61 71.44 30.52
N VAL A 157 -13.90 70.83 31.42
CA VAL A 157 -12.69 70.19 31.07
C VAL A 157 -12.99 69.06 30.12
N LEU A 158 -14.07 68.35 30.42
CA LEU A 158 -14.35 67.10 29.72
C LEU A 158 -14.71 67.33 28.30
N SER A 159 -15.69 68.18 28.15
CA SER A 159 -16.15 68.50 26.84
CA SER A 159 -16.15 68.58 26.86
C SER A 159 -14.91 68.85 26.06
N TRP A 160 -14.00 69.57 26.68
CA TRP A 160 -12.87 70.01 25.94
C TRP A 160 -11.98 68.86 25.72
N GLU A 161 -11.95 67.99 26.69
CA GLU A 161 -10.95 67.02 26.59
C GLU A 161 -11.29 66.17 25.39
N GLU A 162 -12.53 66.24 24.91
CA GLU A 162 -12.90 65.32 23.84
C GLU A 162 -12.13 65.53 22.57
N HIS A 163 -11.47 66.66 22.50
CA HIS A 163 -10.91 67.04 21.26
C HIS A 163 -9.45 67.23 21.51
N LYS A 164 -8.99 66.66 22.62
CA LYS A 164 -7.59 66.76 22.96
C LYS A 164 -6.68 66.16 21.88
N ASN A 165 -7.15 65.16 21.12
CA ASN A 165 -6.33 64.60 20.02
C ASN A 165 -6.56 65.16 18.63
N ASP A 166 -7.19 66.33 18.54
CA ASP A 166 -7.39 66.99 17.24
C ASP A 166 -6.18 67.88 16.94
N LYS A 167 -5.82 68.03 15.66
CA LYS A 167 -4.60 68.75 15.28
C LYS A 167 -4.48 70.28 15.63
N ASN A 168 -5.58 70.99 15.56
CA ASN A 168 -5.60 72.41 15.88
C ASN A 168 -5.82 72.62 17.36
N VAL A 169 -5.62 71.58 18.16
CA VAL A 169 -5.83 71.69 19.61
C VAL A 169 -4.62 71.31 20.47
N LEU A 170 -4.33 72.13 21.47
CA LEU A 170 -3.25 71.88 22.40
C LEU A 170 -3.71 72.13 23.82
N PHE A 171 -3.46 71.16 24.68
CA PHE A 171 -3.79 71.36 26.05
C PHE A 171 -2.53 71.78 26.73
N ILE A 172 -2.74 72.61 27.74
CA ILE A 172 -1.67 73.08 28.59
C ILE A 172 -2.07 73.01 30.06
N PHE A 173 -1.10 72.70 30.92
CA PHE A 173 -1.30 72.59 32.36
C PHE A 173 -0.57 73.64 33.15
N TYR A 174 -1.38 74.53 33.73
CA TYR A 174 -0.93 75.59 34.62
C TYR A 174 0.25 75.14 35.37
N GLU A 175 0.01 74.04 36.02
CA GLU A 175 1.01 73.44 36.80
C GLU A 175 2.20 73.47 35.87
N GLU A 176 2.11 72.80 34.73
CA GLU A 176 3.31 72.61 33.93
C GLU A 176 3.95 73.97 33.61
N MET A 177 3.26 75.06 33.92
CA MET A 177 3.80 76.38 33.64
C MET A 177 4.68 76.81 34.76
N LYS A 178 4.27 76.47 35.94
CA LYS A 178 5.06 76.78 37.09
C LYS A 178 6.38 75.97 37.03
N LYS A 179 6.24 74.67 36.94
CA LYS A 179 7.39 73.74 36.88
C LYS A 179 8.53 74.13 35.90
N ASP A 180 8.22 74.21 34.62
CA ASP A 180 9.24 74.35 33.61
C ASP A 180 8.56 75.13 32.55
N PHE A 181 8.58 76.42 32.77
CA PHE A 181 7.85 77.32 31.95
C PHE A 181 8.31 77.33 30.50
N VAL A 182 9.59 77.12 30.30
CA VAL A 182 10.15 77.17 28.98
C VAL A 182 9.76 75.95 28.13
N LYS A 183 9.70 74.78 28.76
CA LYS A 183 9.37 73.56 28.05
C LYS A 183 7.97 73.74 27.53
N SER A 184 7.16 74.33 28.37
CA SER A 184 5.82 74.77 27.97
C SER A 184 5.78 75.74 26.82
N LEU A 185 6.37 76.90 27.04
CA LEU A 185 6.40 77.89 26.01
C LEU A 185 6.73 77.32 24.60
N LYS A 186 7.87 76.67 24.49
CA LYS A 186 8.15 75.88 23.31
C LYS A 186 6.91 75.21 22.79
N LYS A 187 6.35 74.32 23.61
CA LYS A 187 5.25 73.45 23.22
C LYS A 187 4.24 74.27 22.46
N ILE A 188 4.22 75.54 22.80
CA ILE A 188 3.27 76.45 22.22
C ILE A 188 3.72 77.11 20.93
N THR A 189 4.66 78.02 21.09
CA THR A 189 5.42 78.56 20.00
C THR A 189 5.31 77.53 18.89
N ALA A 190 5.67 76.32 19.23
CA ALA A 190 5.54 75.22 18.29
C ALA A 190 4.12 75.03 17.78
N PHE A 191 3.18 74.64 18.63
CA PHE A 191 1.85 74.42 18.13
C PHE A 191 1.58 75.53 17.17
N LEU A 192 2.01 76.72 17.54
CA LEU A 192 1.70 77.84 16.71
C LEU A 192 2.67 77.94 15.58
N GLY A 193 3.60 77.00 15.56
CA GLY A 193 4.62 76.97 14.55
C GLY A 193 5.39 78.26 14.50
N ILE A 194 5.58 78.96 15.60
CA ILE A 194 6.46 80.11 15.55
C ILE A 194 7.86 79.78 16.08
N ASP A 195 8.87 80.25 15.39
CA ASP A 195 10.21 80.18 15.91
C ASP A 195 10.40 81.36 16.82
N VAL A 196 10.99 81.10 17.98
CA VAL A 196 11.46 82.18 18.86
C VAL A 196 12.60 81.59 19.65
N ASN A 197 13.71 82.31 19.72
CA ASN A 197 14.89 81.67 20.24
C ASN A 197 15.03 81.68 21.76
N ASP A 198 16.05 80.93 22.19
CA ASP A 198 16.44 80.80 23.59
C ASP A 198 16.54 82.12 24.33
N SER A 199 17.27 83.07 23.77
CA SER A 199 17.34 84.43 24.30
C SER A 199 15.96 85.02 24.47
N GLU A 200 15.24 85.03 23.36
CA GLU A 200 13.93 85.63 23.27
C GLU A 200 12.98 84.96 24.25
N MET A 201 12.91 83.63 24.18
CA MET A 201 12.06 82.88 25.09
C MET A 201 12.39 83.24 26.53
N ALA A 202 13.67 83.48 26.77
CA ALA A 202 14.18 83.78 28.09
C ALA A 202 13.75 85.16 28.48
N LYS A 203 13.34 85.93 27.51
CA LYS A 203 12.98 87.31 27.76
C LYS A 203 11.57 87.30 28.16
N ILE A 204 10.84 86.36 27.62
CA ILE A 204 9.43 86.32 27.89
C ILE A 204 9.25 85.81 29.27
N ALA A 205 10.07 84.82 29.59
CA ALA A 205 10.06 84.22 30.90
C ALA A 205 10.28 85.34 31.92
N ARG A 206 11.38 86.06 31.76
CA ARG A 206 11.64 87.28 32.52
C ARG A 206 10.35 88.16 32.58
N SER A 207 9.87 88.63 31.44
CA SER A 207 8.74 89.55 31.43
C SER A 207 7.43 88.99 32.07
N THR A 208 7.28 87.68 32.13
CA THR A 208 5.96 87.16 32.51
C THR A 208 5.86 86.55 33.90
N SER A 209 6.92 86.58 34.69
CA SER A 209 6.87 86.04 36.04
CA SER A 209 6.87 86.03 36.04
C SER A 209 5.73 86.67 36.84
N PHE A 210 5.03 85.85 37.59
CA PHE A 210 3.94 86.32 38.41
C PHE A 210 4.20 87.70 39.03
N SER A 211 5.25 87.77 39.82
CA SER A 211 5.55 88.99 40.55
C SER A 211 5.81 90.04 39.52
N GLU A 212 6.48 89.63 38.45
CA GLU A 212 6.64 90.52 37.34
C GLU A 212 5.27 90.90 36.90
N MET A 213 4.46 89.93 36.54
CA MET A 213 3.13 90.27 36.07
C MET A 213 2.44 91.04 37.15
N LYS A 214 2.83 90.83 38.40
CA LYS A 214 2.12 91.50 39.47
C LYS A 214 2.45 92.97 39.65
N SER A 215 3.62 93.42 39.22
CA SER A 215 3.89 94.85 39.19
C SER A 215 3.21 95.51 37.98
N ASN A 216 2.18 96.35 38.23
CA ASN A 216 1.35 96.91 37.16
C ASN A 216 0.30 97.92 37.65
N ALA A 217 -0.02 98.94 36.82
CA ALA A 217 -1.24 99.77 36.99
C ALA A 217 -1.52 100.85 35.90
N ALA A 218 -2.04 100.43 34.75
CA ALA A 218 -2.46 101.37 33.70
C ALA A 218 -2.81 100.64 32.41
N LYS A 219 -2.02 100.87 31.37
CA LYS A 219 -2.42 100.46 30.00
C LYS A 219 -1.40 99.58 29.26
N GLU A 220 -1.85 99.04 28.13
CA GLU A 220 -1.07 98.04 27.41
C GLU A 220 -0.29 98.70 26.28
N ASN A 221 -0.71 98.43 25.05
CA ASN A 221 0.02 98.92 23.90
C ASN A 221 -0.47 100.27 23.35
N CYS A 222 -1.73 100.63 23.61
CA CYS A 222 -2.26 101.96 23.23
C CYS A 222 -2.88 102.78 24.39
N ASP A 223 -4.21 102.97 24.37
CA ASP A 223 -4.93 103.72 25.44
C ASP A 223 -5.93 102.91 26.33
N PRO A 224 -7.21 102.79 25.91
CA PRO A 224 -8.21 102.25 26.84
C PRO A 224 -7.92 100.83 27.29
N ASN A 225 -8.17 100.58 28.56
CA ASN A 225 -7.79 99.31 29.14
C ASN A 225 -8.43 98.16 28.37
N HIS A 226 -7.62 97.14 28.12
CA HIS A 226 -8.11 95.96 27.44
C HIS A 226 -8.39 94.90 28.48
N VAL A 227 -9.63 94.45 28.55
CA VAL A 227 -9.99 93.36 29.46
C VAL A 227 -9.81 92.07 28.72
N ILE A 228 -9.35 91.06 29.43
CA ILE A 228 -9.16 89.77 28.80
C ILE A 228 -9.98 88.67 29.45
N CYS A 229 -10.43 88.90 30.66
CA CYS A 229 -11.36 87.96 31.22
C CYS A 229 -12.61 88.74 31.38
N ALA A 230 -13.69 88.18 30.84
CA ALA A 230 -14.96 88.88 30.82
C ALA A 230 -15.31 89.34 32.22
N LEU A 231 -14.95 88.54 33.21
CA LEU A 231 -15.37 88.86 34.58
C LEU A 231 -14.60 90.03 35.10
N THR A 232 -13.36 90.15 34.70
CA THR A 232 -12.47 91.05 35.37
C THR A 232 -12.38 92.41 34.71
N SER A 233 -12.53 93.42 35.55
CA SER A 233 -12.36 94.82 35.21
C SER A 233 -11.15 95.42 35.93
N ASP A 234 -10.76 94.85 37.06
CA ASP A 234 -9.56 95.30 37.74
C ASP A 234 -8.53 94.24 37.68
N ARG A 235 -7.56 94.42 36.81
CA ARG A 235 -6.54 93.42 36.72
C ARG A 235 -5.89 93.31 38.10
N ASN A 236 -5.73 94.40 38.84
CA ASN A 236 -5.06 94.28 40.14
C ASN A 236 -5.66 93.16 40.97
N LEU A 237 -6.86 92.74 40.64
CA LEU A 237 -7.46 91.66 41.37
C LEU A 237 -6.94 90.23 41.08
N VAL A 238 -6.28 89.94 39.97
CA VAL A 238 -6.02 88.52 39.70
C VAL A 238 -4.81 87.86 40.43
N PHE A 239 -3.76 88.61 40.73
CA PHE A 239 -2.56 88.05 41.36
C PHE A 239 -2.64 87.87 42.87
N ARG A 240 -3.03 86.68 43.27
CA ARG A 240 -3.29 86.40 44.67
C ARG A 240 -2.12 85.66 45.27
N LYS A 241 -1.91 84.44 44.82
CA LYS A 241 -0.77 83.63 45.27
C LYS A 241 -0.06 82.87 44.14
N GLY A 242 -0.79 82.45 43.11
CA GLY A 242 -0.16 81.87 41.94
C GLY A 242 0.91 80.81 42.17
N VAL A 243 0.71 79.96 43.16
CA VAL A 243 1.49 78.74 43.23
C VAL A 243 0.52 77.57 43.01
N VAL A 244 1.05 76.37 43.08
CA VAL A 244 0.29 75.15 43.10
C VAL A 244 0.16 74.79 44.60
N GLY A 245 -0.89 74.07 45.01
CA GLY A 245 -0.96 73.46 46.35
C GLY A 245 -1.84 74.04 47.51
N ASP A 246 -1.87 75.36 47.63
CA ASP A 246 -2.55 76.02 48.74
C ASP A 246 -3.76 75.22 49.24
N TRP A 247 -4.53 74.67 48.31
CA TRP A 247 -5.77 73.98 48.67
C TRP A 247 -5.58 73.14 49.91
N ILE A 248 -4.35 72.89 50.32
CA ILE A 248 -4.12 72.19 51.57
C ILE A 248 -4.24 73.16 52.74
N ASN A 249 -4.75 74.34 52.46
CA ASN A 249 -4.95 75.23 53.56
C ASN A 249 -6.38 75.67 53.66
N TYR A 250 -7.25 74.91 53.00
CA TYR A 250 -8.69 75.16 53.02
C TYR A 250 -9.62 73.95 53.05
N PHE A 251 -9.18 72.79 52.56
CA PHE A 251 -10.06 71.61 52.49
C PHE A 251 -10.08 70.79 53.78
N THR A 252 -11.28 70.52 54.31
CA THR A 252 -11.37 69.74 55.50
C THR A 252 -11.41 68.30 55.07
N PRO A 253 -10.94 67.40 55.94
CA PRO A 253 -10.75 66.02 55.56
C PRO A 253 -11.99 65.57 54.91
N LYS A 254 -13.13 66.10 55.34
CA LYS A 254 -14.40 65.68 54.76
C LYS A 254 -14.53 66.16 53.34
N GLN A 255 -14.43 67.46 53.18
CA GLN A 255 -14.50 68.08 51.86
C GLN A 255 -13.51 67.41 50.91
N ASN A 256 -12.38 66.99 51.39
CA ASN A 256 -11.52 66.33 50.48
C ASN A 256 -12.10 64.98 50.07
N ARG A 257 -12.37 64.11 51.03
CA ARG A 257 -12.94 62.79 50.72
C ARG A 257 -14.02 62.96 49.70
N GLY A 258 -14.92 63.89 49.98
CA GLY A 258 -16.06 64.05 49.11
C GLY A 258 -15.52 64.42 47.74
N PHE A 259 -14.53 65.31 47.74
CA PHE A 259 -14.01 65.89 46.51
C PHE A 259 -13.39 64.81 45.65
N ASP A 260 -12.57 64.02 46.29
CA ASP A 260 -11.85 62.99 45.63
C ASP A 260 -12.80 61.96 45.09
N GLU A 261 -13.94 61.77 45.72
CA GLU A 261 -14.89 60.83 45.18
C GLU A 261 -15.66 61.34 43.99
N LEU A 262 -16.10 62.59 44.03
CA LEU A 262 -16.74 63.15 42.86
C LEU A 262 -15.72 63.24 41.76
N PHE A 263 -14.50 63.63 42.12
CA PHE A 263 -13.51 63.79 41.12
C PHE A 263 -13.28 62.47 40.42
N THR A 264 -13.04 61.48 41.23
CA THR A 264 -12.81 60.16 40.75
C THR A 264 -14.04 59.60 40.03
N GLU A 265 -15.21 60.09 40.41
CA GLU A 265 -16.45 59.71 39.75
C GLU A 265 -16.58 60.39 38.40
N LYS A 266 -16.25 61.68 38.34
CA LYS A 266 -16.38 62.33 37.07
C LYS A 266 -15.15 62.07 36.20
N MET A 267 -13.94 62.16 36.75
CA MET A 267 -12.74 62.13 35.90
C MET A 267 -12.26 60.74 35.69
N ARG A 268 -13.20 59.83 35.51
CA ARG A 268 -12.91 58.40 35.59
C ARG A 268 -11.57 58.11 34.98
N ASN A 269 -11.61 58.03 33.66
CA ASN A 269 -10.54 57.44 32.91
C ASN A 269 -10.02 58.55 32.04
N SER A 270 -10.20 59.77 32.55
CA SER A 270 -9.68 60.95 31.88
C SER A 270 -8.17 61.05 32.08
N ASP A 271 -7.43 60.84 31.01
CA ASP A 271 -5.98 60.89 31.04
C ASP A 271 -5.55 62.12 31.75
N VAL A 272 -6.29 63.15 31.49
CA VAL A 272 -5.96 64.44 32.01
C VAL A 272 -6.17 64.24 33.51
N GLY A 273 -7.36 63.78 33.91
CA GLY A 273 -7.57 63.42 35.30
C GLY A 273 -6.28 62.92 35.95
N ARG A 274 -5.82 61.77 35.50
CA ARG A 274 -4.69 61.11 36.10
C ARG A 274 -3.43 61.97 36.11
N CYS A 275 -3.28 62.83 35.11
CA CYS A 275 -2.08 63.69 35.08
C CYS A 275 -2.15 64.72 36.17
N LEU A 276 -3.30 65.33 36.32
CA LEU A 276 -3.50 66.22 37.43
C LEU A 276 -3.28 65.44 38.73
N LYS A 277 -3.36 64.12 38.68
CA LYS A 277 -3.05 63.35 39.88
C LYS A 277 -1.56 63.01 40.08
N GLU A 278 -0.80 62.80 39.01
CA GLU A 278 0.65 62.66 39.14
C GLU A 278 1.31 63.91 39.71
N TYR A 279 0.58 65.04 39.70
CA TYR A 279 1.08 66.34 40.20
C TYR A 279 1.01 66.49 41.74
N ALA A 280 -0.19 66.49 42.31
CA ALA A 280 -0.30 66.60 43.75
C ALA A 280 0.11 65.27 44.37
N HIS A 281 0.14 64.26 43.51
CA HIS A 281 0.85 63.04 43.77
C HIS A 281 2.19 63.49 44.35
N SER A 282 3.00 64.17 43.54
CA SER A 282 4.12 64.88 44.14
C SER A 282 4.01 66.35 43.99
N ALA A 283 3.55 67.01 45.03
CA ALA A 283 3.41 68.44 45.02
C ALA A 283 2.79 68.67 46.37
N PRO B 2 -35.50 29.57 3.69
CA PRO B 2 -34.97 30.86 3.25
C PRO B 2 -33.96 31.30 4.25
N SER B 3 -33.96 30.56 5.35
CA SER B 3 -33.35 31.05 6.54
C SER B 3 -33.97 32.41 6.92
N LEU B 4 -34.20 32.52 8.23
CA LEU B 4 -34.70 33.71 8.86
C LEU B 4 -33.67 34.77 8.67
N LEU B 5 -32.41 34.38 8.83
CA LEU B 5 -31.26 35.28 8.67
C LEU B 5 -30.56 35.15 7.36
N HIS B 6 -29.59 36.05 7.24
CA HIS B 6 -28.66 36.11 6.14
C HIS B 6 -27.50 37.10 6.43
N LYS B 7 -26.47 37.00 5.63
CA LYS B 7 -25.18 37.54 5.94
C LYS B 7 -24.83 38.73 5.10
N TYR B 8 -24.40 39.83 5.67
CA TYR B 8 -23.92 40.91 4.81
C TYR B 8 -22.63 41.53 5.30
N MET B 9 -21.68 41.70 4.39
CA MET B 9 -20.31 41.98 4.81
C MET B 9 -20.00 41.08 6.00
N GLY B 10 -20.48 39.84 5.94
CA GLY B 10 -20.12 38.83 6.92
C GLY B 10 -20.91 38.87 8.20
N ILE B 11 -21.97 39.69 8.25
CA ILE B 11 -22.74 39.86 9.44
C ILE B 11 -24.09 39.33 9.15
N PHE B 12 -24.65 38.72 10.15
CA PHE B 12 -26.01 38.32 10.05
C PHE B 12 -26.97 39.47 10.14
N PHE B 13 -27.98 39.37 9.30
CA PHE B 13 -29.15 40.18 9.42
C PHE B 13 -30.34 39.27 9.24
N SER B 14 -31.54 39.75 9.53
CA SER B 14 -32.74 38.95 9.31
C SER B 14 -33.18 39.07 7.92
N THR B 15 -33.84 38.06 7.40
CA THR B 15 -34.20 38.09 5.99
C THR B 15 -35.13 39.30 5.70
N MET B 16 -35.65 39.91 6.76
CA MET B 16 -36.49 41.10 6.64
C MET B 16 -35.70 42.39 6.41
N SER B 17 -34.38 42.32 6.44
CA SER B 17 -33.55 43.42 5.98
C SER B 17 -32.93 43.12 4.64
N SER B 18 -33.51 43.70 3.61
CA SER B 18 -33.07 43.39 2.30
C SER B 18 -31.65 43.77 2.17
N GLU B 19 -31.02 42.98 1.35
CA GLU B 19 -29.80 43.35 0.73
C GLU B 19 -29.82 44.71 0.03
N GLU B 20 -30.66 44.83 -0.99
CA GLU B 20 -30.77 46.03 -1.77
C GLU B 20 -30.72 47.13 -0.80
N LEU B 21 -31.48 46.98 0.26
CA LEU B 21 -31.54 47.99 1.26
C LEU B 21 -30.17 48.16 1.92
N LEU B 22 -29.65 47.08 2.47
CA LEU B 22 -28.39 47.09 3.17
C LEU B 22 -27.22 47.55 2.31
N GLY B 23 -27.21 47.11 1.06
CA GLY B 23 -26.18 47.53 0.14
C GLY B 23 -26.33 48.93 -0.34
N SER B 24 -27.55 49.42 -0.37
CA SER B 24 -27.84 50.76 -0.85
C SER B 24 -27.84 51.78 0.28
N LEU B 25 -27.22 51.43 1.37
CA LEU B 25 -27.21 52.28 2.54
C LEU B 25 -26.65 53.70 2.33
N ASP B 26 -25.52 53.82 1.64
CA ASP B 26 -24.91 55.13 1.45
C ASP B 26 -25.80 56.10 0.69
N SER B 27 -26.96 55.61 0.25
CA SER B 27 -27.81 56.44 -0.58
C SER B 27 -28.68 57.33 0.27
N PHE B 28 -28.98 56.87 1.47
CA PHE B 28 -29.87 57.57 2.31
C PHE B 28 -29.40 58.99 2.50
N ASP B 29 -30.36 59.90 2.50
CA ASP B 29 -30.10 61.32 2.69
C ASP B 29 -30.51 61.77 4.05
N ALA B 30 -29.54 62.30 4.80
CA ALA B 30 -29.69 62.63 6.22
C ALA B 30 -29.87 64.13 6.45
N ARG B 31 -30.68 64.47 7.47
CA ARG B 31 -30.97 65.86 7.76
C ARG B 31 -30.10 66.26 8.93
N GLU B 32 -29.63 67.50 8.92
CA GLU B 32 -28.85 68.10 10.01
C GLU B 32 -29.49 67.95 11.38
N ASP B 33 -30.80 67.83 11.38
CA ASP B 33 -31.52 67.79 12.63
C ASP B 33 -31.87 66.35 13.00
N ASP B 34 -31.66 65.41 12.09
CA ASP B 34 -32.03 64.05 12.34
C ASP B 34 -31.45 63.67 13.63
N ILE B 35 -32.12 62.78 14.35
CA ILE B 35 -31.57 62.20 15.53
C ILE B 35 -31.42 60.70 15.40
N PHE B 36 -30.31 60.15 15.89
CA PHE B 36 -30.02 58.73 15.69
C PHE B 36 -29.89 57.96 16.98
N LEU B 37 -30.66 56.90 17.04
CA LEU B 37 -30.72 56.06 18.23
C LEU B 37 -30.10 54.73 17.96
N VAL B 38 -28.92 54.52 18.52
CA VAL B 38 -28.18 53.32 18.18
C VAL B 38 -27.89 52.44 19.41
N SER B 39 -28.21 51.16 19.29
CA SER B 39 -27.88 50.18 20.28
C SER B 39 -27.46 48.93 19.58
N TYR B 40 -26.56 48.22 20.21
CA TYR B 40 -26.42 46.83 19.90
C TYR B 40 -27.68 46.32 20.51
N PRO B 41 -28.31 45.36 19.84
CA PRO B 41 -29.67 44.92 20.17
C PRO B 41 -29.75 44.37 21.57
N LYS B 42 -30.92 44.43 22.16
CA LYS B 42 -31.07 44.13 23.59
C LYS B 42 -30.17 44.98 24.45
N SER B 43 -29.90 46.22 24.04
CA SER B 43 -29.07 47.05 24.87
C SER B 43 -29.87 48.24 25.34
N GLY B 44 -31.19 48.12 25.40
CA GLY B 44 -32.00 49.25 25.86
C GLY B 44 -32.45 50.07 24.69
N THR B 45 -32.55 49.38 23.57
CA THR B 45 -33.02 49.99 22.37
C THR B 45 -34.46 50.50 22.55
N HIS B 46 -35.32 49.62 23.02
CA HIS B 46 -36.70 50.00 23.23
C HIS B 46 -36.74 51.03 24.33
N TRP B 47 -36.11 50.69 25.42
CA TRP B 47 -36.11 51.58 26.53
C TRP B 47 -35.79 52.93 26.02
N LEU B 48 -34.60 53.01 25.43
CA LEU B 48 -34.13 54.22 24.83
C LEU B 48 -35.22 54.94 24.04
N ALA B 49 -35.91 54.25 23.16
CA ALA B 49 -36.84 54.92 22.27
C ALA B 49 -38.15 55.43 22.91
N GLU B 50 -38.77 54.66 23.79
CA GLU B 50 -40.03 55.08 24.39
C GLU B 50 -39.85 56.41 25.00
N VAL B 51 -38.89 56.47 25.90
CA VAL B 51 -38.51 57.71 26.53
C VAL B 51 -38.74 58.83 25.53
N ILE B 52 -37.82 58.91 24.61
CA ILE B 52 -37.91 59.91 23.57
C ILE B 52 -39.36 60.16 23.11
N GLU B 53 -40.12 59.13 22.78
CA GLU B 53 -41.47 59.32 22.27
C GLU B 53 -42.25 60.10 23.26
N ARG B 54 -41.73 60.12 24.47
CA ARG B 54 -42.42 60.78 25.56
C ARG B 54 -42.13 62.27 25.59
N ILE B 55 -40.89 62.65 25.32
CA ILE B 55 -40.51 64.03 25.52
C ILE B 55 -41.59 64.89 24.93
N PRO B 56 -42.15 65.72 25.79
CA PRO B 56 -43.38 66.41 25.46
C PRO B 56 -43.15 67.50 24.45
N ASP B 57 -44.06 67.58 23.49
CA ASP B 57 -44.03 68.58 22.44
C ASP B 57 -42.63 68.83 21.89
N ALA B 58 -41.81 67.79 21.92
CA ALA B 58 -40.53 67.88 21.26
C ALA B 58 -40.81 68.04 19.78
N GLY B 59 -42.02 67.67 19.36
CA GLY B 59 -42.30 67.72 17.95
C GLY B 59 -41.33 66.84 17.19
N ILE B 60 -41.06 65.66 17.75
CA ILE B 60 -40.24 64.66 17.07
C ILE B 60 -41.01 63.44 16.50
N THR B 61 -40.62 62.96 15.32
CA THR B 61 -41.13 61.66 14.83
C THR B 61 -40.09 60.55 14.78
N LEU B 62 -40.52 59.43 15.31
CA LEU B 62 -39.71 58.27 15.51
C LEU B 62 -39.89 57.33 14.37
N THR B 63 -38.82 56.85 13.78
CA THR B 63 -38.99 56.03 12.63
C THR B 63 -38.81 54.54 12.87
N SER B 64 -39.50 53.78 12.06
CA SER B 64 -39.15 52.39 11.87
C SER B 64 -37.61 52.30 11.78
N PRO B 65 -37.02 51.17 12.21
CA PRO B 65 -35.57 51.03 12.14
C PRO B 65 -35.12 51.43 10.79
N ILE B 66 -33.99 52.10 10.65
CA ILE B 66 -33.72 52.51 9.30
C ILE B 66 -33.43 51.29 8.46
N GLU B 67 -32.92 50.23 9.06
CA GLU B 67 -32.39 49.12 8.24
C GLU B 67 -33.42 48.02 7.96
N LEU B 68 -34.67 48.30 8.23
CA LEU B 68 -35.76 47.35 8.07
C LEU B 68 -36.38 47.49 6.66
N GLY B 69 -36.21 46.50 5.76
CA GLY B 69 -37.03 46.39 4.55
C GLY B 69 -36.46 46.43 3.13
N ASP B 70 -37.29 46.91 2.19
CA ASP B 70 -36.83 47.06 0.82
C ASP B 70 -36.16 48.40 0.76
N ILE B 71 -35.58 48.69 -0.38
CA ILE B 71 -35.11 50.04 -0.70
C ILE B 71 -36.18 51.18 -0.36
N SER B 72 -37.44 50.96 -0.70
CA SER B 72 -38.52 51.92 -0.43
C SER B 72 -38.45 52.56 0.93
N LYS B 73 -37.97 51.80 1.91
CA LYS B 73 -37.90 52.29 3.26
C LYS B 73 -37.44 53.73 3.28
N PHE B 74 -36.48 54.04 2.43
CA PHE B 74 -36.06 55.42 2.31
C PHE B 74 -37.19 56.32 1.94
N GLU B 75 -37.62 56.22 0.68
CA GLU B 75 -38.70 57.07 0.21
C GLU B 75 -39.58 57.34 1.42
N GLU B 76 -39.88 56.28 2.13
CA GLU B 76 -40.72 56.37 3.31
C GLU B 76 -40.17 57.36 4.34
N LEU B 77 -38.88 57.27 4.62
CA LEU B 77 -38.32 58.18 5.64
C LEU B 77 -38.23 59.61 5.09
N LYS B 78 -38.01 59.67 3.80
CA LYS B 78 -37.89 60.92 3.08
C LYS B 78 -39.17 61.74 3.19
N ARG B 79 -40.31 61.05 3.18
CA ARG B 79 -41.60 61.70 3.20
C ARG B 79 -41.95 62.08 4.62
N ILE B 80 -41.00 61.99 5.52
CA ILE B 80 -41.31 62.39 6.87
C ILE B 80 -40.89 63.81 7.05
N PRO B 81 -41.87 64.69 7.29
CA PRO B 81 -41.69 66.14 7.26
C PRO B 81 -41.16 66.70 8.54
N LYS B 82 -41.51 66.10 9.67
CA LYS B 82 -40.97 66.50 10.96
C LYS B 82 -39.51 66.03 11.32
N ARG B 83 -39.10 66.29 12.57
CA ARG B 83 -37.75 65.91 13.05
C ARG B 83 -37.70 64.40 13.27
N ARG B 84 -36.71 63.75 12.65
CA ARG B 84 -36.70 62.29 12.55
C ARG B 84 -35.89 61.67 13.62
N ALA B 85 -36.51 60.68 14.27
CA ALA B 85 -35.85 59.79 15.21
C ALA B 85 -35.82 58.42 14.67
N ILE B 86 -34.63 58.00 14.36
CA ILE B 86 -34.48 56.77 13.63
C ILE B 86 -33.72 55.75 14.43
N PRO B 87 -34.38 54.61 14.68
CA PRO B 87 -33.77 53.52 15.39
C PRO B 87 -32.95 52.65 14.45
N THR B 88 -31.78 52.22 14.90
CA THR B 88 -30.90 51.38 14.10
C THR B 88 -29.91 50.63 14.93
N HIS B 89 -29.72 49.35 14.68
CA HIS B 89 -28.68 48.66 15.43
C HIS B 89 -27.33 48.65 14.66
N LEU B 90 -27.16 49.55 13.70
CA LEU B 90 -26.09 49.38 12.70
C LEU B 90 -24.74 49.66 13.28
N ASN B 91 -23.69 49.14 12.65
CA ASN B 91 -22.37 49.49 13.09
C ASN B 91 -21.91 50.81 12.47
N TYR B 92 -20.77 51.32 12.88
CA TYR B 92 -20.33 52.57 12.34
C TYR B 92 -19.99 52.61 10.84
N GLU B 93 -19.46 51.51 10.31
CA GLU B 93 -18.94 51.50 8.96
C GLU B 93 -20.10 51.62 8.06
N MET B 94 -21.13 50.88 8.41
CA MET B 94 -22.27 50.69 7.55
C MET B 94 -23.24 51.82 7.62
N LEU B 95 -23.23 52.51 8.74
CA LEU B 95 -24.05 53.69 8.86
C LEU B 95 -23.78 54.55 7.64
N PRO B 96 -24.85 55.06 7.00
CA PRO B 96 -24.85 55.91 5.80
C PRO B 96 -23.91 57.04 5.91
N VAL B 97 -23.14 57.28 4.86
CA VAL B 97 -22.07 58.24 4.96
C VAL B 97 -22.64 59.62 5.27
N THR B 98 -23.87 59.83 4.93
CA THR B 98 -24.31 61.18 4.93
C THR B 98 -24.63 61.64 6.36
N VAL B 99 -25.03 60.65 7.15
CA VAL B 99 -25.20 60.75 8.58
C VAL B 99 -23.96 61.24 9.31
N LYS B 100 -22.84 60.61 9.03
CA LYS B 100 -21.58 61.01 9.60
C LYS B 100 -21.32 62.41 9.13
N GLN B 101 -21.24 62.59 7.82
CA GLN B 101 -20.88 63.88 7.25
C GLN B 101 -21.67 65.05 7.84
N LYS B 102 -22.99 64.93 7.95
CA LYS B 102 -23.80 66.02 8.52
C LYS B 102 -23.70 66.11 10.03
N GLN B 103 -22.96 65.23 10.68
CA GLN B 103 -22.97 65.24 12.13
C GLN B 103 -24.37 65.31 12.77
N CYS B 104 -25.36 64.56 12.29
CA CYS B 104 -26.60 64.47 13.08
C CYS B 104 -26.33 64.04 14.52
N LYS B 105 -27.33 64.19 15.37
CA LYS B 105 -27.21 63.77 16.74
C LYS B 105 -27.33 62.27 16.79
N ILE B 106 -26.40 61.65 17.50
CA ILE B 106 -26.45 60.21 17.69
C ILE B 106 -26.44 59.94 19.14
N ILE B 107 -27.32 59.05 19.55
CA ILE B 107 -27.30 58.49 20.87
C ILE B 107 -27.12 56.99 20.75
N TYR B 108 -26.10 56.49 21.45
CA TYR B 108 -25.70 55.10 21.31
C TYR B 108 -25.93 54.39 22.64
N ILE B 109 -26.86 53.44 22.70
CA ILE B 109 -27.11 52.83 23.97
C ILE B 109 -26.36 51.48 24.07
N VAL B 110 -25.72 51.26 25.21
CA VAL B 110 -24.83 50.12 25.41
C VAL B 110 -24.97 49.41 26.78
N ARG B 111 -25.12 48.08 26.75
CA ARG B 111 -25.39 47.25 27.95
C ARG B 111 -24.19 46.32 28.29
N ASN B 112 -23.98 45.92 29.53
CA ASN B 112 -22.81 45.08 29.78
C ASN B 112 -22.96 43.84 28.90
N PRO B 113 -21.83 43.32 28.35
CA PRO B 113 -21.99 42.26 27.35
C PRO B 113 -22.59 40.99 27.93
N LYS B 114 -22.37 40.72 29.21
CA LYS B 114 -22.97 39.53 29.84
C LYS B 114 -24.51 39.55 29.87
N ASP B 115 -25.14 40.57 30.46
CA ASP B 115 -26.62 40.61 30.47
C ASP B 115 -27.17 40.61 29.07
N THR B 116 -26.57 41.43 28.22
CA THR B 116 -27.00 41.58 26.83
C THR B 116 -27.20 40.20 26.14
N ALA B 117 -26.19 39.35 26.30
CA ALA B 117 -26.21 37.94 25.81
C ALA B 117 -27.37 37.04 26.35
N VAL B 118 -27.48 37.03 27.65
CA VAL B 118 -28.60 36.42 28.34
C VAL B 118 -29.77 36.93 27.63
N SER B 119 -29.86 38.24 27.65
CA SER B 119 -31.00 38.92 27.13
C SER B 119 -31.18 38.53 25.67
N MET B 120 -30.09 38.48 24.93
CA MET B 120 -30.26 38.12 23.55
C MET B 120 -30.61 36.67 23.50
N PHE B 121 -29.91 35.89 24.29
CA PHE B 121 -30.16 34.50 24.12
C PHE B 121 -31.68 34.20 24.20
N HIS B 122 -32.44 34.96 24.98
CA HIS B 122 -33.84 34.62 25.18
C HIS B 122 -34.67 35.17 24.09
N TYR B 123 -34.07 36.09 23.36
CA TYR B 123 -34.77 36.58 22.22
C TYR B 123 -34.78 35.50 21.16
N TYR B 124 -33.67 34.80 21.02
CA TYR B 124 -33.57 33.78 19.97
C TYR B 124 -34.53 32.67 20.33
N ARG B 125 -34.51 32.32 21.60
CA ARG B 125 -35.28 31.20 22.09
C ARG B 125 -36.74 31.50 21.92
N ASP B 126 -37.09 32.78 22.05
CA ASP B 126 -38.49 33.19 22.05
C ASP B 126 -38.97 33.83 20.74
N ASN B 127 -38.04 34.18 19.85
CA ASN B 127 -38.41 34.99 18.68
C ASN B 127 -38.32 34.23 17.39
N PRO B 128 -39.45 33.90 16.83
CA PRO B 128 -39.60 33.14 15.59
C PRO B 128 -38.99 33.85 14.41
N ASN B 129 -38.69 35.14 14.54
CA ASN B 129 -37.87 35.81 13.54
C ASN B 129 -36.48 35.31 13.65
N LEU B 130 -36.26 34.57 14.71
CA LEU B 130 -34.94 34.09 15.02
C LEU B 130 -34.98 32.59 15.24
N PRO B 131 -33.86 31.93 14.91
CA PRO B 131 -33.63 30.49 14.93
C PRO B 131 -33.29 30.15 16.35
N SER B 132 -34.11 29.33 16.97
CA SER B 132 -33.85 28.99 18.35
C SER B 132 -32.57 28.19 18.51
N THR B 133 -31.81 28.55 19.53
CA THR B 133 -30.71 27.75 20.05
C THR B 133 -31.23 27.01 21.29
N GLU B 134 -30.86 25.74 21.42
CA GLU B 134 -31.38 24.95 22.53
C GLU B 134 -30.74 25.34 23.82
N THR B 135 -29.43 25.44 23.79
CA THR B 135 -28.71 25.65 24.99
C THR B 135 -28.07 27.03 24.99
N TRP B 136 -28.03 27.56 26.19
CA TRP B 136 -27.34 28.78 26.48
C TRP B 136 -25.93 28.65 26.03
N ALA B 137 -25.25 27.67 26.56
CA ALA B 137 -23.86 27.47 26.16
C ALA B 137 -23.80 27.53 24.63
N ALA B 138 -24.79 26.91 23.99
CA ALA B 138 -24.77 26.87 22.54
C ALA B 138 -24.76 28.27 22.13
N PHE B 139 -25.68 29.05 22.63
CA PHE B 139 -25.75 30.44 22.20
C PHE B 139 -24.51 31.27 22.57
N LEU B 140 -23.93 30.97 23.70
CA LEU B 140 -22.90 31.84 24.18
C LEU B 140 -21.73 31.77 23.25
N GLU B 141 -21.52 30.58 22.72
CA GLU B 141 -20.35 30.40 21.89
C GLU B 141 -20.41 31.14 20.55
N LEU B 142 -21.61 31.23 19.99
CA LEU B 142 -21.82 32.04 18.80
C LEU B 142 -21.62 33.48 19.07
N PHE B 143 -22.39 33.93 20.03
CA PHE B 143 -22.26 35.25 20.53
C PHE B 143 -20.80 35.58 20.56
N LEU B 144 -20.03 34.70 21.14
CA LEU B 144 -18.63 35.02 21.34
C LEU B 144 -17.91 35.03 20.04
N LYS B 145 -18.46 34.40 19.02
CA LYS B 145 -17.94 34.61 17.70
C LYS B 145 -18.68 35.72 16.99
N GLY B 146 -19.33 36.60 17.73
CA GLY B 146 -20.15 37.60 17.10
C GLY B 146 -20.81 36.93 15.92
N ASP B 147 -21.06 35.64 16.03
CA ASP B 147 -21.87 35.00 15.02
C ASP B 147 -23.36 35.10 15.31
N VAL B 148 -23.79 36.31 15.67
CA VAL B 148 -25.16 36.57 16.01
C VAL B 148 -25.66 37.68 15.11
N VAL B 149 -26.97 37.89 15.08
CA VAL B 149 -27.49 38.91 14.19
C VAL B 149 -26.81 40.22 14.57
N TYR B 150 -26.43 41.01 13.58
CA TYR B 150 -25.64 42.22 13.77
C TYR B 150 -24.26 41.96 14.24
N GLY B 151 -23.89 40.70 14.34
CA GLY B 151 -22.47 40.36 14.49
C GLY B 151 -21.88 40.50 15.88
N SER B 152 -20.62 40.88 15.97
CA SER B 152 -19.96 40.93 17.26
C SER B 152 -20.20 42.18 18.10
N TRP B 153 -20.47 42.00 19.38
CA TRP B 153 -20.75 43.14 20.27
C TRP B 153 -19.52 44.00 20.46
N PHE B 154 -18.39 43.33 20.61
CA PHE B 154 -17.13 44.00 20.81
C PHE B 154 -16.86 44.90 19.65
N ASP B 155 -17.15 44.41 18.45
CA ASP B 155 -16.79 45.20 17.29
C ASP B 155 -17.80 46.30 17.24
N HIS B 156 -19.02 45.96 17.57
CA HIS B 156 -20.05 46.96 17.53
C HIS B 156 -19.65 48.08 18.42
N VAL B 157 -19.52 47.74 19.67
CA VAL B 157 -19.31 48.73 20.64
C VAL B 157 -18.02 49.41 20.33
N LEU B 158 -17.04 48.66 19.85
CA LEU B 158 -15.74 49.26 19.58
C LEU B 158 -15.77 50.30 18.49
N SER B 159 -16.38 49.95 17.37
N SER B 159 -16.41 49.97 17.39
CA SER B 159 -16.47 50.88 16.26
CA SER B 159 -16.41 50.89 16.27
C SER B 159 -17.11 52.17 16.73
C SER B 159 -17.28 52.12 16.53
N TRP B 160 -18.17 52.04 17.52
CA TRP B 160 -18.91 53.21 17.93
C TRP B 160 -18.10 54.04 18.90
N GLU B 161 -17.29 53.37 19.71
CA GLU B 161 -16.50 54.12 20.66
C GLU B 161 -15.40 54.86 19.95
N GLU B 162 -15.07 54.41 18.76
CA GLU B 162 -14.16 55.17 17.92
C GLU B 162 -14.73 56.58 17.78
N HIS B 163 -16.07 56.74 17.97
CA HIS B 163 -16.76 58.03 17.75
C HIS B 163 -17.42 58.69 18.96
N LYS B 164 -17.10 58.18 20.14
CA LYS B 164 -17.65 58.73 21.37
C LYS B 164 -17.14 60.16 21.68
N ASN B 165 -16.02 60.56 21.08
CA ASN B 165 -15.52 61.91 21.29
C ASN B 165 -16.03 62.92 20.29
N ASP B 166 -16.82 62.47 19.31
CA ASP B 166 -17.41 63.36 18.34
C ASP B 166 -18.46 64.19 19.10
N LYS B 167 -18.67 65.44 18.75
CA LYS B 167 -19.65 66.27 19.48
C LYS B 167 -21.13 65.88 19.32
N ASN B 168 -21.47 65.21 18.23
CA ASN B 168 -22.86 64.89 17.94
C ASN B 168 -23.23 63.48 18.41
N VAL B 169 -22.23 62.83 18.98
CA VAL B 169 -22.35 61.50 19.54
C VAL B 169 -22.37 61.52 21.07
N LEU B 170 -23.42 60.93 21.66
CA LEU B 170 -23.50 60.75 23.10
C LEU B 170 -23.61 59.28 23.48
N PHE B 171 -22.77 58.86 24.42
CA PHE B 171 -22.81 57.51 24.99
C PHE B 171 -23.61 57.48 26.27
N ILE B 172 -24.53 56.50 26.34
CA ILE B 172 -25.40 56.32 27.51
C ILE B 172 -25.37 54.84 28.00
N PHE B 173 -25.31 54.62 29.32
CA PHE B 173 -25.34 53.27 29.96
C PHE B 173 -26.71 52.70 30.45
N TYR B 174 -27.14 51.61 29.85
CA TYR B 174 -28.35 50.90 30.28
C TYR B 174 -28.34 50.91 31.80
N GLU B 175 -27.18 50.55 32.32
CA GLU B 175 -26.90 50.52 33.74
C GLU B 175 -27.16 51.87 34.38
N GLU B 176 -26.92 52.94 33.63
CA GLU B 176 -27.00 54.25 34.21
C GLU B 176 -28.44 54.47 34.35
N MET B 177 -29.13 53.89 33.40
CA MET B 177 -30.54 54.11 33.25
C MET B 177 -31.26 53.40 34.30
N LYS B 178 -30.86 52.17 34.57
CA LYS B 178 -31.52 51.46 35.62
C LYS B 178 -31.27 52.31 36.84
N LYS B 179 -29.99 52.56 37.06
CA LYS B 179 -29.47 53.24 38.27
C LYS B 179 -30.12 54.56 38.66
N ASP B 180 -29.84 55.60 37.89
CA ASP B 180 -30.38 56.92 38.17
C ASP B 180 -30.79 57.47 36.87
N PHE B 181 -32.01 57.11 36.52
CA PHE B 181 -32.62 57.53 35.27
C PHE B 181 -32.64 59.05 35.07
N VAL B 182 -32.93 59.79 36.11
CA VAL B 182 -33.14 61.22 35.93
C VAL B 182 -31.88 61.96 35.55
N LYS B 183 -30.76 61.59 36.16
CA LYS B 183 -29.53 62.29 35.84
C LYS B 183 -29.09 62.07 34.40
N SER B 184 -29.46 60.91 33.88
CA SER B 184 -29.19 60.55 32.50
C SER B 184 -30.17 61.24 31.60
N LEU B 185 -31.43 61.23 31.97
CA LEU B 185 -32.39 61.94 31.14
C LEU B 185 -31.93 63.40 31.03
N LYS B 186 -31.30 63.85 32.11
CA LYS B 186 -30.63 65.14 32.16
C LYS B 186 -29.44 65.19 31.26
N LYS B 187 -28.77 64.06 31.20
CA LYS B 187 -27.66 63.88 30.31
C LYS B 187 -28.19 63.79 28.90
N ILE B 188 -29.19 62.98 28.67
CA ILE B 188 -29.74 62.90 27.33
C ILE B 188 -30.32 64.20 26.93
N THR B 189 -30.99 64.86 27.85
CA THR B 189 -31.82 65.97 27.46
C THR B 189 -30.98 67.19 27.18
N ALA B 190 -29.87 67.32 27.88
CA ALA B 190 -28.93 68.39 27.61
C ALA B 190 -28.24 68.24 26.25
N PHE B 191 -28.01 66.99 25.82
CA PHE B 191 -27.35 66.69 24.53
C PHE B 191 -28.22 67.16 23.36
N LEU B 192 -29.50 66.83 23.43
CA LEU B 192 -30.48 67.22 22.42
C LEU B 192 -31.07 68.63 22.60
N GLY B 193 -30.55 69.39 23.55
CA GLY B 193 -30.91 70.80 23.72
C GLY B 193 -32.31 71.07 24.27
N ILE B 194 -33.01 70.04 24.71
CA ILE B 194 -34.39 70.22 25.19
C ILE B 194 -34.54 70.30 26.71
N ASP B 195 -34.83 71.51 27.20
CA ASP B 195 -35.13 71.72 28.60
C ASP B 195 -36.45 71.06 28.92
N VAL B 196 -36.44 70.35 30.05
CA VAL B 196 -37.59 69.63 30.52
C VAL B 196 -37.51 69.68 32.05
N ASN B 197 -38.48 70.30 32.72
CA ASN B 197 -38.35 70.51 34.16
C ASN B 197 -38.36 69.23 35.01
N ASP B 198 -38.16 69.41 36.29
CA ASP B 198 -38.29 68.33 37.24
C ASP B 198 -39.57 67.57 37.02
N SER B 199 -40.68 68.26 37.12
CA SER B 199 -41.96 67.57 37.17
C SER B 199 -42.11 66.64 35.95
N GLU B 200 -41.59 67.11 34.83
CA GLU B 200 -41.68 66.39 33.56
C GLU B 200 -40.66 65.30 33.35
N MET B 201 -39.57 65.37 34.07
CA MET B 201 -38.69 64.23 34.05
C MET B 201 -39.19 63.13 34.97
N ALA B 202 -39.92 63.52 36.00
CA ALA B 202 -40.52 62.55 36.92
C ALA B 202 -41.53 61.69 36.21
N LYS B 203 -42.42 62.37 35.52
CA LYS B 203 -43.48 61.75 34.78
C LYS B 203 -42.92 60.65 33.91
N ILE B 204 -41.99 61.08 33.06
CA ILE B 204 -41.29 60.19 32.16
C ILE B 204 -40.84 58.93 32.89
N ALA B 205 -40.03 59.14 33.91
CA ALA B 205 -39.50 58.09 34.74
C ALA B 205 -40.60 57.16 35.14
N ARG B 206 -41.62 57.75 35.75
CA ARG B 206 -42.79 57.00 36.10
C ARG B 206 -43.05 56.14 34.86
N SER B 207 -43.28 56.79 33.73
CA SER B 207 -43.99 56.14 32.63
C SER B 207 -43.13 55.20 31.79
N THR B 208 -41.81 55.22 32.01
CA THR B 208 -40.91 54.32 31.30
C THR B 208 -40.29 53.31 32.27
N SER B 209 -40.99 53.05 33.38
CA SER B 209 -40.63 52.03 34.33
C SER B 209 -40.79 50.72 33.63
N PHE B 210 -39.89 49.78 33.89
CA PHE B 210 -39.98 48.48 33.28
C PHE B 210 -41.43 47.93 33.23
N SER B 211 -42.08 47.83 34.38
CA SER B 211 -43.33 47.08 34.51
C SER B 211 -44.39 47.78 33.74
N GLU B 212 -44.35 49.09 33.82
CA GLU B 212 -45.25 49.93 33.10
C GLU B 212 -45.14 49.60 31.62
N MET B 213 -43.93 49.71 31.09
CA MET B 213 -43.75 49.53 29.66
C MET B 213 -44.17 48.14 29.29
N LYS B 214 -43.80 47.19 30.12
CA LYS B 214 -44.15 45.82 29.82
C LYS B 214 -45.63 45.88 29.51
N SER B 215 -46.34 46.59 30.37
CA SER B 215 -47.74 46.90 30.14
C SER B 215 -48.05 47.63 28.84
N ASN B 216 -48.82 46.93 28.03
CA ASN B 216 -49.15 47.39 26.70
C ASN B 216 -50.02 46.36 25.95
N ALA B 217 -51.08 46.85 25.30
CA ALA B 217 -51.84 46.04 24.32
C ALA B 217 -52.51 46.91 23.22
N ALA B 218 -52.05 46.75 21.96
CA ALA B 218 -52.68 47.32 20.73
C ALA B 218 -51.72 48.07 19.77
N LYS B 219 -51.68 49.40 19.84
CA LYS B 219 -50.87 50.22 18.92
C LYS B 219 -50.28 51.51 19.51
N GLU B 220 -49.81 52.39 18.61
CA GLU B 220 -48.91 53.47 18.95
C GLU B 220 -49.60 54.83 18.85
N ASN B 221 -49.13 55.67 17.93
CA ASN B 221 -49.72 56.98 17.73
C ASN B 221 -50.67 56.96 16.56
N CYS B 222 -50.73 55.79 15.95
CA CYS B 222 -51.47 55.59 14.74
C CYS B 222 -51.51 54.08 14.72
N ASP B 223 -52.47 53.55 14.02
CA ASP B 223 -52.86 52.18 14.29
C ASP B 223 -51.75 51.16 14.05
N PRO B 224 -51.10 51.22 12.87
CA PRO B 224 -50.05 50.23 12.72
C PRO B 224 -49.29 50.16 14.01
N ASN B 225 -48.66 49.03 14.24
CA ASN B 225 -47.79 48.89 15.38
C ASN B 225 -46.35 49.08 14.90
N HIS B 226 -45.91 50.31 15.13
CA HIS B 226 -44.60 50.80 14.77
C HIS B 226 -43.48 49.91 15.31
N VAL B 227 -42.48 49.59 14.50
CA VAL B 227 -41.30 48.92 15.05
C VAL B 227 -40.10 49.83 15.05
N ILE B 228 -39.16 49.45 15.89
CA ILE B 228 -37.98 50.26 16.07
C ILE B 228 -36.82 49.32 16.15
N CYS B 229 -37.07 48.10 16.58
CA CYS B 229 -36.03 47.13 16.41
C CYS B 229 -36.52 46.41 15.21
N ALA B 230 -35.65 46.24 14.26
CA ALA B 230 -36.06 45.56 13.07
C ALA B 230 -36.37 44.07 13.36
N LEU B 231 -35.56 43.43 14.19
CA LEU B 231 -35.79 42.06 14.65
C LEU B 231 -37.19 41.84 15.11
N THR B 232 -37.76 42.90 15.66
CA THR B 232 -38.94 42.76 16.48
C THR B 232 -40.21 43.17 15.81
N SER B 233 -41.12 42.20 15.78
CA SER B 233 -42.52 42.38 15.43
C SER B 233 -43.38 42.45 16.70
N ASP B 234 -43.01 41.64 17.70
CA ASP B 234 -43.85 41.39 18.89
C ASP B 234 -43.35 42.01 20.21
N ARG B 235 -43.75 43.25 20.44
CA ARG B 235 -43.16 44.06 21.51
C ARG B 235 -43.13 43.34 22.86
N ASN B 236 -44.22 42.67 23.18
CA ASN B 236 -44.30 42.15 24.52
C ASN B 236 -43.11 41.27 24.75
N LEU B 237 -42.60 40.67 23.68
CA LEU B 237 -41.45 39.79 23.84
C LEU B 237 -40.38 40.51 24.65
N VAL B 238 -40.21 41.80 24.42
CA VAL B 238 -39.00 42.46 24.92
C VAL B 238 -38.99 42.77 26.43
N PHE B 239 -39.99 42.28 27.17
CA PHE B 239 -40.12 42.56 28.61
C PHE B 239 -39.98 41.30 29.50
N ARG B 240 -38.72 40.93 29.74
CA ARG B 240 -38.37 39.62 30.30
C ARG B 240 -38.00 39.67 31.76
N LYS B 241 -37.00 40.48 32.07
CA LYS B 241 -36.55 40.67 33.46
C LYS B 241 -36.27 42.11 33.76
N GLY B 242 -35.43 42.72 32.92
CA GLY B 242 -35.21 44.15 32.93
C GLY B 242 -34.34 44.64 34.07
N VAL B 243 -33.25 43.90 34.33
CA VAL B 243 -32.36 44.23 35.45
C VAL B 243 -30.91 44.01 35.11
N VAL B 244 -30.05 44.31 36.08
CA VAL B 244 -28.63 44.22 35.89
C VAL B 244 -28.11 43.02 36.65
N GLY B 245 -27.57 42.08 35.90
CA GLY B 245 -26.89 40.96 36.49
C GLY B 245 -27.66 39.67 36.31
N ASP B 246 -28.60 39.64 35.38
CA ASP B 246 -29.22 38.37 35.08
C ASP B 246 -28.13 37.35 34.76
N TRP B 247 -27.00 37.84 34.28
CA TRP B 247 -25.97 36.94 33.81
C TRP B 247 -25.47 35.89 34.83
N ILE B 248 -25.40 36.25 36.10
CA ILE B 248 -24.90 35.30 37.08
C ILE B 248 -25.67 33.96 37.06
N ASN B 249 -26.93 33.95 36.71
CA ASN B 249 -27.68 32.72 36.83
C ASN B 249 -27.45 31.75 35.69
N TYR B 250 -26.48 32.02 34.84
CA TYR B 250 -26.29 31.21 33.63
C TYR B 250 -24.83 30.66 33.39
N PHE B 251 -23.85 31.58 33.38
CA PHE B 251 -22.43 31.24 33.11
C PHE B 251 -21.88 30.12 34.00
N THR B 252 -20.80 29.48 33.58
CA THR B 252 -20.08 28.48 34.37
C THR B 252 -18.59 28.84 34.34
N PRO B 253 -17.86 28.61 35.45
CA PRO B 253 -16.53 29.20 35.68
C PRO B 253 -15.66 29.23 34.43
N LYS B 254 -16.00 28.36 33.48
CA LYS B 254 -15.21 28.17 32.30
C LYS B 254 -15.62 29.16 31.24
N GLN B 255 -16.92 29.22 31.03
CA GLN B 255 -17.50 30.17 30.14
C GLN B 255 -17.01 31.50 30.56
N ASN B 256 -16.99 31.69 31.84
CA ASN B 256 -16.64 32.96 32.30
C ASN B 256 -15.19 33.20 32.12
N ARG B 257 -14.38 32.18 32.41
CA ARG B 257 -12.97 32.39 32.33
C ARG B 257 -12.64 32.60 30.89
N GLY B 258 -13.39 31.95 30.02
CA GLY B 258 -13.30 32.23 28.60
C GLY B 258 -13.78 33.60 28.15
N PHE B 259 -14.85 34.06 28.77
CA PHE B 259 -15.37 35.33 28.40
C PHE B 259 -14.38 36.41 28.74
N ASP B 260 -13.83 36.33 29.93
CA ASP B 260 -13.03 37.42 30.44
C ASP B 260 -11.77 37.65 29.63
N GLU B 261 -11.32 36.60 28.99
CA GLU B 261 -10.13 36.68 28.18
C GLU B 261 -10.39 37.28 26.79
N LEU B 262 -11.54 36.97 26.21
CA LEU B 262 -11.91 37.64 25.01
C LEU B 262 -12.00 39.14 25.22
N PHE B 263 -12.96 39.53 26.03
CA PHE B 263 -13.20 40.93 26.29
C PHE B 263 -11.87 41.64 26.41
N THR B 264 -11.00 40.96 27.13
CA THR B 264 -9.71 41.53 27.40
C THR B 264 -9.04 41.68 26.07
N GLU B 265 -8.87 40.52 25.43
CA GLU B 265 -8.19 40.52 24.17
C GLU B 265 -8.89 41.56 23.34
N LYS B 266 -10.20 41.58 23.41
CA LYS B 266 -10.90 42.45 22.52
C LYS B 266 -10.83 43.86 23.03
N MET B 267 -11.11 44.06 24.31
CA MET B 267 -11.34 45.42 24.73
C MET B 267 -10.08 46.10 25.21
N ARG B 268 -9.04 45.37 25.54
CA ARG B 268 -7.86 46.08 25.95
C ARG B 268 -8.27 47.23 26.83
N ASN B 269 -7.78 48.42 26.49
CA ASN B 269 -7.89 49.55 27.37
C ASN B 269 -8.98 50.52 26.95
N SER B 270 -10.13 49.96 26.67
CA SER B 270 -11.29 50.70 26.25
C SER B 270 -11.94 51.26 27.48
N ASP B 271 -12.18 52.55 27.51
CA ASP B 271 -12.60 53.17 28.73
C ASP B 271 -14.00 52.72 28.94
N VAL B 272 -14.70 52.67 27.84
CA VAL B 272 -16.06 52.21 27.91
C VAL B 272 -16.06 50.78 28.44
N GLY B 273 -15.08 50.00 28.03
CA GLY B 273 -15.00 48.61 28.44
C GLY B 273 -14.71 48.54 29.93
N ARG B 274 -13.92 49.50 30.38
CA ARG B 274 -13.51 49.53 31.75
C ARG B 274 -14.72 49.74 32.63
N CYS B 275 -15.59 50.64 32.18
CA CYS B 275 -16.80 50.99 32.91
C CYS B 275 -17.80 49.86 32.92
N LEU B 276 -17.97 49.18 31.81
CA LEU B 276 -18.93 48.09 31.80
C LEU B 276 -18.52 47.04 32.83
N LYS B 277 -17.22 46.90 33.06
CA LYS B 277 -16.75 46.08 34.18
C LYS B 277 -17.05 46.78 35.53
N GLU B 278 -16.43 47.93 35.78
CA GLU B 278 -16.72 48.72 36.96
C GLU B 278 -18.19 48.72 37.39
N TYR B 279 -19.09 48.37 36.47
CA TYR B 279 -20.54 48.31 36.75
C TYR B 279 -20.84 46.86 36.96
N ALA B 280 -21.55 46.26 36.00
CA ALA B 280 -21.80 44.81 35.97
C ALA B 280 -21.50 44.01 37.24
N HIS B 281 -20.34 44.24 37.85
CA HIS B 281 -19.96 43.49 39.05
C HIS B 281 -20.40 44.18 40.36
N SER B 282 -21.11 45.29 40.23
CA SER B 282 -21.62 46.05 41.38
C SER B 282 -20.61 46.06 42.52
N SER C 3 -10.04 30.22 -5.55
CA SER C 3 -8.92 29.71 -4.78
C SER C 3 -7.78 30.72 -4.76
N LEU C 4 -7.73 31.66 -5.71
CA LEU C 4 -6.69 32.71 -5.67
C LEU C 4 -7.12 33.75 -4.65
N LEU C 5 -8.36 34.21 -4.75
CA LEU C 5 -8.87 35.20 -3.82
C LEU C 5 -9.90 34.57 -2.93
N HIS C 6 -9.89 34.98 -1.67
CA HIS C 6 -10.94 34.61 -0.74
C HIS C 6 -11.51 35.83 0.00
N LYS C 7 -12.69 35.60 0.59
CA LYS C 7 -13.49 36.64 1.20
C LYS C 7 -13.56 36.50 2.72
N TYR C 8 -13.48 37.62 3.40
CA TYR C 8 -13.53 37.62 4.85
C TYR C 8 -14.35 38.83 5.22
N MET C 9 -15.49 38.65 5.88
CA MET C 9 -16.40 39.77 6.12
C MET C 9 -16.71 40.51 4.81
N GLY C 10 -16.87 39.76 3.72
CA GLY C 10 -17.19 40.35 2.43
C GLY C 10 -16.16 41.10 1.59
N ILE C 11 -14.87 41.05 1.94
CA ILE C 11 -13.89 41.74 1.14
C ILE C 11 -12.95 40.73 0.64
N PHE C 12 -12.25 41.10 -0.39
CA PHE C 12 -11.35 40.18 -0.94
C PHE C 12 -10.03 40.40 -0.38
N PHE C 13 -9.45 39.27 0.00
CA PHE C 13 -8.06 39.24 0.25
C PHE C 13 -7.52 38.05 -0.50
N SER C 14 -6.21 38.12 -0.74
CA SER C 14 -5.38 36.98 -1.15
C SER C 14 -5.23 35.86 -0.15
N THR C 15 -5.07 34.63 -0.65
CA THR C 15 -4.99 33.48 0.25
C THR C 15 -3.65 33.46 0.98
N MET C 16 -2.78 34.41 0.68
CA MET C 16 -1.50 34.52 1.37
C MET C 16 -1.76 35.18 2.68
N SER C 17 -2.88 35.89 2.70
CA SER C 17 -3.42 36.36 3.95
C SER C 17 -4.39 35.35 4.46
N SER C 18 -3.99 34.76 5.56
CA SER C 18 -4.75 33.73 6.15
C SER C 18 -5.96 34.35 6.83
N GLU C 19 -7.06 33.66 6.61
CA GLU C 19 -8.25 33.83 7.40
C GLU C 19 -7.92 33.91 8.91
N GLU C 20 -7.25 32.87 9.42
N GLU C 20 -7.24 32.88 9.44
CA GLU C 20 -6.85 32.84 10.82
CA GLU C 20 -6.89 32.87 10.87
C GLU C 20 -6.17 34.14 11.27
C GLU C 20 -6.19 34.17 11.28
N LEU C 21 -5.17 34.59 10.54
CA LEU C 21 -4.51 35.81 10.92
C LEU C 21 -5.57 36.91 10.88
N LEU C 22 -6.30 36.98 9.79
CA LEU C 22 -7.12 38.13 9.55
C LEU C 22 -8.11 38.14 10.69
N GLY C 23 -8.63 36.96 10.98
CA GLY C 23 -9.60 36.79 12.00
C GLY C 23 -9.04 37.04 13.38
N SER C 24 -7.73 37.11 13.51
CA SER C 24 -7.15 37.35 14.81
C SER C 24 -6.33 38.60 14.81
N LEU C 25 -6.55 39.46 13.83
CA LEU C 25 -5.82 40.69 13.77
C LEU C 25 -5.83 41.36 15.11
N ASP C 26 -6.89 41.16 15.87
CA ASP C 26 -6.99 41.93 17.10
C ASP C 26 -6.02 41.42 18.12
N SER C 27 -5.26 40.38 17.81
CA SER C 27 -4.35 39.89 18.84
C SER C 27 -3.02 40.61 18.74
N PHE C 28 -2.79 41.34 17.67
CA PHE C 28 -1.52 42.00 17.53
C PHE C 28 -1.19 42.98 18.71
N ASP C 29 0.08 43.15 19.10
CA ASP C 29 0.40 44.17 20.13
C ASP C 29 1.14 45.41 19.61
N ALA C 30 0.40 46.48 19.40
CA ALA C 30 0.95 47.72 18.88
C ALA C 30 1.90 48.28 19.90
N ARG C 31 2.79 49.17 19.50
CA ARG C 31 3.61 49.85 20.47
C ARG C 31 3.33 51.30 20.23
N GLU C 32 3.56 52.18 21.19
CA GLU C 32 3.17 53.58 21.00
C GLU C 32 3.92 54.15 19.80
N ASP C 33 5.08 53.57 19.56
CA ASP C 33 6.01 54.06 18.56
C ASP C 33 5.91 53.32 17.22
N ASP C 34 4.95 52.42 17.07
CA ASP C 34 4.78 51.74 15.79
C ASP C 34 4.28 52.72 14.76
N ILE C 35 4.84 52.65 13.57
CA ILE C 35 4.30 53.43 12.47
C ILE C 35 3.58 52.52 11.47
N PHE C 36 2.36 52.90 11.08
CA PHE C 36 1.63 52.15 10.09
C PHE C 36 1.47 52.86 8.75
N LEU C 37 1.78 52.14 7.70
CA LEU C 37 1.70 52.74 6.39
C LEU C 37 0.55 52.13 5.67
N VAL C 38 -0.38 53.01 5.37
CA VAL C 38 -1.64 52.60 4.87
C VAL C 38 -1.93 53.37 3.61
N SER C 39 -2.30 52.63 2.59
CA SER C 39 -2.74 53.16 1.30
C SER C 39 -3.70 52.09 0.85
N TYR C 40 -4.64 52.42 0.03
CA TYR C 40 -5.36 51.34 -0.60
C TYR C 40 -4.33 50.85 -1.64
N PRO C 41 -4.49 49.62 -2.12
CA PRO C 41 -3.50 49.15 -3.10
C PRO C 41 -3.45 50.03 -4.33
N LYS C 42 -2.32 49.99 -5.02
CA LYS C 42 -2.04 50.74 -6.25
C LYS C 42 -2.14 52.22 -6.05
N SER C 43 -1.95 52.63 -4.80
CA SER C 43 -2.17 54.00 -4.45
C SER C 43 -0.89 54.59 -3.97
N GLY C 44 0.23 53.89 -4.14
CA GLY C 44 1.54 54.39 -3.76
C GLY C 44 2.23 53.64 -2.61
N THR C 45 1.76 52.44 -2.35
CA THR C 45 2.34 51.64 -1.31
C THR C 45 3.88 51.63 -1.45
N HIS C 46 4.40 50.99 -2.50
CA HIS C 46 5.80 50.64 -2.53
C HIS C 46 6.62 51.89 -2.45
N TRP C 47 6.11 52.95 -3.06
CA TRP C 47 6.89 54.14 -3.16
C TRP C 47 7.14 54.65 -1.76
N LEU C 48 6.08 55.10 -1.11
CA LEU C 48 6.21 55.54 0.25
C LEU C 48 7.13 54.57 0.99
N ALA C 49 6.94 53.27 0.91
CA ALA C 49 7.77 52.42 1.78
C ALA C 49 9.24 52.55 1.47
N GLU C 50 9.57 52.89 0.23
CA GLU C 50 10.97 53.09 -0.10
C GLU C 50 11.44 54.42 0.49
N VAL C 51 10.58 55.41 0.42
CA VAL C 51 10.90 56.77 0.90
C VAL C 51 11.31 56.80 2.37
N ILE C 52 10.58 56.05 3.17
CA ILE C 52 10.93 55.79 4.57
C ILE C 52 12.22 55.02 4.75
N GLU C 53 12.44 53.99 3.94
CA GLU C 53 13.52 53.11 4.26
C GLU C 53 14.75 53.88 3.97
N ARG C 54 14.55 54.98 3.25
CA ARG C 54 15.61 55.87 2.82
C ARG C 54 16.02 56.91 3.84
N ILE C 55 15.16 57.20 4.80
CA ILE C 55 15.56 58.18 5.80
C ILE C 55 16.74 57.69 6.62
N PRO C 56 17.79 58.51 6.70
CA PRO C 56 19.06 58.06 7.28
C PRO C 56 19.03 57.98 8.80
N ASP C 57 19.44 56.83 9.34
CA ASP C 57 19.64 56.72 10.77
C ASP C 57 18.38 57.16 11.44
N ALA C 58 17.28 56.50 11.08
CA ALA C 58 15.96 56.80 11.63
C ALA C 58 15.62 55.78 12.69
N GLY C 59 16.35 54.67 12.67
CA GLY C 59 16.19 53.60 13.64
C GLY C 59 15.01 52.71 13.36
N ILE C 60 14.56 52.72 12.11
CA ILE C 60 13.34 52.00 11.74
C ILE C 60 13.60 50.73 10.96
N THR C 61 12.86 49.68 11.32
CA THR C 61 12.87 48.43 10.59
C THR C 61 11.60 48.41 9.82
N LEU C 62 11.64 48.64 8.52
CA LEU C 62 10.40 48.48 7.81
C LEU C 62 10.00 47.02 7.92
N THR C 63 8.74 46.69 8.09
CA THR C 63 8.40 45.29 8.09
C THR C 63 7.64 44.86 6.87
N SER C 64 7.30 43.56 6.90
CA SER C 64 6.41 42.93 5.93
C SER C 64 5.04 43.37 6.35
N PRO C 65 4.03 43.15 5.51
CA PRO C 65 2.66 43.55 5.87
C PRO C 65 1.99 42.66 6.91
N ILE C 66 1.42 43.32 7.92
CA ILE C 66 0.81 42.64 9.08
C ILE C 66 -0.27 41.68 8.67
N GLU C 67 -0.91 41.98 7.55
CA GLU C 67 -2.03 41.16 7.17
C GLU C 67 -1.56 40.01 6.30
N LEU C 68 -0.23 39.91 6.17
CA LEU C 68 0.41 38.90 5.35
C LEU C 68 0.80 37.65 6.13
N GLY C 69 0.36 36.47 5.66
CA GLY C 69 0.95 35.22 6.11
C GLY C 69 0.12 34.40 7.06
N ASP C 70 0.76 33.81 8.10
CA ASP C 70 0.11 33.03 9.19
C ASP C 70 0.09 33.82 10.52
N ILE C 71 -0.67 33.33 11.53
CA ILE C 71 -0.68 33.98 12.84
C ILE C 71 0.78 34.26 13.33
N SER C 72 1.68 33.33 13.02
CA SER C 72 3.08 33.42 13.40
C SER C 72 3.59 34.82 13.18
N LYS C 73 2.98 35.47 12.19
CA LYS C 73 3.31 36.82 11.74
C LYS C 73 3.36 37.76 12.91
N PHE C 74 2.36 37.65 13.78
CA PHE C 74 2.25 38.55 14.93
C PHE C 74 3.33 38.21 15.88
N GLU C 75 3.64 36.93 15.93
CA GLU C 75 4.78 36.51 16.68
C GLU C 75 5.96 37.19 16.00
N GLU C 76 6.06 37.00 14.71
CA GLU C 76 7.19 37.54 13.98
C GLU C 76 7.36 39.06 14.11
N LEU C 77 6.26 39.78 14.31
CA LEU C 77 6.37 41.22 14.50
C LEU C 77 6.94 41.53 15.85
N LYS C 78 6.41 40.85 16.86
CA LYS C 78 6.83 40.96 18.25
C LYS C 78 8.33 40.98 18.38
N ARG C 79 8.96 40.10 17.60
CA ARG C 79 10.40 39.90 17.64
C ARG C 79 11.26 41.01 17.03
N ILE C 80 10.65 41.99 16.40
CA ILE C 80 11.45 43.08 15.86
C ILE C 80 11.73 44.08 16.96
N PRO C 81 12.95 44.05 17.48
CA PRO C 81 13.33 44.89 18.60
C PRO C 81 13.32 46.37 18.28
N LYS C 82 13.40 46.73 17.01
CA LYS C 82 13.52 48.16 16.66
C LYS C 82 12.18 48.81 16.43
N ARG C 83 12.18 50.10 16.15
CA ARG C 83 10.92 50.75 15.92
C ARG C 83 10.40 50.29 14.60
N ARG C 84 9.10 50.15 14.54
CA ARG C 84 8.46 49.47 13.43
C ARG C 84 7.65 50.39 12.57
N ALA C 85 7.94 50.31 11.27
CA ALA C 85 7.05 50.79 10.21
C ALA C 85 6.34 49.62 9.55
N ILE C 86 5.03 49.62 9.72
CA ILE C 86 4.21 48.50 9.28
C ILE C 86 3.29 48.82 8.14
N PRO C 87 3.57 48.22 7.00
CA PRO C 87 2.78 48.54 5.83
C PRO C 87 1.54 47.77 5.90
N THR C 88 0.50 48.30 5.28
CA THR C 88 -0.79 47.62 5.35
C THR C 88 -1.83 48.22 4.43
N HIS C 89 -2.68 47.37 3.86
CA HIS C 89 -3.86 47.83 3.12
C HIS C 89 -5.21 47.52 3.81
N LEU C 90 -5.21 47.12 5.07
CA LEU C 90 -6.46 46.91 5.79
C LEU C 90 -7.31 48.18 5.89
N ASN C 91 -8.61 48.06 6.06
CA ASN C 91 -9.48 49.22 6.33
C ASN C 91 -9.48 49.49 7.85
N TYR C 92 -10.28 50.43 8.32
CA TYR C 92 -10.24 50.86 9.73
C TYR C 92 -10.97 49.91 10.67
N GLU C 93 -12.03 49.26 10.23
CA GLU C 93 -12.66 48.28 11.09
C GLU C 93 -11.61 47.26 11.51
N MET C 94 -10.88 46.82 10.53
CA MET C 94 -10.16 45.57 10.67
C MET C 94 -8.85 45.77 11.34
N LEU C 95 -8.35 46.99 11.29
CA LEU C 95 -7.04 47.31 11.85
C LEU C 95 -7.02 47.00 13.30
N PRO C 96 -5.90 46.41 13.81
CA PRO C 96 -5.85 46.01 15.22
C PRO C 96 -6.26 47.12 16.23
N VAL C 97 -7.14 46.78 17.18
CA VAL C 97 -7.72 47.73 18.15
C VAL C 97 -6.68 48.48 18.94
N THR C 98 -5.51 47.94 19.00
CA THR C 98 -4.52 48.42 19.92
C THR C 98 -3.69 49.53 19.24
N VAL C 99 -3.52 49.39 17.93
CA VAL C 99 -2.98 50.45 17.08
C VAL C 99 -3.90 51.68 17.21
N LYS C 100 -5.21 51.45 17.14
CA LYS C 100 -6.19 52.48 17.41
C LYS C 100 -5.99 53.04 18.81
N GLN C 101 -5.98 52.18 19.80
CA GLN C 101 -5.93 52.66 21.18
C GLN C 101 -4.61 53.32 21.54
N LYS C 102 -3.51 52.81 21.03
CA LYS C 102 -2.23 53.35 21.37
C LYS C 102 -1.94 54.63 20.62
N GLN C 103 -2.58 54.80 19.47
CA GLN C 103 -2.37 55.99 18.66
C GLN C 103 -1.01 55.96 18.04
N CYS C 104 -0.69 54.86 17.40
CA CYS C 104 0.48 54.83 16.56
C CYS C 104 0.21 55.84 15.44
N LYS C 105 1.24 56.55 15.00
CA LYS C 105 1.12 57.34 13.78
C LYS C 105 0.86 56.47 12.55
N ILE C 106 -0.08 56.97 11.74
CA ILE C 106 -0.45 56.36 10.47
C ILE C 106 -0.11 57.33 9.40
N ILE C 107 0.42 56.77 8.33
CA ILE C 107 0.41 57.44 7.07
C ILE C 107 -0.50 56.67 6.15
N TYR C 108 -1.47 57.38 5.60
CA TYR C 108 -2.51 56.78 4.79
C TYR C 108 -2.48 57.32 3.39
N ILE C 109 -1.79 56.64 2.49
CA ILE C 109 -1.56 57.25 1.22
C ILE C 109 -2.76 57.03 0.32
N VAL C 110 -3.07 58.06 -0.45
CA VAL C 110 -4.28 58.12 -1.26
C VAL C 110 -4.00 58.68 -2.66
N ARG C 111 -4.67 58.09 -3.63
CA ARG C 111 -4.41 58.45 -5.00
C ARG C 111 -5.74 58.57 -5.72
N ASN C 112 -5.83 59.42 -6.71
CA ASN C 112 -7.15 59.57 -7.20
C ASN C 112 -7.58 58.20 -7.69
N PRO C 113 -8.89 58.01 -7.78
CA PRO C 113 -9.43 56.65 -7.90
C PRO C 113 -9.53 56.07 -9.30
N LYS C 114 -9.55 56.92 -10.31
CA LYS C 114 -9.55 56.44 -11.68
C LYS C 114 -8.20 55.94 -12.03
N ASP C 115 -7.18 56.67 -11.57
CA ASP C 115 -5.79 56.25 -11.77
C ASP C 115 -5.54 54.98 -10.99
N THR C 116 -5.93 55.00 -9.72
CA THR C 116 -5.73 53.85 -8.90
C THR C 116 -6.34 52.64 -9.56
N ALA C 117 -7.54 52.83 -10.06
CA ALA C 117 -8.26 51.71 -10.68
C ALA C 117 -7.57 51.12 -11.91
N VAL C 118 -7.01 51.99 -12.75
CA VAL C 118 -6.16 51.58 -13.87
C VAL C 118 -4.92 50.84 -13.40
N SER C 119 -4.23 51.38 -12.40
CA SER C 119 -3.00 50.77 -12.01
C SER C 119 -3.37 49.37 -11.63
N MET C 120 -4.47 49.28 -10.94
CA MET C 120 -4.87 48.04 -10.39
C MET C 120 -5.31 47.09 -11.46
N PHE C 121 -5.88 47.63 -12.52
CA PHE C 121 -6.36 46.75 -13.57
C PHE C 121 -5.16 46.01 -14.01
N HIS C 122 -4.04 46.70 -13.97
CA HIS C 122 -2.87 46.15 -14.59
C HIS C 122 -2.33 45.09 -13.73
N TYR C 123 -2.52 45.28 -12.45
CA TYR C 123 -1.97 44.37 -11.50
C TYR C 123 -2.62 42.98 -11.57
N TYR C 124 -3.91 42.95 -11.85
CA TYR C 124 -4.65 41.69 -11.88
C TYR C 124 -4.30 40.91 -13.14
N ARG C 125 -4.03 41.69 -14.17
CA ARG C 125 -3.69 41.20 -15.48
C ARG C 125 -2.27 40.71 -15.41
N ASP C 126 -1.44 41.36 -14.60
CA ASP C 126 -0.03 41.01 -14.55
C ASP C 126 0.42 40.34 -13.26
N ASN C 127 -0.46 40.25 -12.27
CA ASN C 127 -0.09 39.60 -11.04
C ASN C 127 -0.76 38.26 -10.93
N PRO C 128 0.03 37.23 -11.17
CA PRO C 128 -0.48 35.88 -11.02
C PRO C 128 -1.00 35.71 -9.66
N ASN C 129 -0.63 36.57 -8.74
CA ASN C 129 -1.26 36.52 -7.44
C ASN C 129 -2.71 36.90 -7.55
N LEU C 130 -3.10 37.48 -8.67
CA LEU C 130 -4.44 37.97 -8.79
C LEU C 130 -5.02 37.41 -10.03
N PRO C 131 -6.34 37.33 -10.04
CA PRO C 131 -7.13 36.65 -11.07
C PRO C 131 -7.48 37.54 -12.20
N SER C 132 -6.71 37.48 -13.25
CA SER C 132 -6.99 38.23 -14.45
C SER C 132 -8.51 38.40 -14.79
N THR C 133 -8.91 39.61 -15.19
CA THR C 133 -10.18 39.82 -15.92
C THR C 133 -9.85 40.26 -17.34
N GLU C 134 -10.46 39.62 -18.33
CA GLU C 134 -10.05 39.83 -19.71
C GLU C 134 -10.04 41.32 -20.07
N THR C 135 -11.13 42.03 -19.74
CA THR C 135 -11.32 43.41 -20.20
C THR C 135 -11.46 44.44 -19.10
N TRP C 136 -11.07 45.68 -19.39
CA TRP C 136 -11.27 46.83 -18.51
C TRP C 136 -12.72 47.05 -18.12
N ALA C 137 -13.65 46.74 -19.01
CA ALA C 137 -15.04 46.91 -18.66
C ALA C 137 -15.38 46.00 -17.50
N ALA C 138 -14.96 44.74 -17.62
CA ALA C 138 -15.27 43.76 -16.60
C ALA C 138 -14.73 44.20 -15.23
N PHE C 139 -13.44 44.43 -15.14
CA PHE C 139 -12.85 44.87 -13.89
C PHE C 139 -13.53 46.11 -13.34
N LEU C 140 -13.56 47.15 -14.15
CA LEU C 140 -14.06 48.41 -13.72
C LEU C 140 -15.36 48.17 -13.06
N GLU C 141 -16.13 47.28 -13.63
N GLU C 141 -16.15 47.28 -13.65
CA GLU C 141 -17.39 46.97 -12.99
CA GLU C 141 -17.41 46.92 -13.03
C GLU C 141 -17.09 46.40 -11.63
C GLU C 141 -17.14 46.35 -11.65
N LEU C 142 -16.13 45.49 -11.55
CA LEU C 142 -15.76 44.96 -10.25
C LEU C 142 -15.27 46.05 -9.34
N PHE C 143 -14.38 46.86 -9.84
CA PHE C 143 -13.81 47.84 -9.00
C PHE C 143 -14.88 48.58 -8.28
N LEU C 144 -15.89 48.90 -9.06
CA LEU C 144 -16.98 49.69 -8.57
C LEU C 144 -17.88 48.90 -7.64
N LYS C 145 -17.55 47.65 -7.38
CA LYS C 145 -18.35 46.90 -6.45
C LYS C 145 -17.61 46.58 -5.14
N GLY C 146 -16.40 47.08 -4.95
CA GLY C 146 -15.68 46.76 -3.73
C GLY C 146 -15.27 45.31 -3.73
N ASP C 147 -15.75 44.61 -4.75
CA ASP C 147 -15.33 43.25 -5.00
C ASP C 147 -13.99 43.26 -5.63
N VAL C 148 -13.05 43.91 -4.97
CA VAL C 148 -11.68 43.77 -5.35
C VAL C 148 -11.09 43.57 -4.01
N VAL C 149 -9.88 43.06 -4.00
CA VAL C 149 -9.28 42.61 -2.76
C VAL C 149 -9.28 43.82 -1.93
N TYR C 150 -9.33 43.66 -0.62
CA TYR C 150 -9.47 44.78 0.28
C TYR C 150 -10.68 45.59 0.02
N GLY C 151 -11.38 45.34 -1.08
CA GLY C 151 -12.75 45.79 -1.19
C GLY C 151 -12.94 47.14 -1.80
N SER C 152 -14.07 47.77 -1.49
CA SER C 152 -14.47 49.04 -2.02
C SER C 152 -13.45 50.14 -1.76
N TRP C 153 -12.97 50.83 -2.79
CA TRP C 153 -12.01 51.89 -2.62
C TRP C 153 -12.64 53.05 -1.86
N PHE C 154 -13.94 53.20 -1.99
CA PHE C 154 -14.63 54.29 -1.30
C PHE C 154 -14.72 54.11 0.20
N ASP C 155 -15.24 52.97 0.64
CA ASP C 155 -15.33 52.63 2.05
C ASP C 155 -13.97 52.82 2.71
N HIS C 156 -12.91 52.48 1.98
CA HIS C 156 -11.53 52.52 2.51
C HIS C 156 -11.09 53.92 2.85
N VAL C 157 -11.24 54.78 1.88
CA VAL C 157 -10.75 56.13 2.09
C VAL C 157 -11.54 56.80 3.20
N LEU C 158 -12.84 56.57 3.21
CA LEU C 158 -13.74 57.22 4.14
C LEU C 158 -13.39 56.87 5.54
N SER C 159 -13.47 55.58 5.78
CA SER C 159 -13.27 55.09 7.08
C SER C 159 -11.98 55.66 7.59
N TRP C 160 -11.03 55.98 6.71
CA TRP C 160 -9.76 56.51 7.22
C TRP C 160 -9.78 58.01 7.33
N GLU C 161 -10.46 58.63 6.40
CA GLU C 161 -10.66 60.04 6.48
C GLU C 161 -11.28 60.39 7.84
N GLU C 162 -12.27 59.61 8.27
CA GLU C 162 -12.92 59.90 9.55
C GLU C 162 -11.89 60.29 10.52
N HIS C 163 -10.65 59.85 10.30
CA HIS C 163 -9.59 60.10 11.29
C HIS C 163 -8.52 61.09 10.85
N LYS C 164 -8.83 61.92 9.88
CA LYS C 164 -7.80 62.80 9.33
C LYS C 164 -7.39 64.05 10.16
N ASN C 165 -8.12 64.45 11.21
CA ASN C 165 -7.68 65.60 12.04
C ASN C 165 -6.97 65.17 13.35
N ASP C 166 -6.85 63.85 13.51
CA ASP C 166 -6.04 63.28 14.54
C ASP C 166 -4.63 63.72 14.36
N LYS C 167 -3.97 64.03 15.47
CA LYS C 167 -2.62 64.51 15.39
C LYS C 167 -1.70 63.41 14.99
N ASN C 168 -2.06 62.18 15.32
CA ASN C 168 -1.14 61.09 15.03
C ASN C 168 -1.44 60.61 13.63
N VAL C 169 -2.17 61.41 12.90
CA VAL C 169 -2.52 61.00 11.57
C VAL C 169 -2.18 62.06 10.51
N LEU C 170 -1.80 61.54 9.35
CA LEU C 170 -1.36 62.32 8.21
C LEU C 170 -1.77 61.64 6.89
N PHE C 171 -2.57 62.31 6.08
CA PHE C 171 -2.88 61.79 4.75
C PHE C 171 -1.84 62.30 3.72
N ILE C 172 -1.47 61.45 2.77
CA ILE C 172 -0.67 61.87 1.62
C ILE C 172 -1.41 61.55 0.35
N PHE C 173 -1.37 62.45 -0.62
CA PHE C 173 -1.92 62.18 -1.96
C PHE C 173 -0.88 61.73 -2.95
N TYR C 174 -1.07 60.53 -3.50
CA TYR C 174 -0.23 60.09 -4.61
C TYR C 174 0.14 61.32 -5.46
N GLU C 175 -0.87 62.12 -5.75
CA GLU C 175 -0.73 63.24 -6.65
C GLU C 175 0.25 64.33 -6.21
N GLU C 176 0.53 64.45 -4.92
CA GLU C 176 1.49 65.47 -4.46
C GLU C 176 2.97 65.09 -4.48
N MET C 177 3.25 63.81 -4.37
CA MET C 177 4.63 63.38 -4.33
C MET C 177 5.26 63.65 -5.67
N LYS C 178 4.51 63.28 -6.69
CA LYS C 178 4.90 63.58 -8.04
C LYS C 178 5.20 65.06 -8.16
N LYS C 179 4.18 65.84 -7.85
CA LYS C 179 4.17 67.27 -8.17
C LYS C 179 5.24 68.03 -7.47
N ASP C 180 5.35 67.73 -6.19
CA ASP C 180 6.26 68.46 -5.37
C ASP C 180 6.63 67.48 -4.35
N PHE C 181 7.54 66.61 -4.73
N PHE C 181 7.56 66.61 -4.71
CA PHE C 181 8.00 65.57 -3.84
CA PHE C 181 8.00 65.55 -3.82
C PHE C 181 8.75 66.03 -2.60
C PHE C 181 8.70 66.07 -2.57
N VAL C 182 9.57 67.06 -2.75
CA VAL C 182 10.35 67.56 -1.62
C VAL C 182 9.37 68.10 -0.60
N LYS C 183 8.39 68.86 -1.07
CA LYS C 183 7.32 69.32 -0.21
C LYS C 183 6.73 68.15 0.58
N SER C 184 6.36 67.08 -0.11
CA SER C 184 5.79 65.94 0.56
C SER C 184 6.74 65.28 1.56
N LEU C 185 8.01 65.37 1.31
CA LEU C 185 8.86 64.64 2.19
C LEU C 185 9.06 65.42 3.43
N LYS C 186 8.95 66.74 3.28
CA LYS C 186 9.10 67.68 4.38
C LYS C 186 7.97 67.41 5.35
N LYS C 187 6.78 67.23 4.80
CA LYS C 187 5.60 66.94 5.59
C LYS C 187 5.87 65.70 6.39
N ILE C 188 6.39 64.72 5.71
CA ILE C 188 6.54 63.42 6.30
C ILE C 188 7.48 63.44 7.46
N THR C 189 8.67 63.90 7.16
CA THR C 189 9.71 64.11 8.13
C THR C 189 9.24 64.90 9.26
N ALA C 190 8.48 65.96 8.97
CA ALA C 190 8.02 66.81 10.05
C ALA C 190 6.98 66.08 10.92
N PHE C 191 6.08 65.30 10.32
CA PHE C 191 5.14 64.49 11.09
C PHE C 191 5.93 63.54 11.99
N LEU C 192 6.95 62.91 11.46
CA LEU C 192 7.70 61.98 12.27
C LEU C 192 8.69 62.73 13.12
N GLY C 193 8.74 64.04 12.97
CA GLY C 193 9.65 64.89 13.74
C GLY C 193 11.10 64.50 13.54
N ILE C 194 11.54 64.44 12.28
CA ILE C 194 12.93 64.17 12.01
C ILE C 194 13.51 65.31 11.24
N ASP C 195 14.70 65.66 11.65
CA ASP C 195 15.42 66.68 10.99
C ASP C 195 16.29 66.01 9.99
N VAL C 196 16.05 66.37 8.75
CA VAL C 196 16.90 65.98 7.67
C VAL C 196 17.01 67.20 6.79
N ASN C 197 18.16 67.40 6.18
CA ASN C 197 18.40 68.64 5.50
C ASN C 197 18.31 68.45 4.02
N ASP C 198 18.09 69.56 3.34
CA ASP C 198 17.96 69.67 1.88
C ASP C 198 18.83 68.72 1.07
N SER C 199 20.13 68.91 1.24
CA SER C 199 21.10 68.08 0.57
C SER C 199 20.59 66.67 0.85
N GLU C 200 20.31 66.39 2.12
CA GLU C 200 19.82 65.09 2.54
C GLU C 200 18.55 64.75 1.80
N MET C 201 17.55 65.58 2.00
CA MET C 201 16.32 65.37 1.33
C MET C 201 16.63 65.14 -0.14
N ALA C 202 17.18 66.15 -0.80
CA ALA C 202 17.47 66.02 -2.21
C ALA C 202 17.98 64.62 -2.51
N LYS C 203 18.88 64.15 -1.69
CA LYS C 203 19.44 62.82 -1.87
C LYS C 203 18.36 61.76 -2.07
N ILE C 204 17.35 61.83 -1.21
CA ILE C 204 16.23 60.92 -1.23
C ILE C 204 15.41 60.99 -2.50
N ALA C 205 15.16 62.20 -2.93
CA ALA C 205 14.44 62.40 -4.17
C ALA C 205 15.13 61.54 -5.23
N ARG C 206 16.44 61.73 -5.36
CA ARG C 206 17.20 60.98 -6.33
C ARG C 206 16.80 59.52 -6.25
N SER C 207 17.02 58.90 -5.11
CA SER C 207 16.98 57.45 -5.07
C SER C 207 15.57 56.79 -5.13
N THR C 208 14.55 57.59 -5.42
CA THR C 208 13.19 57.06 -5.48
C THR C 208 12.38 57.54 -6.69
N SER C 209 13.08 58.05 -7.69
CA SER C 209 12.45 58.29 -8.96
C SER C 209 11.64 57.06 -9.31
N PHE C 210 10.56 57.24 -10.02
CA PHE C 210 9.99 56.09 -10.64
C PHE C 210 11.07 55.35 -11.39
N SER C 211 11.64 56.00 -12.39
CA SER C 211 12.62 55.35 -13.25
C SER C 211 13.63 54.70 -12.36
N GLU C 212 14.12 55.50 -11.43
CA GLU C 212 15.14 55.08 -10.51
C GLU C 212 14.67 53.93 -9.60
N MET C 213 13.38 53.88 -9.30
CA MET C 213 12.91 52.79 -8.49
C MET C 213 12.64 51.62 -9.42
N LYS C 214 12.36 51.92 -10.69
CA LYS C 214 12.04 50.88 -11.66
C LYS C 214 13.18 49.84 -11.75
N SER C 215 14.42 50.31 -11.71
CA SER C 215 15.59 49.45 -11.88
C SER C 215 15.90 48.60 -10.63
N ASN C 216 15.61 47.30 -10.66
CA ASN C 216 15.81 46.48 -9.47
C ASN C 216 15.55 44.98 -9.51
N ALA C 217 16.59 44.23 -9.22
CA ALA C 217 16.49 42.90 -8.65
C ALA C 217 17.71 42.79 -7.75
N ALA C 218 17.60 42.06 -6.65
CA ALA C 218 18.74 41.84 -5.74
C ALA C 218 18.26 41.36 -4.38
N LYS C 219 18.72 42.04 -3.34
CA LYS C 219 18.22 41.85 -1.99
C LYS C 219 18.35 43.16 -1.21
N GLU C 220 17.28 43.53 -0.50
CA GLU C 220 17.22 44.82 0.22
C GLU C 220 18.46 45.09 1.07
N PRO C 224 17.48 37.85 2.37
CA PRO C 224 16.40 37.54 1.43
C PRO C 224 15.73 38.81 0.88
N ASN C 225 14.44 38.71 0.62
CA ASN C 225 13.64 39.85 0.20
C ASN C 225 12.53 40.16 1.20
N HIS C 226 12.09 41.41 1.17
CA HIS C 226 11.14 41.87 2.11
C HIS C 226 9.99 42.37 1.29
N VAL C 227 8.82 41.80 1.50
CA VAL C 227 7.65 42.26 0.80
C VAL C 227 7.14 43.49 1.53
N ILE C 228 6.27 44.25 0.87
CA ILE C 228 5.51 45.30 1.54
C ILE C 228 4.04 45.33 1.11
N CYS C 229 3.76 44.86 -0.07
CA CYS C 229 2.38 44.78 -0.45
C CYS C 229 2.05 43.32 -0.58
N ALA C 230 1.21 42.85 0.32
CA ALA C 230 0.96 41.42 0.40
C ALA C 230 0.56 40.83 -0.95
N LEU C 231 0.25 41.68 -1.92
CA LEU C 231 -0.25 41.19 -3.20
C LEU C 231 0.87 40.90 -4.12
N THR C 232 2.02 41.46 -3.82
CA THR C 232 3.09 41.40 -4.76
C THR C 232 4.23 40.62 -4.18
N SER C 233 4.54 39.56 -4.91
CA SER C 233 5.76 38.80 -4.72
C SER C 233 6.84 39.45 -5.54
N ASP C 234 6.43 40.23 -6.54
CA ASP C 234 7.39 40.72 -7.52
C ASP C 234 7.38 42.22 -7.63
N ARG C 235 8.35 42.86 -7.00
CA ARG C 235 8.40 44.30 -7.07
C ARG C 235 8.44 44.78 -8.51
N ASN C 236 9.03 43.99 -9.41
CA ASN C 236 9.27 44.50 -10.77
C ASN C 236 7.92 44.90 -11.38
N LEU C 237 6.89 44.12 -11.12
CA LEU C 237 5.57 44.39 -11.64
C LEU C 237 4.91 45.66 -11.13
N VAL C 238 5.52 46.40 -10.18
CA VAL C 238 4.81 47.56 -9.68
C VAL C 238 5.21 48.88 -10.36
N PHE C 239 6.22 48.86 -11.23
CA PHE C 239 6.59 50.09 -11.90
C PHE C 239 6.13 50.08 -13.32
N ARG C 240 4.83 50.28 -13.44
CA ARG C 240 4.15 50.30 -14.72
C ARG C 240 4.45 51.61 -15.49
N LYS C 241 3.75 52.69 -15.17
CA LYS C 241 4.03 53.98 -15.83
C LYS C 241 4.56 55.01 -14.84
N GLY C 242 3.82 55.15 -13.74
CA GLY C 242 4.18 55.99 -12.62
C GLY C 242 3.80 57.44 -12.79
N VAL C 243 2.64 57.68 -13.40
CA VAL C 243 2.24 59.04 -13.66
C VAL C 243 0.80 59.30 -13.20
N VAL C 244 0.40 60.58 -13.19
CA VAL C 244 -0.97 60.98 -12.88
C VAL C 244 -1.82 61.16 -14.13
N GLY C 245 -3.06 60.64 -14.13
CA GLY C 245 -4.05 60.98 -15.15
C GLY C 245 -4.24 60.02 -16.34
N ASP C 246 -3.71 58.80 -16.19
CA ASP C 246 -3.72 57.74 -17.21
C ASP C 246 -5.08 57.14 -17.46
N TRP C 247 -6.03 57.52 -16.63
CA TRP C 247 -7.35 56.95 -16.72
C TRP C 247 -8.09 57.42 -17.97
N ILE C 248 -7.69 58.59 -18.44
CA ILE C 248 -8.36 59.22 -19.55
C ILE C 248 -8.27 58.34 -20.75
N ASN C 249 -7.17 57.59 -20.83
CA ASN C 249 -6.93 56.70 -21.94
C ASN C 249 -7.85 55.54 -21.91
N TYR C 250 -8.54 55.36 -20.79
CA TYR C 250 -9.34 54.16 -20.61
C TYR C 250 -10.77 54.40 -20.43
N PHE C 251 -11.17 55.47 -19.77
CA PHE C 251 -12.62 55.63 -19.53
C PHE C 251 -13.44 56.04 -20.76
N THR C 252 -14.51 55.28 -21.01
CA THR C 252 -15.49 55.62 -22.00
C THR C 252 -16.47 56.60 -21.41
N PRO C 253 -16.91 57.53 -22.25
CA PRO C 253 -17.84 58.57 -21.81
C PRO C 253 -18.90 57.97 -20.91
N LYS C 254 -19.27 56.74 -21.19
CA LYS C 254 -20.28 56.08 -20.39
C LYS C 254 -19.78 55.63 -19.03
N GLN C 255 -18.90 54.63 -19.05
CA GLN C 255 -18.28 54.19 -17.83
C GLN C 255 -17.98 55.37 -17.02
N ASN C 256 -17.24 56.28 -17.60
CA ASN C 256 -16.93 57.49 -16.93
C ASN C 256 -18.16 58.01 -16.22
N ARG C 257 -19.25 58.21 -16.98
CA ARG C 257 -20.44 58.82 -16.38
C ARG C 257 -20.87 57.99 -15.20
N GLY C 258 -21.16 56.73 -15.43
CA GLY C 258 -21.62 55.88 -14.35
C GLY C 258 -20.72 55.96 -13.12
N PHE C 259 -19.53 56.48 -13.33
CA PHE C 259 -18.57 56.51 -12.26
C PHE C 259 -18.75 57.68 -11.35
N ASP C 260 -18.72 58.85 -11.94
CA ASP C 260 -18.79 60.07 -11.20
C ASP C 260 -20.02 60.15 -10.31
N GLU C 261 -21.12 59.65 -10.83
CA GLU C 261 -22.31 59.62 -10.02
C GLU C 261 -22.07 58.80 -8.80
N LEU C 262 -21.38 57.70 -8.97
CA LEU C 262 -21.15 56.84 -7.85
C LEU C 262 -20.21 57.46 -6.84
N PHE C 263 -19.20 58.12 -7.37
CA PHE C 263 -18.25 58.84 -6.54
C PHE C 263 -19.06 59.80 -5.67
N THR C 264 -20.04 60.39 -6.32
CA THR C 264 -20.79 61.44 -5.68
C THR C 264 -21.67 60.83 -4.62
N GLU C 265 -22.38 59.78 -4.98
CA GLU C 265 -23.17 59.12 -3.98
C GLU C 265 -22.30 58.68 -2.81
N LYS C 266 -21.17 58.03 -3.10
CA LYS C 266 -20.38 57.43 -2.04
C LYS C 266 -19.65 58.44 -1.18
N MET C 267 -19.05 59.48 -1.77
CA MET C 267 -18.18 60.39 -1.04
C MET C 267 -18.86 61.66 -0.54
N ARG C 268 -19.86 62.14 -1.26
CA ARG C 268 -20.60 63.32 -0.77
C ARG C 268 -19.66 64.54 -0.54
N ASN C 269 -19.71 65.18 0.65
CA ASN C 269 -18.88 66.37 0.95
C ASN C 269 -17.50 66.08 1.52
N SER C 270 -17.05 64.86 1.33
CA SER C 270 -15.68 64.60 1.71
C SER C 270 -14.79 65.67 1.13
N ASP C 271 -13.79 66.04 1.89
CA ASP C 271 -12.88 67.06 1.51
C ASP C 271 -11.71 66.44 0.85
N VAL C 272 -11.49 65.21 1.22
CA VAL C 272 -10.56 64.36 0.51
C VAL C 272 -11.09 64.08 -0.90
N GLY C 273 -12.29 63.52 -1.00
CA GLY C 273 -12.96 63.35 -2.27
C GLY C 273 -12.84 64.61 -3.11
N ARG C 274 -13.28 65.70 -2.55
CA ARG C 274 -13.22 66.97 -3.25
C ARG C 274 -11.85 67.24 -3.83
N CYS C 275 -10.83 66.95 -3.05
CA CYS C 275 -9.49 67.33 -3.48
C CYS C 275 -9.06 66.42 -4.60
N LEU C 276 -9.34 65.13 -4.44
CA LEU C 276 -8.87 64.16 -5.41
C LEU C 276 -9.59 64.45 -6.72
N LYS C 277 -10.69 65.19 -6.66
CA LYS C 277 -11.21 65.78 -7.89
C LYS C 277 -10.37 67.00 -8.38
N GLU C 278 -10.33 68.10 -7.63
CA GLU C 278 -9.55 69.30 -8.03
C GLU C 278 -8.17 68.97 -8.60
N TYR C 279 -7.74 67.72 -8.50
CA TYR C 279 -6.65 67.19 -9.31
C TYR C 279 -7.31 66.77 -10.62
N ALA C 280 -7.29 65.46 -10.91
CA ALA C 280 -8.01 64.88 -12.07
C ALA C 280 -9.14 65.78 -12.57
N ALA D 1 42.91 25.21 -25.87
CA ALA D 1 41.83 24.50 -25.20
C ALA D 1 40.48 24.90 -25.81
N ILE D 2 39.42 24.77 -25.00
CA ILE D 2 38.02 25.25 -25.27
C ILE D 2 36.94 24.20 -25.75
N LEU D 3 37.26 23.21 -26.60
CA LEU D 3 36.36 22.07 -26.90
C LEU D 3 37.19 20.76 -26.86
N HIS D 4 36.55 19.59 -26.70
CA HIS D 4 37.30 18.31 -26.81
C HIS D 4 36.54 17.08 -27.36
N LYS D 5 37.29 16.18 -27.97
CA LYS D 5 36.78 15.05 -28.73
C LYS D 5 36.69 13.82 -27.85
N TYR D 6 35.50 13.23 -27.68
CA TYR D 6 35.36 11.87 -27.12
C TYR D 6 34.57 11.02 -28.08
N MET D 7 35.08 9.86 -28.35
CA MET D 7 34.37 9.02 -29.28
C MET D 7 33.96 9.85 -30.50
N GLY D 8 34.76 10.85 -30.84
CA GLY D 8 34.58 11.57 -32.09
C GLY D 8 33.59 12.72 -32.06
N ILE D 9 33.25 13.19 -30.88
CA ILE D 9 32.26 14.21 -30.77
C ILE D 9 32.85 15.24 -29.88
N PHE D 10 32.54 16.48 -30.16
CA PHE D 10 33.06 17.56 -29.37
C PHE D 10 32.21 17.68 -28.15
N PHE D 11 32.89 17.91 -27.04
CA PHE D 11 32.27 18.21 -25.78
C PHE D 11 33.03 19.37 -25.22
N SER D 12 32.40 20.12 -24.34
CA SER D 12 33.09 21.18 -23.63
C SER D 12 34.09 20.63 -22.64
N THR D 13 35.22 21.31 -22.42
CA THR D 13 36.21 20.81 -21.46
C THR D 13 35.68 20.77 -20.01
N MET D 14 34.58 21.48 -19.76
CA MET D 14 33.85 21.38 -18.49
C MET D 14 33.18 20.00 -18.38
N SER D 15 32.99 19.33 -19.50
CA SER D 15 32.74 17.88 -19.45
C SER D 15 34.07 17.17 -19.50
N SER D 16 34.44 16.58 -18.38
CA SER D 16 35.66 15.81 -18.30
C SER D 16 35.45 14.51 -19.00
N GLU D 17 36.50 14.11 -19.69
CA GLU D 17 36.64 12.80 -20.25
C GLU D 17 36.41 11.69 -19.21
N GLU D 18 36.79 11.95 -17.97
CA GLU D 18 36.57 10.97 -16.91
C GLU D 18 35.12 10.59 -16.79
N LEU D 19 34.30 11.63 -16.61
CA LEU D 19 32.86 11.50 -16.46
C LEU D 19 32.29 10.75 -17.67
N LEU D 20 32.67 11.20 -18.85
CA LEU D 20 32.15 10.70 -20.13
C LEU D 20 32.44 9.25 -20.46
N GLY D 21 33.66 8.79 -20.16
CA GLY D 21 33.98 7.37 -20.21
C GLY D 21 33.47 6.59 -19.01
N SER D 22 32.97 7.30 -18.01
CA SER D 22 32.44 6.71 -16.78
C SER D 22 30.93 6.62 -16.73
N LEU D 23 30.25 7.51 -17.44
CA LEU D 23 28.81 7.43 -17.67
C LEU D 23 28.08 6.14 -17.22
N ASP D 24 28.50 4.99 -17.72
CA ASP D 24 27.85 3.69 -17.39
C ASP D 24 28.00 3.32 -15.93
N SER D 25 28.84 4.04 -15.21
CA SER D 25 28.90 3.91 -13.76
C SER D 25 27.70 4.57 -13.09
N PHE D 26 26.96 5.38 -13.84
CA PHE D 26 25.78 6.02 -13.32
C PHE D 26 24.66 5.01 -12.95
N ASP D 27 24.10 5.17 -11.76
CA ASP D 27 23.07 4.29 -11.23
C ASP D 27 21.65 4.91 -11.26
N ALA D 28 20.75 4.43 -12.11
CA ALA D 28 19.47 5.10 -12.35
C ALA D 28 18.45 4.72 -11.28
N ARG D 29 17.46 5.60 -11.08
CA ARG D 29 16.26 5.33 -10.29
C ARG D 29 15.15 5.28 -11.28
N GLU D 30 14.41 4.20 -11.18
CA GLU D 30 13.18 3.99 -11.91
C GLU D 30 12.29 5.23 -11.90
N ASP D 31 12.60 6.17 -11.03
CA ASP D 31 11.84 7.41 -10.95
C ASP D 31 12.50 8.46 -11.81
N ASP D 32 13.79 8.35 -12.01
CA ASP D 32 14.48 9.48 -12.54
C ASP D 32 13.75 9.91 -13.72
N ILE D 33 13.82 11.20 -13.99
CA ILE D 33 13.34 11.71 -15.23
C ILE D 33 14.45 12.35 -16.01
N PHE D 34 14.45 12.07 -17.31
CA PHE D 34 15.45 12.58 -18.19
C PHE D 34 14.90 13.50 -19.25
N LEU D 35 15.42 14.71 -19.25
CA LEU D 35 14.97 15.68 -20.23
C LEU D 35 16.00 15.82 -21.33
N VAL D 36 15.75 15.27 -22.50
CA VAL D 36 16.85 15.20 -23.46
C VAL D 36 16.64 16.06 -24.67
N SER D 37 17.73 16.58 -25.17
CA SER D 37 17.68 17.35 -26.38
C SER D 37 19.02 17.43 -27.08
N TYR D 38 18.94 17.67 -28.37
CA TYR D 38 20.06 18.22 -29.08
C TYR D 38 20.09 19.67 -28.78
N PRO D 39 21.27 20.25 -28.65
CA PRO D 39 21.36 21.63 -28.20
C PRO D 39 20.61 22.62 -29.13
N LYS D 40 20.27 23.77 -28.55
CA LYS D 40 19.45 24.85 -29.18
C LYS D 40 18.04 24.43 -29.64
N SER D 41 17.39 23.56 -28.88
CA SER D 41 16.16 22.91 -29.32
C SER D 41 15.02 22.89 -28.26
N GLY D 42 15.20 23.55 -27.09
CA GLY D 42 14.13 23.74 -26.09
C GLY D 42 14.43 23.26 -24.66
N THR D 43 15.70 23.02 -24.41
CA THR D 43 16.06 22.41 -23.14
C THR D 43 15.77 23.31 -21.97
N HIS D 44 16.35 24.48 -21.93
CA HIS D 44 16.00 25.41 -20.89
C HIS D 44 14.51 25.57 -21.02
N TRP D 45 13.99 25.77 -22.22
CA TRP D 45 12.56 25.89 -22.34
C TRP D 45 11.88 24.67 -21.76
N LEU D 46 12.45 23.50 -21.97
CA LEU D 46 11.79 22.29 -21.51
C LEU D 46 11.94 22.13 -19.98
N ALA D 47 13.09 22.54 -19.47
CA ALA D 47 13.42 22.30 -18.10
C ALA D 47 12.68 23.22 -17.10
N GLU D 48 12.34 24.42 -17.51
CA GLU D 48 11.60 25.33 -16.60
C GLU D 48 10.15 24.89 -16.49
N VAL D 49 9.54 24.49 -17.61
CA VAL D 49 8.20 23.89 -17.61
C VAL D 49 8.05 22.83 -16.49
N ILE D 50 9.08 22.01 -16.35
CA ILE D 50 9.10 21.04 -15.27
C ILE D 50 9.26 21.68 -13.90
N GLU D 51 10.17 22.65 -13.75
CA GLU D 51 10.44 23.23 -12.42
C GLU D 51 9.17 23.89 -11.96
N ARG D 52 8.24 24.06 -12.88
CA ARG D 52 7.06 24.87 -12.62
C ARG D 52 5.88 24.03 -12.21
N ILE D 53 5.88 22.77 -12.57
CA ILE D 53 4.76 21.94 -12.12
C ILE D 53 4.76 22.01 -10.61
N PRO D 54 3.60 22.39 -10.06
CA PRO D 54 3.46 22.66 -8.64
C PRO D 54 3.59 21.42 -7.82
N ASP D 55 4.37 21.47 -6.76
CA ASP D 55 4.29 20.41 -5.77
C ASP D 55 4.34 19.04 -6.44
N ALA D 56 5.21 18.91 -7.43
CA ALA D 56 5.41 17.64 -8.13
C ALA D 56 6.34 16.78 -7.30
N GLY D 57 7.03 17.46 -6.40
CA GLY D 57 7.99 16.80 -5.58
C GLY D 57 9.14 16.25 -6.41
N ILE D 58 9.65 17.06 -7.37
CA ILE D 58 10.83 16.69 -8.20
C ILE D 58 12.06 17.58 -7.98
N THR D 59 13.25 17.00 -8.11
CA THR D 59 14.51 17.79 -8.13
C THR D 59 15.22 17.84 -9.54
N LEU D 60 15.40 19.07 -10.01
CA LEU D 60 16.01 19.37 -11.29
C LEU D 60 17.53 19.58 -11.23
N THR D 61 18.31 18.64 -11.77
CA THR D 61 19.74 18.61 -11.49
C THR D 61 20.57 19.41 -12.48
N SER D 62 21.87 19.51 -12.19
CA SER D 62 22.86 20.00 -13.13
C SER D 62 22.92 18.95 -14.27
N PRO D 63 23.33 19.34 -15.49
CA PRO D 63 23.57 18.34 -16.54
C PRO D 63 24.37 17.08 -16.09
N ILE D 64 23.95 15.88 -16.51
CA ILE D 64 24.62 14.65 -16.07
C ILE D 64 25.98 14.52 -16.70
N GLU D 65 26.24 15.26 -17.75
CA GLU D 65 27.56 15.21 -18.32
C GLU D 65 28.36 16.45 -18.00
N LEU D 66 27.92 17.24 -17.03
CA LEU D 66 28.72 18.38 -16.61
C LEU D 66 29.73 17.97 -15.52
N GLY D 67 31.04 18.01 -15.85
CA GLY D 67 32.11 17.94 -14.85
C GLY D 67 32.99 16.69 -14.63
N ASP D 68 33.46 16.52 -13.37
CA ASP D 68 34.25 15.34 -12.97
C ASP D 68 33.36 14.17 -12.58
N ILE D 69 34.05 13.13 -12.13
CA ILE D 69 33.46 11.88 -11.65
C ILE D 69 32.65 12.05 -10.34
N SER D 70 33.06 12.98 -9.50
CA SER D 70 32.26 13.34 -8.34
C SER D 70 30.83 13.40 -8.79
N LYS D 71 30.50 14.46 -9.55
CA LYS D 71 29.17 14.59 -10.12
C LYS D 71 28.40 13.32 -9.81
N PHE D 72 28.69 12.22 -10.51
CA PHE D 72 27.98 10.96 -10.25
C PHE D 72 27.63 10.86 -8.78
N GLU D 73 28.63 11.04 -7.94
CA GLU D 73 28.36 11.02 -6.52
C GLU D 73 27.33 12.08 -6.19
N GLU D 74 27.46 13.26 -6.80
CA GLU D 74 26.57 14.35 -6.47
C GLU D 74 25.09 14.09 -6.68
N LEU D 75 24.73 13.14 -7.53
CA LEU D 75 23.32 12.98 -7.86
C LEU D 75 22.63 11.92 -7.02
N LYS D 76 23.45 11.03 -6.45
CA LYS D 76 22.98 9.88 -5.65
C LYS D 76 22.37 10.33 -4.35
N ARG D 77 22.92 11.43 -3.87
CA ARG D 77 22.47 12.11 -2.67
C ARG D 77 21.18 12.83 -2.92
N ILE D 78 20.82 12.96 -4.18
CA ILE D 78 19.53 13.55 -4.44
C ILE D 78 18.51 12.48 -4.13
N PRO D 79 18.01 12.60 -2.92
CA PRO D 79 17.12 11.65 -2.28
C PRO D 79 15.78 11.84 -2.90
N LYS D 80 15.57 12.99 -3.54
CA LYS D 80 14.35 13.20 -4.36
C LYS D 80 14.40 12.58 -5.80
N ARG D 81 13.20 12.55 -6.37
CA ARG D 81 12.97 12.04 -7.68
C ARG D 81 13.74 12.99 -8.51
N ARG D 82 14.51 12.46 -9.45
CA ARG D 82 15.30 13.34 -10.28
C ARG D 82 14.74 13.58 -11.62
N ALA D 83 14.79 14.84 -12.06
CA ALA D 83 14.64 15.17 -13.49
C ALA D 83 15.97 15.42 -14.01
N ILE D 84 16.51 14.51 -14.76
CA ILE D 84 17.82 14.77 -15.24
C ILE D 84 17.86 15.17 -16.74
N PRO D 85 18.66 16.20 -17.04
CA PRO D 85 18.97 16.83 -18.30
C PRO D 85 20.33 16.43 -18.85
N THR D 86 20.40 16.37 -20.18
CA THR D 86 21.57 15.91 -20.86
C THR D 86 21.43 16.23 -22.34
N HIS D 87 22.53 16.23 -23.07
CA HIS D 87 22.43 16.35 -24.53
C HIS D 87 22.98 15.07 -25.08
N LEU D 88 23.04 14.04 -24.27
CA LEU D 88 23.76 12.86 -24.74
C LEU D 88 23.02 12.18 -25.85
N ASN D 89 23.72 11.62 -26.79
CA ASN D 89 23.02 10.83 -27.78
C ASN D 89 22.55 9.59 -27.08
N TYR D 90 21.93 8.71 -27.84
CA TYR D 90 21.43 7.53 -27.25
C TYR D 90 22.50 6.65 -26.78
N GLU D 91 23.56 6.56 -27.56
N GLU D 91 23.53 6.53 -27.59
CA GLU D 91 24.61 5.62 -27.28
CA GLU D 91 24.58 5.60 -27.28
C GLU D 91 25.33 5.91 -26.00
C GLU D 91 25.14 5.91 -25.91
N MET D 92 25.51 7.16 -25.67
CA MET D 92 26.30 7.44 -24.51
C MET D 92 25.56 7.54 -23.24
N LEU D 93 24.26 7.60 -23.35
CA LEU D 93 23.47 7.64 -22.18
C LEU D 93 23.77 6.37 -21.38
N PRO D 94 23.77 6.47 -20.05
CA PRO D 94 24.16 5.34 -19.21
C PRO D 94 23.22 4.19 -19.37
N VAL D 95 23.81 3.01 -19.32
CA VAL D 95 23.16 1.77 -19.62
C VAL D 95 21.99 1.50 -18.70
N THR D 96 22.15 1.96 -17.50
CA THR D 96 21.19 1.69 -16.45
C THR D 96 19.83 2.39 -16.66
N VAL D 97 19.88 3.57 -17.28
CA VAL D 97 18.72 4.31 -17.73
C VAL D 97 17.87 3.59 -18.76
N LYS D 98 18.53 2.97 -19.71
CA LYS D 98 17.82 2.18 -20.70
C LYS D 98 17.08 1.02 -20.02
N GLN D 99 17.80 0.27 -19.19
CA GLN D 99 17.25 -0.92 -18.59
C GLN D 99 16.14 -0.65 -17.63
N LYS D 100 16.36 0.27 -16.71
CA LYS D 100 15.32 0.71 -15.80
C LYS D 100 14.23 1.44 -16.57
N GLN D 101 14.47 1.74 -17.84
CA GLN D 101 13.50 2.50 -18.57
C GLN D 101 12.94 3.61 -17.71
N CYS D 102 13.73 4.62 -17.35
CA CYS D 102 13.14 5.80 -16.73
C CYS D 102 12.43 6.65 -17.76
N LYS D 103 11.58 7.57 -17.34
CA LYS D 103 10.92 8.43 -18.28
C LYS D 103 11.90 9.29 -19.01
N ILE D 104 11.69 9.38 -20.33
CA ILE D 104 12.49 10.24 -21.18
C ILE D 104 11.64 11.20 -21.95
N ILE D 105 12.02 12.46 -21.88
CA ILE D 105 11.43 13.48 -22.69
C ILE D 105 12.48 14.06 -23.60
N TYR D 106 12.27 13.86 -24.90
CA TYR D 106 13.26 14.26 -25.92
C TYR D 106 12.69 15.43 -26.68
N ILE D 107 13.29 16.61 -26.52
CA ILE D 107 12.79 17.74 -27.25
C ILE D 107 13.62 18.01 -28.54
N VAL D 108 12.93 18.13 -29.66
CA VAL D 108 13.54 18.28 -30.98
C VAL D 108 13.05 19.51 -31.77
N ARG D 109 13.95 20.14 -32.53
CA ARG D 109 13.66 21.38 -33.26
C ARG D 109 14.17 21.27 -34.66
N ASN D 110 13.47 21.92 -35.57
CA ASN D 110 13.83 21.75 -36.96
C ASN D 110 15.25 22.15 -37.06
N PRO D 111 15.99 21.46 -37.90
CA PRO D 111 17.43 21.52 -37.84
C PRO D 111 17.89 22.89 -38.32
N LYS D 112 17.15 23.47 -39.26
CA LYS D 112 17.62 24.74 -39.78
C LYS D 112 17.56 25.80 -38.70
N ASP D 113 16.52 25.79 -37.86
CA ASP D 113 16.43 26.83 -36.85
C ASP D 113 17.47 26.60 -35.75
N THR D 114 17.70 25.34 -35.41
CA THR D 114 18.67 24.93 -34.41
C THR D 114 20.07 25.40 -34.75
N ALA D 115 20.46 25.16 -35.98
CA ALA D 115 21.71 25.70 -36.46
C ALA D 115 21.89 27.21 -36.12
N VAL D 116 20.91 28.00 -36.56
CA VAL D 116 20.99 29.44 -36.40
C VAL D 116 21.25 29.70 -34.94
N SER D 117 20.33 29.25 -34.13
CA SER D 117 20.39 29.54 -32.74
C SER D 117 21.74 29.09 -32.30
N MET D 118 22.13 27.96 -32.85
CA MET D 118 23.37 27.37 -32.45
C MET D 118 24.49 28.29 -32.93
N PHE D 119 24.32 28.89 -34.09
CA PHE D 119 25.36 29.78 -34.51
C PHE D 119 25.47 30.96 -33.55
N HIS D 120 24.37 31.43 -33.00
CA HIS D 120 24.49 32.64 -32.23
C HIS D 120 25.17 32.39 -30.95
N TYR D 121 24.99 31.18 -30.43
CA TYR D 121 25.58 30.84 -29.16
C TYR D 121 27.11 30.71 -29.23
N TYR D 122 27.62 30.11 -30.29
CA TYR D 122 29.09 30.01 -30.44
C TYR D 122 29.67 31.42 -30.50
N ARG D 123 28.87 32.36 -31.01
CA ARG D 123 29.32 33.70 -31.29
C ARG D 123 29.26 34.50 -30.03
N ASP D 124 28.30 34.16 -29.18
CA ASP D 124 28.08 34.89 -27.95
C ASP D 124 28.54 34.12 -26.73
N ASN D 125 28.93 32.85 -26.89
CA ASN D 125 29.34 32.07 -25.72
C ASN D 125 30.82 31.77 -25.68
N PRO D 126 31.48 32.34 -24.69
CA PRO D 126 32.93 32.32 -24.50
C PRO D 126 33.47 30.94 -24.25
N ASN D 127 32.57 30.10 -23.78
CA ASN D 127 32.86 28.70 -23.61
C ASN D 127 32.94 28.11 -24.97
N LEU D 128 32.46 28.86 -25.94
CA LEU D 128 32.45 28.39 -27.30
C LEU D 128 33.30 29.20 -28.23
N PRO D 129 34.11 28.50 -29.02
CA PRO D 129 35.07 29.12 -29.92
C PRO D 129 34.27 29.85 -30.93
N SER D 130 34.47 31.15 -30.99
CA SER D 130 33.72 31.94 -31.93
C SER D 130 34.04 31.57 -33.36
N THR D 131 32.99 31.49 -34.18
CA THR D 131 33.08 31.35 -35.65
C THR D 131 32.76 32.68 -36.36
N GLU D 132 33.64 33.09 -37.26
CA GLU D 132 33.44 34.35 -37.96
C GLU D 132 32.07 34.40 -38.64
N THR D 133 31.87 33.55 -39.65
CA THR D 133 30.70 33.66 -40.51
C THR D 133 29.65 32.59 -40.22
N TRP D 134 28.43 32.99 -40.46
CA TRP D 134 27.35 32.04 -40.53
C TRP D 134 27.77 30.87 -41.41
N ALA D 135 27.97 31.15 -42.69
CA ALA D 135 28.42 30.15 -43.64
C ALA D 135 29.43 29.20 -43.05
N ALA D 136 30.47 29.76 -42.44
CA ALA D 136 31.46 28.92 -41.83
C ALA D 136 30.69 27.98 -40.94
N PHE D 137 30.00 28.57 -39.96
CA PHE D 137 29.40 27.77 -38.94
C PHE D 137 28.58 26.68 -39.59
N LEU D 138 27.98 27.03 -40.68
CA LEU D 138 27.07 26.08 -41.22
C LEU D 138 27.81 24.84 -41.70
N GLU D 139 29.02 25.03 -42.25
CA GLU D 139 29.75 23.89 -42.84
C GLU D 139 30.17 22.86 -41.79
N LEU D 140 30.57 23.34 -40.63
CA LEU D 140 30.64 22.49 -39.45
C LEU D 140 29.36 21.78 -39.13
N PHE D 141 28.34 22.55 -38.81
CA PHE D 141 27.08 21.98 -38.36
C PHE D 141 26.75 20.80 -39.22
N LEU D 142 26.79 20.99 -40.53
CA LEU D 142 26.49 19.91 -41.46
C LEU D 142 27.45 18.76 -41.37
N LYS D 143 28.71 19.02 -41.08
CA LYS D 143 29.66 17.91 -40.92
C LYS D 143 29.48 17.20 -39.60
N GLY D 144 28.79 17.85 -38.68
CA GLY D 144 28.67 17.36 -37.31
C GLY D 144 29.90 17.61 -36.44
N ASP D 145 30.67 18.67 -36.74
CA ASP D 145 31.82 18.99 -35.88
C ASP D 145 31.54 20.22 -35.04
N VAL D 146 30.39 20.15 -34.38
CA VAL D 146 29.93 21.15 -33.43
C VAL D 146 29.74 20.45 -32.08
N VAL D 147 29.62 21.19 -30.99
CA VAL D 147 29.51 20.49 -29.72
C VAL D 147 28.32 19.55 -29.83
N TYR D 148 28.45 18.40 -29.14
CA TYR D 148 27.58 17.21 -29.25
C TYR D 148 27.30 16.66 -30.63
N GLY D 149 27.93 17.23 -31.65
CA GLY D 149 27.96 16.62 -32.97
C GLY D 149 26.73 16.71 -33.87
N SER D 150 26.51 15.66 -34.65
CA SER D 150 25.54 15.75 -35.73
C SER D 150 24.12 15.75 -35.19
N TRP D 151 23.43 16.83 -35.47
CA TRP D 151 22.05 16.90 -35.13
C TRP D 151 21.34 15.68 -35.74
N PHE D 152 21.74 15.26 -36.94
CA PHE D 152 20.99 14.19 -37.62
C PHE D 152 21.16 12.91 -36.90
N ASP D 153 22.37 12.67 -36.42
CA ASP D 153 22.64 11.42 -35.79
C ASP D 153 22.05 11.47 -34.40
N HIS D 154 21.96 12.68 -33.85
CA HIS D 154 21.43 12.81 -32.51
C HIS D 154 20.00 12.40 -32.55
N VAL D 155 19.25 13.19 -33.30
CA VAL D 155 17.84 12.96 -33.38
C VAL D 155 17.58 11.52 -33.85
N LEU D 156 18.34 11.05 -34.83
CA LEU D 156 18.13 9.71 -35.37
C LEU D 156 18.30 8.66 -34.35
N SER D 157 19.39 8.72 -33.60
CA SER D 157 19.61 7.73 -32.55
C SER D 157 18.46 7.71 -31.57
N TRP D 158 17.85 8.86 -31.37
CA TRP D 158 16.77 8.99 -30.37
C TRP D 158 15.42 8.56 -30.96
N GLU D 159 15.27 8.61 -32.28
CA GLU D 159 13.99 8.30 -32.89
C GLU D 159 13.82 6.82 -32.90
N GLU D 160 14.96 6.14 -32.81
CA GLU D 160 14.97 4.69 -32.70
C GLU D 160 14.23 4.19 -31.49
N HIS D 161 14.12 5.03 -30.46
CA HIS D 161 13.46 4.62 -29.23
C HIS D 161 12.18 5.29 -28.96
N LYS D 162 11.74 6.00 -29.97
CA LYS D 162 10.65 6.88 -29.81
C LYS D 162 9.42 6.07 -29.56
N ASN D 163 9.38 4.90 -30.16
CA ASN D 163 8.29 4.03 -29.84
C ASN D 163 8.51 3.41 -28.54
N ASP D 164 9.60 3.75 -27.86
CA ASP D 164 9.73 3.23 -26.51
C ASP D 164 8.74 3.95 -25.63
N LYS D 165 8.01 3.15 -24.88
CA LYS D 165 6.87 3.59 -24.07
C LYS D 165 7.25 4.67 -23.07
N ASN D 166 8.42 4.50 -22.48
CA ASN D 166 8.91 5.47 -21.56
C ASN D 166 9.61 6.57 -22.32
N VAL D 167 9.45 6.61 -23.63
CA VAL D 167 10.01 7.72 -24.36
C VAL D 167 8.99 8.60 -25.07
N LEU D 168 9.05 9.92 -24.84
CA LEU D 168 8.13 10.87 -25.44
C LEU D 168 8.78 12.00 -26.20
N PHE D 169 8.35 12.18 -27.44
CA PHE D 169 8.89 13.21 -28.29
C PHE D 169 8.03 14.44 -28.25
N ILE D 170 8.69 15.58 -28.14
CA ILE D 170 8.03 16.87 -28.15
C ILE D 170 8.74 17.81 -29.09
N PHE D 171 7.97 18.71 -29.73
CA PHE D 171 8.53 19.66 -30.71
C PHE D 171 8.54 21.10 -30.24
N TYR D 172 9.65 21.78 -30.49
CA TYR D 172 9.76 23.18 -30.17
C TYR D 172 8.65 23.94 -30.83
N GLU D 173 8.53 23.70 -32.11
CA GLU D 173 7.58 24.39 -32.93
C GLU D 173 6.17 24.17 -32.35
N GLU D 174 5.91 22.97 -31.88
CA GLU D 174 4.58 22.67 -31.34
C GLU D 174 4.39 23.27 -29.96
N MET D 175 5.51 23.41 -29.24
CA MET D 175 5.56 24.18 -27.99
C MET D 175 5.39 25.65 -28.24
N LYS D 176 5.90 26.09 -29.39
CA LYS D 176 5.62 27.42 -29.96
C LYS D 176 4.20 27.52 -30.53
N LYS D 177 3.68 26.45 -31.08
CA LYS D 177 2.43 26.58 -31.81
C LYS D 177 1.22 26.51 -30.88
N ASP D 178 1.30 25.70 -29.83
CA ASP D 178 0.14 25.38 -29.01
C ASP D 178 0.61 24.66 -27.80
N PHE D 179 1.00 25.47 -26.83
CA PHE D 179 1.68 25.01 -25.62
C PHE D 179 0.89 24.09 -24.66
N VAL D 180 -0.24 24.56 -24.17
CA VAL D 180 -1.10 23.77 -23.27
C VAL D 180 -1.32 22.37 -23.76
N LYS D 181 -1.71 22.26 -25.02
CA LYS D 181 -1.97 20.96 -25.62
C LYS D 181 -0.75 20.06 -25.52
N SER D 182 0.41 20.70 -25.56
CA SER D 182 1.65 20.00 -25.30
C SER D 182 1.72 19.66 -23.85
N LEU D 183 1.63 20.66 -23.00
CA LEU D 183 1.76 20.43 -21.59
C LEU D 183 0.81 19.32 -21.19
N LYS D 184 -0.30 19.28 -21.87
CA LYS D 184 -1.19 18.18 -21.65
C LYS D 184 -0.46 16.93 -21.98
N LYS D 185 0.08 16.88 -23.19
CA LYS D 185 0.81 15.73 -23.69
C LYS D 185 1.94 15.39 -22.73
N ILE D 186 2.66 16.41 -22.31
CA ILE D 186 3.73 16.19 -21.37
C ILE D 186 3.24 15.64 -20.06
N THR D 187 2.15 16.19 -19.58
CA THR D 187 1.77 15.95 -18.20
C THR D 187 1.17 14.55 -18.02
N ALA D 188 0.52 14.02 -19.05
CA ALA D 188 -0.06 12.68 -19.01
C ALA D 188 0.99 11.59 -19.11
N PHE D 189 2.03 11.87 -19.88
CA PHE D 189 3.13 10.92 -20.03
C PHE D 189 3.71 10.68 -18.70
N LEU D 190 3.94 11.76 -17.97
CA LEU D 190 4.54 11.69 -16.66
C LEU D 190 3.56 11.31 -15.54
N GLY D 191 2.27 11.36 -15.86
CA GLY D 191 1.24 11.00 -14.90
C GLY D 191 0.95 12.03 -13.83
N ILE D 192 1.27 13.29 -14.09
CA ILE D 192 0.92 14.35 -13.16
C ILE D 192 -0.18 15.23 -13.73
N ASP D 193 -1.21 15.42 -12.93
CA ASP D 193 -2.37 16.18 -13.33
C ASP D 193 -2.22 17.66 -13.01
N VAL D 194 -2.59 18.51 -13.97
CA VAL D 194 -2.53 19.97 -13.78
C VAL D 194 -3.71 20.70 -14.43
N ASN D 195 -4.70 21.08 -13.63
CA ASN D 195 -5.92 21.61 -14.18
C ASN D 195 -5.64 22.71 -15.14
N ASP D 196 -6.72 23.12 -15.80
CA ASP D 196 -6.64 24.14 -16.80
C ASP D 196 -6.01 25.38 -16.17
N SER D 197 -6.39 25.71 -14.93
CA SER D 197 -5.88 26.95 -14.34
C SER D 197 -4.39 26.90 -14.06
N GLU D 198 -3.91 25.77 -13.60
CA GLU D 198 -2.50 25.62 -13.30
C GLU D 198 -1.70 25.44 -14.56
N MET D 199 -2.32 24.85 -15.56
CA MET D 199 -1.67 24.83 -16.85
C MET D 199 -1.60 26.26 -17.44
N ALA D 200 -2.68 27.03 -17.34
CA ALA D 200 -2.60 28.44 -17.76
C ALA D 200 -1.39 29.15 -17.17
N LYS D 201 -1.35 29.14 -15.84
CA LYS D 201 -0.28 29.70 -15.03
C LYS D 201 1.11 29.44 -15.62
N ILE D 202 1.49 28.18 -15.63
CA ILE D 202 2.71 27.72 -16.26
C ILE D 202 2.91 28.42 -17.58
N ALA D 203 1.95 28.19 -18.47
CA ALA D 203 2.00 28.75 -19.79
C ALA D 203 2.33 30.19 -19.60
N ARG D 204 1.70 30.79 -18.59
CA ARG D 204 1.93 32.19 -18.31
C ARG D 204 3.40 32.26 -17.98
N SER D 205 3.84 31.51 -17.00
CA SER D 205 5.13 31.82 -16.43
C SER D 205 6.30 31.41 -17.33
N THR D 206 6.03 30.72 -18.43
CA THR D 206 7.12 30.20 -19.30
C THR D 206 7.22 30.86 -20.68
N SER D 207 6.74 32.09 -20.77
CA SER D 207 6.86 32.86 -22.00
C SER D 207 8.29 33.26 -22.24
N PHE D 208 8.63 33.42 -23.52
CA PHE D 208 9.96 33.86 -23.86
C PHE D 208 10.28 35.08 -23.02
N SER D 209 9.65 36.21 -23.39
CA SER D 209 9.92 37.53 -22.81
C SER D 209 9.95 37.41 -21.30
N GLU D 210 9.12 36.48 -20.84
CA GLU D 210 9.02 36.20 -19.45
C GLU D 210 10.35 35.62 -18.96
N MET D 211 10.79 34.54 -19.58
CA MET D 211 12.01 33.88 -19.12
C MET D 211 13.23 34.73 -19.41
N LYS D 212 13.20 35.47 -20.50
CA LYS D 212 14.34 36.30 -20.85
C LYS D 212 14.60 37.17 -19.64
N SER D 213 13.54 37.86 -19.24
CA SER D 213 13.53 38.67 -18.04
C SER D 213 14.17 37.90 -16.89
N ASN D 214 15.46 38.14 -16.64
CA ASN D 214 16.13 37.31 -15.64
C ASN D 214 17.49 37.67 -15.13
N ALA D 215 17.52 38.16 -13.91
CA ALA D 215 18.74 38.25 -13.15
C ALA D 215 18.40 37.95 -11.69
N ALA D 216 19.10 36.98 -11.06
CA ALA D 216 18.88 36.66 -9.64
C ALA D 216 19.52 35.34 -9.14
N LYS D 217 18.62 34.36 -8.95
CA LYS D 217 18.97 32.95 -8.70
C LYS D 217 17.74 32.18 -8.20
N GLU D 218 17.91 30.87 -7.99
CA GLU D 218 16.78 29.95 -7.87
C GLU D 218 16.50 29.50 -6.43
N ASN D 219 15.97 28.28 -6.32
CA ASN D 219 15.41 27.72 -5.09
C ASN D 219 16.40 27.61 -3.91
N CYS D 220 17.64 27.99 -4.18
CA CYS D 220 18.67 28.06 -3.15
C CYS D 220 19.36 29.39 -3.38
N ASN D 223 23.84 28.29 -8.30
CA ASN D 223 23.07 28.18 -9.53
C ASN D 223 23.27 26.84 -10.23
N HIS D 224 22.15 26.22 -10.57
CA HIS D 224 22.06 24.84 -11.05
C HIS D 224 22.15 24.68 -12.56
N VAL D 225 23.30 24.90 -13.17
CA VAL D 225 23.27 25.07 -14.62
C VAL D 225 22.54 23.90 -15.17
N ILE D 226 21.78 24.15 -16.22
CA ILE D 226 21.07 23.04 -16.82
C ILE D 226 21.49 22.82 -18.23
N CYS D 227 22.32 23.68 -18.74
CA CYS D 227 22.88 23.29 -19.98
C CYS D 227 24.32 23.36 -19.71
N ALA D 228 24.98 22.24 -19.91
CA ALA D 228 26.39 22.16 -19.63
C ALA D 228 27.14 23.22 -20.43
N LEU D 229 26.63 23.63 -21.57
CA LEU D 229 27.31 24.68 -22.31
C LEU D 229 27.15 26.07 -21.66
N THR D 230 26.14 26.24 -20.80
CA THR D 230 25.76 27.57 -20.37
C THR D 230 25.99 27.77 -18.88
N SER D 231 27.01 28.57 -18.62
CA SER D 231 27.26 29.12 -17.31
C SER D 231 26.26 30.25 -17.17
N ASP D 232 26.12 30.95 -18.27
CA ASP D 232 25.36 32.17 -18.26
C ASP D 232 24.02 31.98 -18.90
N ARG D 233 22.97 32.08 -18.11
CA ARG D 233 21.64 31.79 -18.62
C ARG D 233 21.06 32.85 -19.59
N ASN D 234 21.48 34.10 -19.48
CA ASN D 234 20.80 35.12 -20.30
C ASN D 234 21.19 35.05 -21.79
N LEU D 235 22.19 34.24 -22.12
CA LEU D 235 22.57 34.07 -23.53
C LEU D 235 21.50 33.33 -24.36
N VAL D 236 20.65 32.53 -23.74
CA VAL D 236 19.74 31.67 -24.52
C VAL D 236 18.53 32.40 -25.13
N PHE D 237 18.14 33.51 -24.54
CA PHE D 237 16.95 34.20 -25.01
C PHE D 237 17.29 35.16 -26.06
N ARG D 238 17.71 34.59 -27.16
CA ARG D 238 18.15 35.36 -28.26
C ARG D 238 16.90 35.88 -28.89
N LYS D 239 16.14 34.98 -29.48
CA LYS D 239 15.02 35.41 -30.30
C LYS D 239 13.82 34.53 -30.14
N GLY D 240 14.04 33.24 -29.90
CA GLY D 240 12.97 32.32 -29.51
C GLY D 240 11.73 32.21 -30.38
N VAL D 241 11.90 32.10 -31.71
CA VAL D 241 10.76 31.88 -32.61
C VAL D 241 11.00 30.67 -33.55
N VAL D 242 10.01 30.36 -34.37
CA VAL D 242 10.12 29.33 -35.41
C VAL D 242 10.37 30.03 -36.71
N GLY D 243 11.56 29.84 -37.29
CA GLY D 243 11.81 30.35 -38.62
C GLY D 243 12.87 31.44 -38.88
N ASP D 244 13.78 31.69 -37.97
CA ASP D 244 14.73 32.75 -38.21
C ASP D 244 15.60 32.44 -39.40
N TRP D 245 15.76 31.16 -39.69
CA TRP D 245 16.72 30.70 -40.67
C TRP D 245 16.58 31.26 -42.07
N ILE D 246 15.36 31.59 -42.44
CA ILE D 246 15.15 32.19 -43.74
C ILE D 246 16.10 33.35 -43.83
N ASN D 247 16.31 33.99 -42.71
CA ASN D 247 17.05 35.21 -42.72
C ASN D 247 18.46 34.89 -43.03
N TYR D 248 18.75 33.60 -43.19
CA TYR D 248 20.16 33.19 -43.19
C TYR D 248 20.64 32.26 -44.34
N PHE D 249 19.86 31.24 -44.68
CA PHE D 249 20.25 30.28 -45.70
C PHE D 249 20.24 30.85 -47.09
N THR D 250 21.31 30.65 -47.84
CA THR D 250 21.37 31.06 -49.23
C THR D 250 21.06 29.86 -50.09
N PRO D 251 20.22 30.05 -51.09
CA PRO D 251 19.83 28.96 -51.96
C PRO D 251 20.90 27.89 -51.99
N LYS D 252 22.15 28.26 -52.16
CA LYS D 252 23.13 27.20 -52.24
C LYS D 252 23.21 26.44 -50.91
N GLN D 253 23.23 27.19 -49.84
CA GLN D 253 23.30 26.57 -48.55
C GLN D 253 22.08 25.73 -48.41
N ASN D 254 20.96 26.26 -48.81
CA ASN D 254 19.72 25.52 -48.70
C ASN D 254 19.72 24.24 -49.52
N ARG D 255 20.33 24.33 -50.71
CA ARG D 255 20.41 23.21 -51.66
C ARG D 255 21.24 22.07 -51.10
N GLY D 256 22.34 22.44 -50.44
CA GLY D 256 23.24 21.48 -49.81
C GLY D 256 22.64 20.79 -48.61
N PHE D 257 21.66 21.43 -48.03
CA PHE D 257 21.04 20.97 -46.81
C PHE D 257 19.93 19.91 -47.01
N ASP D 258 19.01 20.20 -47.90
CA ASP D 258 17.89 19.31 -48.12
C ASP D 258 18.39 17.99 -48.58
N GLU D 259 19.50 18.06 -49.26
CA GLU D 259 20.08 16.87 -49.81
C GLU D 259 20.71 16.05 -48.74
N LEU D 260 21.37 16.74 -47.84
CA LEU D 260 21.93 16.07 -46.69
C LEU D 260 20.79 15.61 -45.84
N PHE D 261 19.84 16.47 -45.66
CA PHE D 261 18.78 16.07 -44.83
C PHE D 261 18.18 14.85 -45.46
N THR D 262 18.06 14.90 -46.77
CA THR D 262 17.26 13.89 -47.41
C THR D 262 18.04 12.61 -47.23
N GLU D 263 19.30 12.72 -47.57
CA GLU D 263 20.20 11.61 -47.48
C GLU D 263 20.16 11.04 -46.07
N LYS D 264 20.27 11.91 -45.06
CA LYS D 264 20.36 11.40 -43.72
C LYS D 264 19.04 10.85 -43.31
N MET D 265 18.00 11.62 -43.47
CA MET D 265 16.82 11.33 -42.71
C MET D 265 16.01 10.35 -43.49
N ARG D 266 16.18 10.37 -44.80
CA ARG D 266 15.46 9.44 -45.61
C ARG D 266 13.99 9.46 -45.20
N ASN D 267 13.49 8.34 -44.73
N ASN D 267 13.49 8.34 -44.73
CA ASN D 267 12.07 8.19 -44.43
CA ASN D 267 12.08 8.16 -44.47
C ASN D 267 11.74 8.28 -42.95
C ASN D 267 11.69 8.35 -42.98
N SER D 268 12.41 9.20 -42.27
CA SER D 268 12.05 9.57 -40.93
C SER D 268 10.74 10.34 -40.86
N ASP D 269 9.76 9.74 -40.25
CA ASP D 269 8.53 10.45 -39.97
C ASP D 269 8.86 11.74 -39.30
N VAL D 270 9.48 11.64 -38.15
CA VAL D 270 9.76 12.83 -37.41
C VAL D 270 10.32 13.84 -38.34
N GLY D 271 11.06 13.30 -39.30
CA GLY D 271 11.78 14.12 -40.24
C GLY D 271 10.79 14.60 -41.23
N ARG D 272 9.73 13.84 -41.37
CA ARG D 272 8.71 14.29 -42.25
C ARG D 272 8.05 15.50 -41.62
N CYS D 273 7.75 15.38 -40.33
CA CYS D 273 7.05 16.43 -39.59
C CYS D 273 7.86 17.68 -39.59
N LEU D 274 9.08 17.58 -39.08
CA LEU D 274 9.97 18.74 -39.00
C LEU D 274 9.91 19.49 -40.29
N LYS D 275 9.72 18.76 -41.40
CA LYS D 275 9.46 19.41 -42.67
C LYS D 275 8.06 20.00 -42.64
N GLU D 276 7.08 19.13 -42.52
CA GLU D 276 5.70 19.58 -42.44
C GLU D 276 5.52 20.76 -41.44
N TYR D 277 6.54 21.07 -40.62
CA TYR D 277 6.55 22.28 -39.79
C TYR D 277 7.41 23.27 -40.44
N ALA D 278 8.13 24.04 -39.63
CA ALA D 278 9.10 24.95 -40.16
C ALA D 278 8.54 25.63 -41.37
N LEU E 4 48.28 -2.21 -39.75
CA LEU E 4 48.05 -0.81 -39.35
C LEU E 4 46.55 -0.56 -39.36
N LEU E 5 46.09 0.10 -38.29
CA LEU E 5 44.65 0.34 -38.02
C LEU E 5 44.29 1.84 -38.05
N HIS E 6 43.01 2.19 -38.01
CA HIS E 6 42.63 3.58 -37.86
C HIS E 6 41.33 3.79 -37.07
N LYS E 7 41.22 4.98 -36.49
CA LYS E 7 40.20 5.22 -35.52
C LYS E 7 39.08 5.98 -36.16
N TYR E 8 37.89 5.42 -36.08
CA TYR E 8 36.76 6.19 -36.57
C TYR E 8 35.67 6.26 -35.54
N MET E 9 35.40 7.48 -35.05
CA MET E 9 34.41 7.83 -34.02
C MET E 9 34.74 7.08 -32.76
N GLY E 10 36.05 7.03 -32.47
CA GLY E 10 36.61 6.44 -31.27
C GLY E 10 36.90 4.96 -31.37
N ILE E 11 36.61 4.38 -32.53
CA ILE E 11 36.77 2.96 -32.75
C ILE E 11 37.73 2.66 -33.82
N PHE E 12 38.33 1.52 -33.72
CA PHE E 12 39.36 1.20 -34.64
C PHE E 12 38.67 0.37 -35.67
N PHE E 13 39.08 0.55 -36.91
CA PHE E 13 38.74 -0.29 -38.03
C PHE E 13 40.01 -0.56 -38.82
N SER E 14 39.94 -1.43 -39.82
CA SER E 14 41.07 -1.65 -40.71
C SER E 14 41.28 -0.58 -41.74
N THR E 15 42.53 -0.29 -42.05
CA THR E 15 42.81 0.66 -43.13
C THR E 15 42.08 0.16 -44.36
N MET E 16 41.70 -1.09 -44.31
CA MET E 16 41.05 -1.64 -45.46
C MET E 16 39.66 -1.15 -45.49
N SER E 17 39.17 -0.70 -44.36
CA SER E 17 37.90 0.01 -44.35
C SER E 17 38.18 1.45 -44.38
N SER E 18 37.71 2.09 -45.45
CA SER E 18 37.99 3.48 -45.65
C SER E 18 37.03 4.44 -44.95
N GLU E 19 37.67 5.42 -44.35
CA GLU E 19 37.02 6.58 -43.81
C GLU E 19 35.88 7.08 -44.70
N GLU E 20 36.14 7.34 -45.99
CA GLU E 20 35.09 7.81 -46.87
C GLU E 20 33.94 6.86 -46.81
N LEU E 21 34.26 5.60 -47.04
CA LEU E 21 33.28 4.56 -46.97
C LEU E 21 32.60 4.68 -45.63
N LEU E 22 33.39 4.67 -44.59
CA LEU E 22 32.81 4.61 -43.27
C LEU E 22 31.90 5.83 -43.00
N GLY E 23 32.26 6.96 -43.59
CA GLY E 23 31.60 8.22 -43.31
C GLY E 23 30.44 8.47 -44.22
N SER E 24 30.22 7.60 -45.19
CA SER E 24 29.10 7.78 -46.09
C SER E 24 28.11 6.62 -45.91
N LEU E 25 28.49 5.64 -45.10
CA LEU E 25 27.63 4.49 -44.82
C LEU E 25 26.15 4.74 -45.02
N ASP E 26 25.69 5.94 -44.65
CA ASP E 26 24.25 6.18 -44.66
C ASP E 26 23.78 6.47 -46.03
N SER E 27 24.74 6.55 -46.95
CA SER E 27 24.43 6.61 -48.36
C SER E 27 23.97 5.24 -48.83
N PHE E 28 24.41 4.19 -48.18
CA PHE E 28 23.88 2.90 -48.56
C PHE E 28 22.37 2.92 -48.76
N ASP E 29 21.91 2.36 -49.89
CA ASP E 29 20.48 2.15 -50.17
C ASP E 29 20.01 0.70 -49.85
N ALA E 30 19.31 0.51 -48.72
CA ALA E 30 18.96 -0.82 -48.23
C ALA E 30 17.77 -1.35 -49.02
N ARG E 31 17.40 -2.62 -48.86
CA ARG E 31 16.24 -3.19 -49.58
C ARG E 31 15.34 -3.96 -48.64
N GLU E 32 14.04 -3.96 -48.89
CA GLU E 32 13.13 -4.62 -47.98
C GLU E 32 13.59 -6.04 -47.73
N ASP E 33 14.23 -6.64 -48.74
CA ASP E 33 14.57 -8.05 -48.72
C ASP E 33 15.94 -8.36 -48.14
N ASP E 34 16.72 -7.33 -47.85
CA ASP E 34 18.13 -7.54 -47.54
C ASP E 34 18.33 -8.33 -46.27
N ILE E 35 19.33 -9.18 -46.24
CA ILE E 35 19.77 -9.76 -44.98
C ILE E 35 21.16 -9.22 -44.53
N PHE E 36 21.26 -8.82 -43.26
CA PHE E 36 22.56 -8.53 -42.65
C PHE E 36 22.98 -9.56 -41.63
N LEU E 37 24.24 -9.95 -41.69
CA LEU E 37 24.83 -10.87 -40.72
C LEU E 37 25.84 -10.13 -39.84
N VAL E 38 25.48 -9.97 -38.58
CA VAL E 38 26.16 -9.05 -37.71
C VAL E 38 26.71 -9.88 -36.58
N SER E 39 27.91 -9.58 -36.15
CA SER E 39 28.44 -10.25 -35.02
C SER E 39 29.57 -9.37 -34.68
N TYR E 40 29.98 -9.42 -33.44
CA TYR E 40 31.24 -8.83 -33.09
C TYR E 40 32.28 -9.83 -33.63
N PRO E 41 33.44 -9.34 -33.99
CA PRO E 41 34.39 -10.25 -34.59
C PRO E 41 34.65 -11.44 -33.69
N LYS E 42 35.00 -12.57 -34.29
CA LYS E 42 35.45 -13.78 -33.60
C LYS E 42 34.34 -14.54 -32.88
N SER E 43 33.10 -14.36 -33.33
CA SER E 43 31.94 -14.79 -32.57
C SER E 43 31.10 -15.77 -33.34
N GLY E 44 31.57 -16.15 -34.55
CA GLY E 44 30.96 -17.20 -35.38
C GLY E 44 30.54 -16.75 -36.78
N THR E 45 31.12 -15.65 -37.24
CA THR E 45 30.60 -15.10 -38.46
C THR E 45 30.85 -16.15 -39.50
N HIS E 46 32.12 -16.34 -39.80
CA HIS E 46 32.51 -17.22 -40.86
C HIS E 46 31.64 -18.47 -40.80
N TRP E 47 31.40 -18.93 -39.61
CA TRP E 47 30.58 -20.11 -39.45
C TRP E 47 29.29 -19.79 -40.13
N LEU E 48 28.56 -18.92 -39.47
CA LEU E 48 27.23 -18.55 -39.90
C LEU E 48 27.14 -18.31 -41.39
N ALA E 49 28.01 -17.46 -41.93
CA ALA E 49 27.94 -17.19 -43.35
C ALA E 49 28.15 -18.43 -44.17
N GLU E 50 28.80 -19.44 -43.61
CA GLU E 50 29.02 -20.62 -44.44
C GLU E 50 27.74 -21.35 -44.38
N VAL E 51 27.18 -21.33 -43.20
CA VAL E 51 25.93 -22.00 -43.01
C VAL E 51 24.93 -21.40 -43.98
N ILE E 52 24.68 -20.09 -43.86
CA ILE E 52 23.78 -19.43 -44.80
C ILE E 52 24.08 -19.82 -46.24
N GLU E 53 25.33 -19.73 -46.64
CA GLU E 53 25.60 -19.93 -48.03
C GLU E 53 25.13 -21.31 -48.39
N ARG E 54 25.14 -22.21 -47.41
CA ARG E 54 24.89 -23.63 -47.67
C ARG E 54 23.42 -24.01 -47.85
N ILE E 55 22.52 -23.05 -47.68
CA ILE E 55 21.09 -23.34 -47.86
C ILE E 55 20.62 -23.44 -49.32
N PRO E 56 19.91 -24.53 -49.66
CA PRO E 56 19.60 -24.82 -51.07
C PRO E 56 18.47 -23.99 -51.68
N ASP E 57 18.78 -23.36 -52.81
CA ASP E 57 17.74 -22.84 -53.66
C ASP E 57 16.98 -21.93 -52.74
N ALA E 58 17.72 -20.92 -52.28
CA ALA E 58 17.22 -19.90 -51.38
C ALA E 58 17.20 -18.62 -52.15
N GLY E 59 18.25 -18.43 -52.94
CA GLY E 59 18.36 -17.29 -53.82
C GLY E 59 19.28 -16.22 -53.30
N ILE E 60 20.23 -16.61 -52.49
CA ILE E 60 21.03 -15.60 -51.83
C ILE E 60 22.41 -15.45 -52.39
N THR E 61 22.66 -14.26 -52.94
CA THR E 61 23.99 -13.85 -53.27
C THR E 61 24.46 -13.44 -51.90
N LEU E 62 25.29 -14.24 -51.28
CA LEU E 62 25.94 -13.79 -50.08
C LEU E 62 27.00 -12.80 -50.50
N THR E 63 27.12 -11.64 -49.85
CA THR E 63 28.03 -10.59 -50.33
C THR E 63 29.30 -10.29 -49.54
N SER E 64 30.06 -9.32 -50.07
CA SER E 64 31.30 -8.87 -49.48
C SER E 64 30.88 -8.09 -48.32
N PRO E 65 31.77 -7.90 -47.34
CA PRO E 65 31.25 -7.14 -46.22
C PRO E 65 31.01 -5.69 -46.60
N ILE E 66 30.08 -5.05 -45.92
CA ILE E 66 29.69 -3.68 -46.30
C ILE E 66 30.71 -2.60 -45.93
N GLU E 67 31.50 -2.80 -44.86
CA GLU E 67 32.43 -1.77 -44.39
C GLU E 67 33.86 -1.99 -44.92
N LEU E 68 33.96 -2.87 -45.88
CA LEU E 68 35.24 -3.18 -46.45
C LEU E 68 35.45 -2.32 -47.68
N GLY E 69 36.48 -1.47 -47.67
CA GLY E 69 36.97 -0.86 -48.88
C GLY E 69 36.64 0.60 -49.15
N ASP E 70 36.31 0.90 -50.42
CA ASP E 70 36.07 2.27 -50.93
C ASP E 70 34.60 2.63 -50.97
N ILE E 71 34.28 3.92 -51.13
CA ILE E 71 32.90 4.31 -51.30
C ILE E 71 32.35 3.46 -52.43
N SER E 72 33.23 3.00 -53.30
CA SER E 72 32.75 2.18 -54.40
C SER E 72 32.32 0.78 -53.97
N LYS E 73 32.33 0.54 -52.68
CA LYS E 73 31.77 -0.68 -52.18
C LYS E 73 30.27 -0.62 -52.49
N PHE E 74 29.73 0.59 -52.39
CA PHE E 74 28.29 0.85 -52.45
C PHE E 74 27.67 0.51 -53.79
N GLU E 75 28.39 0.89 -54.83
CA GLU E 75 27.87 0.71 -56.15
C GLU E 75 27.91 -0.80 -56.47
N GLU E 76 28.91 -1.52 -55.98
CA GLU E 76 28.94 -2.96 -56.20
C GLU E 76 27.72 -3.64 -55.62
N LEU E 77 27.28 -3.13 -54.49
CA LEU E 77 26.29 -3.87 -53.78
C LEU E 77 25.00 -3.61 -54.48
N LYS E 78 24.86 -2.40 -55.00
CA LYS E 78 23.67 -1.99 -55.77
C LYS E 78 23.50 -2.94 -56.92
N ARG E 79 24.63 -3.27 -57.55
CA ARG E 79 24.64 -4.11 -58.73
C ARG E 79 24.38 -5.60 -58.49
N ILE E 80 24.32 -6.06 -57.25
CA ILE E 80 23.92 -7.45 -57.04
C ILE E 80 22.40 -7.55 -57.18
N PRO E 81 21.96 -8.15 -58.28
CA PRO E 81 20.54 -8.24 -58.59
C PRO E 81 19.74 -9.14 -57.68
N LYS E 82 20.39 -10.14 -57.10
CA LYS E 82 19.69 -11.11 -56.28
C LYS E 82 19.59 -10.59 -54.89
N ARG E 83 19.07 -11.41 -54.01
CA ARG E 83 18.84 -11.00 -52.66
C ARG E 83 20.09 -11.12 -51.95
N ARG E 84 20.40 -10.12 -51.13
CA ARG E 84 21.70 -10.06 -50.57
C ARG E 84 21.72 -10.40 -49.14
N ALA E 85 22.63 -11.30 -48.80
CA ALA E 85 23.04 -11.56 -47.46
C ALA E 85 24.36 -10.84 -47.26
N ILE E 86 24.37 -9.90 -46.33
CA ILE E 86 25.48 -8.97 -46.17
C ILE E 86 26.17 -9.08 -44.80
N PRO E 87 27.43 -9.45 -44.79
CA PRO E 87 28.01 -9.66 -43.48
C PRO E 87 28.48 -8.36 -42.88
N THR E 88 28.33 -8.15 -41.58
CA THR E 88 28.91 -6.97 -41.00
C THR E 88 29.31 -7.15 -39.58
N HIS E 89 30.25 -6.32 -39.14
CA HIS E 89 30.54 -6.21 -37.72
C HIS E 89 30.24 -4.79 -37.18
N LEU E 90 29.57 -3.93 -37.94
CA LEU E 90 29.28 -2.59 -37.45
C LEU E 90 28.44 -2.73 -36.21
N ASN E 91 28.42 -1.69 -35.42
CA ASN E 91 27.52 -1.63 -34.29
C ASN E 91 26.23 -1.03 -34.78
N TYR E 92 25.33 -0.83 -33.85
CA TYR E 92 24.07 -0.24 -34.23
C TYR E 92 24.14 1.20 -34.76
N GLU E 93 24.85 2.08 -34.08
CA GLU E 93 24.93 3.48 -34.49
C GLU E 93 25.33 3.61 -35.93
N MET E 94 26.24 2.77 -36.36
CA MET E 94 26.90 3.04 -37.64
C MET E 94 26.21 2.41 -38.82
N LEU E 95 25.47 1.36 -38.58
CA LEU E 95 24.67 0.77 -39.62
C LEU E 95 23.98 1.80 -40.46
N PRO E 96 23.88 1.60 -41.79
CA PRO E 96 23.14 2.57 -42.59
C PRO E 96 21.76 2.82 -42.08
N VAL E 97 21.43 4.11 -41.99
CA VAL E 97 20.18 4.57 -41.45
C VAL E 97 19.13 3.80 -42.16
N THR E 98 19.47 3.44 -43.36
CA THR E 98 18.51 2.98 -44.31
C THR E 98 18.13 1.52 -43.99
N VAL E 99 19.11 0.73 -43.54
CA VAL E 99 18.87 -0.61 -43.06
C VAL E 99 17.91 -0.61 -41.85
N LYS E 100 18.03 0.38 -40.97
CA LYS E 100 17.04 0.48 -39.89
C LYS E 100 15.63 0.87 -40.44
N GLN E 101 15.53 1.87 -41.29
CA GLN E 101 14.18 2.34 -41.69
C GLN E 101 13.38 1.25 -42.41
N LYS E 102 14.02 0.52 -43.30
CA LYS E 102 13.37 -0.54 -44.03
C LYS E 102 13.12 -1.76 -43.17
N GLN E 103 13.84 -1.85 -42.07
CA GLN E 103 13.69 -3.01 -41.22
C GLN E 103 14.08 -4.24 -41.97
N CYS E 104 15.32 -4.33 -42.42
CA CYS E 104 15.82 -5.56 -43.05
C CYS E 104 16.06 -6.61 -41.99
N LYS E 105 15.90 -7.90 -42.30
CA LYS E 105 16.29 -8.97 -41.38
C LYS E 105 17.77 -8.87 -40.98
N ILE E 106 18.04 -8.95 -39.69
CA ILE E 106 19.41 -9.00 -39.17
C ILE E 106 19.54 -10.33 -38.44
N ILE E 107 20.65 -11.02 -38.65
CA ILE E 107 21.03 -12.10 -37.78
C ILE E 107 22.30 -11.69 -37.03
N TYR E 108 22.19 -11.49 -35.70
CA TYR E 108 23.27 -11.03 -34.83
C TYR E 108 23.81 -12.15 -33.94
N ILE E 109 24.97 -12.71 -34.32
CA ILE E 109 25.54 -13.80 -33.57
C ILE E 109 26.47 -13.26 -32.53
N VAL E 110 26.35 -13.83 -31.34
CA VAL E 110 27.10 -13.40 -30.18
C VAL E 110 27.69 -14.62 -29.48
N ARG E 111 28.82 -14.39 -28.81
CA ARG E 111 29.57 -15.47 -28.22
C ARG E 111 30.10 -14.97 -26.90
N ASN E 112 30.27 -15.82 -25.93
CA ASN E 112 30.57 -15.22 -24.70
C ASN E 112 31.88 -14.50 -24.83
N PRO E 113 32.08 -13.57 -23.92
CA PRO E 113 33.11 -12.59 -24.20
C PRO E 113 34.48 -13.08 -23.84
N LYS E 114 34.64 -14.01 -22.92
CA LYS E 114 35.98 -14.45 -22.57
C LYS E 114 36.61 -15.25 -23.69
N ASP E 115 35.83 -16.11 -24.33
CA ASP E 115 36.26 -16.79 -25.56
C ASP E 115 36.44 -15.80 -26.72
N THR E 116 35.43 -15.00 -26.96
CA THR E 116 35.62 -14.07 -27.97
C THR E 116 37.03 -13.50 -27.79
N ALA E 117 37.37 -13.01 -26.61
CA ALA E 117 38.59 -12.17 -26.49
C ALA E 117 39.85 -12.97 -26.79
N VAL E 118 39.78 -14.20 -26.31
CA VAL E 118 40.85 -15.14 -26.47
C VAL E 118 41.04 -15.41 -27.89
N SER E 119 39.92 -15.53 -28.60
CA SER E 119 40.06 -15.83 -30.00
C SER E 119 40.60 -14.64 -30.70
N MET E 120 40.32 -13.48 -30.14
CA MET E 120 40.74 -12.27 -30.79
C MET E 120 42.20 -12.02 -30.46
N PHE E 121 42.66 -12.48 -29.33
CA PHE E 121 44.10 -12.35 -29.10
C PHE E 121 44.82 -13.05 -30.23
N HIS E 122 44.27 -14.17 -30.63
CA HIS E 122 44.88 -15.02 -31.64
C HIS E 122 44.90 -14.45 -32.99
N TYR E 123 43.85 -13.73 -33.30
CA TYR E 123 43.84 -13.07 -34.56
C TYR E 123 44.87 -11.93 -34.61
N TYR E 124 45.07 -11.21 -33.52
CA TYR E 124 45.99 -10.08 -33.56
C TYR E 124 47.36 -10.58 -33.79
N ARG E 125 47.58 -11.65 -33.08
CA ARG E 125 48.84 -12.20 -33.09
C ARG E 125 48.98 -12.61 -34.51
N ASP E 126 48.19 -13.58 -34.94
CA ASP E 126 48.34 -14.17 -36.27
C ASP E 126 47.85 -13.39 -37.52
N ASN E 127 47.13 -12.27 -37.40
CA ASN E 127 46.63 -11.63 -38.62
C ASN E 127 47.46 -10.43 -38.99
N PRO E 128 48.19 -10.57 -40.08
CA PRO E 128 49.12 -9.52 -40.49
C PRO E 128 48.31 -8.29 -40.76
N ASN E 129 47.01 -8.47 -40.88
CA ASN E 129 46.18 -7.30 -40.97
C ASN E 129 45.97 -6.61 -39.62
N LEU E 130 46.43 -7.23 -38.53
CA LEU E 130 46.29 -6.67 -37.18
C LEU E 130 47.57 -6.61 -36.43
N PRO E 131 47.73 -5.56 -35.62
CA PRO E 131 49.00 -5.39 -34.91
C PRO E 131 49.05 -6.44 -33.88
N SER E 132 50.07 -7.24 -33.96
CA SER E 132 50.17 -8.28 -33.00
C SER E 132 50.42 -7.64 -31.65
N THR E 133 49.90 -8.29 -30.63
CA THR E 133 50.36 -8.03 -29.29
C THR E 133 51.11 -9.27 -28.88
N GLU E 134 52.03 -9.09 -27.93
CA GLU E 134 52.97 -10.14 -27.56
C GLU E 134 52.38 -11.08 -26.56
N THR E 135 51.65 -10.51 -25.62
CA THR E 135 51.22 -11.29 -24.49
C THR E 135 49.75 -11.13 -24.38
N TRP E 136 49.13 -12.14 -23.79
CA TRP E 136 47.68 -12.17 -23.68
C TRP E 136 47.21 -11.01 -22.81
N ALA E 137 47.94 -10.75 -21.74
CA ALA E 137 47.53 -9.80 -20.73
C ALA E 137 47.34 -8.40 -21.27
N ALA E 138 48.19 -8.03 -22.23
CA ALA E 138 48.11 -6.74 -22.90
C ALA E 138 46.81 -6.58 -23.71
N PHE E 139 46.56 -7.52 -24.64
CA PHE E 139 45.32 -7.53 -25.45
C PHE E 139 44.08 -7.31 -24.58
N LEU E 140 44.05 -8.05 -23.49
CA LEU E 140 42.93 -8.00 -22.63
C LEU E 140 42.73 -6.58 -22.15
N GLU E 141 43.81 -5.92 -21.75
CA GLU E 141 43.62 -4.61 -21.18
C GLU E 141 42.98 -3.78 -22.25
N LEU E 142 43.44 -3.97 -23.47
CA LEU E 142 42.84 -3.29 -24.62
C LEU E 142 41.47 -3.76 -24.81
N PHE E 143 41.35 -5.05 -24.94
CA PHE E 143 40.05 -5.54 -25.13
C PHE E 143 39.12 -5.00 -24.07
N LEU E 144 39.60 -4.94 -22.85
CA LEU E 144 38.70 -4.51 -21.81
C LEU E 144 38.39 -3.07 -22.02
N LYS E 145 39.32 -2.35 -22.52
CA LYS E 145 39.10 -0.97 -22.67
C LYS E 145 38.26 -0.71 -23.94
N GLY E 146 37.91 -1.74 -24.69
CA GLY E 146 37.30 -1.50 -25.96
C GLY E 146 38.26 -0.92 -27.01
N ASP E 147 39.55 -0.83 -26.69
CA ASP E 147 40.46 -0.40 -27.73
C ASP E 147 40.82 -1.54 -28.67
N VAL E 148 39.83 -2.31 -29.10
CA VAL E 148 40.08 -3.29 -30.12
C VAL E 148 39.35 -2.89 -31.41
N VAL E 149 39.68 -3.56 -32.51
CA VAL E 149 39.06 -3.21 -33.74
C VAL E 149 37.63 -3.40 -33.48
N TYR E 150 36.81 -2.57 -34.10
CA TYR E 150 35.37 -2.56 -33.93
C TYR E 150 35.00 -2.29 -32.53
N GLY E 151 35.99 -2.15 -31.66
CA GLY E 151 35.72 -1.63 -30.32
C GLY E 151 35.13 -2.57 -29.27
N SER E 152 34.45 -1.95 -28.32
CA SER E 152 33.91 -2.64 -27.17
C SER E 152 32.91 -3.67 -27.56
N TRP E 153 33.07 -4.87 -27.00
CA TRP E 153 32.17 -5.96 -27.27
C TRP E 153 30.86 -5.81 -26.49
N PHE E 154 30.93 -5.21 -25.32
CA PHE E 154 29.73 -4.90 -24.55
C PHE E 154 28.87 -3.96 -25.32
N ASP E 155 29.37 -2.76 -25.52
CA ASP E 155 28.68 -1.80 -26.33
C ASP E 155 28.23 -2.43 -27.61
N HIS E 156 29.08 -3.18 -28.32
CA HIS E 156 28.57 -3.76 -29.58
C HIS E 156 27.32 -4.52 -29.29
N VAL E 157 27.44 -5.29 -28.26
CA VAL E 157 26.48 -6.31 -28.02
C VAL E 157 25.21 -5.66 -27.47
N LEU E 158 25.36 -4.81 -26.47
CA LEU E 158 24.23 -4.04 -25.93
C LEU E 158 23.47 -3.24 -26.97
N SER E 159 24.18 -2.53 -27.79
CA SER E 159 23.51 -1.62 -28.68
C SER E 159 22.66 -2.45 -29.60
N TRP E 160 22.93 -3.75 -29.64
CA TRP E 160 22.12 -4.60 -30.50
C TRP E 160 21.04 -5.32 -29.70
N GLU E 161 21.25 -5.55 -28.41
CA GLU E 161 20.21 -6.13 -27.57
C GLU E 161 18.99 -5.16 -27.57
N GLU E 162 19.29 -3.85 -27.46
CA GLU E 162 18.30 -2.80 -27.51
C GLU E 162 17.13 -3.17 -28.38
N HIS E 163 17.42 -3.93 -29.42
CA HIS E 163 16.45 -4.21 -30.46
C HIS E 163 16.16 -5.66 -30.53
N LYS E 164 16.44 -6.39 -29.47
CA LYS E 164 16.29 -7.80 -29.60
C LYS E 164 14.82 -8.24 -29.59
N ASN E 165 13.87 -7.35 -29.34
CA ASN E 165 12.44 -7.74 -29.43
C ASN E 165 11.72 -7.46 -30.79
N ASP E 166 12.41 -6.77 -31.72
CA ASP E 166 11.87 -6.48 -33.06
C ASP E 166 11.59 -7.77 -33.85
N LYS E 167 10.56 -7.79 -34.68
CA LYS E 167 10.26 -8.99 -35.47
C LYS E 167 11.32 -9.40 -36.52
N ASN E 168 12.10 -8.41 -36.98
CA ASN E 168 13.03 -8.62 -38.08
C ASN E 168 14.41 -8.81 -37.58
N VAL E 169 14.51 -9.20 -36.31
CA VAL E 169 15.79 -9.51 -35.73
C VAL E 169 15.87 -10.90 -35.06
N LEU E 170 16.94 -11.67 -35.31
CA LEU E 170 17.18 -12.94 -34.57
C LEU E 170 18.55 -12.93 -33.87
N PHE E 171 18.58 -13.14 -32.55
CA PHE E 171 19.85 -13.45 -31.91
C PHE E 171 20.23 -14.94 -31.96
N ILE E 172 21.49 -15.19 -32.30
CA ILE E 172 22.06 -16.51 -32.30
C ILE E 172 23.24 -16.52 -31.35
N PHE E 173 23.37 -17.57 -30.57
CA PHE E 173 24.58 -17.76 -29.78
C PHE E 173 25.56 -18.70 -30.41
N TYR E 174 26.82 -18.29 -30.48
CA TYR E 174 27.87 -19.16 -30.95
C TYR E 174 27.74 -20.51 -30.26
N GLU E 175 27.66 -20.40 -28.96
CA GLU E 175 27.53 -21.52 -28.05
C GLU E 175 26.31 -22.46 -28.22
N GLU E 176 25.30 -22.04 -28.96
CA GLU E 176 24.18 -22.96 -29.25
C GLU E 176 24.40 -23.63 -30.63
N MET E 177 25.20 -23.00 -31.52
CA MET E 177 25.58 -23.65 -32.76
C MET E 177 26.38 -24.88 -32.39
N LYS E 178 27.31 -24.71 -31.46
CA LYS E 178 28.04 -25.85 -30.93
C LYS E 178 27.13 -26.92 -30.29
N LYS E 179 26.21 -26.50 -29.44
CA LYS E 179 25.53 -27.44 -28.56
C LYS E 179 24.42 -28.22 -29.22
N ASP E 180 23.63 -27.54 -30.04
CA ASP E 180 22.54 -28.19 -30.72
C ASP E 180 22.43 -27.41 -31.99
N PHE E 181 23.30 -27.76 -32.92
CA PHE E 181 23.40 -27.06 -34.19
C PHE E 181 22.20 -27.24 -35.10
N VAL E 182 21.51 -28.36 -35.00
CA VAL E 182 20.31 -28.55 -35.80
C VAL E 182 19.21 -27.62 -35.29
N LYS E 183 19.08 -27.57 -33.98
CA LYS E 183 18.08 -26.74 -33.35
C LYS E 183 18.11 -25.33 -33.95
N SER E 184 19.32 -24.81 -33.98
CA SER E 184 19.57 -23.46 -34.43
C SER E 184 19.10 -23.23 -35.81
N LEU E 185 19.70 -24.00 -36.69
CA LEU E 185 19.49 -23.90 -38.11
C LEU E 185 18.03 -23.87 -38.37
N LYS E 186 17.26 -24.55 -37.52
CA LYS E 186 15.82 -24.47 -37.54
C LYS E 186 15.39 -23.08 -37.16
N LYS E 187 15.92 -22.61 -36.05
CA LYS E 187 15.60 -21.32 -35.53
C LYS E 187 15.82 -20.35 -36.63
N ILE E 188 16.98 -20.47 -37.20
CA ILE E 188 17.36 -19.59 -38.28
C ILE E 188 16.43 -19.78 -39.45
N THR E 189 16.14 -21.04 -39.68
CA THR E 189 15.46 -21.48 -40.88
C THR E 189 14.01 -21.03 -40.85
N ALA E 190 13.45 -20.98 -39.66
CA ALA E 190 12.11 -20.48 -39.55
C ALA E 190 12.13 -18.94 -39.43
N PHE E 191 13.26 -18.33 -39.04
CA PHE E 191 13.24 -16.88 -39.00
C PHE E 191 13.11 -16.34 -40.39
N LEU E 192 13.81 -16.97 -41.31
CA LEU E 192 13.92 -16.44 -42.65
C LEU E 192 12.88 -16.88 -43.66
N GLY E 193 11.97 -17.79 -43.33
CA GLY E 193 10.92 -18.22 -44.25
C GLY E 193 11.26 -19.36 -45.21
N ILE E 194 12.00 -20.34 -44.73
CA ILE E 194 12.50 -21.42 -45.58
C ILE E 194 12.32 -22.78 -44.94
N ASP E 195 11.73 -23.69 -45.70
CA ASP E 195 11.77 -25.09 -45.36
C ASP E 195 13.01 -25.68 -45.95
N VAL E 196 13.75 -26.39 -45.13
CA VAL E 196 14.81 -27.23 -45.63
C VAL E 196 14.71 -28.53 -44.88
N ASN E 197 14.46 -29.63 -45.57
CA ASN E 197 14.08 -30.82 -44.85
C ASN E 197 15.28 -31.53 -44.20
N ASP E 198 15.01 -32.12 -43.05
CA ASP E 198 16.00 -32.88 -42.28
C ASP E 198 17.16 -33.30 -43.19
N SER E 199 16.86 -34.23 -44.07
CA SER E 199 17.86 -34.78 -44.94
C SER E 199 18.75 -33.59 -45.24
N GLU E 200 18.13 -32.50 -45.59
CA GLU E 200 18.90 -31.37 -46.02
C GLU E 200 19.64 -30.69 -44.88
N MET E 201 18.95 -30.48 -43.79
CA MET E 201 19.56 -29.76 -42.74
C MET E 201 20.76 -30.59 -42.40
N ALA E 202 20.54 -31.90 -42.27
CA ALA E 202 21.58 -32.88 -41.92
C ALA E 202 22.83 -32.69 -42.73
N LYS E 203 22.62 -32.82 -44.03
CA LYS E 203 23.60 -32.42 -44.98
C LYS E 203 24.33 -31.22 -44.39
N ILE E 204 23.60 -30.16 -44.07
CA ILE E 204 24.21 -28.89 -43.68
C ILE E 204 25.12 -29.00 -42.47
N ALA E 205 24.62 -29.65 -41.43
CA ALA E 205 25.41 -29.83 -40.25
C ALA E 205 26.72 -30.37 -40.74
N ARG E 206 26.58 -31.33 -41.66
CA ARG E 206 27.70 -32.08 -42.19
C ARG E 206 28.81 -31.22 -42.80
N SER E 207 28.46 -30.27 -43.65
CA SER E 207 29.49 -29.52 -44.37
C SER E 207 29.96 -28.22 -43.67
N THR E 208 29.34 -27.88 -42.54
CA THR E 208 29.67 -26.63 -41.82
C THR E 208 30.29 -26.85 -40.44
N SER E 209 30.47 -28.10 -40.08
CA SER E 209 31.37 -28.46 -38.99
C SER E 209 32.67 -27.68 -39.05
N PHE E 210 33.14 -27.22 -37.91
CA PHE E 210 34.48 -26.75 -37.82
C PHE E 210 35.42 -27.39 -38.82
N SER E 211 35.55 -28.71 -38.73
CA SER E 211 36.51 -29.48 -39.55
C SER E 211 36.26 -29.38 -41.03
N GLU E 212 35.02 -29.61 -41.44
CA GLU E 212 34.64 -29.41 -42.82
C GLU E 212 35.05 -28.04 -43.28
N MET E 213 34.86 -27.07 -42.41
CA MET E 213 35.01 -25.72 -42.86
C MET E 213 36.47 -25.34 -42.92
N LYS E 214 37.25 -25.78 -41.93
N LYS E 214 37.27 -25.78 -41.95
CA LYS E 214 38.69 -25.62 -41.95
CA LYS E 214 38.70 -25.50 -42.03
C LYS E 214 39.24 -26.17 -43.27
C LYS E 214 39.31 -26.22 -43.23
N SER E 215 38.69 -27.30 -43.67
CA SER E 215 39.24 -28.13 -44.75
C SER E 215 38.94 -27.63 -46.14
N ASN E 216 39.36 -26.42 -46.45
CA ASN E 216 38.92 -25.81 -47.68
C ASN E 216 39.83 -24.71 -48.13
N ALA E 217 40.31 -24.86 -49.35
CA ALA E 217 41.17 -23.91 -49.98
C ALA E 217 40.84 -23.79 -51.48
N ALA E 218 41.09 -22.61 -52.02
CA ALA E 218 40.90 -22.30 -53.44
C ALA E 218 39.86 -21.21 -53.56
N LYS E 219 38.63 -21.62 -53.86
CA LYS E 219 37.53 -20.69 -54.08
C LYS E 219 36.17 -21.40 -53.88
N ASN E 221 31.62 -20.01 -54.86
CA ASN E 221 30.75 -20.15 -56.01
C ASN E 221 31.17 -19.21 -57.16
N CYS E 222 32.48 -19.14 -57.38
CA CYS E 222 33.09 -18.34 -58.45
C CYS E 222 34.58 -18.24 -58.15
N ASP E 223 35.37 -18.06 -59.19
CA ASP E 223 36.80 -17.84 -59.04
C ASP E 223 37.04 -17.09 -57.77
N PRO E 224 36.55 -15.84 -57.77
CA PRO E 224 36.88 -14.94 -56.67
C PRO E 224 36.83 -15.66 -55.35
N ASN E 225 37.89 -15.51 -54.60
CA ASN E 225 37.78 -15.63 -53.17
C ASN E 225 36.94 -14.43 -52.72
N HIS E 226 35.76 -14.75 -52.25
CA HIS E 226 34.90 -13.80 -51.62
C HIS E 226 35.26 -13.77 -50.14
N VAL E 227 35.42 -12.56 -49.60
CA VAL E 227 35.65 -12.42 -48.17
C VAL E 227 34.35 -12.16 -47.48
N ILE E 228 34.28 -12.42 -46.19
CA ILE E 228 33.07 -12.07 -45.48
C ILE E 228 33.38 -11.38 -44.21
N CYS E 229 34.61 -11.55 -43.77
CA CYS E 229 35.06 -10.79 -42.64
C CYS E 229 36.13 -9.86 -43.17
N ALA E 230 35.99 -8.58 -42.86
CA ALA E 230 36.83 -7.54 -43.45
C ALA E 230 38.24 -7.52 -42.93
N LEU E 231 38.47 -8.22 -41.82
CA LEU E 231 39.78 -8.21 -41.17
C LEU E 231 40.64 -9.32 -41.73
N THR E 232 40.00 -10.21 -42.48
CA THR E 232 40.63 -11.42 -42.83
C THR E 232 40.67 -11.65 -44.28
N SER E 233 41.90 -11.68 -44.73
CA SER E 233 42.24 -12.11 -46.05
C SER E 233 42.18 -13.65 -46.18
N ASP E 234 42.53 -14.37 -45.12
CA ASP E 234 42.77 -15.82 -45.26
C ASP E 234 41.88 -16.67 -44.40
N ARG E 235 40.83 -17.20 -45.03
CA ARG E 235 39.89 -18.04 -44.33
C ARG E 235 40.60 -19.05 -43.44
N ASN E 236 41.71 -19.59 -43.90
CA ASN E 236 42.36 -20.65 -43.17
C ASN E 236 42.87 -20.15 -41.81
N LEU E 237 43.06 -18.86 -41.70
CA LEU E 237 43.47 -18.35 -40.43
C LEU E 237 42.41 -18.44 -39.36
N VAL E 238 41.14 -18.67 -39.72
CA VAL E 238 40.08 -18.39 -38.74
C VAL E 238 39.69 -19.61 -37.89
N PHE E 239 40.13 -20.79 -38.31
CA PHE E 239 39.69 -22.00 -37.67
C PHE E 239 40.65 -22.43 -36.61
N ARG E 240 40.71 -21.65 -35.54
CA ARG E 240 41.68 -21.95 -34.53
C ARG E 240 41.27 -23.22 -33.81
N LYS E 241 40.40 -23.13 -32.81
CA LYS E 241 40.07 -24.31 -32.02
C LYS E 241 38.59 -24.67 -32.14
N GLY E 242 37.74 -23.66 -32.16
CA GLY E 242 36.34 -23.86 -32.47
C GLY E 242 35.61 -24.54 -31.35
N VAL E 243 35.88 -24.08 -30.14
CA VAL E 243 35.29 -24.74 -29.01
C VAL E 243 34.79 -23.71 -28.00
N VAL E 244 33.97 -24.19 -27.05
CA VAL E 244 33.52 -23.42 -25.91
C VAL E 244 34.39 -23.69 -24.65
N GLY E 245 34.85 -22.65 -23.94
CA GLY E 245 35.40 -22.75 -22.58
C GLY E 245 36.93 -22.73 -22.40
N ASP E 246 37.62 -22.61 -23.52
CA ASP E 246 39.07 -22.55 -23.60
C ASP E 246 39.62 -21.41 -22.72
N TRP E 247 38.80 -20.42 -22.48
CA TRP E 247 39.26 -19.22 -21.80
C TRP E 247 39.90 -19.48 -20.45
N ILE E 248 39.47 -20.55 -19.79
CA ILE E 248 40.02 -20.91 -18.48
C ILE E 248 41.49 -21.20 -18.63
N ASN E 249 41.90 -21.49 -19.85
CA ASN E 249 43.29 -21.68 -20.15
C ASN E 249 44.00 -20.38 -20.30
N TYR E 250 43.35 -19.25 -20.03
CA TYR E 250 44.06 -17.97 -20.18
C TYR E 250 43.92 -16.97 -19.07
N PHE E 251 42.79 -16.97 -18.41
CA PHE E 251 42.60 -15.92 -17.44
C PHE E 251 43.27 -16.21 -16.16
N THR E 252 43.94 -15.22 -15.62
CA THR E 252 44.38 -15.34 -14.26
C THR E 252 43.28 -14.84 -13.36
N PRO E 253 43.11 -15.55 -12.25
CA PRO E 253 42.01 -15.27 -11.33
C PRO E 253 41.89 -13.77 -11.13
N LYS E 254 43.02 -13.07 -11.13
CA LYS E 254 42.97 -11.65 -11.07
C LYS E 254 42.21 -11.18 -12.25
N GLN E 255 42.80 -11.42 -13.40
CA GLN E 255 42.21 -10.98 -14.62
C GLN E 255 40.78 -11.33 -14.55
N ASN E 256 40.54 -12.62 -14.36
CA ASN E 256 39.19 -13.05 -14.27
C ASN E 256 38.36 -12.14 -13.36
N ARG E 257 38.94 -11.65 -12.28
CA ARG E 257 38.22 -10.75 -11.39
C ARG E 257 37.89 -9.47 -12.11
N GLY E 258 38.91 -8.65 -12.36
CA GLY E 258 38.66 -7.38 -13.01
C GLY E 258 37.61 -7.47 -14.12
N PHE E 259 37.41 -8.67 -14.64
CA PHE E 259 36.50 -8.88 -15.74
C PHE E 259 35.06 -8.87 -15.34
N ASP E 260 34.71 -9.83 -14.53
CA ASP E 260 33.35 -10.03 -14.15
C ASP E 260 32.77 -8.77 -13.56
N GLU E 261 33.63 -7.88 -13.11
CA GLU E 261 33.13 -6.68 -12.48
C GLU E 261 32.65 -5.78 -13.54
N LEU E 262 33.60 -5.45 -14.40
CA LEU E 262 33.28 -4.65 -15.51
C LEU E 262 31.93 -5.12 -16.03
N PHE E 263 31.95 -6.33 -16.57
CA PHE E 263 30.78 -6.94 -17.19
C PHE E 263 29.47 -6.60 -16.51
N THR E 264 29.46 -6.86 -15.23
CA THR E 264 28.33 -6.49 -14.42
C THR E 264 28.07 -5.08 -14.78
N GLU E 265 29.05 -4.29 -14.42
CA GLU E 265 28.84 -2.91 -14.47
C GLU E 265 28.35 -2.65 -15.85
N LYS E 266 29.08 -3.17 -16.83
CA LYS E 266 28.73 -2.88 -18.20
C LYS E 266 27.38 -3.46 -18.53
N MET E 267 27.13 -4.68 -18.08
CA MET E 267 25.98 -5.41 -18.56
C MET E 267 24.80 -5.40 -17.63
N ARG E 268 25.02 -5.23 -16.34
CA ARG E 268 23.88 -5.10 -15.47
C ARG E 268 22.86 -6.16 -15.83
N ASN E 269 21.59 -5.79 -15.88
CA ASN E 269 20.53 -6.78 -16.06
C ASN E 269 20.40 -7.13 -17.49
N SER E 270 21.48 -7.00 -18.20
CA SER E 270 21.30 -7.26 -19.57
C SER E 270 20.83 -8.66 -19.54
N ASP E 271 19.62 -8.88 -19.98
CA ASP E 271 19.13 -10.23 -19.97
C ASP E 271 20.16 -11.11 -20.56
N VAL E 272 20.55 -10.75 -21.75
CA VAL E 272 21.67 -11.41 -22.42
C VAL E 272 22.98 -11.51 -21.66
N GLY E 273 23.46 -10.44 -21.04
CA GLY E 273 24.61 -10.58 -20.18
C GLY E 273 24.36 -11.85 -19.38
N ARG E 274 23.13 -11.97 -18.92
CA ARG E 274 22.77 -13.08 -18.05
C ARG E 274 22.94 -14.45 -18.70
N CYS E 275 22.42 -14.70 -19.89
CA CYS E 275 22.67 -15.98 -20.54
C CYS E 275 24.13 -16.35 -20.86
N LEU E 276 24.90 -15.41 -21.41
CA LEU E 276 26.30 -15.65 -21.79
C LEU E 276 27.05 -16.10 -20.57
N LYS E 277 26.62 -15.63 -19.41
CA LYS E 277 27.15 -16.10 -18.15
C LYS E 277 26.58 -17.48 -17.79
N GLU E 278 25.26 -17.67 -17.77
CA GLU E 278 24.72 -19.01 -17.52
C GLU E 278 25.52 -20.06 -18.30
N TYR E 279 26.00 -19.69 -19.49
CA TYR E 279 26.92 -20.54 -20.25
C TYR E 279 28.23 -20.44 -19.50
N ALA E 280 29.33 -20.90 -20.09
CA ALA E 280 30.59 -20.84 -19.35
C ALA E 280 30.55 -21.69 -18.02
N HIS E 281 30.46 -23.01 -18.14
CA HIS E 281 30.35 -23.86 -16.96
C HIS E 281 31.00 -25.23 -17.16
N SER F 2 -25.35 6.71 -11.97
CA SER F 2 -24.70 7.74 -12.77
C SER F 2 -23.89 7.22 -13.98
N LEU F 3 -23.81 5.91 -14.12
CA LEU F 3 -23.65 5.25 -15.44
C LEU F 3 -22.26 5.20 -16.18
N LEU F 4 -21.58 6.33 -16.34
CA LEU F 4 -20.19 6.25 -16.78
C LEU F 4 -19.33 6.97 -15.76
N HIS F 5 -18.17 6.39 -15.46
CA HIS F 5 -17.17 7.09 -14.68
C HIS F 5 -15.87 7.21 -15.42
N LYS F 6 -15.10 8.22 -15.01
CA LYS F 6 -13.84 8.54 -15.64
C LYS F 6 -12.68 8.09 -14.76
N TYR F 7 -11.70 7.44 -15.36
CA TYR F 7 -10.49 7.12 -14.62
C TYR F 7 -9.32 7.52 -15.49
N MET F 8 -8.52 8.43 -14.94
CA MET F 8 -7.41 9.06 -15.64
C MET F 8 -7.86 9.91 -16.79
N GLY F 9 -9.14 10.25 -16.81
CA GLY F 9 -9.66 11.06 -17.88
C GLY F 9 -10.34 10.23 -18.94
N ILE F 10 -10.58 8.96 -18.68
CA ILE F 10 -11.19 8.18 -19.73
C ILE F 10 -12.40 7.60 -19.17
N PHE F 11 -13.47 7.75 -19.92
CA PHE F 11 -14.71 7.17 -19.53
C PHE F 11 -14.55 5.69 -19.46
N PHE F 12 -14.85 5.13 -18.29
CA PHE F 12 -15.16 3.71 -18.23
C PHE F 12 -16.55 3.48 -17.66
N SER F 13 -17.02 2.25 -17.81
CA SER F 13 -18.30 1.83 -17.27
C SER F 13 -18.16 1.62 -15.78
N THR F 14 -19.27 1.61 -15.08
CA THR F 14 -19.20 1.52 -13.63
C THR F 14 -19.11 0.06 -13.27
N MET F 15 -19.48 -0.79 -14.24
CA MET F 15 -19.24 -2.22 -14.12
C MET F 15 -17.75 -2.50 -14.15
N SER F 16 -16.95 -1.47 -14.30
CA SER F 16 -15.54 -1.61 -14.04
C SER F 16 -15.23 -0.82 -12.83
N SER F 17 -15.19 -1.50 -11.69
CA SER F 17 -15.05 -0.78 -10.46
C SER F 17 -13.82 0.02 -10.61
N GLU F 18 -13.78 1.09 -9.88
CA GLU F 18 -12.63 1.91 -9.83
C GLU F 18 -11.50 1.18 -9.13
N GLU F 19 -11.82 0.22 -8.29
CA GLU F 19 -10.79 -0.45 -7.50
C GLU F 19 -9.92 -1.22 -8.46
N LEU F 20 -10.56 -2.12 -9.18
CA LEU F 20 -9.91 -2.90 -10.20
C LEU F 20 -8.96 -2.01 -10.95
N LEU F 21 -9.44 -0.83 -11.31
CA LEU F 21 -8.73 0.05 -12.22
C LEU F 21 -7.54 0.75 -11.58
N GLY F 22 -7.54 0.92 -10.27
CA GLY F 22 -6.36 1.45 -9.60
C GLY F 22 -5.33 0.37 -9.34
N SER F 23 -5.66 -0.88 -9.62
CA SER F 23 -4.92 -2.02 -9.09
C SER F 23 -4.41 -2.95 -10.19
N LEU F 24 -4.66 -2.55 -11.41
CA LEU F 24 -4.17 -3.29 -12.57
C LEU F 24 -2.74 -3.84 -12.39
N ASP F 25 -1.74 -2.98 -12.49
CA ASP F 25 -0.37 -3.46 -12.50
C ASP F 25 -0.07 -4.52 -11.41
N SER F 26 -1.07 -4.86 -10.63
CA SER F 26 -0.87 -5.93 -9.67
C SER F 26 -1.18 -7.30 -10.29
N PHE F 27 -1.81 -7.31 -11.46
CA PHE F 27 -2.04 -8.58 -12.17
C PHE F 27 -0.71 -9.31 -12.30
N ASP F 28 -0.79 -10.63 -12.19
CA ASP F 28 0.30 -11.55 -12.50
C ASP F 28 0.01 -12.35 -13.82
N ALA F 29 0.54 -11.82 -14.91
CA ALA F 29 0.36 -12.43 -16.22
C ALA F 29 1.12 -13.71 -16.26
N ARG F 30 1.00 -14.42 -17.36
CA ARG F 30 1.79 -15.63 -17.52
C ARG F 30 2.41 -15.67 -18.86
N GLU F 31 3.66 -16.08 -18.89
CA GLU F 31 4.39 -16.16 -20.12
C GLU F 31 3.43 -16.39 -21.20
N ASP F 32 2.48 -17.28 -20.95
CA ASP F 32 1.65 -17.73 -22.04
C ASP F 32 0.31 -17.02 -22.08
N ASP F 33 0.03 -16.17 -21.11
CA ASP F 33 -1.20 -15.43 -21.16
C ASP F 33 -1.30 -14.90 -22.53
N ILE F 34 -2.49 -14.91 -23.07
CA ILE F 34 -2.78 -14.21 -24.33
C ILE F 34 -3.82 -13.08 -24.16
N PHE F 35 -3.62 -11.97 -24.82
CA PHE F 35 -4.53 -10.84 -24.67
C PHE F 35 -5.12 -10.48 -26.01
N LEU F 36 -6.43 -10.31 -26.09
CA LEU F 36 -7.05 -9.99 -27.38
C LEU F 36 -7.47 -8.59 -27.23
N VAL F 37 -6.93 -7.71 -28.03
CA VAL F 37 -7.12 -6.29 -27.80
C VAL F 37 -7.73 -5.54 -29.03
N SER F 38 -8.63 -4.61 -28.71
CA SER F 38 -9.36 -3.81 -29.69
C SER F 38 -10.01 -2.63 -28.95
N TYR F 39 -10.32 -1.57 -29.66
CA TYR F 39 -11.14 -0.51 -29.13
C TYR F 39 -12.51 -1.05 -29.39
N PRO F 40 -13.50 -0.52 -28.74
CA PRO F 40 -14.84 -1.07 -28.97
C PRO F 40 -15.35 -1.04 -30.41
N LYS F 41 -16.18 -2.03 -30.74
CA LYS F 41 -16.87 -2.05 -32.02
C LYS F 41 -15.87 -2.17 -33.12
N SER F 42 -14.75 -2.79 -32.78
CA SER F 42 -13.71 -2.97 -33.74
C SER F 42 -13.41 -4.43 -34.04
N GLY F 43 -14.19 -5.36 -33.48
CA GLY F 43 -14.09 -6.78 -33.85
C GLY F 43 -13.85 -7.81 -32.74
N THR F 44 -14.24 -7.43 -31.54
CA THR F 44 -13.86 -8.08 -30.29
C THR F 44 -14.44 -9.46 -30.10
N HIS F 45 -15.76 -9.61 -30.22
CA HIS F 45 -16.33 -10.94 -30.17
C HIS F 45 -15.92 -11.71 -31.38
N TRP F 46 -15.82 -11.04 -32.51
CA TRP F 46 -15.43 -11.73 -33.70
C TRP F 46 -14.13 -12.46 -33.41
N LEU F 47 -13.14 -11.71 -32.94
CA LEU F 47 -11.82 -12.24 -32.67
C LEU F 47 -11.88 -13.35 -31.66
N ALA F 48 -12.64 -13.15 -30.61
CA ALA F 48 -12.68 -14.15 -29.57
C ALA F 48 -13.39 -15.39 -29.96
N GLU F 49 -14.38 -15.29 -30.81
CA GLU F 49 -15.17 -16.47 -31.08
C GLU F 49 -14.27 -17.40 -31.84
N VAL F 50 -13.42 -16.79 -32.65
CA VAL F 50 -12.54 -17.47 -33.57
C VAL F 50 -11.46 -18.21 -32.81
N ILE F 51 -11.02 -17.60 -31.72
CA ILE F 51 -10.09 -18.26 -30.83
C ILE F 51 -10.75 -19.46 -30.15
N GLU F 52 -11.97 -19.26 -29.70
CA GLU F 52 -12.65 -20.35 -29.06
C GLU F 52 -12.85 -21.52 -30.04
N ARG F 53 -12.92 -21.23 -31.32
CA ARG F 53 -13.22 -22.27 -32.26
C ARG F 53 -11.98 -22.97 -32.70
N ILE F 54 -10.85 -22.59 -32.16
CA ILE F 54 -9.65 -23.35 -32.45
C ILE F 54 -9.63 -24.59 -31.54
N PRO F 55 -9.54 -25.76 -32.17
CA PRO F 55 -9.61 -27.09 -31.56
C PRO F 55 -8.39 -27.44 -30.73
N ASP F 56 -8.66 -27.93 -29.53
CA ASP F 56 -7.64 -28.42 -28.59
C ASP F 56 -6.39 -27.55 -28.59
N ALA F 57 -6.60 -26.26 -28.36
CA ALA F 57 -5.50 -25.34 -28.28
C ALA F 57 -5.14 -25.29 -26.83
N GLY F 58 -6.04 -25.83 -26.04
CA GLY F 58 -5.84 -25.84 -24.61
C GLY F 58 -5.97 -24.46 -24.04
N ILE F 59 -6.79 -23.61 -24.65
CA ILE F 59 -6.89 -22.23 -24.17
C ILE F 59 -8.24 -21.84 -23.56
N THR F 60 -8.25 -21.45 -22.29
CA THR F 60 -9.49 -20.90 -21.70
C THR F 60 -9.72 -19.51 -22.24
N LEU F 61 -10.96 -19.17 -22.57
CA LEU F 61 -11.22 -17.78 -22.90
C LEU F 61 -11.89 -17.05 -21.78
N THR F 62 -11.24 -16.06 -21.21
CA THR F 62 -11.77 -15.48 -20.01
C THR F 62 -12.77 -14.32 -20.24
N SER F 63 -12.89 -13.48 -19.21
CA SER F 63 -13.83 -12.37 -19.17
C SER F 63 -13.02 -11.09 -19.10
N PRO F 64 -13.48 -10.03 -19.77
CA PRO F 64 -12.59 -8.89 -19.92
C PRO F 64 -11.83 -8.70 -18.65
N ILE F 65 -10.57 -8.47 -18.78
CA ILE F 65 -9.82 -8.38 -17.59
C ILE F 65 -10.30 -7.21 -16.79
N GLU F 66 -10.83 -6.20 -17.48
CA GLU F 66 -11.10 -4.93 -16.84
C GLU F 66 -12.54 -4.87 -16.39
N LEU F 67 -13.21 -6.00 -16.43
CA LEU F 67 -14.55 -6.05 -15.94
C LEU F 67 -14.47 -6.48 -14.46
N GLY F 68 -14.88 -5.59 -13.53
CA GLY F 68 -15.30 -6.00 -12.18
C GLY F 68 -14.64 -5.54 -10.87
N ASP F 69 -14.74 -6.43 -9.86
CA ASP F 69 -14.19 -6.24 -8.52
C ASP F 69 -12.72 -6.54 -8.60
N ILE F 70 -11.96 -5.95 -7.69
CA ILE F 70 -10.64 -6.42 -7.36
C ILE F 70 -10.53 -7.98 -7.27
N SER F 71 -11.67 -8.66 -7.13
CA SER F 71 -11.77 -10.14 -7.17
C SER F 71 -11.54 -10.79 -8.52
N LYS F 72 -11.89 -10.08 -9.57
CA LYS F 72 -11.68 -10.55 -10.94
C LYS F 72 -10.29 -11.21 -11.05
N PHE F 73 -9.33 -10.61 -10.36
CA PHE F 73 -7.96 -11.08 -10.36
C PHE F 73 -7.76 -12.47 -9.77
N GLU F 74 -8.32 -12.68 -8.61
CA GLU F 74 -8.12 -13.98 -8.01
C GLU F 74 -8.74 -15.00 -8.94
N GLU F 75 -9.75 -14.58 -9.66
CA GLU F 75 -10.46 -15.48 -10.54
C GLU F 75 -9.59 -15.90 -11.69
N LEU F 76 -8.87 -14.94 -12.24
CA LEU F 76 -8.00 -15.21 -13.36
C LEU F 76 -7.00 -16.21 -12.89
N LYS F 77 -6.35 -15.84 -11.78
CA LYS F 77 -5.34 -16.64 -11.12
C LYS F 77 -5.73 -18.09 -11.04
N ARG F 78 -7.00 -18.29 -10.82
CA ARG F 78 -7.53 -19.62 -10.63
C ARG F 78 -7.65 -20.35 -11.94
N ILE F 79 -7.45 -19.64 -13.03
CA ILE F 79 -7.39 -20.30 -14.33
C ILE F 79 -6.08 -21.02 -14.44
N PRO F 80 -6.17 -22.34 -14.48
CA PRO F 80 -5.06 -23.26 -14.60
C PRO F 80 -4.51 -23.20 -16.00
N LYS F 81 -5.41 -23.37 -16.98
CA LYS F 81 -4.98 -23.53 -18.35
C LYS F 81 -4.41 -22.22 -18.86
N ARG F 82 -4.17 -22.25 -20.16
CA ARG F 82 -3.71 -21.11 -20.91
C ARG F 82 -4.85 -20.17 -21.09
N ARG F 83 -4.51 -18.92 -20.84
CA ARG F 83 -5.47 -17.88 -20.72
C ARG F 83 -5.48 -16.98 -21.92
N ALA F 84 -6.66 -16.86 -22.57
CA ALA F 84 -6.97 -15.76 -23.53
C ALA F 84 -7.78 -14.67 -22.85
N ILE F 85 -7.17 -13.49 -22.70
CA ILE F 85 -7.72 -12.43 -21.89
C ILE F 85 -8.19 -11.24 -22.75
N PRO F 86 -9.50 -11.02 -22.77
CA PRO F 86 -9.93 -9.96 -23.67
C PRO F 86 -9.88 -8.63 -22.96
N THR F 87 -9.71 -7.52 -23.68
CA THR F 87 -9.64 -6.20 -23.05
C THR F 87 -9.83 -5.00 -24.00
N HIS F 88 -10.20 -3.82 -23.48
CA HIS F 88 -10.17 -2.59 -24.29
C HIS F 88 -9.18 -1.56 -23.69
N LEU F 89 -8.38 -1.98 -22.71
CA LEU F 89 -7.46 -1.04 -22.08
C LEU F 89 -6.59 -0.40 -23.10
N ASN F 90 -6.20 0.84 -22.87
CA ASN F 90 -5.24 1.40 -23.74
C ASN F 90 -4.01 0.77 -23.20
N TYR F 91 -2.94 0.96 -23.92
CA TYR F 91 -1.68 0.38 -23.57
C TYR F 91 -1.26 0.69 -22.17
N GLU F 92 -1.03 1.96 -21.95
CA GLU F 92 -0.56 2.47 -20.67
C GLU F 92 -1.22 1.69 -19.59
N MET F 93 -2.52 1.53 -19.79
CA MET F 93 -3.26 0.91 -18.71
C MET F 93 -3.01 -0.54 -18.68
N LEU F 94 -2.71 -1.11 -19.83
CA LEU F 94 -2.26 -2.46 -19.82
C LEU F 94 -1.23 -2.59 -18.73
N PRO F 95 -1.48 -3.52 -17.79
CA PRO F 95 -0.65 -3.92 -16.66
C PRO F 95 0.81 -4.08 -16.99
N VAL F 96 1.62 -3.44 -16.20
CA VAL F 96 3.03 -3.38 -16.48
C VAL F 96 3.61 -4.75 -16.61
N THR F 97 2.95 -5.71 -15.98
CA THR F 97 3.46 -7.05 -15.95
C THR F 97 3.11 -7.86 -17.21
N VAL F 98 2.15 -7.37 -17.99
CA VAL F 98 1.85 -8.04 -19.24
C VAL F 98 2.93 -7.51 -20.14
N LYS F 99 3.27 -6.25 -19.91
CA LYS F 99 4.35 -5.63 -20.63
C LYS F 99 5.70 -6.30 -20.31
N GLN F 100 5.96 -6.58 -19.04
CA GLN F 100 7.21 -7.21 -18.62
C GLN F 100 7.38 -8.67 -19.07
N LYS F 101 6.33 -9.47 -19.14
CA LYS F 101 6.47 -10.82 -19.66
C LYS F 101 6.30 -10.93 -21.20
N GLN F 102 5.93 -9.84 -21.84
CA GLN F 102 5.70 -9.83 -23.25
C GLN F 102 4.76 -10.86 -23.70
N CYS F 103 3.67 -10.98 -22.98
CA CYS F 103 2.64 -11.90 -23.36
C CYS F 103 2.34 -11.55 -24.79
N LYS F 104 1.97 -12.56 -25.54
CA LYS F 104 1.50 -12.35 -26.87
C LYS F 104 0.28 -11.44 -26.85
N ILE F 105 0.27 -10.47 -27.76
CA ILE F 105 -0.87 -9.56 -27.93
C ILE F 105 -1.33 -9.59 -29.38
N ILE F 106 -2.65 -9.77 -29.54
CA ILE F 106 -3.31 -9.60 -30.82
C ILE F 106 -4.20 -8.39 -30.69
N TYR F 107 -3.87 -7.36 -31.46
CA TYR F 107 -4.60 -6.10 -31.44
C TYR F 107 -5.37 -5.95 -32.71
N ILE F 108 -6.69 -5.99 -32.61
CA ILE F 108 -7.50 -5.86 -33.80
C ILE F 108 -7.95 -4.40 -34.02
N VAL F 109 -8.02 -4.01 -35.30
CA VAL F 109 -8.26 -2.63 -35.70
C VAL F 109 -9.18 -2.55 -36.88
N ARG F 110 -10.22 -1.73 -36.73
CA ARG F 110 -11.23 -1.51 -37.76
C ARG F 110 -11.18 -0.07 -38.29
N ASN F 111 -11.65 0.16 -39.49
CA ASN F 111 -11.55 1.51 -39.96
C ASN F 111 -12.48 2.28 -39.06
N PRO F 112 -12.02 3.43 -38.59
CA PRO F 112 -12.71 4.15 -37.53
C PRO F 112 -14.11 4.72 -37.91
N LYS F 113 -14.42 5.00 -39.16
CA LYS F 113 -15.70 5.62 -39.44
C LYS F 113 -16.72 4.58 -39.22
N ASP F 114 -16.40 3.35 -39.59
CA ASP F 114 -17.29 2.25 -39.36
C ASP F 114 -17.39 2.14 -37.88
N THR F 115 -16.24 2.22 -37.24
CA THR F 115 -16.19 1.84 -35.84
C THR F 115 -17.09 2.75 -35.03
N ALA F 116 -17.02 4.05 -35.35
CA ALA F 116 -17.86 5.06 -34.66
C ALA F 116 -19.34 4.85 -34.84
N VAL F 117 -19.71 4.54 -36.07
CA VAL F 117 -21.07 4.16 -36.35
C VAL F 117 -21.48 2.97 -35.49
N SER F 118 -20.75 1.85 -35.59
CA SER F 118 -21.03 0.67 -34.77
C SER F 118 -21.19 1.09 -33.33
N MET F 119 -20.38 2.03 -32.94
CA MET F 119 -20.41 2.42 -31.57
C MET F 119 -21.78 3.11 -31.39
N PHE F 120 -21.90 4.33 -31.88
CA PHE F 120 -23.13 5.04 -31.69
C PHE F 120 -24.31 4.15 -31.38
N HIS F 121 -24.50 3.13 -32.21
CA HIS F 121 -25.70 2.29 -32.16
C HIS F 121 -25.74 1.48 -30.95
N TYR F 122 -24.57 1.31 -30.37
CA TYR F 122 -24.46 0.53 -29.15
C TYR F 122 -24.75 1.37 -27.91
N TYR F 123 -24.38 2.64 -27.91
CA TYR F 123 -24.86 3.50 -26.87
C TYR F 123 -26.37 3.51 -26.92
N ARG F 124 -26.83 3.69 -28.13
CA ARG F 124 -28.20 3.85 -28.39
C ARG F 124 -28.93 2.60 -28.06
N ASP F 125 -28.28 1.45 -28.26
CA ASP F 125 -28.95 0.18 -27.95
C ASP F 125 -28.62 -0.36 -26.62
N ASN F 126 -27.68 0.27 -25.93
CA ASN F 126 -27.16 -0.40 -24.79
C ASN F 126 -27.45 0.37 -23.56
N PRO F 127 -28.39 -0.17 -22.81
CA PRO F 127 -28.79 0.45 -21.56
C PRO F 127 -27.54 0.63 -20.77
N ASN F 128 -26.59 -0.23 -21.06
CA ASN F 128 -25.34 -0.14 -20.37
C ASN F 128 -24.82 1.20 -20.71
N LEU F 129 -25.23 1.73 -21.85
CA LEU F 129 -24.72 2.99 -22.20
C LEU F 129 -25.80 4.00 -22.21
N PRO F 130 -25.44 5.19 -21.74
CA PRO F 130 -26.25 6.37 -21.88
C PRO F 130 -26.48 6.53 -23.35
N SER F 131 -27.51 5.92 -23.89
CA SER F 131 -27.93 6.28 -25.23
C SER F 131 -27.60 7.77 -25.52
N THR F 132 -27.23 8.12 -26.75
CA THR F 132 -27.27 9.53 -27.16
C THR F 132 -28.29 9.68 -28.32
N GLU F 133 -28.83 10.89 -28.55
CA GLU F 133 -29.96 11.03 -29.50
C GLU F 133 -29.54 11.17 -30.99
N THR F 134 -28.68 12.12 -31.29
CA THR F 134 -28.41 12.34 -32.67
C THR F 134 -27.03 11.76 -32.91
N TRP F 135 -26.69 11.65 -34.18
CA TRP F 135 -25.38 11.15 -34.57
C TRP F 135 -24.34 12.22 -34.33
N ALA F 136 -24.72 13.46 -34.61
CA ALA F 136 -23.78 14.56 -34.55
C ALA F 136 -23.19 14.61 -33.20
N ALA F 137 -24.07 14.63 -32.23
CA ALA F 137 -23.66 14.81 -30.86
C ALA F 137 -22.62 13.79 -30.54
N PHE F 138 -23.04 12.54 -30.65
CA PHE F 138 -22.16 11.43 -30.48
C PHE F 138 -20.84 11.65 -31.19
N LEU F 139 -20.87 11.72 -32.51
CA LEU F 139 -19.63 12.01 -33.20
C LEU F 139 -18.92 13.15 -32.51
N GLU F 140 -19.65 14.08 -31.92
CA GLU F 140 -18.99 15.19 -31.28
C GLU F 140 -18.09 14.59 -30.26
N LEU F 141 -18.63 13.63 -29.54
CA LEU F 141 -17.94 13.09 -28.37
C LEU F 141 -16.85 12.15 -28.79
N PHE F 142 -17.08 11.52 -29.92
CA PHE F 142 -16.15 10.55 -30.39
C PHE F 142 -14.85 11.24 -30.75
N LEU F 143 -14.92 12.28 -31.56
CA LEU F 143 -13.73 13.03 -31.97
C LEU F 143 -13.03 13.63 -30.78
N LYS F 144 -13.74 13.68 -29.66
CA LYS F 144 -13.16 14.13 -28.41
C LYS F 144 -12.65 12.93 -27.59
N GLY F 145 -12.94 11.72 -28.06
CA GLY F 145 -12.54 10.56 -27.33
C GLY F 145 -13.36 10.55 -26.08
N ASP F 146 -14.25 11.50 -25.95
CA ASP F 146 -14.98 11.53 -24.70
C ASP F 146 -15.95 10.37 -24.69
N VAL F 147 -15.65 9.33 -25.43
CA VAL F 147 -16.43 8.12 -25.26
C VAL F 147 -15.68 7.15 -24.32
N VAL F 148 -16.31 6.03 -24.02
CA VAL F 148 -15.68 5.03 -23.16
C VAL F 148 -14.42 4.48 -23.78
N TYR F 149 -13.39 4.25 -22.96
CA TYR F 149 -12.07 3.81 -23.45
C TYR F 149 -11.36 4.92 -24.19
N GLY F 150 -12.04 6.03 -24.45
CA GLY F 150 -11.31 7.19 -24.93
C GLY F 150 -11.12 7.35 -26.41
N SER F 151 -10.17 8.18 -26.77
CA SER F 151 -9.99 8.52 -28.16
C SER F 151 -9.52 7.34 -28.94
N TRP F 152 -9.86 7.29 -30.21
CA TRP F 152 -9.56 6.13 -30.99
C TRP F 152 -8.15 6.25 -31.46
N PHE F 153 -7.79 7.46 -31.80
CA PHE F 153 -6.51 7.68 -32.41
C PHE F 153 -5.46 7.33 -31.40
N ASP F 154 -5.63 7.86 -30.20
CA ASP F 154 -4.76 7.52 -29.11
C ASP F 154 -4.62 6.05 -28.88
N HIS F 155 -5.74 5.36 -28.74
CA HIS F 155 -5.69 3.97 -28.36
C HIS F 155 -4.90 3.27 -29.39
N VAL F 156 -5.25 3.57 -30.61
CA VAL F 156 -4.69 2.84 -31.68
C VAL F 156 -3.27 3.28 -31.81
N LEU F 157 -3.00 4.55 -31.56
CA LEU F 157 -1.63 5.04 -31.67
C LEU F 157 -0.71 4.45 -30.60
N SER F 158 -1.23 4.34 -29.39
CA SER F 158 -0.49 3.81 -28.27
C SER F 158 -0.04 2.39 -28.57
N TRP F 159 -0.95 1.61 -29.14
CA TRP F 159 -0.68 0.19 -29.42
C TRP F 159 0.18 -0.02 -30.64
N GLU F 160 0.23 0.98 -31.51
CA GLU F 160 0.87 0.80 -32.78
C GLU F 160 2.36 0.91 -32.53
N GLU F 161 2.73 1.58 -31.45
CA GLU F 161 4.13 1.78 -31.17
C GLU F 161 4.83 0.43 -31.01
N HIS F 162 4.05 -0.64 -30.83
CA HIS F 162 4.60 -1.97 -30.55
C HIS F 162 4.24 -2.97 -31.64
N LYS F 163 3.97 -2.47 -32.83
CA LYS F 163 3.57 -3.36 -33.89
C LYS F 163 4.74 -4.18 -34.41
N ASN F 164 5.98 -3.78 -34.10
CA ASN F 164 7.17 -4.56 -34.53
C ASN F 164 7.80 -5.45 -33.44
N ASP F 165 7.10 -5.59 -32.32
CA ASP F 165 7.55 -6.41 -31.20
C ASP F 165 7.17 -7.81 -31.51
N LYS F 166 8.00 -8.78 -31.17
CA LYS F 166 7.67 -10.15 -31.53
C LYS F 166 6.33 -10.61 -30.98
N ASN F 167 5.98 -10.15 -29.77
CA ASN F 167 4.81 -10.66 -29.06
C ASN F 167 3.48 -10.04 -29.51
N VAL F 168 3.55 -9.23 -30.55
CA VAL F 168 2.41 -8.39 -30.98
C VAL F 168 1.99 -8.70 -32.42
N LEU F 169 0.71 -9.05 -32.62
CA LEU F 169 0.13 -9.18 -33.95
C LEU F 169 -1.03 -8.24 -34.08
N PHE F 170 -0.99 -7.42 -35.13
CA PHE F 170 -2.12 -6.58 -35.48
C PHE F 170 -2.99 -7.29 -36.45
N ILE F 171 -4.28 -7.21 -36.20
CA ILE F 171 -5.27 -7.61 -37.18
C ILE F 171 -6.31 -6.52 -37.55
N PHE F 172 -6.64 -6.35 -38.84
CA PHE F 172 -7.62 -5.38 -39.33
C PHE F 172 -8.96 -6.02 -39.56
N TYR F 173 -10.01 -5.48 -38.96
CA TYR F 173 -11.38 -5.88 -39.24
C TYR F 173 -11.56 -6.21 -40.69
N GLU F 174 -11.17 -5.24 -41.49
CA GLU F 174 -11.39 -5.32 -42.90
C GLU F 174 -10.80 -6.55 -43.56
N GLU F 175 -9.74 -7.18 -43.03
CA GLU F 175 -9.11 -8.29 -43.76
CA GLU F 175 -9.07 -8.32 -43.70
C GLU F 175 -9.84 -9.63 -43.49
N MET F 176 -10.61 -9.62 -42.43
CA MET F 176 -11.34 -10.77 -42.04
C MET F 176 -12.49 -10.83 -42.99
N LYS F 177 -13.18 -9.72 -43.07
CA LYS F 177 -14.27 -9.52 -44.00
C LYS F 177 -13.76 -9.87 -45.40
N LYS F 178 -12.58 -9.40 -45.77
CA LYS F 178 -12.12 -9.61 -47.13
C LYS F 178 -11.63 -11.04 -47.30
N ASP F 179 -10.70 -11.47 -46.47
CA ASP F 179 -10.15 -12.76 -46.71
C ASP F 179 -9.97 -13.34 -45.41
N PHE F 180 -11.09 -13.65 -44.83
CA PHE F 180 -11.03 -14.16 -43.50
C PHE F 180 -9.86 -15.11 -43.35
N VAL F 181 -9.85 -16.06 -44.26
CA VAL F 181 -8.90 -17.14 -44.31
C VAL F 181 -7.48 -16.65 -44.19
N LYS F 182 -7.03 -15.93 -45.19
CA LYS F 182 -5.72 -15.41 -45.08
C LYS F 182 -5.56 -14.95 -43.63
N SER F 183 -6.56 -14.23 -43.14
CA SER F 183 -6.39 -13.61 -41.84
C SER F 183 -6.08 -14.64 -40.80
N LEU F 184 -6.87 -15.69 -40.78
CA LEU F 184 -6.79 -16.70 -39.73
C LEU F 184 -5.48 -17.55 -39.61
N LYS F 185 -4.93 -17.94 -40.74
CA LYS F 185 -3.56 -18.40 -40.75
C LYS F 185 -2.67 -17.44 -39.96
N LYS F 186 -2.87 -16.15 -40.23
CA LYS F 186 -1.96 -15.13 -39.77
C LYS F 186 -1.91 -15.30 -38.27
N ILE F 187 -3.09 -15.32 -37.68
CA ILE F 187 -3.20 -15.52 -36.26
C ILE F 187 -2.63 -16.85 -35.81
N THR F 188 -3.15 -17.91 -36.40
CA THR F 188 -2.81 -19.27 -35.99
C THR F 188 -1.31 -19.40 -35.93
N ALA F 189 -0.71 -19.16 -37.07
CA ALA F 189 0.71 -18.97 -37.13
C ALA F 189 1.18 -18.11 -35.95
N PHE F 190 0.90 -16.81 -35.98
CA PHE F 190 1.40 -15.93 -34.94
C PHE F 190 1.38 -16.68 -33.69
N LEU F 191 0.26 -17.32 -33.47
CA LEU F 191 0.06 -18.01 -32.24
C LEU F 191 0.95 -19.23 -32.25
N GLY F 192 1.11 -19.85 -33.41
CA GLY F 192 1.96 -21.02 -33.55
C GLY F 192 1.24 -22.35 -33.60
N ILE F 193 -0.06 -22.33 -33.90
CA ILE F 193 -0.80 -23.56 -33.90
C ILE F 193 -1.00 -24.10 -35.32
N ASP F 194 -0.64 -25.34 -35.55
CA ASP F 194 -0.90 -25.93 -36.86
C ASP F 194 -2.41 -26.11 -36.94
N VAL F 195 -3.03 -25.74 -38.06
CA VAL F 195 -4.45 -26.08 -38.35
C VAL F 195 -4.76 -26.18 -39.89
N ASN F 196 -5.02 -27.39 -40.38
CA ASN F 196 -5.11 -27.64 -41.82
C ASN F 196 -6.35 -27.07 -42.50
N ASP F 197 -6.30 -27.10 -43.83
CA ASP F 197 -7.27 -26.37 -44.67
C ASP F 197 -8.70 -26.68 -44.30
N SER F 198 -8.99 -27.95 -44.12
CA SER F 198 -10.34 -28.33 -43.78
C SER F 198 -10.77 -27.60 -42.52
N GLU F 199 -10.07 -27.88 -41.43
CA GLU F 199 -10.39 -27.34 -40.12
CA GLU F 199 -10.45 -27.35 -40.12
C GLU F 199 -10.78 -25.86 -40.14
N MET F 200 -9.82 -25.04 -40.57
CA MET F 200 -10.09 -23.62 -40.65
C MET F 200 -11.47 -23.57 -41.28
N ALA F 201 -11.56 -24.11 -42.49
CA ALA F 201 -12.81 -24.07 -43.25
C ALA F 201 -13.98 -24.23 -42.32
N LYS F 202 -13.89 -25.22 -41.49
CA LYS F 202 -14.90 -25.41 -40.51
C LYS F 202 -15.09 -24.10 -39.81
N ILE F 203 -13.99 -23.58 -39.28
CA ILE F 203 -14.00 -22.39 -38.45
C ILE F 203 -14.87 -21.36 -39.10
N ALA F 204 -14.51 -21.13 -40.35
CA ALA F 204 -15.02 -20.02 -41.12
C ALA F 204 -16.48 -20.23 -41.43
N ARG F 205 -16.91 -21.50 -41.38
CA ARG F 205 -18.31 -21.86 -41.54
C ARG F 205 -18.93 -21.46 -40.23
N SER F 206 -18.34 -21.88 -39.13
CA SER F 206 -18.93 -21.63 -37.83
C SER F 206 -18.83 -20.15 -37.38
N THR F 207 -18.02 -19.34 -38.03
CA THR F 207 -17.87 -18.02 -37.45
C THR F 207 -18.36 -16.86 -38.30
N SER F 208 -19.26 -17.14 -39.27
CA SER F 208 -19.85 -16.11 -40.14
C SER F 208 -20.77 -15.14 -39.40
N PHE F 209 -20.79 -13.88 -39.84
CA PHE F 209 -21.63 -12.91 -39.17
C PHE F 209 -23.04 -13.40 -39.00
N SER F 210 -23.64 -13.82 -40.10
CA SER F 210 -25.02 -14.24 -40.02
C SER F 210 -25.10 -15.53 -39.22
N GLU F 211 -23.95 -16.17 -39.04
CA GLU F 211 -23.87 -17.41 -38.27
C GLU F 211 -23.67 -17.16 -36.77
N MET F 212 -22.86 -16.16 -36.45
CA MET F 212 -22.69 -15.78 -35.06
C MET F 212 -23.98 -15.17 -34.55
N LYS F 213 -24.81 -14.66 -35.47
CA LYS F 213 -26.03 -13.91 -35.07
C LYS F 213 -27.27 -14.74 -34.60
N SER F 214 -27.39 -15.99 -35.05
CA SER F 214 -28.38 -16.90 -34.47
C SER F 214 -27.82 -17.30 -33.15
N ASN F 215 -28.41 -16.86 -32.07
CA ASN F 215 -27.84 -17.14 -30.77
C ASN F 215 -28.64 -16.56 -29.63
N ALA F 216 -28.60 -17.28 -28.52
CA ALA F 216 -29.09 -16.82 -27.23
C ALA F 216 -29.11 -18.01 -26.27
N ALA F 217 -28.09 -18.14 -25.41
CA ALA F 217 -28.12 -19.16 -24.36
C ALA F 217 -26.83 -19.22 -23.55
N LYS F 218 -26.00 -20.21 -23.88
CA LYS F 218 -24.81 -20.52 -23.11
C LYS F 218 -23.74 -21.12 -24.00
N GLU F 219 -22.51 -20.75 -23.72
CA GLU F 219 -21.38 -21.19 -24.53
C GLU F 219 -21.05 -22.64 -24.15
N ASN F 220 -19.80 -22.91 -23.83
CA ASN F 220 -19.47 -24.26 -23.43
C ASN F 220 -20.06 -24.62 -22.06
N PRO F 223 -23.40 -19.98 -16.39
CA PRO F 223 -23.54 -18.55 -16.65
C PRO F 223 -22.94 -18.12 -17.99
N ASN F 224 -23.59 -17.19 -18.67
CA ASN F 224 -23.01 -16.64 -19.89
C ASN F 224 -21.57 -16.14 -19.70
N HIS F 225 -20.74 -16.37 -20.71
CA HIS F 225 -19.38 -15.86 -20.72
C HIS F 225 -19.35 -14.55 -21.49
N VAL F 226 -19.13 -13.49 -20.74
CA VAL F 226 -19.01 -12.19 -21.35
C VAL F 226 -17.59 -12.06 -21.81
N ILE F 227 -17.41 -11.25 -22.83
CA ILE F 227 -16.11 -11.09 -23.41
C ILE F 227 -15.81 -9.64 -23.79
N CYS F 228 -16.84 -8.81 -23.89
CA CYS F 228 -16.61 -7.38 -23.91
C CYS F 228 -17.22 -6.84 -22.63
N ALA F 229 -16.53 -5.93 -21.97
CA ALA F 229 -16.95 -5.53 -20.66
C ALA F 229 -18.23 -4.72 -20.72
N LEU F 230 -18.61 -4.31 -21.92
CA LEU F 230 -19.77 -3.43 -22.06
C LEU F 230 -21.07 -4.19 -22.21
N THR F 231 -21.00 -5.43 -22.65
CA THR F 231 -22.17 -6.10 -23.17
C THR F 231 -22.71 -7.14 -22.21
N SER F 232 -23.91 -6.91 -21.72
CA SER F 232 -24.62 -7.93 -20.97
C SER F 232 -25.53 -8.70 -21.91
N ASP F 233 -25.73 -8.15 -23.10
CA ASP F 233 -26.60 -8.79 -24.07
C ASP F 233 -25.85 -8.92 -25.37
N ARG F 234 -25.19 -10.06 -25.55
CA ARG F 234 -24.47 -10.30 -26.78
C ARG F 234 -25.44 -9.93 -27.91
N ASN F 235 -26.63 -10.54 -27.95
CA ASN F 235 -27.50 -10.34 -29.10
C ASN F 235 -27.47 -8.88 -29.49
N LEU F 236 -27.09 -8.05 -28.53
CA LEU F 236 -26.89 -6.63 -28.82
C LEU F 236 -25.77 -6.27 -29.79
N VAL F 237 -24.82 -7.16 -30.07
CA VAL F 237 -23.67 -6.75 -30.91
C VAL F 237 -23.75 -7.06 -32.42
N PHE F 238 -24.64 -7.96 -32.84
CA PHE F 238 -24.73 -8.26 -34.28
C PHE F 238 -25.74 -7.42 -35.01
N ARG F 239 -25.22 -6.26 -35.43
CA ARG F 239 -25.96 -5.22 -36.10
C ARG F 239 -25.93 -5.42 -37.63
N LYS F 240 -24.79 -5.12 -38.26
CA LYS F 240 -24.68 -5.23 -39.72
C LYS F 240 -23.46 -6.04 -40.20
N GLY F 241 -22.32 -5.92 -39.52
CA GLY F 241 -21.16 -6.75 -39.81
C GLY F 241 -20.53 -6.51 -41.17
N VAL F 242 -20.65 -5.29 -41.69
CA VAL F 242 -20.00 -4.99 -42.97
C VAL F 242 -18.96 -3.89 -42.78
N VAL F 243 -18.15 -3.69 -43.82
CA VAL F 243 -17.24 -2.58 -43.89
C VAL F 243 -17.99 -1.39 -44.51
N GLY F 244 -17.70 -0.16 -44.07
CA GLY F 244 -18.07 1.04 -44.81
C GLY F 244 -19.44 1.71 -44.67
N ASP F 245 -20.30 1.22 -43.81
CA ASP F 245 -21.60 1.90 -43.62
C ASP F 245 -21.45 3.46 -43.42
N TRP F 246 -20.44 3.86 -42.67
CA TRP F 246 -20.27 5.25 -42.31
C TRP F 246 -20.71 6.20 -43.42
N ILE F 247 -20.76 5.74 -44.66
CA ILE F 247 -21.08 6.68 -45.72
C ILE F 247 -22.50 7.11 -45.54
N ASN F 248 -23.31 6.26 -44.92
CA ASN F 248 -24.71 6.57 -44.75
C ASN F 248 -25.04 7.42 -43.53
N TYR F 249 -24.06 7.80 -42.74
CA TYR F 249 -24.31 8.68 -41.67
C TYR F 249 -23.58 9.98 -41.81
N PHE F 250 -22.42 9.94 -42.42
CA PHE F 250 -21.57 11.11 -42.42
C PHE F 250 -21.93 12.20 -43.38
N THR F 251 -22.06 13.40 -42.84
CA THR F 251 -22.27 14.56 -43.68
C THR F 251 -20.93 15.01 -44.24
N PRO F 252 -20.97 15.84 -45.28
CA PRO F 252 -19.71 16.32 -45.87
C PRO F 252 -18.88 16.95 -44.79
N LYS F 253 -19.45 17.99 -44.19
CA LYS F 253 -18.70 18.73 -43.21
C LYS F 253 -18.06 17.70 -42.27
N GLN F 254 -18.89 16.97 -41.52
CA GLN F 254 -18.40 15.89 -40.64
C GLN F 254 -17.34 15.15 -41.36
N ASN F 255 -17.51 15.02 -42.65
CA ASN F 255 -16.53 14.25 -43.36
C ASN F 255 -15.22 15.02 -43.49
N ARG F 256 -15.33 16.29 -43.80
CA ARG F 256 -14.13 17.06 -44.00
C ARG F 256 -13.40 17.18 -42.69
N GLY F 257 -14.17 17.32 -41.64
CA GLY F 257 -13.60 17.55 -40.33
C GLY F 257 -13.02 16.28 -39.71
N PHE F 258 -13.35 15.14 -40.29
CA PHE F 258 -12.82 13.89 -39.77
C PHE F 258 -11.48 13.61 -40.40
N ASP F 259 -11.49 13.61 -41.72
CA ASP F 259 -10.31 13.33 -42.51
C ASP F 259 -9.12 14.12 -42.06
N GLU F 260 -9.42 15.28 -41.51
CA GLU F 260 -8.42 16.23 -41.10
C GLU F 260 -7.85 15.87 -39.75
N LEU F 261 -8.71 15.39 -38.87
CA LEU F 261 -8.27 14.92 -37.58
C LEU F 261 -7.57 13.67 -37.87
N PHE F 262 -8.02 12.95 -38.87
CA PHE F 262 -7.41 11.67 -39.11
C PHE F 262 -6.09 12.04 -39.61
N THR F 263 -6.09 12.87 -40.61
CA THR F 263 -4.87 13.18 -41.24
C THR F 263 -3.98 13.87 -40.29
N GLU F 264 -4.54 14.64 -39.39
CA GLU F 264 -3.65 15.22 -38.42
C GLU F 264 -3.13 14.10 -37.55
N LYS F 265 -4.03 13.38 -36.91
CA LYS F 265 -3.59 12.44 -35.92
C LYS F 265 -2.80 11.29 -36.55
N MET F 266 -3.12 10.87 -37.76
CA MET F 266 -2.42 9.70 -38.31
C MET F 266 -1.39 10.10 -39.34
N ARG F 267 -0.53 11.06 -39.00
CA ARG F 267 0.57 11.43 -39.89
C ARG F 267 1.65 10.40 -39.78
N ASN F 268 2.04 9.87 -40.93
CA ASN F 268 3.09 8.88 -40.97
C ASN F 268 2.80 7.74 -40.02
N SER F 269 1.52 7.45 -39.79
CA SER F 269 1.14 6.19 -39.12
C SER F 269 0.85 5.08 -40.12
N ASP F 270 1.74 4.11 -40.22
CA ASP F 270 1.65 3.14 -41.27
C ASP F 270 0.30 2.50 -41.25
N VAL F 271 -0.30 2.44 -40.08
CA VAL F 271 -1.60 1.79 -40.01
C VAL F 271 -2.76 2.64 -40.62
N GLY F 272 -2.81 3.91 -40.28
CA GLY F 272 -3.90 4.73 -40.79
C GLY F 272 -4.05 4.64 -42.29
N ARG F 273 -2.91 4.83 -42.96
CA ARG F 273 -2.78 4.69 -44.40
C ARG F 273 -3.49 3.45 -44.91
N CYS F 274 -3.32 2.35 -44.19
CA CYS F 274 -3.90 1.10 -44.61
C CYS F 274 -5.34 1.09 -44.33
N LEU F 275 -5.75 1.83 -43.32
CA LEU F 275 -7.16 1.97 -43.04
C LEU F 275 -7.81 2.83 -44.14
N LYS F 276 -6.96 3.43 -44.98
CA LYS F 276 -7.41 4.28 -46.08
C LYS F 276 -7.37 3.50 -47.40
N GLU F 277 -6.23 2.89 -47.71
CA GLU F 277 -6.10 1.99 -48.86
C GLU F 277 -7.24 1.01 -48.98
N TYR F 278 -7.98 0.82 -47.90
CA TYR F 278 -9.26 0.15 -47.94
C TYR F 278 -10.33 1.13 -48.40
N ALA F 279 -10.40 2.25 -47.69
CA ALA F 279 -11.51 3.17 -47.80
C ALA F 279 -11.52 3.76 -49.17
N HIS F 280 -10.32 3.81 -49.76
CA HIS F 280 -10.13 4.17 -51.14
C HIS F 280 -11.00 3.23 -51.96
N SER F 281 -11.18 2.00 -51.48
CA SER F 281 -12.27 1.19 -51.99
C SER F 281 -13.39 1.25 -50.97
N ALA F 282 -14.21 2.31 -51.00
CA ALA F 282 -14.07 3.44 -51.92
C ALA F 282 -14.98 4.57 -51.50
N SER G 2 -40.35 -25.03 26.62
CA SER G 2 -41.10 -24.57 25.45
C SER G 2 -40.27 -23.63 24.57
N LEU G 3 -39.10 -24.15 24.18
CA LEU G 3 -38.30 -23.65 23.04
C LEU G 3 -37.41 -22.50 23.45
N LEU G 4 -37.99 -21.31 23.62
CA LEU G 4 -37.22 -20.19 24.15
C LEU G 4 -37.68 -19.84 25.55
N HIS G 5 -36.80 -19.16 26.28
CA HIS G 5 -37.15 -18.56 27.56
C HIS G 5 -36.36 -17.27 27.88
N LYS G 6 -37.00 -16.42 28.66
CA LYS G 6 -36.57 -15.05 29.01
C LYS G 6 -35.73 -14.95 30.28
N TYR G 7 -34.57 -14.29 30.19
CA TYR G 7 -33.80 -14.00 31.39
C TYR G 7 -33.19 -12.62 31.32
N MET G 8 -33.47 -11.81 32.34
CA MET G 8 -33.10 -10.39 32.36
C MET G 8 -33.56 -9.72 31.09
N GLY G 9 -34.73 -10.16 30.65
CA GLY G 9 -35.40 -9.62 29.49
C GLY G 9 -35.05 -10.24 28.16
N ILE G 10 -34.17 -11.23 28.17
CA ILE G 10 -33.60 -11.77 26.95
C ILE G 10 -34.07 -13.20 26.77
N PHE G 11 -34.42 -13.53 25.56
CA PHE G 11 -34.69 -14.88 25.22
C PHE G 11 -33.43 -15.62 25.14
N PHE G 12 -33.47 -16.84 25.65
CA PHE G 12 -32.46 -17.83 25.44
C PHE G 12 -33.21 -19.14 25.10
N SER G 13 -32.49 -20.14 24.61
CA SER G 13 -33.06 -21.45 24.33
C SER G 13 -33.26 -22.21 25.61
N THR G 14 -34.19 -23.13 25.64
CA THR G 14 -34.40 -23.91 26.84
C THR G 14 -33.20 -24.80 27.13
N MET G 15 -32.46 -25.17 26.08
CA MET G 15 -31.23 -25.95 26.24
C MET G 15 -30.18 -25.17 26.97
N SER G 16 -30.51 -23.97 27.39
CA SER G 16 -29.70 -23.24 28.34
C SER G 16 -30.57 -23.12 29.54
N SER G 17 -29.99 -23.39 30.70
CA SER G 17 -30.74 -23.42 31.92
C SER G 17 -30.68 -22.07 32.61
N GLU G 18 -31.82 -21.70 33.08
CA GLU G 18 -31.97 -20.62 33.97
C GLU G 18 -30.93 -20.74 35.09
N GLU G 19 -30.81 -21.89 35.76
CA GLU G 19 -29.85 -22.06 36.85
C GLU G 19 -28.44 -21.70 36.45
N LEU G 20 -28.06 -22.23 35.28
CA LEU G 20 -26.75 -21.97 34.73
C LEU G 20 -26.65 -20.46 34.44
N LEU G 21 -27.61 -19.93 33.72
CA LEU G 21 -27.66 -18.51 33.42
C LEU G 21 -27.62 -17.57 34.62
N GLY G 22 -28.27 -17.92 35.71
CA GLY G 22 -28.16 -17.11 36.92
C GLY G 22 -26.88 -17.33 37.71
N SER G 23 -26.19 -18.42 37.39
CA SER G 23 -25.01 -18.79 38.15
C SER G 23 -23.78 -18.12 37.55
N LEU G 24 -23.88 -17.70 36.29
CA LEU G 24 -22.75 -17.09 35.57
C LEU G 24 -21.54 -16.52 36.39
N ASP G 25 -21.80 -15.78 37.45
CA ASP G 25 -20.71 -15.09 38.13
C ASP G 25 -19.84 -16.07 38.96
N SER G 26 -20.19 -17.34 38.91
CA SER G 26 -19.44 -18.34 39.70
C SER G 26 -18.26 -19.02 38.97
N PHE G 27 -18.13 -18.81 37.65
CA PHE G 27 -17.07 -19.44 36.84
C PHE G 27 -15.73 -18.79 37.12
N ASP G 28 -14.71 -19.64 37.17
CA ASP G 28 -13.39 -19.20 37.52
C ASP G 28 -12.52 -19.18 36.28
N ALA G 29 -12.53 -18.03 35.61
CA ALA G 29 -11.90 -17.90 34.33
C ALA G 29 -10.44 -18.04 34.64
N ARG G 30 -9.65 -18.32 33.61
CA ARG G 30 -8.22 -18.48 33.80
C ARG G 30 -7.55 -17.40 33.01
N GLU G 31 -6.42 -16.91 33.49
CA GLU G 31 -5.71 -15.76 32.88
C GLU G 31 -5.46 -15.98 31.38
N ASP G 32 -5.22 -17.21 30.97
CA ASP G 32 -5.00 -17.44 29.54
C ASP G 32 -6.30 -17.77 28.80
N ASP G 33 -7.44 -17.49 29.39
CA ASP G 33 -8.69 -17.83 28.75
C ASP G 33 -8.72 -17.01 27.52
N ILE G 34 -9.27 -17.61 26.47
CA ILE G 34 -9.61 -16.93 25.25
C ILE G 34 -11.06 -17.02 24.90
N PHE G 35 -11.71 -15.86 24.85
CA PHE G 35 -13.12 -15.81 24.64
C PHE G 35 -13.56 -15.46 23.22
N LEU G 36 -14.40 -16.33 22.64
CA LEU G 36 -14.99 -16.02 21.34
C LEU G 36 -16.42 -15.59 21.43
N VAL G 37 -16.66 -14.34 21.09
CA VAL G 37 -17.96 -13.75 21.30
C VAL G 37 -18.61 -13.21 20.00
N SER G 38 -19.82 -13.70 19.67
CA SER G 38 -20.60 -13.17 18.55
C SER G 38 -22.09 -13.07 18.88
N TYR G 39 -22.81 -12.24 18.16
CA TYR G 39 -24.25 -12.35 18.16
C TYR G 39 -24.44 -13.52 17.20
N PRO G 40 -25.53 -14.28 17.34
CA PRO G 40 -25.63 -15.54 16.60
C PRO G 40 -25.44 -15.21 15.19
N LYS G 41 -24.87 -16.04 14.35
CA LYS G 41 -24.96 -15.77 12.92
C LYS G 41 -24.11 -14.60 12.49
N SER G 42 -23.26 -14.12 13.38
CA SER G 42 -22.35 -13.05 12.97
C SER G 42 -21.00 -13.64 12.71
N GLY G 43 -20.97 -14.84 12.20
CA GLY G 43 -19.70 -15.47 11.91
C GLY G 43 -19.35 -16.32 13.09
N THR G 44 -20.37 -16.88 13.73
CA THR G 44 -20.16 -17.71 14.90
C THR G 44 -19.25 -18.94 14.57
N HIS G 45 -19.59 -19.77 13.59
CA HIS G 45 -18.77 -20.96 13.41
C HIS G 45 -17.44 -20.76 12.60
N TRP G 46 -17.39 -19.74 11.74
CA TRP G 46 -16.21 -19.44 10.94
C TRP G 46 -14.98 -19.16 11.79
N LEU G 47 -15.12 -18.15 12.64
CA LEU G 47 -14.13 -17.84 13.61
C LEU G 47 -13.63 -19.11 14.29
N ALA G 48 -14.53 -19.84 14.93
CA ALA G 48 -14.08 -20.95 15.71
C ALA G 48 -13.37 -21.99 14.89
N GLU G 49 -13.84 -22.25 13.68
CA GLU G 49 -13.21 -23.31 12.92
C GLU G 49 -11.80 -22.86 12.75
N VAL G 50 -11.69 -21.59 12.39
CA VAL G 50 -10.43 -21.03 12.04
C VAL G 50 -9.55 -21.34 13.20
N ILE G 51 -10.01 -20.91 14.34
CA ILE G 51 -9.21 -21.11 15.50
C ILE G 51 -8.78 -22.57 15.56
N GLU G 52 -9.68 -23.50 15.26
CA GLU G 52 -9.36 -24.90 15.46
C GLU G 52 -8.20 -25.20 14.59
N ARG G 53 -8.09 -24.40 13.56
CA ARG G 53 -7.17 -24.74 12.53
C ARG G 53 -5.74 -24.47 12.92
N ILE G 54 -5.51 -23.41 13.65
CA ILE G 54 -4.16 -23.03 14.04
C ILE G 54 -3.30 -24.17 14.53
N PRO G 55 -2.18 -24.42 13.85
CA PRO G 55 -1.45 -25.67 14.04
C PRO G 55 -0.79 -25.73 15.39
N ASP G 56 -0.98 -26.84 16.11
CA ASP G 56 -0.27 -27.13 17.37
C ASP G 56 -0.26 -25.96 18.37
N ALA G 57 -1.43 -25.36 18.57
CA ALA G 57 -1.54 -24.21 19.44
C ALA G 57 -1.73 -24.56 20.93
N GLY G 58 -2.02 -25.83 21.20
CA GLY G 58 -2.37 -26.27 22.54
C GLY G 58 -3.70 -25.74 23.09
N ILE G 59 -4.59 -25.34 22.20
CA ILE G 59 -5.89 -24.90 22.61
C ILE G 59 -7.02 -25.89 22.42
N THR G 60 -7.79 -26.14 23.47
CA THR G 60 -9.00 -26.92 23.36
C THR G 60 -10.21 -26.02 23.26
N LEU G 61 -11.07 -26.29 22.30
CA LEU G 61 -12.25 -25.49 22.12
C LEU G 61 -13.35 -26.06 22.93
N THR G 62 -14.07 -25.24 23.67
CA THR G 62 -15.13 -25.77 24.51
C THR G 62 -16.50 -25.62 23.93
N SER G 63 -17.45 -26.28 24.57
CA SER G 63 -18.83 -26.03 24.23
C SER G 63 -19.12 -24.55 24.61
N PRO G 64 -20.09 -23.90 23.95
CA PRO G 64 -20.45 -22.58 24.41
C PRO G 64 -20.56 -22.56 25.92
N ILE G 65 -20.07 -21.54 26.58
CA ILE G 65 -20.13 -21.58 28.02
C ILE G 65 -21.59 -21.58 28.50
N GLU G 66 -22.46 -20.87 27.79
CA GLU G 66 -23.83 -20.70 28.28
C GLU G 66 -24.74 -21.84 27.88
N LEU G 67 -24.21 -23.02 27.61
CA LEU G 67 -25.06 -24.16 27.23
C LEU G 67 -25.10 -25.19 28.38
N GLY G 68 -26.30 -25.64 28.77
CA GLY G 68 -26.47 -26.78 29.67
C GLY G 68 -26.98 -26.58 31.09
N ASP G 69 -26.54 -27.47 32.00
CA ASP G 69 -26.86 -27.42 33.45
C ASP G 69 -25.81 -26.60 34.14
N ILE G 70 -26.01 -26.37 35.42
CA ILE G 70 -24.95 -25.83 36.23
C ILE G 70 -23.67 -26.69 36.08
N SER G 71 -23.81 -27.92 35.60
CA SER G 71 -22.66 -28.83 35.41
C SER G 71 -21.74 -28.47 34.25
N LYS G 72 -22.15 -27.55 33.39
CA LYS G 72 -21.32 -27.16 32.27
C LYS G 72 -20.02 -26.57 32.77
N PHE G 73 -20.07 -25.92 33.93
CA PHE G 73 -18.88 -25.36 34.58
C PHE G 73 -17.79 -26.35 35.01
N GLU G 74 -18.11 -27.20 35.99
CA GLU G 74 -17.13 -28.12 36.54
C GLU G 74 -16.37 -28.71 35.39
N GLU G 75 -17.16 -29.09 34.39
CA GLU G 75 -16.58 -29.60 33.20
C GLU G 75 -15.57 -28.61 32.67
N LEU G 76 -16.00 -27.40 32.34
CA LEU G 76 -15.03 -26.40 31.89
C LEU G 76 -13.86 -26.26 32.87
N LYS G 77 -14.11 -26.59 34.14
CA LYS G 77 -13.05 -26.59 35.15
C LYS G 77 -12.18 -27.82 34.92
N ARG G 78 -12.79 -28.82 34.32
CA ARG G 78 -12.12 -30.08 34.09
C ARG G 78 -11.43 -30.12 32.78
N ILE G 79 -11.07 -28.96 32.23
CA ILE G 79 -10.32 -29.00 30.98
C ILE G 79 -8.92 -28.53 31.21
N PRO G 80 -7.97 -29.24 30.62
CA PRO G 80 -6.63 -28.96 31.10
C PRO G 80 -5.79 -28.10 30.18
N LYS G 81 -5.90 -28.28 28.87
CA LYS G 81 -5.21 -27.44 27.90
C LYS G 81 -5.86 -26.03 27.76
N ARG G 82 -5.32 -25.18 26.91
CA ARG G 82 -5.81 -23.81 26.78
C ARG G 82 -7.20 -23.79 26.23
N ARG G 83 -8.11 -23.05 26.88
CA ARG G 83 -9.57 -23.08 26.59
C ARG G 83 -9.99 -22.07 25.54
N ALA G 84 -10.75 -22.55 24.55
CA ALA G 84 -11.46 -21.69 23.62
C ALA G 84 -12.94 -21.86 23.88
N ILE G 85 -13.54 -20.82 24.45
CA ILE G 85 -14.93 -20.89 24.84
C ILE G 85 -15.79 -19.99 23.94
N PRO G 86 -16.72 -20.63 23.20
CA PRO G 86 -17.67 -19.99 22.31
C PRO G 86 -18.88 -19.50 23.09
N THR G 87 -19.32 -18.29 22.84
CA THR G 87 -20.53 -17.85 23.51
C THR G 87 -21.26 -16.73 22.81
N HIS G 88 -22.49 -16.50 23.22
CA HIS G 88 -23.19 -15.35 22.67
C HIS G 88 -23.58 -14.33 23.79
N LEU G 89 -23.16 -14.50 25.03
CA LEU G 89 -23.70 -13.61 26.06
C LEU G 89 -23.41 -12.18 25.74
N ASN G 90 -24.15 -11.24 26.30
CA ASN G 90 -23.75 -9.88 26.16
C ASN G 90 -22.77 -9.60 27.29
N TYR G 91 -22.29 -8.38 27.35
CA TYR G 91 -21.25 -8.05 28.27
C TYR G 91 -21.59 -8.11 29.77
N GLU G 92 -22.72 -7.53 30.11
N GLU G 92 -22.71 -7.51 30.19
CA GLU G 92 -23.17 -7.45 31.48
CA GLU G 92 -23.01 -7.49 31.62
C GLU G 92 -23.19 -8.81 32.17
C GLU G 92 -22.95 -8.92 32.12
N MET G 93 -23.61 -9.80 31.39
CA MET G 93 -23.66 -11.19 31.80
C MET G 93 -22.29 -11.81 31.75
N LEU G 94 -21.46 -11.35 30.84
CA LEU G 94 -20.14 -11.93 30.86
C LEU G 94 -19.73 -11.99 32.35
N PRO G 95 -19.30 -13.17 32.82
CA PRO G 95 -18.85 -13.40 34.18
C PRO G 95 -17.78 -12.45 34.63
N VAL G 96 -17.90 -12.01 35.87
CA VAL G 96 -17.06 -10.96 36.38
C VAL G 96 -15.63 -11.39 36.31
N THR G 97 -15.45 -12.67 36.30
CA THR G 97 -14.12 -13.21 36.44
C THR G 97 -13.34 -13.15 35.14
N VAL G 98 -14.03 -13.44 34.04
CA VAL G 98 -13.53 -13.17 32.70
C VAL G 98 -13.18 -11.71 32.60
N LYS G 99 -14.02 -10.87 33.16
CA LYS G 99 -13.78 -9.46 33.05
C LYS G 99 -12.59 -9.01 33.87
N GLN G 100 -12.34 -9.65 35.01
CA GLN G 100 -11.25 -9.24 35.87
C GLN G 100 -9.90 -9.80 35.57
N LYS G 101 -9.87 -11.04 35.12
CA LYS G 101 -8.60 -11.67 34.71
C LYS G 101 -8.03 -11.07 33.41
N GLN G 102 -8.85 -10.31 32.70
CA GLN G 102 -8.56 -9.88 31.33
C GLN G 102 -8.17 -10.97 30.32
N CYS G 103 -8.93 -12.09 30.28
CA CYS G 103 -8.81 -13.08 29.21
C CYS G 103 -8.92 -12.43 27.87
N LYS G 104 -8.13 -12.90 26.93
CA LYS G 104 -8.34 -12.46 25.58
C LYS G 104 -9.79 -12.71 25.22
N ILE G 105 -10.42 -11.75 24.58
CA ILE G 105 -11.76 -11.94 24.04
C ILE G 105 -11.75 -11.60 22.58
N ILE G 106 -12.35 -12.43 21.75
CA ILE G 106 -12.62 -12.02 20.37
C ILE G 106 -14.11 -11.87 20.04
N TYR G 107 -14.45 -10.66 19.61
CA TYR G 107 -15.83 -10.30 19.35
C TYR G 107 -16.02 -10.12 17.86
N ILE G 108 -16.96 -10.86 17.31
CA ILE G 108 -17.12 -10.76 15.89
C ILE G 108 -18.40 -10.06 15.64
N VAL G 109 -18.37 -9.13 14.69
CA VAL G 109 -19.54 -8.35 14.33
C VAL G 109 -19.78 -8.38 12.85
N ARG G 110 -21.05 -8.50 12.48
CA ARG G 110 -21.49 -8.67 11.08
C ARG G 110 -22.47 -7.53 10.81
N ASN G 111 -22.49 -6.88 9.65
CA ASN G 111 -23.42 -5.78 9.54
C ASN G 111 -24.75 -6.35 9.90
N PRO G 112 -25.62 -5.49 10.37
CA PRO G 112 -26.86 -5.92 11.01
C PRO G 112 -27.95 -6.47 10.07
N LYS G 113 -28.16 -5.87 8.91
CA LYS G 113 -29.12 -6.44 7.97
C LYS G 113 -28.85 -7.88 7.53
N ASP G 114 -27.61 -8.22 7.18
CA ASP G 114 -27.37 -9.59 6.77
C ASP G 114 -27.62 -10.54 7.87
N THR G 115 -27.19 -10.10 9.04
CA THR G 115 -27.29 -10.90 10.24
C THR G 115 -28.73 -11.22 10.54
N ALA G 116 -29.59 -10.25 10.33
CA ALA G 116 -31.02 -10.46 10.55
C ALA G 116 -31.60 -11.47 9.58
N VAL G 117 -31.12 -11.38 8.36
CA VAL G 117 -31.63 -12.22 7.31
C VAL G 117 -31.19 -13.63 7.60
N SER G 118 -29.96 -13.71 8.09
CA SER G 118 -29.33 -14.98 8.37
C SER G 118 -29.98 -15.56 9.60
N MET G 119 -30.23 -14.73 10.60
CA MET G 119 -30.99 -15.22 11.74
C MET G 119 -32.36 -15.72 11.30
N PHE G 120 -32.99 -14.96 10.43
CA PHE G 120 -34.34 -15.35 10.08
C PHE G 120 -34.39 -16.80 9.62
N HIS G 121 -33.48 -17.20 8.75
CA HIS G 121 -33.48 -18.57 8.30
C HIS G 121 -33.14 -19.57 9.33
N TYR G 122 -32.52 -19.14 10.41
CA TYR G 122 -32.25 -20.09 11.48
C TYR G 122 -33.55 -20.45 12.13
N TYR G 123 -34.39 -19.46 12.42
CA TYR G 123 -35.65 -19.72 13.12
C TYR G 123 -36.47 -20.63 12.27
N ARG G 124 -36.34 -20.36 10.99
CA ARG G 124 -37.11 -21.01 9.98
C ARG G 124 -36.63 -22.41 9.83
N ASP G 125 -35.33 -22.59 9.98
CA ASP G 125 -34.76 -23.90 9.76
C ASP G 125 -34.43 -24.64 11.03
N ASN G 126 -34.32 -23.91 12.13
CA ASN G 126 -33.82 -24.49 13.35
C ASN G 126 -34.97 -24.87 14.26
N PRO G 127 -35.28 -26.14 14.27
CA PRO G 127 -36.34 -26.61 15.12
C PRO G 127 -36.02 -26.29 16.54
N ASN G 128 -34.79 -25.89 16.82
CA ASN G 128 -34.54 -25.42 18.17
C ASN G 128 -35.15 -24.05 18.26
N LEU G 129 -35.43 -23.45 17.12
CA LEU G 129 -36.01 -22.12 17.12
C LEU G 129 -37.44 -22.15 16.69
N PRO G 130 -38.22 -21.23 17.22
CA PRO G 130 -39.64 -21.10 16.90
C PRO G 130 -39.82 -20.48 15.54
N SER G 131 -40.17 -21.31 14.57
CA SER G 131 -40.28 -20.86 13.21
C SER G 131 -41.15 -19.64 13.08
N THR G 132 -40.76 -18.75 12.18
CA THR G 132 -41.59 -17.62 11.78
C THR G 132 -41.99 -17.81 10.30
N GLU G 133 -43.14 -17.29 9.89
CA GLU G 133 -43.60 -17.45 8.51
C GLU G 133 -42.99 -16.38 7.61
N THR G 134 -43.18 -15.13 8.00
CA THR G 134 -42.88 -14.04 7.13
C THR G 134 -41.56 -13.46 7.54
N TRP G 135 -40.90 -12.89 6.55
CA TRP G 135 -39.67 -12.14 6.77
C TRP G 135 -40.01 -10.92 7.58
N ALA G 136 -41.10 -10.30 7.23
CA ALA G 136 -41.46 -9.06 7.85
C ALA G 136 -41.72 -9.23 9.31
N ALA G 137 -42.28 -10.39 9.68
CA ALA G 137 -42.64 -10.61 11.06
C ALA G 137 -41.37 -10.73 11.88
N PHE G 138 -40.46 -11.56 11.40
CA PHE G 138 -39.20 -11.76 12.07
C PHE G 138 -38.55 -10.40 12.26
N LEU G 139 -38.58 -9.62 11.19
CA LEU G 139 -37.81 -8.40 11.26
C LEU G 139 -38.35 -7.57 12.39
N GLU G 140 -39.65 -7.67 12.58
CA GLU G 140 -40.32 -6.83 13.54
C GLU G 140 -39.92 -7.27 14.90
N LEU G 141 -39.67 -8.55 15.07
CA LEU G 141 -39.14 -9.00 16.34
C LEU G 141 -37.72 -8.64 16.53
N PHE G 142 -36.97 -9.01 15.54
CA PHE G 142 -35.58 -8.76 15.54
C PHE G 142 -35.37 -7.33 15.98
N LEU G 143 -36.15 -6.46 15.37
CA LEU G 143 -36.00 -5.07 15.65
C LEU G 143 -36.50 -4.73 17.01
N LYS G 144 -37.38 -5.55 17.58
CA LYS G 144 -37.72 -5.31 18.96
C LYS G 144 -36.71 -5.96 19.86
N GLY G 145 -35.77 -6.71 19.30
CA GLY G 145 -34.84 -7.45 20.12
C GLY G 145 -35.57 -8.56 20.83
N ASP G 146 -36.70 -8.97 20.28
CA ASP G 146 -37.35 -10.16 20.79
C ASP G 146 -36.87 -11.44 20.19
N VAL G 147 -35.58 -11.49 19.91
CA VAL G 147 -34.98 -12.67 19.34
C VAL G 147 -33.97 -13.19 20.36
N VAL G 148 -33.59 -14.44 20.21
CA VAL G 148 -32.68 -15.00 21.20
C VAL G 148 -31.46 -14.11 21.35
N TYR G 149 -30.87 -14.16 22.52
CA TYR G 149 -29.80 -13.25 22.88
C TYR G 149 -30.16 -11.79 22.67
N GLY G 150 -31.42 -11.53 22.30
CA GLY G 150 -31.95 -10.19 22.45
C GLY G 150 -31.52 -9.13 21.47
N SER G 151 -31.32 -7.90 21.93
CA SER G 151 -31.18 -6.84 20.93
C SER G 151 -29.79 -6.83 20.32
N TRP G 152 -29.67 -6.81 19.01
CA TRP G 152 -28.33 -6.75 18.41
C TRP G 152 -27.59 -5.49 18.75
N PHE G 153 -28.31 -4.39 18.72
CA PHE G 153 -27.68 -3.10 18.97
C PHE G 153 -27.02 -3.09 20.31
N ASP G 154 -27.80 -3.40 21.32
CA ASP G 154 -27.35 -3.27 22.66
C ASP G 154 -26.16 -4.18 22.80
N HIS G 155 -26.21 -5.28 22.08
CA HIS G 155 -25.19 -6.28 22.26
C HIS G 155 -23.91 -5.71 21.80
N VAL G 156 -23.98 -5.11 20.64
CA VAL G 156 -22.82 -4.63 20.00
C VAL G 156 -22.29 -3.41 20.70
N LEU G 157 -23.18 -2.49 21.03
CA LEU G 157 -22.87 -1.36 21.91
C LEU G 157 -22.24 -1.74 23.21
N SER G 158 -22.82 -2.72 23.89
CA SER G 158 -22.28 -3.20 25.15
C SER G 158 -20.88 -3.71 24.94
N TRP G 159 -20.56 -4.19 23.76
CA TRP G 159 -19.24 -4.73 23.60
C TRP G 159 -18.31 -3.69 23.13
N GLU G 160 -18.84 -2.85 22.25
CA GLU G 160 -18.05 -1.78 21.70
C GLU G 160 -17.67 -0.91 22.86
N GLU G 161 -18.48 -0.88 23.91
CA GLU G 161 -18.12 -0.08 25.08
C GLU G 161 -16.74 -0.55 25.51
N HIS G 162 -16.45 -1.83 25.24
CA HIS G 162 -15.16 -2.43 25.60
C HIS G 162 -14.24 -2.79 24.51
N LYS G 163 -14.38 -2.13 23.37
CA LYS G 163 -13.42 -2.35 22.30
C LYS G 163 -12.03 -1.76 22.59
N ASN G 164 -11.89 -0.80 23.52
CA ASN G 164 -10.56 -0.20 23.82
C ASN G 164 -9.72 -0.86 24.87
N ASP G 165 -10.23 -1.89 25.52
CA ASP G 165 -9.47 -2.62 26.52
C ASP G 165 -8.45 -3.41 25.78
N LYS G 166 -7.29 -3.51 26.37
CA LYS G 166 -6.15 -4.07 25.72
C LYS G 166 -6.38 -5.53 25.34
N ASN G 167 -7.26 -6.20 26.06
CA ASN G 167 -7.40 -7.62 25.93
C ASN G 167 -8.63 -7.97 25.09
N VAL G 168 -9.28 -6.96 24.57
CA VAL G 168 -10.40 -7.14 23.69
C VAL G 168 -10.08 -6.75 22.24
N LEU G 169 -10.43 -7.61 21.28
CA LEU G 169 -10.29 -7.34 19.82
C LEU G 169 -11.62 -7.58 19.05
N PHE G 170 -12.03 -6.61 18.23
CA PHE G 170 -13.20 -6.73 17.39
C PHE G 170 -12.83 -7.16 16.01
N ILE G 171 -13.65 -8.04 15.45
CA ILE G 171 -13.48 -8.49 14.07
C ILE G 171 -14.77 -8.46 13.29
N PHE G 172 -14.71 -7.90 12.09
CA PHE G 172 -15.89 -7.83 11.24
C PHE G 172 -16.09 -9.09 10.44
N TYR G 173 -17.33 -9.57 10.39
CA TYR G 173 -17.67 -10.63 9.48
C TYR G 173 -17.17 -10.19 8.11
N GLU G 174 -17.33 -8.89 7.88
CA GLU G 174 -17.01 -8.26 6.59
C GLU G 174 -15.53 -8.39 6.11
N GLU G 175 -14.58 -7.94 6.93
CA GLU G 175 -13.15 -7.96 6.61
C GLU G 175 -12.60 -9.38 6.33
N MET G 176 -13.26 -10.40 6.89
CA MET G 176 -12.89 -11.81 6.77
C MET G 176 -13.16 -12.35 5.43
N LYS G 177 -14.34 -12.04 4.96
CA LYS G 177 -14.70 -12.43 3.63
C LYS G 177 -13.82 -11.71 2.64
N LYS G 178 -13.65 -10.42 2.88
CA LYS G 178 -12.92 -9.54 1.96
C LYS G 178 -11.44 -9.83 1.83
N ASP G 179 -10.76 -10.07 2.94
CA ASP G 179 -9.34 -10.26 2.92
C ASP G 179 -9.09 -11.02 4.14
N PHE G 180 -9.48 -12.26 4.04
CA PHE G 180 -9.30 -13.18 5.09
C PHE G 180 -7.91 -13.05 5.62
N VAL G 181 -6.89 -13.03 4.78
CA VAL G 181 -5.54 -13.09 5.38
C VAL G 181 -5.19 -11.89 6.23
N LYS G 182 -5.75 -10.73 5.94
CA LYS G 182 -5.23 -9.56 6.57
C LYS G 182 -5.82 -9.55 7.94
N SER G 183 -6.89 -10.30 8.05
CA SER G 183 -7.53 -10.50 9.32
C SER G 183 -6.85 -11.54 10.19
N LEU G 184 -6.60 -12.72 9.68
CA LEU G 184 -5.93 -13.70 10.51
C LEU G 184 -4.62 -13.13 11.01
N LYS G 185 -4.07 -12.16 10.29
CA LYS G 185 -2.87 -11.49 10.74
C LYS G 185 -3.16 -10.79 12.06
N LYS G 186 -4.27 -10.10 12.04
CA LYS G 186 -4.70 -9.31 13.18
C LYS G 186 -4.93 -10.24 14.33
N ILE G 187 -5.83 -11.17 14.13
CA ILE G 187 -6.20 -12.11 15.16
C ILE G 187 -4.94 -12.56 15.76
N THR G 188 -4.20 -13.12 14.85
CA THR G 188 -3.12 -13.95 15.18
C THR G 188 -2.10 -13.11 15.88
N ALA G 189 -2.02 -11.83 15.53
CA ALA G 189 -1.10 -10.90 16.21
C ALA G 189 -1.63 -10.56 17.61
N PHE G 190 -2.96 -10.57 17.76
CA PHE G 190 -3.63 -10.31 19.04
C PHE G 190 -3.44 -11.44 20.03
N LEU G 191 -3.63 -12.67 19.55
CA LEU G 191 -3.36 -13.84 20.39
C LEU G 191 -1.86 -14.17 20.58
N GLY G 192 -0.96 -13.59 19.78
CA GLY G 192 0.48 -13.81 19.93
C GLY G 192 1.14 -14.85 19.01
N ILE G 193 0.35 -15.73 18.41
CA ILE G 193 0.88 -16.95 17.77
C ILE G 193 1.52 -16.81 16.37
N ASP G 194 2.80 -17.20 16.27
CA ASP G 194 3.53 -17.09 15.02
C ASP G 194 3.03 -18.15 14.08
N VAL G 195 2.45 -17.66 12.99
CA VAL G 195 2.02 -18.50 11.90
C VAL G 195 2.47 -17.78 10.66
N ASN G 196 3.08 -18.49 9.70
CA ASN G 196 3.60 -17.83 8.51
C ASN G 196 2.67 -17.97 7.30
N ASP G 197 3.12 -17.47 6.16
CA ASP G 197 2.26 -17.36 5.01
C ASP G 197 1.58 -18.67 4.67
N SER G 198 2.37 -19.74 4.52
CA SER G 198 1.84 -20.99 3.98
C SER G 198 0.78 -21.60 4.89
N GLU G 199 1.08 -21.67 6.18
CA GLU G 199 0.10 -22.06 7.18
C GLU G 199 -1.20 -21.30 6.90
N MET G 200 -1.10 -19.99 7.00
CA MET G 200 -2.25 -19.14 6.76
C MET G 200 -2.87 -19.40 5.43
N ALA G 201 -2.08 -19.60 4.40
CA ALA G 201 -2.64 -19.90 3.09
C ALA G 201 -3.41 -21.15 3.32
N LYS G 202 -2.83 -22.01 4.16
CA LYS G 202 -3.38 -23.32 4.39
C LYS G 202 -4.77 -23.13 4.96
N ILE G 203 -4.79 -22.34 6.01
CA ILE G 203 -6.01 -22.01 6.78
C ILE G 203 -7.08 -21.35 5.93
N ALA G 204 -6.71 -20.24 5.30
CA ALA G 204 -7.58 -19.63 4.33
C ALA G 204 -8.16 -20.73 3.41
N ARG G 205 -7.30 -21.65 2.92
CA ARG G 205 -7.75 -22.78 2.10
C ARG G 205 -8.87 -23.58 2.83
N SER G 206 -8.66 -23.91 4.11
CA SER G 206 -9.49 -24.92 4.81
C SER G 206 -10.71 -24.47 5.63
N THR G 207 -10.87 -23.17 5.89
CA THR G 207 -12.03 -22.68 6.63
C THR G 207 -13.02 -22.00 5.74
N SER G 208 -13.02 -22.38 4.46
CA SER G 208 -13.88 -21.75 3.45
C SER G 208 -15.29 -22.10 3.67
N PHE G 209 -16.15 -21.21 3.20
CA PHE G 209 -17.56 -21.45 3.28
C PHE G 209 -17.92 -22.79 2.62
N SER G 210 -17.65 -22.90 1.32
CA SER G 210 -17.97 -24.10 0.59
C SER G 210 -17.29 -25.28 1.27
N GLU G 211 -16.06 -25.05 1.72
CA GLU G 211 -15.26 -26.05 2.44
C GLU G 211 -15.84 -26.48 3.81
N MET G 212 -15.99 -25.54 4.72
CA MET G 212 -16.53 -25.88 6.01
C MET G 212 -17.95 -26.37 5.83
N LYS G 213 -18.51 -26.11 4.66
CA LYS G 213 -19.86 -26.55 4.37
C LYS G 213 -19.78 -28.04 4.24
N SER G 214 -19.01 -28.51 3.27
CA SER G 214 -18.65 -29.91 3.20
C SER G 214 -18.20 -30.38 4.56
N ASN G 215 -19.04 -31.23 5.17
CA ASN G 215 -18.83 -31.67 6.54
C ASN G 215 -19.94 -32.61 7.00
N ALA G 216 -19.76 -33.89 6.69
CA ALA G 216 -20.53 -34.97 7.34
C ALA G 216 -19.57 -35.95 8.01
N ALA G 217 -19.56 -35.88 9.33
CA ALA G 217 -18.60 -36.60 10.14
C ALA G 217 -18.73 -36.11 11.57
N LYS G 218 -17.58 -36.11 12.25
CA LYS G 218 -17.42 -35.54 13.58
C LYS G 218 -15.99 -35.01 13.61
N GLU G 219 -15.49 -34.61 14.78
CA GLU G 219 -14.25 -33.83 14.86
C GLU G 219 -13.06 -34.56 15.49
N ASN G 220 -12.52 -34.00 16.57
CA ASN G 220 -11.30 -34.50 17.20
C ASN G 220 -11.45 -35.65 18.21
N CYS G 221 -12.68 -35.98 18.62
CA CYS G 221 -12.95 -37.13 19.52
C CYS G 221 -14.14 -37.98 19.03
N ASN G 224 -20.30 -34.94 20.26
CA ASN G 224 -20.05 -33.74 19.47
C ASN G 224 -19.96 -32.45 20.28
N HIS G 225 -19.15 -31.57 19.74
CA HIS G 225 -18.92 -30.26 20.25
C HIS G 225 -19.79 -29.32 19.46
N VAL G 226 -20.78 -28.73 20.09
CA VAL G 226 -21.45 -27.62 19.44
C VAL G 226 -20.70 -26.44 20.00
N ILE G 227 -20.69 -25.34 19.27
CA ILE G 227 -20.04 -24.14 19.74
C ILE G 227 -21.04 -22.96 19.84
N CYS G 228 -22.21 -23.17 19.26
CA CYS G 228 -23.33 -22.25 19.42
C CYS G 228 -24.43 -22.99 20.11
N ALA G 229 -24.83 -22.50 21.27
CA ALA G 229 -25.86 -23.19 22.07
C ALA G 229 -27.20 -23.46 21.34
N LEU G 230 -27.41 -22.74 20.24
CA LEU G 230 -28.65 -22.85 19.47
C LEU G 230 -28.64 -24.01 18.51
N THR G 231 -27.47 -24.30 17.97
CA THR G 231 -27.41 -25.27 16.93
C THR G 231 -26.93 -26.59 17.50
N SER G 232 -27.71 -27.60 17.15
CA SER G 232 -27.35 -28.98 17.38
C SER G 232 -26.88 -29.55 16.05
N ASP G 233 -27.29 -28.88 14.97
CA ASP G 233 -26.95 -29.27 13.60
C ASP G 233 -26.06 -28.28 12.85
N ARG G 234 -24.77 -28.42 13.01
CA ARG G 234 -23.87 -27.54 12.33
C ARG G 234 -24.30 -27.39 10.89
N ASN G 235 -24.73 -28.48 10.29
CA ASN G 235 -25.07 -28.37 8.89
C ASN G 235 -25.80 -27.06 8.66
N LEU G 236 -26.69 -26.75 9.59
CA LEU G 236 -27.62 -25.69 9.32
C LEU G 236 -26.94 -24.37 9.17
N VAL G 237 -25.75 -24.22 9.71
CA VAL G 237 -25.22 -22.87 9.79
C VAL G 237 -24.71 -22.36 8.43
N PHE G 238 -24.64 -23.24 7.44
CA PHE G 238 -24.06 -22.82 6.18
C PHE G 238 -25.11 -22.56 5.12
N ARG G 239 -25.78 -21.42 5.25
CA ARG G 239 -26.81 -21.05 4.31
C ARG G 239 -26.18 -20.53 3.03
N LYS G 240 -25.62 -19.32 3.09
CA LYS G 240 -25.22 -18.60 1.86
C LYS G 240 -23.82 -17.96 1.86
N GLY G 241 -23.41 -17.38 2.99
CA GLY G 241 -22.00 -17.02 3.17
C GLY G 241 -21.54 -15.79 2.42
N VAL G 242 -22.49 -14.90 2.15
CA VAL G 242 -22.20 -13.67 1.43
C VAL G 242 -22.70 -12.43 2.12
N VAL G 243 -22.10 -11.32 1.69
CA VAL G 243 -22.39 -10.00 2.17
C VAL G 243 -23.38 -9.39 1.21
N GLY G 244 -24.45 -8.86 1.79
CA GLY G 244 -25.49 -8.13 1.08
C GLY G 244 -26.71 -8.94 0.66
N ASP G 245 -26.87 -10.18 1.10
CA ASP G 245 -28.09 -10.87 0.72
C ASP G 245 -29.29 -10.04 1.17
N TRP G 246 -29.08 -9.07 2.03
CA TRP G 246 -30.21 -8.34 2.58
C TRP G 246 -30.96 -7.49 1.53
N ILE G 247 -30.37 -7.23 0.37
CA ILE G 247 -31.01 -6.33 -0.60
C ILE G 247 -32.19 -7.04 -1.17
N ASN G 248 -32.30 -8.33 -0.87
CA ASN G 248 -33.31 -9.13 -1.50
C ASN G 248 -34.45 -9.39 -0.60
N TYR G 249 -34.50 -8.66 0.51
CA TYR G 249 -35.56 -8.90 1.49
C TYR G 249 -36.22 -7.65 1.99
N PHE G 250 -35.44 -6.60 2.14
CA PHE G 250 -35.96 -5.38 2.70
C PHE G 250 -36.79 -4.69 1.67
N THR G 251 -37.94 -4.21 2.11
CA THR G 251 -38.74 -3.35 1.28
C THR G 251 -38.39 -2.00 1.79
N PRO G 252 -38.55 -0.99 0.93
CA PRO G 252 -38.32 0.44 1.13
C PRO G 252 -38.72 0.93 2.52
N LYS G 253 -39.81 0.40 3.04
CA LYS G 253 -40.29 0.76 4.36
C LYS G 253 -39.46 0.07 5.45
N GLN G 254 -39.14 -1.18 5.20
CA GLN G 254 -38.44 -1.94 6.16
C GLN G 254 -37.19 -1.22 6.36
N ASN G 255 -36.75 -0.61 5.32
CA ASN G 255 -35.53 0.03 5.55
C ASN G 255 -35.67 1.31 6.35
N ARG G 256 -36.39 2.25 5.76
CA ARG G 256 -36.55 3.55 6.36
C ARG G 256 -36.51 3.35 7.87
N GLY G 257 -37.44 2.54 8.33
CA GLY G 257 -37.53 2.30 9.77
C GLY G 257 -36.20 1.91 10.35
N PHE G 258 -35.61 0.93 9.72
CA PHE G 258 -34.38 0.41 10.20
C PHE G 258 -33.35 1.52 10.43
N ASP G 259 -32.96 2.13 9.35
CA ASP G 259 -31.92 3.08 9.45
C ASP G 259 -32.30 4.03 10.51
N GLU G 260 -33.58 4.17 10.71
CA GLU G 260 -34.00 5.19 11.60
C GLU G 260 -33.47 4.83 12.90
N LEU G 261 -33.80 3.61 13.20
CA LEU G 261 -33.40 2.99 14.43
C LEU G 261 -31.88 2.95 14.57
N PHE G 262 -31.26 2.23 13.67
CA PHE G 262 -29.85 2.08 13.73
C PHE G 262 -29.39 3.42 14.26
N THR G 263 -29.96 4.43 13.67
CA THR G 263 -29.41 5.72 13.87
C THR G 263 -29.53 5.98 15.34
N GLU G 264 -30.78 5.92 15.81
CA GLU G 264 -31.11 6.33 17.17
C GLU G 264 -30.26 5.56 18.16
N LYS G 265 -29.96 4.33 17.78
CA LYS G 265 -29.29 3.43 18.69
C LYS G 265 -27.81 3.59 18.60
N MET G 266 -27.26 3.54 17.38
CA MET G 266 -25.81 3.46 17.29
C MET G 266 -25.31 4.86 17.36
N ARG G 267 -26.18 5.80 16.97
CA ARG G 267 -25.78 7.18 16.99
C ARG G 267 -24.39 7.28 16.38
N ASN G 268 -23.47 7.81 17.14
CA ASN G 268 -22.14 8.06 16.65
CA ASN G 268 -22.13 8.07 16.68
C ASN G 268 -21.16 6.92 16.91
N SER G 269 -21.64 5.69 17.03
CA SER G 269 -20.74 4.58 17.21
C SER G 269 -19.67 4.53 16.11
N ASP G 270 -18.49 4.01 16.40
CA ASP G 270 -17.49 3.92 15.36
C ASP G 270 -17.78 2.71 14.61
N VAL G 271 -18.00 1.65 15.34
CA VAL G 271 -18.32 0.40 14.71
C VAL G 271 -19.52 0.51 13.80
N GLY G 272 -20.54 1.23 14.26
CA GLY G 272 -21.79 1.32 13.52
C GLY G 272 -21.58 2.03 12.21
N ARG G 273 -20.65 2.96 12.23
CA ARG G 273 -20.41 3.79 11.11
C ARG G 273 -19.75 2.93 10.13
N CYS G 274 -18.77 2.17 10.63
CA CYS G 274 -18.03 1.22 9.80
C CYS G 274 -18.94 0.15 9.29
N LEU G 275 -19.89 -0.34 10.07
CA LEU G 275 -20.71 -1.38 9.52
C LEU G 275 -21.58 -0.75 8.46
N LYS G 276 -21.80 0.56 8.54
CA LYS G 276 -22.51 1.24 7.49
C LYS G 276 -21.66 1.40 6.25
N GLU G 277 -20.52 2.08 6.41
CA GLU G 277 -19.55 2.19 5.32
C GLU G 277 -19.30 0.83 4.68
N TYR G 278 -19.66 -0.27 5.34
CA TYR G 278 -19.62 -1.62 4.74
C TYR G 278 -21.00 -1.95 4.17
N ALA G 279 -21.29 -3.24 4.08
CA ALA G 279 -22.60 -3.69 3.60
C ALA G 279 -22.87 -3.19 2.21
N SER H 2 21.97 -5.84 9.92
CA SER H 2 22.88 -5.99 11.06
C SER H 2 22.80 -4.77 11.95
N LEU H 3 22.49 -3.62 11.34
CA LEU H 3 22.26 -2.41 12.13
C LEU H 3 20.91 -2.57 12.86
N LEU H 4 20.05 -3.43 12.29
CA LEU H 4 18.74 -3.71 12.87
C LEU H 4 18.43 -5.20 12.96
N HIS H 5 17.42 -5.52 13.76
CA HIS H 5 16.92 -6.86 13.93
C HIS H 5 15.48 -6.78 14.33
N LYS H 6 14.86 -7.93 14.53
CA LYS H 6 13.41 -7.94 14.54
C LYS H 6 12.92 -8.75 15.69
N TYR H 7 12.03 -8.18 16.47
CA TYR H 7 11.44 -8.88 17.60
C TYR H 7 9.94 -8.59 17.67
N MET H 8 9.19 -9.67 17.68
CA MET H 8 7.75 -9.63 17.58
C MET H 8 7.37 -8.93 16.34
N GLY H 9 8.31 -8.90 15.42
CA GLY H 9 8.07 -8.36 14.11
C GLY H 9 8.27 -6.87 14.09
N ILE H 10 9.11 -6.31 14.96
CA ILE H 10 9.38 -4.89 14.85
C ILE H 10 10.85 -4.69 14.85
N PHE H 11 11.30 -3.88 13.92
CA PHE H 11 12.71 -3.64 13.75
C PHE H 11 13.17 -2.83 14.91
N PHE H 12 14.20 -3.33 15.58
CA PHE H 12 14.87 -2.54 16.61
C PHE H 12 16.36 -2.45 16.37
N SER H 13 16.93 -1.34 16.81
CA SER H 13 18.36 -1.18 16.72
C SER H 13 18.97 -2.36 17.42
N THR H 14 20.04 -2.91 16.87
CA THR H 14 20.73 -3.95 17.61
C THR H 14 21.12 -3.44 18.99
N MET H 15 20.93 -2.15 19.21
CA MET H 15 21.27 -1.53 20.48
C MET H 15 20.14 -1.59 21.50
N SER H 16 19.13 -2.39 21.18
CA SER H 16 18.18 -2.84 22.16
C SER H 16 18.29 -4.34 22.27
N SER H 17 19.13 -4.80 23.19
CA SER H 17 19.32 -6.23 23.36
C SER H 17 17.97 -6.88 23.28
N GLU H 18 17.96 -8.04 22.68
CA GLU H 18 16.76 -8.80 22.64
C GLU H 18 16.43 -9.33 24.03
N GLU H 19 17.45 -9.56 24.87
CA GLU H 19 17.22 -10.07 26.22
C GLU H 19 16.37 -9.09 26.92
N LEU H 20 16.74 -7.82 26.75
CA LEU H 20 16.04 -6.69 27.34
C LEU H 20 14.65 -6.69 26.84
N LEU H 21 14.53 -6.88 25.54
CA LEU H 21 13.25 -6.81 24.92
C LEU H 21 12.38 -7.91 25.44
N GLY H 22 12.73 -9.15 25.19
CA GLY H 22 11.94 -10.23 25.75
C GLY H 22 11.79 -10.16 27.25
N SER H 23 12.50 -9.25 27.91
CA SER H 23 12.51 -9.23 29.35
C SER H 23 11.65 -8.11 29.88
N LEU H 24 11.14 -7.27 28.99
CA LEU H 24 10.42 -6.05 29.35
C LEU H 24 9.41 -6.24 30.48
N ASP H 25 8.56 -7.24 30.34
CA ASP H 25 7.47 -7.35 31.29
C ASP H 25 8.05 -7.49 32.69
N SER H 26 9.19 -8.14 32.76
CA SER H 26 9.83 -8.33 34.05
C SER H 26 10.29 -6.98 34.59
N PHE H 27 9.55 -5.93 34.28
CA PHE H 27 9.88 -4.66 34.84
C PHE H 27 8.84 -4.16 35.85
N ASP H 28 9.42 -3.56 36.90
CA ASP H 28 8.70 -3.23 38.12
C ASP H 28 8.34 -1.79 38.13
N ALA H 29 7.25 -1.47 37.47
CA ALA H 29 6.65 -0.19 37.62
C ALA H 29 6.62 0.19 39.10
N ARG H 30 6.61 1.49 39.36
CA ARG H 30 6.34 2.08 40.65
C ARG H 30 5.15 2.95 40.41
N GLU H 31 4.39 3.24 41.46
CA GLU H 31 3.19 4.07 41.39
C GLU H 31 3.40 5.48 40.83
N ASP H 32 4.51 6.14 41.13
CA ASP H 32 4.63 7.55 40.76
C ASP H 32 5.39 7.73 39.42
N ASP H 33 5.60 6.65 38.69
CA ASP H 33 6.49 6.73 37.57
C ASP H 33 5.90 7.54 36.48
N ILE H 34 6.77 8.26 35.81
CA ILE H 34 6.34 8.96 34.66
C ILE H 34 7.04 8.55 33.41
N PHE H 35 6.21 8.18 32.44
CA PHE H 35 6.61 7.65 31.16
C PHE H 35 6.34 8.57 30.00
N LEU H 36 7.38 8.89 29.22
CA LEU H 36 7.28 9.78 28.07
C LEU H 36 7.41 9.02 26.75
N VAL H 37 6.28 8.81 26.05
CA VAL H 37 6.18 7.90 24.90
C VAL H 37 5.95 8.65 23.60
N SER H 38 6.66 8.26 22.56
CA SER H 38 6.41 8.84 21.26
C SER H 38 6.87 7.85 20.24
N TYR H 39 6.23 7.88 19.10
CA TYR H 39 6.79 7.27 17.94
C TYR H 39 8.01 8.12 17.67
N PRO H 40 9.07 7.52 17.15
CA PRO H 40 10.33 8.25 16.98
C PRO H 40 10.12 9.59 16.35
N LYS H 41 11.06 10.49 16.56
CA LYS H 41 11.00 11.77 15.89
C LYS H 41 9.67 12.49 16.08
N SER H 42 9.05 12.40 17.25
CA SER H 42 7.72 12.98 17.38
C SER H 42 7.61 13.95 18.54
N GLY H 43 8.72 14.54 18.98
CA GLY H 43 8.70 15.52 20.07
C GLY H 43 9.25 14.89 21.34
N THR H 44 10.10 13.91 21.13
CA THR H 44 10.59 13.10 22.21
C THR H 44 11.59 13.93 23.07
N HIS H 45 12.55 14.55 22.40
CA HIS H 45 13.54 15.29 23.14
C HIS H 45 12.96 16.56 23.66
N TRP H 46 12.25 17.23 22.80
CA TRP H 46 11.65 18.45 23.19
C TRP H 46 10.87 18.17 24.43
N LEU H 47 10.18 17.04 24.45
CA LEU H 47 9.27 16.76 25.51
C LEU H 47 10.02 16.64 26.79
N ALA H 48 11.09 15.87 26.73
CA ALA H 48 11.87 15.56 27.92
C ALA H 48 12.70 16.73 28.40
N GLU H 49 13.27 17.47 27.50
CA GLU H 49 14.05 18.61 27.94
C GLU H 49 13.21 19.41 28.86
N VAL H 50 12.16 19.81 28.19
CA VAL H 50 11.09 20.56 28.72
C VAL H 50 10.96 20.01 30.09
N ILE H 51 10.58 18.75 30.17
CA ILE H 51 10.30 18.20 31.46
C ILE H 51 11.40 18.62 32.38
N GLU H 52 12.62 18.37 31.95
CA GLU H 52 13.72 18.47 32.85
C GLU H 52 13.91 19.85 33.34
N ARG H 53 13.44 20.77 32.54
CA ARG H 53 13.54 22.15 32.89
C ARG H 53 12.69 22.45 34.09
N ILE H 54 11.67 21.63 34.33
CA ILE H 54 10.71 21.92 35.40
C ILE H 54 11.37 21.92 36.77
N PRO H 55 11.28 23.05 37.48
CA PRO H 55 11.98 23.43 38.73
C PRO H 55 11.53 22.68 39.98
N ASP H 56 12.50 22.12 40.71
CA ASP H 56 12.30 21.42 42.00
C ASP H 56 11.14 20.45 42.02
N ALA H 57 11.05 19.64 40.98
CA ALA H 57 9.94 18.70 40.86
C ALA H 57 10.35 17.36 41.39
N GLY H 58 11.65 17.16 41.61
CA GLY H 58 12.09 15.93 42.22
C GLY H 58 12.11 14.71 41.29
N ILE H 59 12.19 14.92 39.98
CA ILE H 59 12.15 13.85 39.00
C ILE H 59 13.52 13.49 38.47
N THR H 60 13.68 12.23 38.14
CA THR H 60 14.84 11.79 37.41
C THR H 60 14.44 11.20 36.08
N LEU H 61 14.86 11.86 35.03
CA LEU H 61 14.48 11.39 33.73
C LEU H 61 15.43 10.37 33.24
N THR H 62 14.96 9.17 33.00
CA THR H 62 15.89 8.08 32.85
C THR H 62 16.33 7.91 31.42
N SER H 63 17.41 7.21 31.24
CA SER H 63 17.76 6.66 29.97
C SER H 63 16.52 6.03 29.48
N PRO H 64 16.42 5.76 28.16
CA PRO H 64 15.23 5.05 27.67
C PRO H 64 15.16 3.70 28.28
N ILE H 65 13.99 3.06 28.24
CA ILE H 65 13.86 1.77 28.86
C ILE H 65 14.13 0.57 27.96
N GLU H 66 14.04 0.69 26.63
CA GLU H 66 14.30 -0.49 25.80
C GLU H 66 15.70 -0.43 25.25
N LEU H 67 16.46 0.56 25.69
CA LEU H 67 17.86 0.63 25.38
C LEU H 67 18.60 -0.36 26.30
N GLY H 68 19.25 -1.36 25.69
CA GLY H 68 20.26 -2.14 26.38
C GLY H 68 20.09 -3.62 26.59
N ASP H 69 20.83 -4.09 27.59
CA ASP H 69 20.95 -5.48 28.00
C ASP H 69 19.72 -5.92 28.72
N ILE H 70 19.93 -6.88 29.60
CA ILE H 70 18.96 -7.20 30.62
C ILE H 70 19.25 -6.35 31.88
N SER H 71 20.48 -5.89 32.00
CA SER H 71 20.85 -5.09 33.16
C SER H 71 19.90 -3.90 33.29
N LYS H 72 19.76 -3.15 32.21
CA LYS H 72 19.02 -1.88 32.21
C LYS H 72 18.05 -1.81 33.38
N PHE H 73 17.21 -2.82 33.49
CA PHE H 73 16.16 -2.82 34.51
C PHE H 73 16.80 -2.55 35.85
N GLU H 74 17.84 -3.30 36.12
CA GLU H 74 18.51 -3.09 37.35
C GLU H 74 18.88 -1.63 37.48
N GLU H 75 19.40 -1.04 36.42
CA GLU H 75 19.81 0.32 36.57
C GLU H 75 18.61 1.13 36.99
N LEU H 76 17.47 0.87 36.37
CA LEU H 76 16.28 1.65 36.66
C LEU H 76 16.02 1.53 38.13
N LYS H 77 16.09 0.29 38.60
CA LYS H 77 15.76 -0.04 39.98
C LYS H 77 16.62 0.71 41.00
N ARG H 78 17.80 1.16 40.60
CA ARG H 78 18.64 1.87 41.56
C ARG H 78 18.33 3.33 41.68
N ILE H 79 17.59 3.88 40.73
CA ILE H 79 17.24 5.30 40.81
C ILE H 79 16.35 5.58 41.99
N PRO H 80 16.82 6.49 42.80
CA PRO H 80 16.13 6.77 44.04
C PRO H 80 14.95 7.69 43.82
N LYS H 81 14.99 8.62 42.87
CA LYS H 81 13.90 9.61 42.72
C LYS H 81 12.71 9.13 41.85
N ARG H 82 11.79 10.06 41.59
CA ARG H 82 10.68 9.73 40.69
C ARG H 82 11.24 9.71 39.29
N ARG H 83 10.96 8.65 38.59
CA ARG H 83 11.56 8.47 37.30
C ARG H 83 10.63 8.99 36.25
N ALA H 84 11.15 9.78 35.34
CA ALA H 84 10.40 10.02 34.14
C ALA H 84 11.25 9.33 33.17
N ILE H 85 10.63 8.41 32.47
CA ILE H 85 11.35 7.42 31.78
C ILE H 85 10.91 7.50 30.39
N PRO H 86 11.85 7.70 29.48
CA PRO H 86 11.48 7.82 28.07
C PRO H 86 11.32 6.47 27.30
N THR H 87 10.45 6.45 26.29
CA THR H 87 10.26 5.23 25.47
C THR H 87 9.61 5.44 24.09
N HIS H 88 9.90 4.51 23.16
CA HIS H 88 9.17 4.43 21.91
C HIS H 88 8.34 3.16 21.79
N LEU H 89 8.29 2.37 22.86
CA LEU H 89 7.53 1.13 22.85
C LEU H 89 6.08 1.32 22.53
N ASN H 90 5.51 0.31 21.87
CA ASN H 90 4.07 0.28 21.52
C ASN H 90 3.26 -0.14 22.72
N TYR H 91 1.95 0.01 22.65
CA TYR H 91 1.16 -0.23 23.81
C TYR H 91 1.38 -1.66 24.26
N GLU H 92 1.48 -2.55 23.27
CA GLU H 92 1.47 -3.99 23.50
C GLU H 92 2.73 -4.43 24.22
N MET H 93 3.83 -3.77 23.95
CA MET H 93 5.12 -4.28 24.49
C MET H 93 5.57 -3.59 25.77
N LEU H 94 4.89 -2.52 26.11
CA LEU H 94 5.08 -1.84 27.39
C LEU H 94 4.87 -2.78 28.59
N PRO H 95 5.84 -2.79 29.55
CA PRO H 95 5.76 -3.72 30.68
C PRO H 95 4.38 -3.82 31.26
N VAL H 96 3.94 -5.04 31.48
CA VAL H 96 2.60 -5.24 31.92
C VAL H 96 2.43 -4.48 33.21
N THR H 97 3.49 -4.41 33.96
CA THR H 97 3.40 -3.86 35.27
C THR H 97 3.17 -2.33 35.24
N VAL H 98 3.51 -1.72 34.11
CA VAL H 98 3.23 -0.31 33.93
C VAL H 98 1.77 -0.04 33.65
N LYS H 99 1.16 -0.93 32.89
CA LYS H 99 -0.29 -0.88 32.72
C LYS H 99 -0.99 -1.08 34.07
N GLN H 100 -0.43 -1.95 34.92
CA GLN H 100 -1.04 -2.34 36.20
C GLN H 100 -1.00 -1.23 37.23
N LYS H 101 0.15 -0.65 37.48
CA LYS H 101 0.15 0.46 38.39
C LYS H 101 -0.56 1.69 37.84
N GLN H 102 -1.02 1.65 36.59
CA GLN H 102 -1.54 2.82 35.88
C GLN H 102 -0.69 4.06 35.98
N CYS H 103 0.63 3.89 35.86
CA CYS H 103 1.49 5.05 35.88
C CYS H 103 1.05 6.13 34.90
N LYS H 104 1.47 7.35 35.16
CA LYS H 104 1.18 8.47 34.32
C LYS H 104 1.97 8.36 33.01
N ILE H 105 1.26 8.42 31.90
CA ILE H 105 1.87 8.44 30.58
C ILE H 105 1.62 9.78 29.92
N ILE H 106 2.68 10.35 29.37
CA ILE H 106 2.50 11.42 28.42
C ILE H 106 2.91 10.85 27.07
N TYR H 107 1.96 10.85 26.11
CA TYR H 107 2.18 10.37 24.73
C TYR H 107 2.20 11.59 23.88
N ILE H 108 3.30 11.82 23.17
CA ILE H 108 3.37 12.92 22.25
C ILE H 108 3.32 12.36 20.81
N VAL H 109 2.40 12.88 20.02
CA VAL H 109 2.21 12.41 18.64
C VAL H 109 2.38 13.57 17.69
N ARG H 110 2.87 13.25 16.49
CA ARG H 110 3.13 14.23 15.45
C ARG H 110 2.47 13.79 14.12
N ASN H 111 2.28 14.71 13.17
CA ASN H 111 1.63 14.28 11.95
C ASN H 111 2.61 13.40 11.24
N PRO H 112 2.08 12.32 10.63
CA PRO H 112 2.85 11.18 10.14
C PRO H 112 3.59 11.47 8.84
N LYS H 113 3.24 12.55 8.15
CA LYS H 113 3.95 12.93 6.94
C LYS H 113 5.18 13.68 7.35
N ASP H 114 5.04 14.69 8.20
CA ASP H 114 6.26 15.32 8.70
C ASP H 114 7.09 14.33 9.51
N THR H 115 6.44 13.46 10.27
CA THR H 115 7.17 12.46 11.01
C THR H 115 7.92 11.55 10.02
N ALA H 116 7.31 11.21 8.89
CA ALA H 116 7.97 10.39 7.87
C ALA H 116 9.22 11.08 7.34
N VAL H 117 9.03 12.25 6.80
CA VAL H 117 10.15 13.09 6.41
C VAL H 117 11.31 13.13 7.47
N SER H 118 10.99 13.57 8.67
CA SER H 118 11.91 13.56 9.83
C SER H 118 12.61 12.22 10.05
N MET H 119 11.86 11.14 9.98
CA MET H 119 12.51 9.83 10.03
C MET H 119 13.42 9.56 8.82
N PHE H 120 13.01 9.88 7.61
CA PHE H 120 13.92 9.64 6.50
C PHE H 120 15.25 10.23 6.92
N HIS H 121 15.27 11.50 7.30
CA HIS H 121 16.53 12.22 7.42
C HIS H 121 17.40 11.53 8.37
N TYR H 122 16.72 10.94 9.33
CA TYR H 122 17.44 10.35 10.42
C TYR H 122 17.96 9.01 10.00
N TYR H 123 17.35 8.43 8.96
CA TYR H 123 17.87 7.22 8.32
C TYR H 123 19.02 7.55 7.43
N ARG H 124 18.89 8.68 6.76
CA ARG H 124 20.01 9.24 5.98
C ARG H 124 21.22 9.66 6.83
N ASP H 125 21.00 10.45 7.89
CA ASP H 125 22.10 11.06 8.68
C ASP H 125 22.56 10.37 9.98
N ASN H 126 21.98 9.22 10.36
CA ASN H 126 22.34 8.54 11.61
C ASN H 126 22.90 7.12 11.41
N PRO H 127 24.13 6.92 11.81
CA PRO H 127 24.89 5.70 11.53
C PRO H 127 24.34 4.48 12.26
N ASN H 128 23.48 4.75 13.21
CA ASN H 128 22.86 3.67 13.92
C ASN H 128 21.75 3.12 13.09
N LEU H 129 21.45 3.81 12.00
CA LEU H 129 20.52 3.30 11.02
C LEU H 129 21.15 3.08 9.64
N PRO H 130 20.76 1.99 9.00
CA PRO H 130 21.09 1.68 7.61
C PRO H 130 20.51 2.74 6.66
N SER H 131 21.30 3.72 6.23
CA SER H 131 20.81 4.70 5.26
C SER H 131 20.00 4.15 4.08
N THR H 132 19.20 5.04 3.50
CA THR H 132 18.36 4.77 2.33
C THR H 132 18.56 5.99 1.41
N GLU H 133 18.65 5.81 0.10
CA GLU H 133 19.28 6.86 -0.72
C GLU H 133 18.27 7.88 -1.19
N THR H 134 17.09 7.38 -1.50
CA THR H 134 16.07 8.21 -2.06
C THR H 134 14.95 8.27 -1.07
N TRP H 135 14.36 9.44 -0.95
CA TRP H 135 13.28 9.62 -0.02
C TRP H 135 12.22 8.58 -0.28
N ALA H 136 11.93 8.40 -1.57
CA ALA H 136 10.84 7.52 -2.00
C ALA H 136 11.02 6.11 -1.46
N ALA H 137 12.26 5.67 -1.37
CA ALA H 137 12.56 4.36 -0.88
C ALA H 137 11.99 4.30 0.53
N PHE H 138 12.48 5.20 1.37
CA PHE H 138 12.03 5.28 2.75
C PHE H 138 10.51 5.24 2.89
N LEU H 139 9.80 6.07 2.12
CA LEU H 139 8.36 6.19 2.29
C LEU H 139 7.65 4.87 2.21
N GLU H 140 8.13 3.96 1.36
CA GLU H 140 7.43 2.71 1.16
C GLU H 140 7.61 1.82 2.36
N LEU H 141 8.72 1.98 3.07
CA LEU H 141 8.97 1.22 4.28
C LEU H 141 8.14 1.72 5.38
N PHE H 142 8.26 3.01 5.57
CA PHE H 142 7.46 3.69 6.56
C PHE H 142 6.05 3.15 6.34
N LEU H 143 5.54 3.39 5.15
CA LEU H 143 4.16 3.05 4.88
C LEU H 143 3.87 1.60 5.20
N LYS H 144 4.90 0.77 5.16
CA LYS H 144 4.74 -0.64 5.41
C LYS H 144 4.93 -0.89 6.88
N GLY H 145 5.57 0.08 7.54
CA GLY H 145 5.94 -0.03 8.94
C GLY H 145 7.30 -0.67 9.04
N ASP H 146 8.05 -0.67 7.95
CA ASP H 146 9.26 -1.44 7.94
C ASP H 146 10.34 -0.55 8.37
N VAL H 147 10.05 0.32 9.30
CA VAL H 147 11.07 1.14 9.96
C VAL H 147 11.26 0.74 11.44
N VAL H 148 12.29 1.27 12.08
CA VAL H 148 12.44 1.01 13.50
C VAL H 148 11.15 1.30 14.23
N TYR H 149 10.90 0.51 15.27
CA TYR H 149 9.66 0.62 16.03
C TYR H 149 8.38 0.54 15.23
N GLY H 150 8.40 -0.02 14.02
CA GLY H 150 7.17 -0.31 13.29
C GLY H 150 6.28 0.80 12.78
N SER H 151 5.04 0.43 12.48
CA SER H 151 4.09 1.33 11.85
C SER H 151 3.65 2.51 12.72
N TRP H 152 3.94 3.73 12.28
CA TRP H 152 3.50 4.87 13.02
C TRP H 152 2.07 4.53 13.39
N PHE H 153 1.32 4.22 12.37
CA PHE H 153 -0.11 4.01 12.54
C PHE H 153 -0.47 3.03 13.64
N ASP H 154 0.18 1.89 13.68
CA ASP H 154 -0.24 0.97 14.70
C ASP H 154 0.12 1.63 15.99
N HIS H 155 1.28 2.27 16.02
CA HIS H 155 1.75 2.88 17.23
C HIS H 155 0.72 3.79 17.84
N VAL H 156 0.30 4.74 17.05
CA VAL H 156 -0.54 5.79 17.53
C VAL H 156 -1.92 5.25 17.89
N LEU H 157 -2.34 4.24 17.16
CA LEU H 157 -3.66 3.68 17.42
C LEU H 157 -3.77 2.99 18.77
N SER H 158 -2.82 2.14 19.08
CA SER H 158 -2.97 1.26 20.20
C SER H 158 -2.82 2.08 21.45
N TRP H 159 -2.16 3.21 21.34
CA TRP H 159 -1.96 4.08 22.49
C TRP H 159 -3.17 4.89 22.64
N GLU H 160 -3.79 5.13 21.53
CA GLU H 160 -4.90 5.97 21.59
C GLU H 160 -6.06 5.21 22.18
N GLU H 161 -5.96 3.91 22.35
CA GLU H 161 -7.00 3.17 23.07
C GLU H 161 -7.13 3.61 24.52
N HIS H 162 -6.17 4.36 25.00
CA HIS H 162 -6.15 4.70 26.40
C HIS H 162 -6.06 6.20 26.60
N LYS H 163 -6.43 6.94 25.59
CA LYS H 163 -6.38 8.39 25.68
C LYS H 163 -7.36 8.93 26.71
N ASN H 164 -8.45 8.19 26.96
CA ASN H 164 -9.42 8.62 28.01
C ASN H 164 -9.22 7.99 29.40
N ASP H 165 -8.03 7.45 29.64
CA ASP H 165 -7.60 6.97 30.94
C ASP H 165 -7.13 8.13 31.77
N LYS H 166 -7.49 8.12 33.04
CA LYS H 166 -7.13 9.25 33.87
C LYS H 166 -5.60 9.53 33.77
N ASN H 167 -4.84 8.49 33.97
CA ASN H 167 -3.39 8.59 33.98
C ASN H 167 -2.76 8.80 32.61
N VAL H 168 -3.56 9.01 31.57
CA VAL H 168 -2.99 9.15 30.24
C VAL H 168 -3.25 10.52 29.68
N LEU H 169 -2.23 11.10 29.04
CA LEU H 169 -2.27 12.46 28.50
C LEU H 169 -1.62 12.48 27.15
N PHE H 170 -2.43 12.56 26.11
CA PHE H 170 -1.91 12.90 24.79
C PHE H 170 -1.48 14.41 24.74
N ILE H 171 -0.31 14.64 24.15
CA ILE H 171 0.17 15.97 23.72
C ILE H 171 0.45 16.05 22.18
N PHE H 172 0.15 17.16 21.51
CA PHE H 172 0.36 17.31 20.06
C PHE H 172 1.51 18.21 19.65
N TYR H 173 2.56 17.62 19.07
CA TYR H 173 3.73 18.36 18.58
C TYR H 173 3.32 19.73 18.07
N GLU H 174 2.36 19.70 17.19
CA GLU H 174 1.84 20.90 16.62
C GLU H 174 1.18 21.75 17.66
N GLU H 175 0.76 21.18 18.79
N GLU H 175 0.76 21.17 18.78
CA GLU H 175 0.23 22.00 19.86
CA GLU H 175 0.24 21.93 19.92
C GLU H 175 1.38 22.56 20.71
C GLU H 175 1.40 22.65 20.61
N MET H 176 2.61 22.13 20.40
CA MET H 176 3.79 22.66 21.08
C MET H 176 4.42 23.80 20.30
N LYS H 177 4.33 23.71 19.00
CA LYS H 177 4.86 24.74 18.16
C LYS H 177 3.94 25.97 18.24
N LYS H 178 2.65 25.71 18.52
CA LYS H 178 1.60 26.71 18.46
C LYS H 178 1.36 27.52 19.75
N ASP H 179 1.04 26.83 20.85
CA ASP H 179 0.72 27.51 22.10
C ASP H 179 1.31 26.66 23.20
N PHE H 180 2.64 26.72 23.26
CA PHE H 180 3.51 25.90 24.13
C PHE H 180 3.30 26.11 25.61
N VAL H 181 2.97 27.33 25.95
CA VAL H 181 2.59 27.63 27.28
C VAL H 181 1.30 26.88 27.59
N LYS H 182 0.34 27.06 26.71
CA LYS H 182 -0.95 26.48 26.87
C LYS H 182 -0.70 25.09 27.34
N SER H 183 -0.33 24.27 26.38
CA SER H 183 0.13 22.95 26.67
C SER H 183 0.84 22.93 27.97
N LEU H 184 2.02 23.51 27.98
CA LEU H 184 2.86 23.45 29.17
C LEU H 184 1.99 23.50 30.44
N LYS H 185 1.00 24.37 30.45
CA LYS H 185 -0.01 24.27 31.47
C LYS H 185 -0.59 22.89 31.38
N LYS H 186 -1.16 22.58 30.22
CA LYS H 186 -1.84 21.34 30.05
C LYS H 186 -1.05 20.30 30.76
N ILE H 187 0.25 20.25 30.45
CA ILE H 187 1.15 19.29 31.08
C ILE H 187 1.39 19.50 32.58
N THR H 188 1.73 20.72 32.97
CA THR H 188 1.89 21.02 34.39
C THR H 188 0.64 20.52 35.15
N ALA H 189 -0.54 20.76 34.56
CA ALA H 189 -1.82 20.31 35.12
C ALA H 189 -2.07 18.78 35.32
N PHE H 190 -1.46 17.94 34.47
CA PHE H 190 -1.52 16.46 34.55
C PHE H 190 -0.59 15.90 35.64
N LEU H 191 0.64 16.38 35.73
CA LEU H 191 1.55 15.78 36.67
C LEU H 191 1.40 16.33 38.10
N GLY H 192 0.38 17.15 38.33
CA GLY H 192 0.18 17.81 39.63
C GLY H 192 1.32 18.72 40.04
N ILE H 193 1.71 19.63 39.16
CA ILE H 193 2.76 20.55 39.52
C ILE H 193 2.38 21.92 39.03
N ASP H 194 2.20 22.80 39.98
CA ASP H 194 2.03 24.18 39.65
C ASP H 194 3.34 24.73 39.29
N VAL H 195 3.34 25.54 38.25
CA VAL H 195 4.49 26.32 37.91
C VAL H 195 3.92 27.68 37.55
N ASN H 196 4.63 28.76 37.87
CA ASN H 196 4.13 30.09 37.55
C ASN H 196 4.53 30.58 36.20
N ASP H 197 3.77 31.56 35.74
CA ASP H 197 4.03 32.18 34.46
C ASP H 197 5.50 32.54 34.43
N SER H 198 5.95 33.29 35.42
CA SER H 198 7.35 33.63 35.49
C SER H 198 8.18 32.40 35.17
N GLU H 199 7.81 31.29 35.77
CA GLU H 199 8.64 30.12 35.71
C GLU H 199 8.35 29.32 34.48
N MET H 200 7.13 29.40 33.97
CA MET H 200 6.81 28.75 32.70
C MET H 200 7.41 29.54 31.55
N ALA H 201 7.48 30.85 31.73
CA ALA H 201 8.06 31.75 30.74
C ALA H 201 9.50 31.40 30.58
N LYS H 202 10.16 31.31 31.72
CA LYS H 202 11.50 30.82 31.77
C LYS H 202 11.61 29.60 30.88
N ILE H 203 10.76 28.59 31.11
CA ILE H 203 10.89 27.29 30.43
C ILE H 203 10.81 27.41 28.93
N ALA H 204 9.82 28.20 28.50
CA ALA H 204 9.56 28.42 27.10
C ALA H 204 10.80 28.96 26.42
N ARG H 205 11.44 29.91 27.08
CA ARG H 205 12.71 30.48 26.64
C ARG H 205 13.68 29.31 26.33
N SER H 206 13.80 28.38 27.27
CA SER H 206 14.85 27.34 27.29
C SER H 206 14.62 26.05 26.47
N THR H 207 13.52 25.94 25.77
CA THR H 207 13.23 24.70 25.13
C THR H 207 12.81 25.01 23.72
N SER H 208 13.16 26.24 23.29
CA SER H 208 13.02 26.67 21.90
C SER H 208 14.03 25.94 21.02
N PHE H 209 13.59 25.62 19.81
CA PHE H 209 14.44 24.95 18.85
C PHE H 209 15.84 25.53 18.78
N SER H 210 15.97 26.71 18.18
CA SER H 210 17.30 27.26 17.95
C SER H 210 18.06 27.09 19.25
N GLU H 211 17.42 27.45 20.34
CA GLU H 211 18.02 27.38 21.64
C GLU H 211 18.52 25.99 21.97
N MET H 212 17.65 24.99 21.84
CA MET H 212 18.06 23.63 22.07
C MET H 212 19.14 23.17 21.08
N LYS H 213 18.98 23.51 19.80
CA LYS H 213 19.85 22.99 18.76
C LYS H 213 21.29 23.29 19.11
N SER H 214 21.48 24.37 19.87
CA SER H 214 22.79 24.69 20.44
C SER H 214 23.16 23.70 21.55
N ASN H 215 23.92 22.64 21.24
CA ASN H 215 24.26 21.70 22.29
C ASN H 215 25.34 20.68 21.99
N ALA H 216 26.26 20.55 22.96
CA ALA H 216 27.32 19.51 22.99
C ALA H 216 28.20 19.59 24.29
N ALA H 217 28.15 18.54 25.14
CA ALA H 217 29.06 18.36 26.32
C ALA H 217 28.63 17.25 27.32
N LYS H 218 28.04 17.68 28.44
CA LYS H 218 27.37 16.79 29.40
C LYS H 218 26.04 17.41 29.79
N ASP H 222 28.03 13.87 34.05
CA ASP H 222 29.25 13.97 33.26
C ASP H 222 29.13 13.09 31.99
N PRO H 223 28.81 11.81 32.17
CA PRO H 223 28.56 11.04 30.96
C PRO H 223 27.26 11.58 30.37
N ASN H 224 27.27 12.01 29.12
CA ASN H 224 26.05 12.51 28.50
C ASN H 224 24.89 11.55 28.82
N HIS H 225 23.65 12.02 28.65
CA HIS H 225 22.44 11.24 28.90
C HIS H 225 21.73 10.97 27.58
N VAL H 226 21.36 9.72 27.33
CA VAL H 226 20.59 9.36 26.15
C VAL H 226 19.13 9.10 26.53
N ILE H 227 18.25 9.64 25.72
CA ILE H 227 16.84 9.58 26.01
C ILE H 227 16.07 9.00 24.87
N CYS H 228 16.63 9.02 23.68
CA CYS H 228 16.06 8.23 22.60
C CYS H 228 17.07 7.15 22.28
N ALA H 229 16.60 5.91 22.29
CA ALA H 229 17.47 4.79 22.12
C ALA H 229 18.29 4.98 20.85
N LEU H 230 17.64 5.51 19.82
CA LEU H 230 18.28 5.61 18.52
C LEU H 230 19.28 6.72 18.44
N THR H 231 19.54 7.41 19.54
CA THR H 231 20.51 8.49 19.46
C THR H 231 21.64 8.35 20.49
N SER H 232 22.81 8.82 20.07
CA SER H 232 23.97 8.98 20.94
C SER H 232 24.37 10.47 20.95
N ASP H 233 24.29 11.11 19.79
CA ASP H 233 24.73 12.49 19.65
C ASP H 233 23.54 13.34 19.42
N ARG H 234 23.45 14.43 20.16
CA ARG H 234 22.26 15.27 20.13
C ARG H 234 22.23 16.37 19.04
N ASN H 235 23.32 16.62 18.36
CA ASN H 235 23.28 17.69 17.37
C ASN H 235 22.64 17.22 16.09
N LEU H 236 22.66 15.91 15.89
CA LEU H 236 21.98 15.31 14.75
C LEU H 236 20.50 15.68 14.74
N VAL H 237 19.88 15.84 15.90
CA VAL H 237 18.43 15.98 15.89
C VAL H 237 17.89 17.40 15.62
N PHE H 238 18.74 18.43 15.64
CA PHE H 238 18.24 19.78 15.31
C PHE H 238 18.44 20.09 13.83
N ARG H 239 17.49 19.56 13.06
CA ARG H 239 17.43 19.75 11.62
C ARG H 239 16.64 21.01 11.31
N LYS H 240 15.33 20.88 11.29
CA LYS H 240 14.51 22.06 11.07
C LYS H 240 13.62 22.38 12.27
N GLY H 241 12.75 21.43 12.64
CA GLY H 241 11.84 21.58 13.76
C GLY H 241 10.71 22.54 13.48
N VAL H 242 10.18 22.47 12.27
CA VAL H 242 8.97 23.22 11.88
C VAL H 242 7.87 22.24 11.49
N VAL H 243 6.67 22.77 11.31
CA VAL H 243 5.54 22.03 10.76
C VAL H 243 5.46 22.33 9.25
N GLY H 244 5.03 21.33 8.49
CA GLY H 244 4.71 21.49 7.08
C GLY H 244 5.76 21.11 6.04
N ASP H 245 6.90 20.61 6.49
CA ASP H 245 7.99 20.37 5.54
C ASP H 245 7.66 19.27 4.55
N TRP H 246 6.96 18.26 5.01
CA TRP H 246 6.58 17.16 4.13
C TRP H 246 6.23 17.73 2.76
N ILE H 247 5.69 18.93 2.72
CA ILE H 247 5.22 19.46 1.44
C ILE H 247 6.29 19.49 0.38
N ASN H 248 7.54 19.44 0.81
CA ASN H 248 8.60 19.49 -0.17
C ASN H 248 9.03 18.13 -0.65
N TYR H 249 8.49 17.08 -0.05
CA TYR H 249 8.87 15.73 -0.44
C TYR H 249 7.86 14.91 -1.22
N PHE H 250 6.61 14.85 -0.77
CA PHE H 250 5.59 14.00 -1.41
C PHE H 250 5.27 14.35 -2.86
N THR H 251 5.47 13.39 -3.75
CA THR H 251 5.02 13.61 -5.10
C THR H 251 3.53 13.53 -5.05
N PRO H 252 2.88 14.04 -6.09
CA PRO H 252 1.44 13.94 -6.03
C PRO H 252 1.01 12.53 -5.70
N LYS H 253 1.66 11.53 -6.23
CA LYS H 253 1.19 10.15 -6.07
C LYS H 253 1.36 9.55 -4.67
N GLN H 254 2.47 9.89 -4.01
CA GLN H 254 2.70 9.44 -2.66
C GLN H 254 1.69 10.03 -1.71
N ASN H 255 1.48 11.33 -1.78
CA ASN H 255 0.48 11.93 -0.95
C ASN H 255 -0.91 11.30 -1.08
N ARG H 256 -1.40 11.09 -2.29
CA ARG H 256 -2.73 10.48 -2.44
C ARG H 256 -2.77 9.12 -1.73
N GLY H 257 -1.72 8.34 -1.99
CA GLY H 257 -1.71 6.96 -1.55
C GLY H 257 -1.68 6.98 -0.04
N PHE H 258 -0.94 7.95 0.48
CA PHE H 258 -0.77 8.12 1.91
C PHE H 258 -2.13 8.42 2.47
N ASP H 259 -2.69 9.51 1.96
CA ASP H 259 -3.96 10.02 2.39
C ASP H 259 -4.99 8.91 2.32
N GLU H 260 -4.83 8.02 1.36
CA GLU H 260 -5.69 6.87 1.24
C GLU H 260 -5.44 5.89 2.37
N LEU H 261 -4.17 5.74 2.68
CA LEU H 261 -3.80 4.84 3.72
C LEU H 261 -4.20 5.39 5.04
N PHE H 262 -4.08 6.70 5.17
CA PHE H 262 -4.36 7.34 6.45
C PHE H 262 -5.81 7.24 6.72
N THR H 263 -6.58 7.56 5.72
CA THR H 263 -8.02 7.53 5.84
C THR H 263 -8.54 6.15 6.18
N GLU H 264 -8.02 5.17 5.48
CA GLU H 264 -8.43 3.82 5.71
C GLU H 264 -8.13 3.41 7.14
N LYS H 265 -6.90 3.63 7.57
CA LYS H 265 -6.52 3.24 8.92
C LYS H 265 -7.07 4.17 10.04
N MET H 266 -7.16 5.48 9.81
CA MET H 266 -7.59 6.41 10.88
C MET H 266 -9.04 6.86 10.76
N ARG H 267 -9.86 6.05 10.11
CA ARG H 267 -11.29 6.27 10.10
C ARG H 267 -11.65 6.63 11.50
N ASN H 268 -12.74 7.35 11.66
CA ASN H 268 -13.37 7.51 12.97
C ASN H 268 -12.44 8.02 14.08
N SER H 269 -11.14 8.21 13.78
CA SER H 269 -10.14 8.55 14.81
C SER H 269 -9.94 10.08 15.02
N ASP H 270 -10.30 10.57 16.20
CA ASP H 270 -10.46 12.01 16.40
C ASP H 270 -9.13 12.68 16.18
N VAL H 271 -8.17 12.15 16.93
CA VAL H 271 -6.79 12.47 16.72
C VAL H 271 -6.64 12.63 15.22
N GLY H 272 -6.53 11.51 14.53
CA GLY H 272 -6.34 11.51 13.10
C GLY H 272 -7.06 12.70 12.54
N ARG H 273 -8.29 12.86 13.00
CA ARG H 273 -9.12 13.93 12.55
C ARG H 273 -8.42 15.22 12.94
N CYS H 274 -8.10 15.33 14.22
CA CYS H 274 -7.46 16.52 14.74
C CYS H 274 -6.20 16.89 14.02
N LEU H 275 -5.42 15.91 13.60
CA LEU H 275 -4.16 16.22 12.94
C LEU H 275 -4.47 16.70 11.55
N LYS H 276 -5.74 16.59 11.19
CA LYS H 276 -6.20 17.07 9.92
C LYS H 276 -6.71 18.48 10.13
N GLU H 277 -7.39 18.73 11.26
CA GLU H 277 -7.78 20.09 11.62
C GLU H 277 -6.59 21.05 11.77
N TYR H 278 -5.39 20.45 11.75
CA TYR H 278 -4.12 21.16 11.72
C TYR H 278 -3.60 21.37 10.32
N ALA H 279 -3.57 20.29 9.56
CA ALA H 279 -2.97 20.33 8.24
C ALA H 279 -3.92 21.06 7.28
N HIS H 280 -5.15 21.26 7.73
CA HIS H 280 -6.07 22.11 6.98
C HIS H 280 -5.63 23.57 7.05
N SER H 281 -4.55 23.86 7.80
CA SER H 281 -3.85 25.14 7.64
C SER H 281 -2.39 24.92 7.24
N ALA H 282 -2.15 24.60 5.97
CA ALA H 282 -3.21 24.31 4.98
C ALA H 282 -2.76 23.25 4.00
N LEU I 4 -46.46 -0.33 44.35
CA LEU I 4 -46.41 -1.23 43.20
C LEU I 4 -45.12 -1.00 42.41
N LEU I 5 -44.50 -2.10 42.07
CA LEU I 5 -43.25 -2.08 41.37
C LEU I 5 -43.49 -2.87 40.12
N HIS I 6 -42.49 -2.87 39.26
CA HIS I 6 -42.65 -3.48 37.97
C HIS I 6 -41.28 -3.67 37.31
N LYS I 7 -41.23 -4.68 36.45
CA LYS I 7 -40.00 -5.29 35.92
C LYS I 7 -39.67 -4.83 34.50
N TYR I 8 -38.43 -4.42 34.24
CA TYR I 8 -37.99 -4.17 32.87
C TYR I 8 -36.65 -4.82 32.79
N MET I 9 -36.45 -5.63 31.76
CA MET I 9 -35.19 -6.35 31.61
C MET I 9 -34.80 -6.98 32.94
N GLY I 10 -35.81 -7.46 33.66
CA GLY I 10 -35.65 -8.17 34.92
C GLY I 10 -35.24 -7.35 36.14
N ILE I 11 -35.30 -6.01 36.03
CA ILE I 11 -35.05 -5.18 37.20
C ILE I 11 -36.32 -4.49 37.61
N PHE I 12 -36.45 -4.31 38.90
CA PHE I 12 -37.66 -3.77 39.42
C PHE I 12 -37.61 -2.32 39.29
N PHE I 13 -38.71 -1.76 38.86
CA PHE I 13 -38.87 -0.33 38.94
C PHE I 13 -40.25 -0.05 39.53
N SER I 14 -40.33 1.03 40.29
CA SER I 14 -41.56 1.74 40.60
C SER I 14 -42.45 1.96 39.36
N THR I 15 -43.77 1.85 39.50
CA THR I 15 -44.61 2.06 38.34
C THR I 15 -44.55 3.53 37.90
N MET I 16 -43.93 4.33 38.72
CA MET I 16 -43.80 5.72 38.39
C MET I 16 -42.74 6.00 37.31
N SER I 17 -41.97 4.99 36.94
CA SER I 17 -41.10 5.10 35.77
C SER I 17 -41.74 4.26 34.75
N SER I 18 -42.08 4.86 33.64
CA SER I 18 -42.94 4.16 32.75
C SER I 18 -42.04 3.30 31.97
N GLU I 19 -42.62 2.23 31.46
CA GLU I 19 -41.92 1.33 30.63
C GLU I 19 -41.59 1.98 29.30
N GLU I 20 -42.52 2.79 28.81
CA GLU I 20 -42.27 3.56 27.62
C GLU I 20 -40.94 4.31 27.78
N LEU I 21 -40.90 5.17 28.78
CA LEU I 21 -39.68 5.87 29.12
C LEU I 21 -38.47 4.89 29.16
N LEU I 22 -38.62 3.75 29.81
CA LEU I 22 -37.49 2.86 30.05
C LEU I 22 -37.07 2.20 28.76
N GLY I 23 -38.05 1.74 28.01
CA GLY I 23 -37.81 1.21 26.69
C GLY I 23 -37.17 2.19 25.74
N SER I 24 -37.27 3.46 26.06
CA SER I 24 -36.89 4.50 25.11
C SER I 24 -35.63 5.24 25.52
N LEU I 25 -35.04 4.84 26.63
CA LEU I 25 -33.88 5.54 27.14
C LEU I 25 -32.90 6.13 26.10
N ASP I 26 -32.63 5.41 25.02
CA ASP I 26 -31.51 5.81 24.17
C ASP I 26 -31.90 6.90 23.23
N SER I 27 -33.16 7.26 23.24
CA SER I 27 -33.60 8.39 22.45
C SER I 27 -33.28 9.76 23.10
N PHE I 28 -32.84 9.78 24.34
CA PHE I 28 -32.42 11.01 25.00
C PHE I 28 -31.17 11.63 24.43
N ASP I 29 -31.12 12.96 24.28
CA ASP I 29 -29.88 13.64 23.82
C ASP I 29 -28.95 14.26 24.91
N ALA I 30 -27.85 13.58 25.15
CA ALA I 30 -26.87 14.01 26.12
C ALA I 30 -26.19 15.28 25.64
N ARG I 31 -25.76 16.15 26.53
CA ARG I 31 -24.94 17.24 26.04
C ARG I 31 -23.61 16.94 26.59
N GLU I 32 -22.60 17.22 25.80
CA GLU I 32 -21.26 17.02 26.27
C GLU I 32 -21.21 17.47 27.69
N ASP I 33 -21.90 18.56 27.98
CA ASP I 33 -21.65 19.25 29.25
C ASP I 33 -22.55 18.75 30.34
N ASP I 34 -23.20 17.64 30.08
CA ASP I 34 -24.05 17.13 31.10
C ASP I 34 -23.26 16.42 32.21
N ILE I 35 -23.75 16.66 33.41
CA ILE I 35 -23.30 15.98 34.57
C ILE I 35 -24.33 15.02 35.06
N PHE I 36 -23.92 13.81 35.29
CA PHE I 36 -24.81 12.89 35.91
C PHE I 36 -24.27 12.54 37.27
N LEU I 37 -25.20 12.50 38.20
CA LEU I 37 -24.98 11.98 39.49
C LEU I 37 -25.75 10.69 39.58
N VAL I 38 -25.04 9.59 39.70
CA VAL I 38 -25.62 8.27 39.68
C VAL I 38 -25.41 7.55 41.01
N SER I 39 -26.36 6.70 41.42
CA SER I 39 -26.14 5.90 42.63
C SER I 39 -27.07 4.73 42.70
N TYR I 40 -26.65 3.73 43.39
CA TYR I 40 -27.60 2.79 43.76
C TYR I 40 -28.43 3.52 44.78
N PRO I 41 -29.68 3.14 44.91
CA PRO I 41 -30.53 3.89 45.84
C PRO I 41 -29.93 3.84 47.20
N LYS I 42 -30.41 4.69 48.08
CA LYS I 42 -30.01 4.74 49.48
C LYS I 42 -28.52 4.90 49.63
N SER I 43 -27.85 5.39 48.60
CA SER I 43 -26.39 5.40 48.66
C SER I 43 -25.78 6.80 48.87
N GLY I 44 -26.58 7.84 49.02
CA GLY I 44 -26.07 9.20 49.25
C GLY I 44 -26.62 10.23 48.26
N THR I 45 -27.48 9.70 47.42
CA THR I 45 -28.14 10.45 46.41
C THR I 45 -28.40 11.89 46.85
N HIS I 46 -29.34 12.03 47.75
CA HIS I 46 -29.84 13.32 48.09
C HIS I 46 -28.73 14.15 48.55
N TRP I 47 -27.96 13.50 49.38
CA TRP I 47 -26.86 14.16 49.94
C TRP I 47 -25.98 14.77 48.89
N LEU I 48 -25.53 13.94 47.97
CA LEU I 48 -24.68 14.44 46.89
C LEU I 48 -25.40 15.52 46.11
N ALA I 49 -26.71 15.39 45.96
CA ALA I 49 -27.46 16.38 45.19
C ALA I 49 -27.49 17.73 45.87
N GLU I 50 -28.02 17.78 47.08
CA GLU I 50 -28.05 19.07 47.72
C GLU I 50 -26.70 19.70 47.58
N VAL I 51 -25.69 18.95 47.96
CA VAL I 51 -24.30 19.38 47.85
C VAL I 51 -24.17 20.18 46.57
N ILE I 52 -24.08 19.42 45.49
CA ILE I 52 -24.07 20.01 44.18
C ILE I 52 -24.88 21.29 44.12
N GLU I 53 -26.04 21.33 44.76
CA GLU I 53 -26.98 22.39 44.43
C GLU I 53 -26.53 23.64 45.15
N ARG I 54 -25.88 23.44 46.28
CA ARG I 54 -25.53 24.57 47.06
C ARG I 54 -24.63 25.39 46.23
N ILE I 55 -23.60 24.73 45.72
CA ILE I 55 -22.59 25.43 44.99
C ILE I 55 -23.19 26.68 44.38
N PRO I 56 -22.51 27.83 44.58
CA PRO I 56 -22.95 29.19 44.33
C PRO I 56 -22.52 29.68 42.97
N ASP I 57 -23.46 29.80 42.06
CA ASP I 57 -23.16 30.44 40.81
C ASP I 57 -22.28 29.54 39.91
N ALA I 58 -22.77 28.33 39.64
CA ALA I 58 -22.04 27.36 38.83
C ALA I 58 -22.77 27.07 37.53
N GLY I 59 -23.97 27.64 37.43
CA GLY I 59 -24.68 27.72 36.16
C GLY I 59 -25.41 26.45 35.81
N ILE I 60 -25.51 25.59 36.80
CA ILE I 60 -26.07 24.27 36.61
C ILE I 60 -27.51 24.25 37.06
N THR I 61 -28.32 23.44 36.38
CA THR I 61 -29.71 23.26 36.82
C THR I 61 -29.91 21.81 37.18
N LEU I 62 -30.20 21.57 38.44
CA LEU I 62 -30.38 20.23 38.92
C LEU I 62 -31.75 19.75 38.55
N THR I 63 -31.82 18.64 37.86
CA THR I 63 -33.06 18.24 37.26
C THR I 63 -33.72 17.15 38.03
N SER I 64 -34.75 16.63 37.36
CA SER I 64 -35.52 15.56 37.89
C SER I 64 -34.92 14.27 37.37
N PRO I 65 -35.19 13.13 38.05
CA PRO I 65 -34.41 11.93 37.74
C PRO I 65 -34.65 11.52 36.33
N ILE I 66 -33.57 11.25 35.65
CA ILE I 66 -33.76 11.00 34.24
C ILE I 66 -34.77 9.92 34.07
N GLU I 67 -34.81 8.95 34.97
CA GLU I 67 -35.64 7.83 34.64
C GLU I 67 -37.03 8.05 35.16
N LEU I 68 -37.33 9.28 35.57
CA LEU I 68 -38.65 9.52 36.13
C LEU I 68 -39.67 9.92 35.06
N GLY I 69 -40.81 9.24 35.03
CA GLY I 69 -41.97 9.73 34.31
C GLY I 69 -42.44 9.13 33.00
N ASP I 70 -42.70 10.06 32.04
CA ASP I 70 -43.30 9.83 30.74
C ASP I 70 -42.27 10.03 29.63
N ILE I 71 -42.61 9.63 28.40
CA ILE I 71 -41.75 9.96 27.25
C ILE I 71 -41.51 11.46 27.17
N SER I 72 -42.20 12.23 27.99
CA SER I 72 -42.15 13.68 27.92
C SER I 72 -40.96 14.19 28.68
N LYS I 73 -40.40 13.31 29.50
CA LYS I 73 -39.40 13.70 30.44
C LYS I 73 -38.23 14.28 29.67
N PHE I 74 -37.87 13.60 28.61
CA PHE I 74 -36.75 14.05 27.83
C PHE I 74 -37.17 15.40 27.40
N GLU I 75 -38.18 15.40 26.55
CA GLU I 75 -38.71 16.64 26.07
C GLU I 75 -38.50 17.65 27.21
N GLU I 76 -38.92 17.31 28.42
CA GLU I 76 -38.69 18.22 29.54
C GLU I 76 -37.20 18.50 29.72
N LEU I 77 -36.44 17.44 29.70
CA LEU I 77 -35.01 17.59 29.73
C LEU I 77 -34.60 18.59 28.71
N LYS I 78 -34.94 18.28 27.48
CA LYS I 78 -34.56 19.10 26.33
C LYS I 78 -34.66 20.60 26.57
N ARG I 79 -35.67 21.01 27.35
CA ARG I 79 -35.98 22.44 27.63
C ARG I 79 -35.17 23.13 28.71
N ILE I 80 -34.21 22.44 29.25
CA ILE I 80 -33.35 23.05 30.22
C ILE I 80 -32.21 23.63 29.45
N PRO I 81 -32.13 24.94 29.45
CA PRO I 81 -31.10 25.72 28.81
C PRO I 81 -29.81 25.81 29.54
N LYS I 82 -29.80 25.81 30.87
CA LYS I 82 -28.51 25.90 31.55
C LYS I 82 -27.82 24.53 31.61
N ARG I 83 -26.69 24.48 32.30
CA ARG I 83 -25.96 23.26 32.36
C ARG I 83 -26.71 22.34 33.25
N ARG I 84 -26.98 21.15 32.74
CA ARG I 84 -27.82 20.16 33.44
C ARG I 84 -27.05 19.19 34.34
N ALA I 85 -27.53 18.96 35.57
CA ALA I 85 -27.00 17.85 36.39
C ALA I 85 -28.11 16.86 36.65
N ILE I 86 -27.94 15.65 36.19
CA ILE I 86 -29.08 14.75 36.12
C ILE I 86 -28.89 13.51 36.94
N PRO I 87 -29.82 13.21 37.80
CA PRO I 87 -29.70 12.06 38.68
C PRO I 87 -30.42 10.89 38.11
N THR I 88 -29.94 9.68 38.43
CA THR I 88 -30.60 8.48 37.96
C THR I 88 -30.12 7.35 38.84
N HIS I 89 -30.91 6.32 39.06
CA HIS I 89 -30.38 5.18 39.74
C HIS I 89 -30.15 4.10 38.67
N LEU I 90 -30.01 4.51 37.42
CA LEU I 90 -29.84 3.57 36.32
C LEU I 90 -28.53 2.81 36.33
N ASN I 91 -28.55 1.58 35.85
CA ASN I 91 -27.32 0.80 35.76
C ASN I 91 -26.64 1.20 34.45
N TYR I 92 -25.44 0.71 34.24
CA TYR I 92 -24.65 1.19 33.15
C TYR I 92 -25.36 0.96 31.83
N GLU I 93 -25.77 -0.28 31.59
CA GLU I 93 -26.30 -0.65 30.30
C GLU I 93 -27.41 0.23 29.92
N MET I 94 -28.27 0.49 30.90
CA MET I 94 -29.51 1.15 30.58
C MET I 94 -29.28 2.61 30.39
N LEU I 95 -28.14 3.08 30.85
CA LEU I 95 -27.79 4.47 30.67
C LEU I 95 -27.79 4.85 29.19
N PRO I 96 -28.38 6.01 28.85
CA PRO I 96 -28.42 6.39 27.46
C PRO I 96 -27.09 6.36 26.80
N VAL I 97 -27.13 5.74 25.65
CA VAL I 97 -25.95 5.49 24.87
C VAL I 97 -25.28 6.79 24.46
N THR I 98 -26.03 7.84 24.42
CA THR I 98 -25.46 9.06 23.88
C THR I 98 -24.68 9.78 25.05
N VAL I 99 -25.10 9.49 26.28
CA VAL I 99 -24.34 9.93 27.44
C VAL I 99 -22.96 9.28 27.45
N LYS I 100 -22.93 7.98 27.15
CA LYS I 100 -21.70 7.22 27.14
C LYS I 100 -20.78 7.68 26.01
N GLN I 101 -21.32 7.98 24.84
CA GLN I 101 -20.49 8.43 23.72
C GLN I 101 -20.03 9.84 23.95
N LYS I 102 -20.86 10.64 24.60
CA LYS I 102 -20.55 12.05 24.75
C LYS I 102 -19.52 12.29 25.80
N GLN I 103 -19.34 11.32 26.70
CA GLN I 103 -18.40 11.43 27.83
C GLN I 103 -18.80 12.50 28.80
N CYS I 104 -20.09 12.51 29.09
CA CYS I 104 -20.60 13.38 30.09
C CYS I 104 -19.96 13.01 31.39
N LYS I 105 -19.74 13.99 32.25
CA LYS I 105 -19.20 13.65 33.53
C LYS I 105 -20.25 12.96 34.34
N ILE I 106 -19.77 12.04 35.15
CA ILE I 106 -20.55 11.21 36.04
C ILE I 106 -19.88 11.32 37.35
N ILE I 107 -20.65 11.49 38.39
CA ILE I 107 -20.14 11.31 39.70
C ILE I 107 -20.95 10.18 40.22
N TYR I 108 -20.30 9.11 40.65
CA TYR I 108 -21.02 7.91 41.05
C TYR I 108 -20.78 7.72 42.51
N ILE I 109 -21.84 7.79 43.32
CA ILE I 109 -21.67 7.68 44.74
C ILE I 109 -21.98 6.23 45.24
N VAL I 110 -21.15 5.79 46.16
CA VAL I 110 -21.16 4.40 46.57
C VAL I 110 -21.00 4.25 48.10
N ARG I 111 -21.77 3.34 48.67
CA ARG I 111 -21.78 3.15 50.12
C ARG I 111 -21.66 1.63 50.40
N ASN I 112 -21.06 1.24 51.50
CA ASN I 112 -20.85 -0.19 51.63
C ASN I 112 -22.24 -0.75 51.60
N PRO I 113 -22.38 -2.00 51.19
CA PRO I 113 -23.65 -2.64 50.91
C PRO I 113 -24.46 -3.04 52.12
N LYS I 114 -23.85 -3.18 53.30
CA LYS I 114 -24.66 -3.57 54.45
C LYS I 114 -25.45 -2.38 54.98
N ASP I 115 -24.74 -1.27 55.24
CA ASP I 115 -25.42 -0.02 55.54
C ASP I 115 -26.53 0.29 54.55
N THR I 116 -26.23 0.14 53.26
CA THR I 116 -27.20 0.42 52.15
C THR I 116 -28.48 -0.45 52.18
N ALA I 117 -28.30 -1.74 52.34
CA ALA I 117 -29.42 -2.64 52.44
C ALA I 117 -30.27 -2.30 53.64
N VAL I 118 -29.61 -2.07 54.78
CA VAL I 118 -30.31 -1.66 56.02
C VAL I 118 -31.10 -0.35 55.79
N SER I 119 -30.48 0.64 55.16
CA SER I 119 -31.19 1.88 54.86
C SER I 119 -32.33 1.64 53.88
N MET I 120 -32.12 0.75 52.91
CA MET I 120 -33.17 0.42 52.00
C MET I 120 -34.32 -0.27 52.69
N PHE I 121 -33.99 -1.10 53.64
CA PHE I 121 -35.04 -1.91 54.19
C PHE I 121 -36.03 -0.99 54.82
N HIS I 122 -35.58 0.14 55.31
CA HIS I 122 -36.52 1.01 56.02
C HIS I 122 -37.28 1.81 55.09
N TYR I 123 -36.65 2.00 53.95
CA TYR I 123 -37.25 2.76 52.94
C TYR I 123 -38.43 1.99 52.41
N TYR I 124 -38.32 0.68 52.28
CA TYR I 124 -39.46 -0.08 51.73
C TYR I 124 -40.64 0.07 52.66
N ARG I 125 -40.28 0.14 53.92
CA ARG I 125 -41.19 -0.02 55.03
C ARG I 125 -41.79 1.32 55.45
N ASP I 126 -41.08 2.40 55.22
CA ASP I 126 -41.57 3.71 55.60
C ASP I 126 -42.09 4.43 54.38
N ASN I 127 -41.73 3.90 53.22
CA ASN I 127 -42.09 4.50 51.94
C ASN I 127 -43.25 3.77 51.32
N PRO I 128 -44.33 4.52 51.18
CA PRO I 128 -45.58 3.99 50.65
C PRO I 128 -45.52 3.56 49.18
N ASN I 129 -44.49 4.02 48.50
CA ASN I 129 -44.29 3.66 47.11
C ASN I 129 -43.56 2.36 46.91
N LEU I 130 -43.21 1.67 47.98
CA LEU I 130 -42.44 0.46 47.90
C LEU I 130 -43.14 -0.62 48.68
N PRO I 131 -43.20 -1.84 48.12
CA PRO I 131 -43.94 -2.84 48.89
C PRO I 131 -43.25 -2.99 50.21
N SER I 132 -43.93 -2.82 51.32
CA SER I 132 -43.26 -3.07 52.59
C SER I 132 -43.07 -4.58 52.82
N THR I 133 -41.98 -4.96 53.49
CA THR I 133 -41.74 -6.32 53.99
C THR I 133 -41.84 -6.34 55.54
N GLU I 134 -42.45 -7.39 56.12
CA GLU I 134 -42.60 -7.41 57.56
C GLU I 134 -41.23 -7.33 58.20
N THR I 135 -40.33 -8.20 57.73
CA THR I 135 -39.08 -8.47 58.41
C THR I 135 -37.90 -8.20 57.53
N TRP I 136 -36.88 -7.69 58.17
CA TRP I 136 -35.56 -7.50 57.63
C TRP I 136 -35.14 -8.76 56.89
N ALA I 137 -35.06 -9.87 57.63
CA ALA I 137 -34.84 -11.20 57.06
C ALA I 137 -35.46 -11.37 55.70
N ALA I 138 -36.77 -11.26 55.61
CA ALA I 138 -37.34 -11.40 54.31
C ALA I 138 -36.61 -10.35 53.45
N PHE I 139 -36.46 -9.13 53.92
CA PHE I 139 -35.92 -8.12 52.99
C PHE I 139 -34.54 -8.43 52.50
N LEU I 140 -33.76 -8.96 53.40
CA LEU I 140 -32.40 -9.14 53.07
C LEU I 140 -32.33 -10.20 52.01
N GLU I 141 -33.22 -11.18 52.06
CA GLU I 141 -33.06 -12.27 51.13
C GLU I 141 -33.36 -11.74 49.76
N LEU I 142 -34.37 -10.89 49.67
CA LEU I 142 -34.59 -10.15 48.43
C LEU I 142 -33.37 -9.38 47.97
N PHE I 143 -32.82 -8.61 48.88
CA PHE I 143 -31.69 -7.80 48.55
C PHE I 143 -30.67 -8.62 47.83
N LEU I 144 -30.47 -9.82 48.37
CA LEU I 144 -29.43 -10.75 47.92
C LEU I 144 -29.67 -11.27 46.51
N LYS I 145 -30.90 -11.54 46.14
CA LYS I 145 -31.19 -11.98 44.80
C LYS I 145 -31.32 -10.81 43.82
N GLY I 146 -31.05 -9.60 44.26
CA GLY I 146 -31.25 -8.44 43.43
C GLY I 146 -32.69 -8.18 43.02
N ASP I 147 -33.66 -8.68 43.77
CA ASP I 147 -35.06 -8.40 43.47
C ASP I 147 -35.60 -7.24 44.32
N VAL I 148 -34.75 -6.24 44.53
CA VAL I 148 -35.17 -4.91 44.96
C VAL I 148 -35.28 -4.00 43.73
N VAL I 149 -35.94 -2.87 43.89
CA VAL I 149 -36.05 -1.91 42.81
C VAL I 149 -34.65 -1.56 42.37
N TYR I 150 -34.42 -1.33 41.08
CA TYR I 150 -33.09 -1.04 40.60
C TYR I 150 -32.14 -2.21 40.62
N GLY I 151 -32.55 -3.34 41.18
CA GLY I 151 -31.85 -4.59 40.93
C GLY I 151 -30.74 -4.97 41.89
N SER I 152 -29.79 -5.80 41.45
CA SER I 152 -28.69 -6.26 42.30
C SER I 152 -27.65 -5.20 42.58
N TRP I 153 -27.44 -4.86 43.84
CA TRP I 153 -26.51 -3.79 44.15
C TRP I 153 -25.17 -4.11 43.53
N PHE I 154 -24.87 -5.40 43.41
CA PHE I 154 -23.56 -5.86 42.97
C PHE I 154 -23.34 -5.67 41.51
N ASP I 155 -24.30 -6.13 40.70
CA ASP I 155 -24.26 -5.85 39.29
C ASP I 155 -24.17 -4.35 39.05
N HIS I 156 -24.84 -3.58 39.90
CA HIS I 156 -24.90 -2.13 39.73
C HIS I 156 -23.53 -1.56 39.79
N VAL I 157 -22.79 -1.99 40.78
CA VAL I 157 -21.60 -1.25 41.14
C VAL I 157 -20.48 -1.68 40.19
N LEU I 158 -20.50 -2.95 39.84
CA LEU I 158 -19.54 -3.47 38.88
C LEU I 158 -19.72 -2.73 37.60
N SER I 159 -20.90 -2.83 37.02
CA SER I 159 -21.19 -2.18 35.75
C SER I 159 -20.55 -0.84 35.71
N TRP I 160 -20.67 -0.10 36.79
CA TRP I 160 -20.18 1.25 36.73
C TRP I 160 -18.69 1.25 36.91
N GLU I 161 -18.18 0.40 37.76
CA GLU I 161 -16.75 0.43 38.07
C GLU I 161 -15.88 0.11 36.86
N GLU I 162 -16.37 -0.83 36.07
CA GLU I 162 -16.00 -0.98 34.68
C GLU I 162 -15.37 0.30 34.10
N HIS I 163 -15.84 1.45 34.58
CA HIS I 163 -15.46 2.76 34.01
C HIS I 163 -14.77 3.77 34.92
N LYS I 164 -14.15 3.34 36.00
CA LYS I 164 -13.63 4.30 37.01
C LYS I 164 -12.35 5.01 36.61
N ASN I 165 -11.62 4.46 35.64
CA ASN I 165 -10.38 5.11 35.24
C ASN I 165 -10.58 6.12 34.17
N ASP I 166 -11.83 6.27 33.74
CA ASP I 166 -12.17 7.23 32.75
C ASP I 166 -12.06 8.59 33.33
N LYS I 167 -11.48 9.47 32.54
CA LYS I 167 -11.33 10.85 32.92
C LYS I 167 -12.62 11.50 33.33
N ASN I 168 -13.68 11.26 32.58
CA ASN I 168 -14.89 12.01 32.77
C ASN I 168 -15.57 11.44 33.94
N VAL I 169 -14.92 10.50 34.64
CA VAL I 169 -15.63 9.75 35.68
C VAL I 169 -15.05 9.84 37.09
N LEU I 170 -15.94 9.86 38.10
CA LEU I 170 -15.51 10.01 39.50
C LEU I 170 -16.28 9.18 40.50
N PHE I 171 -15.57 8.30 41.20
CA PHE I 171 -16.16 7.60 42.31
C PHE I 171 -16.00 8.35 43.64
N ILE I 172 -17.11 8.55 44.35
CA ILE I 172 -17.05 9.04 45.69
C ILE I 172 -17.70 8.03 46.62
N PHE I 173 -17.16 7.89 47.82
CA PHE I 173 -17.69 6.92 48.79
C PHE I 173 -18.54 7.53 49.93
N TYR I 174 -19.68 6.92 50.22
CA TYR I 174 -20.53 7.39 51.31
C TYR I 174 -19.63 7.71 52.48
N GLU I 175 -18.96 6.67 52.90
CA GLU I 175 -18.04 6.69 54.01
C GLU I 175 -16.97 7.77 54.00
N GLU I 176 -16.60 8.29 52.83
CA GLU I 176 -15.56 9.31 52.74
C GLU I 176 -16.15 10.69 52.92
N MET I 177 -17.44 10.78 52.63
CA MET I 177 -18.14 12.01 52.79
C MET I 177 -18.54 12.22 54.23
N LYS I 178 -18.72 11.10 54.95
CA LYS I 178 -18.88 11.16 56.39
C LYS I 178 -17.52 11.50 57.03
N LYS I 179 -16.54 10.63 56.76
CA LYS I 179 -15.25 10.82 57.37
C LYS I 179 -14.75 12.25 57.09
N ASP I 180 -14.50 12.59 55.84
CA ASP I 180 -13.78 13.79 55.54
C ASP I 180 -14.43 14.37 54.37
N PHE I 181 -15.34 15.28 54.64
CA PHE I 181 -16.21 15.82 53.63
C PHE I 181 -15.51 16.77 52.67
N VAL I 182 -14.72 17.65 53.25
CA VAL I 182 -14.05 18.67 52.48
C VAL I 182 -13.14 18.02 51.50
N LYS I 183 -12.39 17.07 52.03
CA LYS I 183 -11.53 16.31 51.20
C LYS I 183 -12.40 15.87 50.10
N SER I 184 -13.57 15.40 50.48
CA SER I 184 -14.47 14.93 49.50
C SER I 184 -14.76 16.01 48.54
N LEU I 185 -15.27 17.10 49.06
CA LEU I 185 -15.80 18.12 48.21
C LEU I 185 -14.79 18.73 47.28
N LYS I 186 -13.62 18.97 47.81
CA LYS I 186 -12.50 19.38 47.00
C LYS I 186 -12.35 18.48 45.80
N LYS I 187 -12.49 17.19 46.06
CA LYS I 187 -12.30 16.15 45.07
C LYS I 187 -13.27 16.45 43.99
N ILE I 188 -14.46 16.88 44.41
CA ILE I 188 -15.56 17.19 43.49
C ILE I 188 -15.42 18.50 42.73
N THR I 189 -15.32 19.60 43.47
CA THR I 189 -15.21 20.87 42.81
C THR I 189 -14.14 20.66 41.81
N ALA I 190 -13.05 20.07 42.30
CA ALA I 190 -11.86 19.83 41.53
C ALA I 190 -12.17 18.89 40.36
N PHE I 191 -12.98 17.84 40.56
CA PHE I 191 -13.44 17.07 39.40
C PHE I 191 -14.07 18.07 38.50
N LEU I 192 -14.83 18.97 39.08
CA LEU I 192 -15.51 19.91 38.24
C LEU I 192 -14.67 21.13 37.87
N GLY I 193 -13.39 21.14 38.24
CA GLY I 193 -12.55 22.25 37.83
C GLY I 193 -13.30 23.48 38.24
N ILE I 194 -13.92 23.35 39.40
CA ILE I 194 -14.55 24.49 39.98
C ILE I 194 -13.70 24.87 41.17
N ASP I 195 -12.96 25.92 40.96
CA ASP I 195 -12.34 26.54 42.08
C ASP I 195 -13.47 26.71 43.07
N VAL I 196 -13.19 26.41 44.34
CA VAL I 196 -13.98 26.96 45.45
C VAL I 196 -13.10 27.05 46.71
N ASN I 197 -13.13 28.22 47.35
CA ASN I 197 -12.22 28.48 48.44
C ASN I 197 -12.81 28.03 49.75
N ASP I 198 -11.93 27.97 50.73
CA ASP I 198 -12.21 27.36 52.01
C ASP I 198 -13.43 27.94 52.74
N SER I 199 -13.45 29.26 52.89
CA SER I 199 -14.59 29.93 53.49
C SER I 199 -15.90 29.39 52.94
N GLU I 200 -15.94 29.19 51.63
CA GLU I 200 -17.17 28.74 50.97
C GLU I 200 -17.44 27.27 51.19
N MET I 201 -16.37 26.50 51.09
CA MET I 201 -16.55 25.09 51.28
C MET I 201 -17.21 25.01 52.65
N ALA I 202 -16.61 25.64 53.65
CA ALA I 202 -17.14 25.55 55.01
C ALA I 202 -18.63 25.78 55.02
N LYS I 203 -19.03 26.92 54.51
CA LYS I 203 -20.42 27.26 54.47
C LYS I 203 -21.21 26.02 54.11
N ILE I 204 -20.89 25.50 52.95
CA ILE I 204 -21.55 24.33 52.44
C ILE I 204 -21.61 23.25 53.49
N ALA I 205 -20.46 22.84 53.96
CA ALA I 205 -20.41 21.76 54.93
C ALA I 205 -21.48 22.04 55.93
N ARG I 206 -21.41 23.26 56.43
CA ARG I 206 -22.31 23.73 57.45
C ARG I 206 -23.68 23.36 57.00
N SER I 207 -23.99 23.72 55.78
CA SER I 207 -25.38 23.61 55.37
C SER I 207 -25.83 22.20 54.92
N THR I 208 -24.89 21.28 54.67
CA THR I 208 -25.25 19.93 54.22
C THR I 208 -24.99 18.82 55.22
N SER I 209 -24.82 19.20 56.48
N SER I 209 -24.79 19.19 56.48
CA SER I 209 -24.76 18.23 57.57
CA SER I 209 -24.74 18.20 57.54
C SER I 209 -26.08 17.46 57.65
C SER I 209 -26.06 17.46 57.64
N PHE I 210 -26.03 16.17 57.96
CA PHE I 210 -27.26 15.39 58.12
C PHE I 210 -28.37 16.14 58.86
N SER I 211 -28.06 16.68 60.04
CA SER I 211 -29.08 17.31 60.89
C SER I 211 -29.72 18.46 60.17
N GLU I 212 -28.87 19.28 59.59
CA GLU I 212 -29.32 20.37 58.79
C GLU I 212 -30.26 19.91 57.70
N MET I 213 -29.73 19.18 56.73
CA MET I 213 -30.55 18.68 55.65
C MET I 213 -31.76 18.00 56.25
N LYS I 214 -31.63 17.47 57.46
CA LYS I 214 -32.83 16.90 58.07
C LYS I 214 -33.82 17.97 58.41
N SER I 215 -33.43 19.23 58.32
CA SER I 215 -34.24 20.29 58.88
C SER I 215 -35.20 20.98 57.88
N ASN I 216 -35.54 20.30 56.79
CA ASN I 216 -36.40 20.89 55.77
C ASN I 216 -37.91 20.71 55.98
N ALA I 217 -38.68 21.43 55.17
CA ALA I 217 -40.09 21.13 54.91
C ALA I 217 -40.72 22.28 54.08
N ALA I 218 -40.81 22.10 52.76
CA ALA I 218 -41.49 23.07 51.87
C ALA I 218 -41.30 22.77 50.37
N LYS I 219 -40.53 23.65 49.72
CA LYS I 219 -40.33 23.62 48.27
C LYS I 219 -38.84 23.75 47.95
N ASN I 221 -35.81 27.12 44.96
CA ASN I 221 -35.54 28.27 44.09
C ASN I 221 -36.78 28.72 43.25
N CYS I 222 -37.94 28.09 43.48
CA CYS I 222 -39.26 28.60 43.05
C CYS I 222 -40.38 27.87 43.83
N ASP I 223 -41.53 27.61 43.21
CA ASP I 223 -42.60 26.92 43.95
C ASP I 223 -42.36 25.43 44.21
N PRO I 224 -42.08 24.69 43.11
CA PRO I 224 -42.07 23.23 43.16
C PRO I 224 -41.29 22.60 44.30
N ASN I 225 -41.59 21.34 44.49
CA ASN I 225 -40.77 20.45 45.26
C ASN I 225 -39.99 19.61 44.25
N HIS I 226 -38.73 19.98 44.04
CA HIS I 226 -37.90 19.33 43.04
C HIS I 226 -37.44 18.00 43.59
N VAL I 227 -37.97 16.92 43.01
CA VAL I 227 -37.53 15.56 43.36
C VAL I 227 -36.22 15.24 42.70
N ILE I 228 -35.39 14.51 43.43
CA ILE I 228 -34.13 14.00 42.90
C ILE I 228 -33.97 12.48 42.98
N CYS I 229 -34.88 11.75 43.62
CA CYS I 229 -34.76 10.28 43.63
C CYS I 229 -36.08 9.70 43.20
N ALA I 230 -36.10 9.10 42.02
CA ALA I 230 -37.35 8.63 41.42
C ALA I 230 -38.26 7.94 42.45
N LEU I 231 -37.67 7.38 43.51
CA LEU I 231 -38.48 6.59 44.45
C LEU I 231 -39.28 7.45 45.42
N THR I 232 -38.81 8.66 45.67
CA THR I 232 -39.30 9.36 46.82
C THR I 232 -40.02 10.66 46.49
N SER I 233 -41.29 10.66 46.88
CA SER I 233 -42.13 11.83 46.81
C SER I 233 -41.91 12.66 48.07
N ASP I 234 -41.30 12.03 49.07
CA ASP I 234 -41.29 12.54 50.44
C ASP I 234 -39.89 12.70 51.03
N ARG I 235 -39.23 13.81 50.70
CA ARG I 235 -37.85 14.03 51.15
C ARG I 235 -37.70 13.81 52.61
N ASN I 236 -38.74 14.12 53.37
CA ASN I 236 -38.60 13.94 54.78
C ASN I 236 -38.34 12.45 55.13
N LEU I 237 -38.65 11.52 54.21
CA LEU I 237 -38.43 10.08 54.48
C LEU I 237 -37.01 9.55 54.30
N VAL I 238 -36.04 10.38 53.88
CA VAL I 238 -34.69 9.86 53.64
C VAL I 238 -33.68 10.10 54.75
N PHE I 239 -34.00 10.95 55.69
CA PHE I 239 -33.07 11.23 56.78
C PHE I 239 -33.29 10.41 58.00
N ARG I 240 -32.75 9.19 57.97
CA ARG I 240 -32.97 8.24 59.03
C ARG I 240 -31.92 8.38 60.11
N LYS I 241 -30.72 7.87 59.90
CA LYS I 241 -29.68 8.05 60.90
C LYS I 241 -28.58 8.96 60.34
N GLY I 242 -27.96 8.53 59.24
CA GLY I 242 -26.95 9.34 58.58
C GLY I 242 -25.61 8.96 59.14
N VAL I 243 -25.46 7.66 59.40
CA VAL I 243 -24.27 7.17 60.06
C VAL I 243 -23.72 5.97 59.31
N VAL I 244 -22.43 5.67 59.52
CA VAL I 244 -21.82 4.43 58.96
C VAL I 244 -21.84 3.25 59.93
N GLY I 245 -22.35 2.09 59.48
CA GLY I 245 -22.24 0.85 60.24
C GLY I 245 -23.51 0.34 60.92
N ASP I 246 -24.63 0.93 60.58
CA ASP I 246 -25.85 0.51 61.15
C ASP I 246 -26.11 -0.96 61.00
N TRP I 247 -25.44 -1.61 60.06
CA TRP I 247 -25.85 -2.96 59.69
C TRP I 247 -25.54 -3.99 60.79
N ILE I 248 -24.52 -3.74 61.58
CA ILE I 248 -24.27 -4.69 62.66
C ILE I 248 -25.49 -4.88 63.58
N ASN I 249 -26.29 -3.83 63.74
CA ASN I 249 -27.45 -3.86 64.60
C ASN I 249 -28.45 -4.81 64.04
N TYR I 250 -28.27 -5.20 62.80
CA TYR I 250 -29.27 -6.01 62.17
C TYR I 250 -28.74 -7.31 61.86
N PHE I 251 -27.53 -7.32 61.38
CA PHE I 251 -27.07 -8.54 60.82
C PHE I 251 -26.93 -9.56 61.94
N THR I 252 -27.45 -10.76 61.66
CA THR I 252 -27.14 -11.90 62.46
C THR I 252 -26.07 -12.66 61.73
N PRO I 253 -25.27 -13.35 62.54
CA PRO I 253 -24.02 -13.95 62.09
C PRO I 253 -24.18 -14.97 60.96
N LYS I 254 -25.32 -15.62 60.84
CA LYS I 254 -25.51 -16.45 59.69
C LYS I 254 -25.86 -15.59 58.46
N GLN I 255 -26.46 -14.42 58.71
CA GLN I 255 -26.85 -13.58 57.60
C GLN I 255 -25.61 -12.98 57.14
N ASN I 256 -24.82 -12.53 58.09
CA ASN I 256 -23.56 -11.97 57.74
C ASN I 256 -22.68 -12.92 56.89
N ARG I 257 -22.66 -14.21 57.29
CA ARG I 257 -21.91 -15.23 56.58
C ARG I 257 -22.42 -15.28 55.17
N GLY I 258 -23.68 -15.68 55.01
CA GLY I 258 -24.21 -15.80 53.69
C GLY I 258 -23.84 -14.59 52.81
N PHE I 259 -23.58 -13.45 53.44
CA PHE I 259 -23.40 -12.24 52.65
C PHE I 259 -22.03 -12.04 52.14
N ASP I 260 -21.08 -12.11 53.04
CA ASP I 260 -19.71 -11.90 52.67
C ASP I 260 -19.30 -12.91 51.62
N GLU I 261 -19.85 -14.10 51.75
CA GLU I 261 -19.58 -15.11 50.77
C GLU I 261 -20.10 -14.61 49.46
N LEU I 262 -21.35 -14.21 49.48
CA LEU I 262 -21.93 -13.73 48.28
C LEU I 262 -21.08 -12.63 47.77
N PHE I 263 -20.90 -11.61 48.60
CA PHE I 263 -20.04 -10.49 48.27
C PHE I 263 -18.81 -11.01 47.59
N THR I 264 -18.31 -12.18 48.02
CA THR I 264 -17.02 -12.66 47.56
C THR I 264 -17.07 -13.26 46.18
N GLU I 265 -18.16 -13.95 45.91
CA GLU I 265 -18.27 -14.54 44.61
C GLU I 265 -18.71 -13.54 43.59
N LYS I 266 -19.45 -12.56 44.06
CA LYS I 266 -19.94 -11.55 43.14
C LYS I 266 -18.84 -10.57 42.86
N MET I 267 -18.03 -10.19 43.85
CA MET I 267 -17.12 -9.05 43.65
C MET I 267 -15.70 -9.48 43.36
N ARG I 268 -15.26 -10.58 43.98
CA ARG I 268 -13.97 -11.13 43.61
C ARG I 268 -12.85 -10.11 43.93
N ASN I 269 -12.23 -9.55 42.88
CA ASN I 269 -11.06 -8.68 43.06
C ASN I 269 -11.35 -7.22 42.70
N SER I 270 -12.50 -6.71 43.11
CA SER I 270 -12.78 -5.33 42.88
C SER I 270 -12.06 -4.49 43.88
N ASP I 271 -11.38 -3.46 43.42
CA ASP I 271 -10.72 -2.63 44.39
C ASP I 271 -11.80 -1.96 45.16
N VAL I 272 -12.82 -1.57 44.44
CA VAL I 272 -13.88 -0.84 45.05
C VAL I 272 -14.41 -1.71 46.18
N GLY I 273 -14.61 -2.98 45.85
CA GLY I 273 -15.12 -3.92 46.80
C GLY I 273 -14.23 -3.91 48.04
N ARG I 274 -12.93 -4.02 47.82
CA ARG I 274 -12.04 -4.28 48.91
C ARG I 274 -11.92 -2.99 49.71
N CYS I 275 -12.22 -1.86 49.11
CA CYS I 275 -12.23 -0.62 49.86
C CYS I 275 -13.42 -0.56 50.78
N LEU I 276 -14.56 -0.98 50.25
CA LEU I 276 -15.81 -0.91 50.98
C LEU I 276 -15.65 -1.79 52.18
N LYS I 277 -14.85 -2.83 52.03
CA LYS I 277 -14.52 -3.64 53.20
C LYS I 277 -13.63 -2.82 54.13
N GLU I 278 -12.43 -2.42 53.68
CA GLU I 278 -11.53 -1.61 54.51
C GLU I 278 -12.23 -0.43 55.21
N TYR I 279 -13.43 -0.06 54.76
CA TYR I 279 -14.19 0.99 55.42
C TYR I 279 -14.86 0.46 56.64
N ALA I 280 -15.90 -0.34 56.42
CA ALA I 280 -16.56 -1.08 57.50
C ALA I 280 -15.56 -1.76 58.47
N HIS I 281 -14.29 -1.37 58.42
CA HIS I 281 -13.44 -1.54 59.56
C HIS I 281 -13.60 -0.29 60.45
N SER J 2 7.61 -28.01 5.09
CA SER J 2 7.66 -28.63 3.75
C SER J 2 6.73 -29.82 3.64
N LEU J 3 6.04 -29.93 2.52
CA LEU J 3 5.02 -30.95 2.37
C LEU J 3 5.57 -32.24 1.77
N LEU J 4 6.72 -32.12 1.11
CA LEU J 4 7.32 -33.23 0.42
C LEU J 4 8.76 -33.19 0.79
N HIS J 5 9.46 -34.26 0.50
CA HIS J 5 10.88 -34.30 0.72
C HIS J 5 11.43 -35.41 -0.15
N LYS J 6 12.74 -35.39 -0.34
CA LYS J 6 13.42 -36.15 -1.40
C LYS J 6 14.16 -37.41 -0.92
N TYR J 7 13.84 -38.58 -1.44
CA TYR J 7 14.66 -39.79 -1.19
C TYR J 7 15.09 -40.46 -2.50
N MET J 8 16.36 -40.83 -2.59
CA MET J 8 17.00 -41.34 -3.82
C MET J 8 16.47 -40.64 -5.05
N GLY J 9 16.44 -39.31 -4.99
CA GLY J 9 16.05 -38.47 -6.13
C GLY J 9 14.57 -38.38 -6.30
N ILE J 10 13.80 -38.81 -5.30
CA ILE J 10 12.37 -38.86 -5.47
C ILE J 10 11.63 -38.27 -4.30
N PHE J 11 10.61 -37.49 -4.62
CA PHE J 11 9.82 -36.87 -3.58
C PHE J 11 8.87 -37.82 -2.98
N PHE J 12 8.77 -37.71 -1.67
CA PHE J 12 7.67 -38.29 -0.98
C PHE J 12 6.99 -37.25 -0.08
N SER J 13 5.83 -37.60 0.43
CA SER J 13 5.16 -36.79 1.40
C SER J 13 6.02 -36.79 2.63
N THR J 14 6.07 -35.71 3.40
CA THR J 14 6.82 -35.72 4.67
C THR J 14 6.27 -36.78 5.61
N MET J 15 5.17 -37.37 5.18
CA MET J 15 4.45 -38.33 6.01
C MET J 15 4.96 -39.75 5.88
N SER J 16 5.61 -40.03 4.77
CA SER J 16 6.42 -41.21 4.69
C SER J 16 7.73 -40.85 5.28
N SER J 17 7.98 -41.42 6.44
CA SER J 17 9.21 -41.19 7.10
C SER J 17 10.38 -41.69 6.32
N GLU J 18 11.42 -40.90 6.41
CA GLU J 18 12.71 -41.19 5.88
C GLU J 18 13.35 -42.42 6.53
N GLU J 19 13.25 -42.54 7.85
CA GLU J 19 13.73 -43.74 8.51
CA GLU J 19 13.72 -43.74 8.52
C GLU J 19 12.99 -44.93 7.91
N LEU J 20 11.73 -44.72 7.60
CA LEU J 20 10.89 -45.79 7.11
C LEU J 20 11.30 -46.16 5.69
N LEU J 21 11.77 -45.18 4.96
CA LEU J 21 11.93 -45.41 3.56
C LEU J 21 13.30 -45.93 3.38
N GLY J 22 14.21 -45.51 4.24
CA GLY J 22 15.53 -46.12 4.27
C GLY J 22 15.70 -47.52 4.90
N SER J 23 14.63 -48.08 5.42
CA SER J 23 14.68 -49.38 6.02
C SER J 23 13.68 -50.35 5.37
N LEU J 24 13.16 -50.06 4.20
CA LEU J 24 12.18 -50.94 3.54
C LEU J 24 12.59 -52.39 3.52
N ASP J 25 13.88 -52.69 3.45
CA ASP J 25 14.23 -54.06 3.18
C ASP J 25 14.21 -54.76 4.45
N SER J 26 14.08 -54.01 5.52
CA SER J 26 13.94 -54.65 6.81
C SER J 26 12.54 -55.18 6.87
N PHE J 27 11.75 -54.93 5.85
CA PHE J 27 10.40 -55.48 5.81
C PHE J 27 10.35 -56.97 5.55
N ASP J 28 9.61 -57.69 6.36
CA ASP J 28 9.40 -59.13 6.22
C ASP J 28 8.08 -59.53 5.57
N ALA J 29 8.15 -60.07 4.35
CA ALA J 29 6.97 -60.40 3.55
C ALA J 29 6.51 -61.85 3.81
N ARG J 30 5.31 -62.20 3.35
CA ARG J 30 4.84 -63.55 3.58
C ARG J 30 4.56 -64.04 2.23
N GLU J 31 4.67 -65.33 1.99
CA GLU J 31 4.59 -65.80 0.63
C GLU J 31 3.22 -65.40 0.10
N ASP J 32 2.31 -65.12 1.02
CA ASP J 32 0.92 -65.04 0.65
C ASP J 32 0.48 -63.61 0.51
N ASP J 33 1.44 -62.70 0.71
CA ASP J 33 1.13 -61.30 0.57
C ASP J 33 0.74 -60.96 -0.87
N ILE J 34 -0.35 -60.21 -0.98
CA ILE J 34 -0.71 -59.57 -2.21
C ILE J 34 -0.23 -58.16 -2.12
N PHE J 35 0.29 -57.62 -3.19
CA PHE J 35 0.49 -56.19 -3.20
C PHE J 35 -0.24 -55.49 -4.35
N LEU J 36 -0.84 -54.34 -4.04
CA LEU J 36 -1.51 -53.49 -5.03
C LEU J 36 -0.66 -52.27 -5.24
N VAL J 37 -0.06 -52.16 -6.41
CA VAL J 37 0.90 -51.11 -6.70
C VAL J 37 0.39 -50.20 -7.81
N SER J 38 0.79 -48.94 -7.78
CA SER J 38 0.24 -48.05 -8.77
C SER J 38 1.00 -46.81 -8.59
N TYR J 39 1.23 -46.13 -9.69
CA TYR J 39 1.63 -44.77 -9.62
C TYR J 39 0.34 -44.05 -9.25
N PRO J 40 0.45 -43.03 -8.42
CA PRO J 40 -0.78 -42.47 -7.87
C PRO J 40 -1.76 -42.11 -8.96
N LYS J 41 -3.04 -41.95 -8.65
CA LYS J 41 -4.04 -41.46 -9.62
C LYS J 41 -4.25 -42.42 -10.76
N SER J 42 -3.79 -43.66 -10.59
CA SER J 42 -3.87 -44.64 -11.66
C SER J 42 -4.98 -45.58 -11.44
N GLY J 43 -5.68 -45.44 -10.31
CA GLY J 43 -6.82 -46.26 -9.94
C GLY J 43 -6.61 -46.93 -8.58
N THR J 44 -5.75 -46.33 -7.77
CA THR J 44 -5.48 -46.82 -6.43
C THR J 44 -6.76 -47.19 -5.67
N HIS J 45 -7.53 -46.19 -5.28
CA HIS J 45 -8.61 -46.47 -4.40
C HIS J 45 -9.57 -47.37 -5.08
N TRP J 46 -9.66 -47.24 -6.37
CA TRP J 46 -10.68 -47.99 -7.06
C TRP J 46 -10.32 -49.40 -6.84
N LEU J 47 -9.14 -49.79 -7.31
CA LEU J 47 -8.74 -51.19 -7.21
C LEU J 47 -8.90 -51.70 -5.78
N ALA J 48 -8.77 -50.82 -4.82
CA ALA J 48 -8.83 -51.28 -3.46
C ALA J 48 -10.25 -51.59 -2.98
N GLU J 49 -11.23 -50.83 -3.44
CA GLU J 49 -12.55 -51.08 -2.91
C GLU J 49 -12.88 -52.44 -3.40
N VAL J 50 -12.54 -52.62 -4.66
CA VAL J 50 -12.91 -53.80 -5.41
C VAL J 50 -12.34 -54.97 -4.68
N ILE J 51 -11.07 -54.90 -4.38
CA ILE J 51 -10.49 -55.97 -3.63
C ILE J 51 -11.25 -56.08 -2.34
N GLU J 52 -11.51 -54.94 -1.72
CA GLU J 52 -11.98 -54.99 -0.36
C GLU J 52 -13.33 -55.61 -0.39
N ARG J 53 -13.96 -55.49 -1.54
CA ARG J 53 -15.34 -55.87 -1.65
C ARG J 53 -15.50 -57.36 -1.60
N ILE J 54 -14.70 -58.05 -2.42
CA ILE J 54 -14.75 -59.50 -2.53
C ILE J 54 -15.12 -60.14 -1.20
N PRO J 55 -15.98 -61.16 -1.28
CA PRO J 55 -16.61 -61.72 -0.09
C PRO J 55 -15.75 -62.78 0.55
N ASP J 56 -15.54 -62.68 1.85
CA ASP J 56 -15.09 -63.84 2.58
C ASP J 56 -13.94 -64.46 1.79
N ALA J 57 -12.93 -63.64 1.58
CA ALA J 57 -11.72 -64.09 0.93
C ALA J 57 -10.65 -64.24 2.00
N GLY J 58 -10.84 -63.54 3.11
CA GLY J 58 -9.99 -63.75 4.26
C GLY J 58 -8.81 -62.85 4.14
N ILE J 59 -9.00 -61.74 3.47
CA ILE J 59 -7.94 -60.78 3.36
C ILE J 59 -8.11 -59.61 4.30
N THR J 60 -7.00 -59.10 4.84
CA THR J 60 -7.00 -57.79 5.52
C THR J 60 -6.28 -56.79 4.67
N LEU J 61 -7.01 -55.78 4.22
CA LEU J 61 -6.42 -54.75 3.40
C LEU J 61 -5.69 -53.70 4.24
N THR J 62 -4.37 -53.64 4.16
CA THR J 62 -3.65 -52.86 5.13
C THR J 62 -3.45 -51.43 4.80
N SER J 63 -2.67 -50.82 5.65
CA SER J 63 -2.31 -49.44 5.45
C SER J 63 -1.08 -49.41 4.56
N PRO J 64 -0.89 -48.32 3.82
CA PRO J 64 0.12 -48.32 2.78
C PRO J 64 1.51 -48.52 3.30
N ILE J 65 2.24 -49.40 2.64
CA ILE J 65 3.51 -49.80 3.21
C ILE J 65 4.34 -48.54 3.52
N GLU J 66 4.39 -47.56 2.63
CA GLU J 66 5.35 -46.46 2.84
C GLU J 66 4.84 -45.26 3.60
N LEU J 67 3.71 -45.46 4.27
CA LEU J 67 3.21 -44.44 5.17
C LEU J 67 3.79 -44.71 6.59
N GLY J 68 4.41 -43.72 7.24
CA GLY J 68 4.70 -43.81 8.68
C GLY J 68 6.13 -43.62 9.16
N ASP J 69 6.49 -44.19 10.35
CA ASP J 69 7.87 -44.24 10.91
C ASP J 69 8.32 -45.68 10.75
N ILE J 70 9.33 -46.10 11.52
CA ILE J 70 9.77 -47.50 11.50
C ILE J 70 8.89 -48.45 12.24
N SER J 71 7.79 -47.98 12.78
CA SER J 71 6.89 -48.84 13.53
C SER J 71 5.86 -49.48 12.63
N LYS J 72 5.46 -48.76 11.58
CA LYS J 72 4.50 -49.24 10.58
C LYS J 72 4.70 -50.73 10.36
N PHE J 73 5.96 -51.10 10.25
CA PHE J 73 6.33 -52.45 9.97
C PHE J 73 5.70 -53.24 11.01
N GLU J 74 6.02 -52.86 12.21
CA GLU J 74 5.58 -53.62 13.31
C GLU J 74 4.06 -53.75 13.29
N GLU J 75 3.34 -52.76 12.77
CA GLU J 75 1.90 -52.88 12.75
C GLU J 75 1.57 -53.90 11.73
N LEU J 76 2.31 -53.79 10.66
CA LEU J 76 1.99 -54.63 9.58
C LEU J 76 2.20 -55.97 10.16
N LYS J 77 3.37 -56.16 10.77
CA LYS J 77 3.79 -57.48 11.25
C LYS J 77 2.69 -58.15 12.06
N ARG J 78 1.90 -57.30 12.75
CA ARG J 78 0.89 -57.74 13.71
C ARG J 78 -0.40 -58.16 13.03
N ILE J 79 -0.57 -57.80 11.80
CA ILE J 79 -1.74 -58.27 11.15
C ILE J 79 -1.51 -59.77 11.02
N PRO J 80 -2.48 -60.57 11.46
CA PRO J 80 -2.51 -62.03 11.33
C PRO J 80 -3.15 -62.58 10.08
N LYS J 81 -4.09 -61.83 9.50
CA LYS J 81 -4.87 -62.37 8.38
C LYS J 81 -4.11 -62.19 7.07
N ARG J 82 -4.65 -62.70 5.98
CA ARG J 82 -3.93 -62.60 4.72
C ARG J 82 -3.91 -61.14 4.37
N ARG J 83 -2.71 -60.62 4.07
CA ARG J 83 -2.52 -59.17 3.91
C ARG J 83 -2.50 -58.64 2.51
N ALA J 84 -3.15 -57.50 2.31
CA ALA J 84 -3.02 -56.76 1.09
C ALA J 84 -2.51 -55.38 1.43
N ILE J 85 -1.43 -55.05 0.75
CA ILE J 85 -0.69 -53.85 1.06
C ILE J 85 -0.64 -52.96 -0.13
N PRO J 86 -1.20 -51.77 0.03
CA PRO J 86 -1.03 -50.81 -1.04
C PRO J 86 0.31 -50.10 -0.93
N THR J 87 0.84 -49.79 -2.11
CA THR J 87 2.02 -48.99 -2.20
C THR J 87 2.07 -48.36 -3.56
N HIS J 88 2.78 -47.24 -3.63
CA HIS J 88 3.03 -46.62 -4.91
C HIS J 88 4.52 -46.76 -5.18
N LEU J 89 5.20 -47.73 -4.56
CA LEU J 89 6.67 -47.84 -4.69
C LEU J 89 7.07 -48.38 -6.08
N ASN J 90 8.13 -47.84 -6.63
CA ASN J 90 8.56 -48.32 -7.91
C ASN J 90 9.16 -49.66 -7.62
N TYR J 91 9.74 -50.27 -8.60
CA TYR J 91 10.20 -51.60 -8.36
C TYR J 91 11.34 -51.67 -7.37
N GLU J 92 12.29 -50.76 -7.56
N GLU J 92 12.34 -50.82 -7.66
CA GLU J 92 13.50 -50.80 -6.84
CA GLU J 92 13.54 -50.70 -6.86
C GLU J 92 13.23 -50.82 -5.35
C GLU J 92 13.25 -50.79 -5.37
N MET J 93 12.42 -49.90 -4.88
CA MET J 93 12.24 -49.71 -3.47
C MET J 93 11.38 -50.72 -2.81
N LEU J 94 10.64 -51.47 -3.59
CA LEU J 94 9.94 -52.55 -2.98
C LEU J 94 10.92 -53.32 -2.11
N PRO J 95 10.52 -53.73 -0.88
CA PRO J 95 11.47 -54.42 -0.01
C PRO J 95 12.02 -55.63 -0.65
N VAL J 96 13.29 -55.89 -0.44
CA VAL J 96 13.96 -56.90 -1.23
C VAL J 96 13.20 -58.14 -0.99
N THR J 97 12.71 -58.20 0.19
CA THR J 97 12.20 -59.39 0.73
C THR J 97 10.97 -59.78 -0.04
N VAL J 98 10.19 -58.79 -0.46
CA VAL J 98 8.95 -59.03 -1.19
C VAL J 98 9.20 -59.58 -2.61
N LYS J 99 10.35 -59.22 -3.16
CA LYS J 99 10.83 -59.72 -4.43
C LYS J 99 11.20 -61.19 -4.40
N GLN J 100 11.76 -61.66 -3.29
CA GLN J 100 12.25 -63.02 -3.19
C GLN J 100 11.15 -64.00 -2.97
N LYS J 101 10.21 -63.62 -2.13
CA LYS J 101 9.19 -64.55 -1.75
C LYS J 101 8.25 -64.77 -2.96
N GLN J 102 8.26 -63.85 -3.93
CA GLN J 102 7.32 -63.89 -5.07
C GLN J 102 5.85 -63.68 -4.66
N CYS J 103 5.58 -62.66 -3.83
CA CYS J 103 4.22 -62.32 -3.45
C CYS J 103 3.51 -61.96 -4.68
N LYS J 104 2.21 -62.08 -4.63
CA LYS J 104 1.43 -61.61 -5.72
C LYS J 104 1.38 -60.11 -5.72
N ILE J 105 1.47 -59.62 -6.92
CA ILE J 105 1.38 -58.25 -7.26
C ILE J 105 0.27 -58.04 -8.24
N ILE J 106 -0.48 -56.97 -8.04
CA ILE J 106 -1.39 -56.48 -9.07
C ILE J 106 -0.98 -55.04 -9.37
N TYR J 107 -0.63 -54.75 -10.61
CA TYR J 107 -0.12 -53.43 -11.00
C TYR J 107 -1.10 -52.79 -11.96
N ILE J 108 -1.74 -51.77 -11.46
CA ILE J 108 -2.67 -51.03 -12.27
C ILE J 108 -1.97 -49.86 -12.91
N VAL J 109 -2.21 -49.72 -14.20
CA VAL J 109 -1.62 -48.64 -14.97
C VAL J 109 -2.67 -47.86 -15.77
N ARG J 110 -2.35 -46.58 -15.98
CA ARG J 110 -3.22 -45.63 -16.63
C ARG J 110 -2.40 -44.85 -17.62
N ASN J 111 -3.00 -44.35 -18.67
CA ASN J 111 -2.17 -43.66 -19.61
C ASN J 111 -1.67 -42.42 -18.93
N PRO J 112 -0.54 -41.95 -19.42
CA PRO J 112 0.14 -40.98 -18.60
C PRO J 112 -0.57 -39.63 -18.62
N LYS J 113 -1.27 -39.32 -19.71
CA LYS J 113 -1.89 -38.02 -19.88
C LYS J 113 -3.07 -37.81 -18.96
N ASP J 114 -4.00 -38.74 -18.96
CA ASP J 114 -5.08 -38.67 -17.99
C ASP J 114 -4.56 -38.56 -16.62
N THR J 115 -3.51 -39.30 -16.41
CA THR J 115 -2.89 -39.47 -15.13
C THR J 115 -2.29 -38.16 -14.60
N ALA J 116 -1.47 -37.49 -15.40
CA ALA J 116 -0.87 -36.21 -14.98
C ALA J 116 -1.89 -35.08 -14.80
N VAL J 117 -3.00 -35.19 -15.52
CA VAL J 117 -4.11 -34.24 -15.38
C VAL J 117 -4.71 -34.49 -13.99
N SER J 118 -5.21 -35.70 -13.80
CA SER J 118 -5.73 -36.08 -12.50
C SER J 118 -4.76 -35.56 -11.43
N MET J 119 -3.44 -35.66 -11.67
CA MET J 119 -2.51 -35.36 -10.59
C MET J 119 -2.34 -33.86 -10.34
N PHE J 120 -2.39 -33.07 -11.42
CA PHE J 120 -2.31 -31.62 -11.25
C PHE J 120 -3.37 -31.21 -10.28
N HIS J 121 -4.51 -31.78 -10.47
CA HIS J 121 -5.59 -31.45 -9.60
C HIS J 121 -5.31 -31.71 -8.14
N TYR J 122 -4.69 -32.85 -7.94
CA TYR J 122 -4.32 -33.26 -6.62
C TYR J 122 -3.45 -32.15 -6.06
N TYR J 123 -2.33 -31.90 -6.69
CA TYR J 123 -1.51 -30.82 -6.21
C TYR J 123 -2.36 -29.64 -5.94
N ARG J 124 -3.29 -29.45 -6.80
CA ARG J 124 -3.90 -28.20 -6.78
C ARG J 124 -4.92 -28.25 -5.70
N ASP J 125 -5.31 -29.43 -5.30
CA ASP J 125 -6.44 -29.50 -4.38
C ASP J 125 -6.16 -30.26 -3.11
N ASN J 126 -5.08 -31.01 -3.06
CA ASN J 126 -4.78 -31.73 -1.85
C ASN J 126 -3.82 -30.93 -1.02
N PRO J 127 -4.14 -30.77 0.27
CA PRO J 127 -3.35 -29.91 1.16
C PRO J 127 -2.03 -30.53 1.54
N ASN J 128 -1.96 -31.85 1.35
CA ASN J 128 -0.72 -32.55 1.58
C ASN J 128 0.25 -32.19 0.47
N LEU J 129 -0.28 -31.74 -0.66
CA LEU J 129 0.51 -31.51 -1.84
C LEU J 129 0.58 -30.05 -2.20
N PRO J 130 1.77 -29.59 -2.54
CA PRO J 130 1.95 -28.19 -2.88
C PRO J 130 1.32 -27.93 -4.19
N SER J 131 0.12 -27.43 -4.17
CA SER J 131 -0.48 -27.07 -5.40
C SER J 131 0.44 -26.25 -6.28
N THR J 132 0.06 -26.23 -7.54
CA THR J 132 0.72 -25.43 -8.51
C THR J 132 -0.27 -24.43 -8.97
N GLU J 133 0.19 -23.38 -9.62
CA GLU J 133 -0.70 -22.35 -10.15
C GLU J 133 -1.41 -22.78 -11.41
N THR J 134 -0.67 -23.38 -12.32
CA THR J 134 -1.13 -23.52 -13.67
C THR J 134 -0.87 -24.90 -14.19
N TRP J 135 -1.79 -25.39 -15.00
CA TRP J 135 -1.63 -26.71 -15.59
C TRP J 135 -0.20 -26.87 -16.15
N ALA J 136 0.08 -26.13 -17.21
CA ALA J 136 1.39 -25.99 -17.80
C ALA J 136 2.61 -26.20 -16.90
N ALA J 137 2.61 -25.58 -15.72
CA ALA J 137 3.73 -25.71 -14.79
C ALA J 137 3.83 -27.16 -14.40
N PHE J 138 2.71 -27.67 -13.93
CA PHE J 138 2.71 -29.04 -13.39
C PHE J 138 3.34 -30.02 -14.35
N LEU J 139 2.95 -29.91 -15.60
CA LEU J 139 3.34 -30.88 -16.58
C LEU J 139 4.82 -30.77 -16.80
N GLU J 140 5.34 -29.56 -16.67
CA GLU J 140 6.77 -29.38 -16.84
C GLU J 140 7.42 -30.26 -15.82
N LEU J 141 6.94 -30.17 -14.58
CA LEU J 141 7.36 -31.07 -13.50
C LEU J 141 6.99 -32.49 -13.75
N PHE J 142 5.76 -32.73 -14.13
CA PHE J 142 5.40 -34.08 -14.38
C PHE J 142 6.35 -34.73 -15.38
N LEU J 143 6.55 -34.09 -16.50
CA LEU J 143 7.43 -34.62 -17.52
C LEU J 143 8.85 -34.93 -17.02
N LYS J 144 9.38 -34.02 -16.22
CA LYS J 144 10.73 -34.10 -15.71
C LYS J 144 10.86 -35.16 -14.64
N GLY J 145 9.74 -35.74 -14.21
CA GLY J 145 9.78 -36.65 -13.10
C GLY J 145 9.70 -36.02 -11.70
N ASP J 146 9.50 -34.71 -11.61
CA ASP J 146 9.56 -34.03 -10.30
C ASP J 146 8.18 -33.98 -9.61
N VAL J 147 7.45 -35.07 -9.61
CA VAL J 147 6.22 -35.13 -8.87
C VAL J 147 6.38 -36.09 -7.70
N VAL J 148 5.48 -36.04 -6.74
CA VAL J 148 5.54 -37.04 -5.72
C VAL J 148 5.73 -38.37 -6.42
N TYR J 149 6.63 -39.21 -5.90
CA TYR J 149 6.79 -40.59 -6.37
C TYR J 149 7.56 -40.71 -7.68
N GLY J 150 8.02 -39.58 -8.23
CA GLY J 150 8.85 -39.56 -9.44
C GLY J 150 8.25 -39.76 -10.83
N SER J 151 9.10 -40.19 -11.78
CA SER J 151 8.72 -40.40 -13.16
C SER J 151 7.76 -41.55 -13.36
N TRP J 152 6.66 -41.24 -14.02
CA TRP J 152 5.66 -42.19 -14.37
C TRP J 152 6.33 -43.23 -15.22
N PHE J 153 7.15 -42.77 -16.14
CA PHE J 153 7.66 -43.71 -17.13
C PHE J 153 8.50 -44.69 -16.35
N ASP J 154 9.59 -44.22 -15.76
CA ASP J 154 10.40 -45.07 -14.93
C ASP J 154 9.58 -45.94 -14.06
N HIS J 155 8.48 -45.43 -13.55
CA HIS J 155 7.83 -46.20 -12.54
C HIS J 155 7.24 -47.32 -13.31
N VAL J 156 6.73 -46.97 -14.47
CA VAL J 156 5.99 -47.96 -15.21
C VAL J 156 6.97 -48.94 -15.88
N LEU J 157 8.13 -48.45 -16.26
CA LEU J 157 9.09 -49.37 -16.81
C LEU J 157 9.62 -50.28 -15.71
N SER J 158 10.01 -49.73 -14.56
CA SER J 158 10.59 -50.57 -13.52
C SER J 158 9.71 -51.77 -13.39
N TRP J 159 8.44 -51.52 -13.44
CA TRP J 159 7.53 -52.56 -13.07
C TRP J 159 7.18 -53.50 -14.26
N GLU J 160 7.33 -53.04 -15.50
CA GLU J 160 6.93 -53.85 -16.66
C GLU J 160 7.94 -54.93 -16.97
N GLU J 161 9.20 -54.63 -16.70
CA GLU J 161 10.21 -55.66 -16.72
C GLU J 161 9.85 -56.97 -16.04
N HIS J 162 8.82 -57.01 -15.23
CA HIS J 162 8.45 -58.24 -14.58
C HIS J 162 7.09 -58.66 -14.93
N LYS J 163 6.61 -58.28 -16.10
CA LYS J 163 5.23 -58.58 -16.44
C LYS J 163 4.98 -60.03 -16.92
N ASN J 164 6.03 -60.78 -17.30
CA ASN J 164 5.83 -62.19 -17.70
C ASN J 164 6.02 -63.16 -16.54
N ASP J 165 6.14 -62.60 -15.34
CA ASP J 165 6.36 -63.39 -14.15
C ASP J 165 5.05 -63.92 -13.72
N LYS J 166 5.02 -65.17 -13.27
CA LYS J 166 3.81 -65.78 -12.80
C LYS J 166 3.16 -65.02 -11.62
N ASN J 167 3.92 -64.40 -10.72
CA ASN J 167 3.28 -63.82 -9.53
C ASN J 167 2.83 -62.35 -9.75
N VAL J 168 2.79 -61.90 -11.00
CA VAL J 168 2.47 -60.48 -11.24
C VAL J 168 1.31 -60.23 -12.23
N LEU J 169 0.35 -59.38 -11.87
CA LEU J 169 -0.75 -59.07 -12.81
C LEU J 169 -0.90 -57.61 -13.14
N PHE J 170 -0.85 -57.29 -14.42
CA PHE J 170 -1.18 -55.96 -14.92
C PHE J 170 -2.67 -55.78 -15.22
N ILE J 171 -3.21 -54.74 -14.64
CA ILE J 171 -4.57 -54.35 -14.85
C ILE J 171 -4.48 -52.97 -15.41
N PHE J 172 -5.36 -52.63 -16.33
CA PHE J 172 -5.40 -51.30 -16.91
C PHE J 172 -6.58 -50.49 -16.43
N TYR J 173 -6.33 -49.24 -16.07
CA TYR J 173 -7.44 -48.34 -15.75
C TYR J 173 -8.48 -48.29 -16.86
N GLU J 174 -8.03 -48.29 -18.10
CA GLU J 174 -8.93 -48.16 -19.26
C GLU J 174 -9.86 -49.36 -19.46
N GLU J 175 -9.49 -50.54 -18.98
CA GLU J 175 -10.38 -51.71 -19.01
C GLU J 175 -11.33 -51.80 -17.83
N MET J 176 -10.88 -51.27 -16.70
CA MET J 176 -11.76 -51.18 -15.57
C MET J 176 -12.97 -50.48 -15.99
N LYS J 177 -12.77 -49.47 -16.83
CA LYS J 177 -13.85 -48.64 -17.31
C LYS J 177 -14.58 -49.37 -18.41
N LYS J 178 -13.83 -49.94 -19.34
CA LYS J 178 -14.42 -50.48 -20.57
C LYS J 178 -15.14 -51.82 -20.41
N ASP J 179 -14.59 -52.76 -19.65
CA ASP J 179 -15.36 -53.93 -19.29
C ASP J 179 -14.91 -54.40 -17.97
N PHE J 180 -15.63 -53.98 -16.94
CA PHE J 180 -15.19 -54.11 -15.58
C PHE J 180 -15.29 -55.53 -15.09
N VAL J 181 -16.25 -56.24 -15.62
CA VAL J 181 -16.41 -57.61 -15.28
C VAL J 181 -15.24 -58.40 -15.81
N LYS J 182 -15.06 -58.34 -17.12
CA LYS J 182 -13.98 -59.05 -17.77
C LYS J 182 -12.74 -58.99 -16.90
N SER J 183 -12.42 -57.78 -16.48
CA SER J 183 -11.22 -57.48 -15.73
C SER J 183 -11.25 -58.07 -14.36
N LEU J 184 -12.44 -58.05 -13.79
CA LEU J 184 -12.62 -58.52 -12.43
C LEU J 184 -12.47 -60.00 -12.47
N LYS J 185 -12.82 -60.57 -13.61
CA LYS J 185 -12.62 -61.99 -13.76
C LYS J 185 -11.13 -62.20 -13.74
N LYS J 186 -10.45 -61.33 -14.47
CA LYS J 186 -9.01 -61.42 -14.63
C LYS J 186 -8.39 -61.49 -13.27
N ILE J 187 -8.79 -60.56 -12.42
CA ILE J 187 -8.25 -60.51 -11.07
C ILE J 187 -8.64 -61.73 -10.31
N THR J 188 -9.91 -62.08 -10.48
CA THR J 188 -10.54 -63.24 -9.90
C THR J 188 -9.73 -64.43 -10.25
N ALA J 189 -9.61 -64.66 -11.54
CA ALA J 189 -8.84 -65.78 -12.00
C ALA J 189 -7.40 -65.71 -11.45
N PHE J 190 -6.82 -64.52 -11.44
CA PHE J 190 -5.47 -64.40 -10.91
C PHE J 190 -5.31 -64.98 -9.53
N LEU J 191 -6.01 -64.39 -8.57
CA LEU J 191 -5.84 -64.79 -7.17
C LEU J 191 -6.51 -66.09 -6.76
N GLY J 192 -7.01 -66.86 -7.72
CA GLY J 192 -7.69 -68.11 -7.41
C GLY J 192 -8.90 -68.04 -6.49
N ILE J 193 -9.86 -67.21 -6.85
CA ILE J 193 -11.11 -67.21 -6.14
C ILE J 193 -12.27 -67.27 -7.08
N ASP J 194 -13.02 -68.34 -6.95
CA ASP J 194 -14.24 -68.43 -7.66
C ASP J 194 -15.14 -67.35 -7.14
N VAL J 195 -15.36 -66.31 -7.93
CA VAL J 195 -16.48 -65.43 -7.66
C VAL J 195 -17.42 -65.47 -8.87
N ASN J 196 -18.69 -65.73 -8.60
CA ASN J 196 -19.65 -65.95 -9.67
C ASN J 196 -20.27 -64.67 -10.12
N ASP J 197 -21.22 -64.80 -11.02
CA ASP J 197 -21.76 -63.66 -11.72
C ASP J 197 -22.46 -62.71 -10.71
N SER J 198 -23.60 -63.16 -10.23
CA SER J 198 -24.43 -62.36 -9.37
C SER J 198 -23.53 -61.42 -8.58
N GLU J 199 -22.60 -61.99 -7.85
CA GLU J 199 -21.73 -61.21 -6.99
C GLU J 199 -20.89 -60.24 -7.71
N MET J 200 -20.15 -60.75 -8.68
CA MET J 200 -19.27 -59.90 -9.36
C MET J 200 -20.17 -58.74 -9.68
N ALA J 201 -21.21 -59.00 -10.45
CA ALA J 201 -22.23 -57.98 -10.67
C ALA J 201 -22.36 -57.15 -9.40
N LYS J 202 -22.82 -57.79 -8.35
CA LYS J 202 -22.94 -57.10 -7.10
C LYS J 202 -21.80 -56.11 -7.02
N ILE J 203 -20.61 -56.62 -7.23
CA ILE J 203 -19.41 -55.86 -7.05
C ILE J 203 -19.34 -54.69 -7.96
N ALA J 204 -19.46 -54.98 -9.23
CA ALA J 204 -19.41 -53.96 -10.18
C ALA J 204 -20.34 -52.99 -9.54
N ARG J 205 -21.52 -53.49 -9.19
CA ARG J 205 -22.56 -52.63 -8.64
C ARG J 205 -21.95 -51.65 -7.65
N SER J 206 -21.30 -52.15 -6.61
CA SER J 206 -20.89 -51.30 -5.50
C SER J 206 -19.59 -50.50 -5.75
N THR J 207 -18.86 -50.84 -6.81
CA THR J 207 -17.59 -50.15 -6.99
C THR J 207 -17.65 -49.12 -8.08
N SER J 208 -18.85 -48.70 -8.42
CA SER J 208 -19.09 -47.66 -9.40
C SER J 208 -18.41 -46.37 -8.95
N PHE J 209 -17.94 -45.57 -9.90
CA PHE J 209 -17.50 -44.23 -9.57
C PHE J 209 -18.50 -43.44 -8.72
N SER J 210 -19.77 -43.38 -9.15
CA SER J 210 -20.82 -42.67 -8.40
C SER J 210 -21.00 -43.36 -7.07
N GLU J 211 -21.11 -44.68 -7.15
CA GLU J 211 -21.18 -45.51 -5.97
C GLU J 211 -20.10 -45.17 -4.95
N MET J 212 -18.84 -45.20 -5.39
CA MET J 212 -17.72 -45.05 -4.49
C MET J 212 -17.64 -43.60 -4.08
N LYS J 213 -18.00 -42.70 -4.99
CA LYS J 213 -17.92 -41.28 -4.68
C LYS J 213 -18.69 -41.04 -3.39
N SER J 214 -20.01 -41.20 -3.44
CA SER J 214 -20.81 -41.17 -2.22
C SER J 214 -20.03 -41.89 -1.13
N ASN J 215 -19.55 -41.18 -0.10
CA ASN J 215 -18.77 -41.87 0.95
C ASN J 215 -18.04 -41.09 2.05
N ALA J 216 -18.77 -40.72 3.11
CA ALA J 216 -18.16 -40.45 4.41
C ALA J 216 -18.79 -41.38 5.41
N ALA J 217 -18.01 -41.74 6.42
CA ALA J 217 -18.46 -42.64 7.47
C ALA J 217 -17.25 -43.34 8.07
N LYS J 218 -17.37 -44.65 8.20
CA LYS J 218 -16.23 -45.49 8.49
C LYS J 218 -16.52 -46.83 7.84
N PRO J 223 -12.03 -46.66 12.68
CA PRO J 223 -11.62 -45.27 12.39
C PRO J 223 -11.72 -44.96 10.91
N ASN J 224 -10.58 -44.54 10.38
CA ASN J 224 -10.36 -44.51 8.97
C ASN J 224 -9.14 -45.31 8.56
N HIS J 225 -9.25 -45.86 7.38
CA HIS J 225 -8.26 -46.72 6.84
C HIS J 225 -7.82 -46.02 5.59
N VAL J 226 -6.52 -45.87 5.46
CA VAL J 226 -6.03 -45.18 4.31
C VAL J 226 -5.45 -46.20 3.40
N ILE J 227 -5.56 -45.91 2.11
CA ILE J 227 -4.99 -46.77 1.07
C ILE J 227 -4.27 -46.00 0.00
N CYS J 228 -4.02 -44.72 0.24
CA CYS J 228 -3.09 -43.96 -0.57
C CYS J 228 -2.30 -43.09 0.41
N ALA J 229 -0.98 -43.14 0.38
CA ALA J 229 -0.16 -42.53 1.42
C ALA J 229 -0.27 -41.00 1.41
N LEU J 230 -0.72 -40.45 0.29
CA LEU J 230 -0.74 -39.01 0.07
C LEU J 230 -2.03 -38.40 0.57
N THR J 231 -3.08 -39.21 0.58
CA THR J 231 -4.40 -38.62 0.75
C THR J 231 -4.99 -38.82 2.14
N SER J 232 -5.13 -37.71 2.85
CA SER J 232 -5.90 -37.70 4.09
C SER J 232 -7.42 -37.77 3.82
N ASP J 233 -7.91 -37.42 2.61
CA ASP J 233 -9.36 -37.30 2.34
C ASP J 233 -9.96 -37.95 1.08
N ARG J 234 -10.53 -39.13 1.26
CA ARG J 234 -11.03 -39.95 0.15
C ARG J 234 -11.93 -39.14 -0.71
N ASN J 235 -12.67 -38.25 -0.08
CA ASN J 235 -13.67 -37.55 -0.80
C ASN J 235 -12.94 -36.87 -1.92
N LEU J 236 -11.66 -36.60 -1.68
CA LEU J 236 -10.93 -35.87 -2.68
C LEU J 236 -10.56 -36.65 -3.89
N VAL J 237 -10.73 -37.97 -3.94
CA VAL J 237 -10.10 -38.65 -5.07
C VAL J 237 -11.00 -38.73 -6.28
N PHE J 238 -12.29 -38.63 -6.01
CA PHE J 238 -13.27 -38.88 -7.04
C PHE J 238 -13.60 -37.69 -7.85
N ARG J 239 -12.74 -37.36 -8.79
CA ARG J 239 -12.92 -36.16 -9.57
C ARG J 239 -13.83 -36.37 -10.74
N LYS J 240 -13.31 -36.91 -11.83
CA LYS J 240 -14.16 -37.21 -12.96
C LYS J 240 -14.24 -38.71 -13.09
N GLY J 241 -13.10 -39.39 -12.96
CA GLY J 241 -13.11 -40.82 -13.04
C GLY J 241 -13.49 -41.22 -14.45
N VAL J 242 -12.93 -40.53 -15.44
CA VAL J 242 -13.11 -40.96 -16.82
C VAL J 242 -11.77 -41.03 -17.58
N VAL J 243 -11.89 -41.53 -18.82
CA VAL J 243 -10.84 -41.58 -19.84
C VAL J 243 -10.92 -40.41 -20.87
N GLY J 244 -9.77 -39.79 -21.19
CA GLY J 244 -9.65 -38.91 -22.33
C GLY J 244 -9.82 -37.43 -22.04
N ASP J 245 -9.95 -37.12 -20.78
CA ASP J 245 -10.20 -35.78 -20.39
C ASP J 245 -8.96 -34.97 -20.65
N TRP J 246 -7.86 -35.64 -20.95
CA TRP J 246 -6.60 -34.92 -21.07
C TRP J 246 -6.66 -33.98 -22.26
N ILE J 247 -7.43 -34.40 -23.24
CA ILE J 247 -7.65 -33.61 -24.42
C ILE J 247 -8.06 -32.21 -24.03
N ASN J 248 -8.69 -32.08 -22.87
CA ASN J 248 -9.16 -30.80 -22.44
C ASN J 248 -8.10 -29.94 -21.81
N TYR J 249 -6.83 -30.33 -21.84
CA TYR J 249 -5.78 -29.48 -21.26
C TYR J 249 -4.60 -29.22 -22.13
N PHE J 250 -4.12 -30.26 -22.79
CA PHE J 250 -2.89 -30.12 -23.57
C PHE J 250 -2.99 -29.05 -24.62
N THR J 251 -1.94 -28.25 -24.78
CA THR J 251 -1.87 -27.41 -25.94
C THR J 251 -1.06 -28.27 -26.84
N PRO J 252 -1.31 -28.13 -28.13
CA PRO J 252 -0.72 -28.97 -29.17
C PRO J 252 0.81 -28.97 -29.11
N LYS J 253 1.42 -27.94 -28.53
CA LYS J 253 2.84 -27.99 -28.27
C LYS J 253 3.11 -28.92 -27.13
N GLN J 254 2.32 -28.74 -26.08
CA GLN J 254 2.47 -29.54 -24.90
C GLN J 254 2.33 -30.94 -25.29
N ASN J 255 1.34 -31.20 -26.11
CA ASN J 255 1.16 -32.56 -26.55
C ASN J 255 2.32 -33.14 -27.35
N ARG J 256 2.91 -32.34 -28.24
CA ARG J 256 3.98 -32.84 -29.11
C ARG J 256 5.15 -33.29 -28.29
N GLY J 257 5.61 -32.39 -27.42
CA GLY J 257 6.77 -32.66 -26.58
C GLY J 257 6.63 -33.97 -25.81
N PHE J 258 5.46 -34.16 -25.24
CA PHE J 258 5.16 -35.36 -24.55
C PHE J 258 5.42 -36.59 -25.36
N ASP J 259 4.71 -36.69 -26.47
CA ASP J 259 4.81 -37.88 -27.28
C ASP J 259 6.25 -38.15 -27.57
N GLU J 260 7.01 -37.08 -27.72
CA GLU J 260 8.41 -37.15 -27.96
C GLU J 260 9.03 -37.83 -26.78
N LEU J 261 8.78 -37.21 -25.67
CA LEU J 261 9.33 -37.65 -24.44
C LEU J 261 8.86 -39.05 -24.29
N PHE J 262 7.60 -39.28 -24.59
CA PHE J 262 7.03 -40.58 -24.35
C PHE J 262 7.75 -41.64 -25.16
N THR J 263 8.13 -41.24 -26.37
CA THR J 263 8.73 -42.17 -27.30
C THR J 263 10.09 -42.56 -26.77
N GLU J 264 10.88 -41.52 -26.59
CA GLU J 264 12.20 -41.73 -26.17
C GLU J 264 12.29 -42.54 -24.90
N LYS J 265 11.30 -42.41 -24.02
CA LYS J 265 11.33 -43.13 -22.75
C LYS J 265 10.73 -44.52 -22.90
N MET J 266 9.59 -44.64 -23.57
CA MET J 266 8.93 -45.91 -23.67
C MET J 266 9.58 -46.70 -24.77
N ARG J 267 10.15 -46.00 -25.75
CA ARG J 267 10.77 -46.68 -26.87
C ARG J 267 9.78 -47.73 -27.32
N ASN J 268 10.16 -49.01 -27.29
CA ASN J 268 9.22 -50.06 -27.68
C ASN J 268 8.60 -50.84 -26.54
N SER J 269 8.19 -50.16 -25.50
CA SER J 269 7.46 -50.88 -24.51
C SER J 269 6.07 -51.24 -25.01
N ASP J 270 5.77 -52.51 -24.98
CA ASP J 270 4.47 -52.96 -25.41
C ASP J 270 3.49 -52.22 -24.62
N VAL J 271 3.74 -52.17 -23.34
CA VAL J 271 2.81 -51.44 -22.55
C VAL J 271 2.73 -50.00 -23.00
N GLY J 272 3.86 -49.37 -23.31
CA GLY J 272 3.81 -48.07 -23.93
C GLY J 272 2.72 -48.17 -24.99
N ARG J 273 2.76 -49.24 -25.78
CA ARG J 273 2.00 -49.29 -27.01
C ARG J 273 0.49 -49.24 -26.83
N CYS J 274 -0.03 -50.14 -26.01
CA CYS J 274 -1.45 -50.24 -25.81
C CYS J 274 -1.98 -49.07 -25.07
N LEU J 275 -1.16 -48.50 -24.21
CA LEU J 275 -1.57 -47.32 -23.51
C LEU J 275 -1.92 -46.37 -24.62
N LYS J 276 -1.12 -46.39 -25.67
CA LYS J 276 -1.46 -45.61 -26.85
C LYS J 276 -2.62 -46.27 -27.59
N GLU J 277 -2.47 -47.42 -28.19
CA GLU J 277 -3.60 -47.94 -28.90
C GLU J 277 -4.96 -47.70 -28.24
N TYR J 278 -4.97 -47.21 -26.99
CA TYR J 278 -6.21 -46.75 -26.33
C TYR J 278 -6.59 -45.34 -26.74
N ALA J 279 -6.43 -44.43 -25.78
CA ALA J 279 -6.40 -42.98 -26.04
C ALA J 279 -6.22 -42.63 -27.52
N PRO K 2 35.25 -27.12 -6.02
CA PRO K 2 34.37 -28.05 -6.74
C PRO K 2 34.01 -29.32 -5.97
N SER K 3 34.98 -29.92 -5.28
CA SER K 3 34.83 -31.27 -4.73
C SER K 3 34.92 -32.36 -5.82
N LEU K 4 35.18 -33.60 -5.38
CA LEU K 4 35.47 -34.72 -6.28
C LEU K 4 34.27 -35.66 -6.53
N LEU K 5 33.23 -35.64 -5.68
CA LEU K 5 31.97 -36.45 -5.90
C LEU K 5 30.65 -35.58 -6.02
N HIS K 6 29.61 -36.05 -6.74
CA HIS K 6 28.30 -35.36 -6.77
C HIS K 6 27.12 -36.36 -6.77
N LYS K 7 25.93 -35.85 -6.46
CA LYS K 7 24.77 -36.71 -6.28
C LYS K 7 23.82 -36.70 -7.48
N TYR K 8 23.49 -37.90 -7.95
CA TYR K 8 22.38 -38.12 -8.87
C TYR K 8 21.48 -39.19 -8.33
N MET K 9 20.24 -38.82 -8.10
CA MET K 9 19.26 -39.81 -7.65
C MET K 9 19.82 -40.52 -6.43
N GLY K 10 20.49 -39.74 -5.60
CA GLY K 10 20.95 -40.21 -4.30
C GLY K 10 22.16 -41.11 -4.29
N ILE K 11 23.02 -41.03 -5.29
CA ILE K 11 24.11 -41.95 -5.48
C ILE K 11 25.27 -41.13 -5.95
N PHE K 12 26.40 -41.26 -5.28
CA PHE K 12 27.61 -40.58 -5.68
C PHE K 12 28.16 -41.10 -6.97
N PHE K 13 28.49 -40.16 -7.87
CA PHE K 13 29.26 -40.42 -9.06
C PHE K 13 30.43 -39.44 -9.09
N SER K 14 31.41 -39.69 -9.94
CA SER K 14 32.50 -38.73 -10.17
C SER K 14 32.04 -37.53 -10.98
N THR K 15 32.71 -36.38 -10.78
CA THR K 15 32.44 -35.17 -11.53
C THR K 15 32.82 -35.35 -12.98
N MET K 16 33.79 -36.23 -13.20
CA MET K 16 34.14 -36.61 -14.54
C MET K 16 32.95 -37.31 -15.20
N SER K 17 31.91 -37.61 -14.43
CA SER K 17 30.59 -37.91 -14.99
C SER K 17 29.64 -36.72 -14.85
N SER K 18 28.99 -36.30 -15.94
CA SER K 18 28.13 -35.14 -15.84
C SER K 18 26.70 -35.51 -15.58
N GLU K 19 25.99 -34.53 -15.09
CA GLU K 19 24.59 -34.67 -14.81
C GLU K 19 23.82 -34.77 -16.10
N GLU K 20 24.28 -34.11 -17.15
CA GLU K 20 23.62 -34.18 -18.43
C GLU K 20 23.59 -35.57 -18.98
N LEU K 21 24.76 -36.15 -19.11
CA LEU K 21 24.86 -37.52 -19.52
C LEU K 21 23.88 -38.41 -18.74
N LEU K 22 24.20 -38.59 -17.47
CA LEU K 22 23.37 -39.39 -16.57
C LEU K 22 21.89 -39.09 -16.64
N GLY K 23 21.56 -37.80 -16.68
CA GLY K 23 20.18 -37.42 -16.91
C GLY K 23 19.77 -37.85 -18.29
N SER K 24 20.75 -38.01 -19.18
CA SER K 24 20.47 -38.26 -20.57
C SER K 24 20.86 -39.66 -20.90
N LEU K 25 20.58 -40.58 -20.02
CA LEU K 25 21.06 -41.93 -20.19
C LEU K 25 20.19 -42.74 -21.17
N ASP K 26 18.90 -42.59 -21.03
CA ASP K 26 17.94 -43.34 -21.83
C ASP K 26 17.86 -42.74 -23.25
N SER K 27 18.69 -41.73 -23.53
CA SER K 27 18.75 -41.20 -24.90
C SER K 27 19.65 -42.02 -25.78
N PHE K 28 20.34 -43.01 -25.19
CA PHE K 28 21.30 -43.89 -25.88
C PHE K 28 20.63 -44.98 -26.65
N ASP K 29 21.08 -45.12 -27.88
CA ASP K 29 20.55 -46.08 -28.81
C ASP K 29 21.51 -47.26 -28.93
N ALA K 30 21.05 -48.38 -28.41
CA ALA K 30 21.85 -49.57 -28.33
C ALA K 30 21.64 -50.35 -29.59
N ARG K 31 22.55 -51.28 -29.83
CA ARG K 31 22.53 -52.13 -31.01
C ARG K 31 22.26 -53.52 -30.49
N GLU K 32 21.65 -54.37 -31.31
CA GLU K 32 21.36 -55.74 -30.94
C GLU K 32 22.62 -56.48 -30.48
N ASP K 33 23.75 -56.11 -31.02
CA ASP K 33 24.99 -56.77 -30.76
C ASP K 33 25.87 -56.04 -29.72
N ASP K 34 25.31 -55.09 -29.00
CA ASP K 34 26.10 -54.45 -28.01
C ASP K 34 26.48 -55.50 -27.02
N ILE K 35 27.69 -55.40 -26.50
CA ILE K 35 28.03 -56.11 -25.30
C ILE K 35 28.38 -55.18 -24.13
N PHE K 36 27.67 -55.36 -23.02
CA PHE K 36 27.89 -54.53 -21.86
C PHE K 36 28.61 -55.25 -20.77
N LEU K 37 29.69 -54.65 -20.28
CA LEU K 37 30.40 -55.29 -19.18
C LEU K 37 30.14 -54.56 -17.90
N VAL K 38 29.39 -55.17 -17.02
CA VAL K 38 28.98 -54.46 -15.81
C VAL K 38 29.57 -54.96 -14.48
N SER K 39 30.12 -54.02 -13.70
CA SER K 39 30.51 -54.30 -12.31
C SER K 39 30.27 -53.15 -11.32
N TYR K 40 30.29 -53.50 -10.03
CA TYR K 40 30.49 -52.54 -8.94
C TYR K 40 31.96 -52.28 -8.95
N PRO K 41 32.37 -51.12 -8.44
CA PRO K 41 33.81 -50.86 -8.61
C PRO K 41 34.61 -51.90 -7.87
N LYS K 42 35.89 -52.02 -8.18
CA LYS K 42 36.80 -52.90 -7.44
C LYS K 42 36.42 -54.37 -7.39
N SER K 43 35.47 -54.80 -8.23
CA SER K 43 34.98 -56.16 -8.15
C SER K 43 35.43 -57.01 -9.36
N GLY K 44 36.28 -56.45 -10.23
CA GLY K 44 36.90 -57.16 -11.37
C GLY K 44 36.82 -56.46 -12.75
N THR K 45 36.59 -55.15 -12.74
CA THR K 45 36.32 -54.36 -13.97
C THR K 45 37.37 -54.46 -15.06
N HIS K 46 38.60 -54.06 -14.77
CA HIS K 46 39.64 -54.15 -15.78
C HIS K 46 39.92 -55.61 -16.19
N TRP K 47 39.76 -56.54 -15.26
CA TRP K 47 40.05 -57.95 -15.49
C TRP K 47 39.07 -58.56 -16.51
N LEU K 48 37.77 -58.45 -16.25
CA LEU K 48 36.77 -58.81 -17.23
C LEU K 48 37.02 -58.12 -18.59
N ALA K 49 37.39 -56.85 -18.58
CA ALA K 49 37.54 -56.14 -19.83
C ALA K 49 38.79 -56.53 -20.60
N GLU K 50 39.86 -56.86 -19.88
CA GLU K 50 41.09 -57.27 -20.58
C GLU K 50 40.89 -58.63 -21.22
N VAL K 51 40.36 -59.59 -20.47
CA VAL K 51 39.93 -60.86 -21.05
C VAL K 51 39.21 -60.68 -22.39
N ILE K 52 38.17 -59.87 -22.38
CA ILE K 52 37.42 -59.72 -23.59
C ILE K 52 38.35 -59.17 -24.69
N GLU K 53 39.19 -58.21 -24.34
CA GLU K 53 40.06 -57.62 -25.36
C GLU K 53 40.98 -58.68 -25.97
N ARG K 54 41.21 -59.76 -25.23
CA ARG K 54 42.19 -60.74 -25.67
C ARG K 54 41.58 -61.73 -26.63
N ILE K 55 40.25 -61.86 -26.60
CA ILE K 55 39.61 -62.87 -27.46
C ILE K 55 40.02 -62.63 -28.90
N PRO K 56 40.55 -63.68 -29.54
CA PRO K 56 41.15 -63.48 -30.86
C PRO K 56 40.17 -63.32 -32.02
N ASP K 57 40.49 -62.27 -32.76
CA ASP K 57 39.77 -61.96 -33.98
C ASP K 57 38.26 -62.08 -33.78
N ALA K 58 37.77 -61.34 -32.78
CA ALA K 58 36.36 -61.36 -32.38
C ALA K 58 35.55 -60.19 -32.94
N GLY K 59 36.28 -59.19 -33.42
CA GLY K 59 35.69 -58.10 -34.16
C GLY K 59 34.97 -57.12 -33.25
N ILE K 60 35.41 -57.08 -32.00
CA ILE K 60 34.78 -56.20 -31.01
C ILE K 60 35.57 -54.94 -30.69
N THR K 61 34.89 -53.86 -30.37
CA THR K 61 35.59 -52.68 -29.88
C THR K 61 35.17 -52.38 -28.40
N LEU K 62 36.16 -52.09 -27.55
CA LEU K 62 35.94 -51.85 -26.14
C LEU K 62 35.89 -50.38 -25.76
N THR K 63 34.71 -49.84 -25.54
CA THR K 63 34.61 -48.40 -25.45
C THR K 63 35.07 -47.87 -24.11
N SER K 64 34.99 -46.56 -24.02
CA SER K 64 35.17 -45.85 -22.78
C SER K 64 33.86 -46.04 -22.03
N PRO K 65 33.90 -46.01 -20.69
CA PRO K 65 32.62 -46.16 -20.00
C PRO K 65 31.54 -45.24 -20.52
N ILE K 66 30.33 -45.77 -20.58
CA ILE K 66 29.22 -45.04 -21.15
C ILE K 66 28.75 -43.92 -20.21
N GLU K 67 29.04 -44.02 -18.91
CA GLU K 67 28.59 -42.99 -18.01
C GLU K 67 29.77 -42.12 -17.65
N LEU K 68 30.77 -42.09 -18.51
CA LEU K 68 31.83 -41.12 -18.42
C LEU K 68 31.55 -40.01 -19.45
N GLY K 69 31.50 -38.76 -18.97
CA GLY K 69 31.48 -37.58 -19.82
C GLY K 69 30.20 -36.79 -20.07
N ASP K 70 30.22 -35.99 -21.14
CA ASP K 70 29.09 -35.16 -21.52
C ASP K 70 28.11 -36.01 -22.30
N ILE K 71 26.95 -35.43 -22.55
CA ILE K 71 25.98 -36.02 -23.43
C ILE K 71 26.72 -36.73 -24.59
N SER K 72 27.64 -35.99 -25.22
CA SER K 72 28.43 -36.41 -26.39
C SER K 72 29.15 -37.72 -26.27
N LYS K 73 29.07 -38.37 -25.13
CA LYS K 73 29.59 -39.69 -25.05
C LYS K 73 28.69 -40.50 -25.98
N PHE K 74 27.40 -40.33 -25.84
CA PHE K 74 26.48 -40.95 -26.79
C PHE K 74 26.92 -40.76 -28.22
N GLU K 75 26.85 -39.54 -28.71
CA GLU K 75 27.18 -39.34 -30.09
C GLU K 75 28.32 -40.23 -30.48
N GLU K 76 29.35 -40.14 -29.66
CA GLU K 76 30.61 -40.77 -29.99
C GLU K 76 30.45 -42.25 -30.12
N LEU K 77 29.82 -42.83 -29.11
CA LEU K 77 29.60 -44.26 -29.12
C LEU K 77 28.84 -44.61 -30.37
N LYS K 78 28.01 -43.67 -30.81
CA LYS K 78 27.21 -43.79 -32.02
C LYS K 78 28.13 -43.96 -33.21
N ARG K 79 29.19 -43.21 -33.19
CA ARG K 79 30.19 -43.33 -34.23
C ARG K 79 31.05 -44.55 -34.10
N ILE K 80 30.62 -45.60 -33.42
CA ILE K 80 31.48 -46.80 -33.42
C ILE K 80 30.95 -47.88 -34.29
N PRO K 81 31.77 -48.29 -35.25
CA PRO K 81 31.33 -49.12 -36.34
C PRO K 81 31.40 -50.59 -36.06
N LYS K 82 32.42 -51.03 -35.33
CA LYS K 82 32.56 -52.41 -34.96
C LYS K 82 31.73 -52.84 -33.75
N ARG K 83 31.88 -54.09 -33.33
CA ARG K 83 30.97 -54.59 -32.32
C ARG K 83 31.36 -53.86 -31.10
N ARG K 84 30.39 -53.44 -30.30
CA ARG K 84 30.69 -52.65 -29.11
C ARG K 84 30.57 -53.46 -27.83
N ALA K 85 31.62 -53.38 -27.01
CA ALA K 85 31.68 -53.97 -25.68
C ALA K 85 31.76 -52.84 -24.70
N ILE K 86 30.68 -52.62 -23.97
CA ILE K 86 30.56 -51.43 -23.19
C ILE K 86 30.59 -51.70 -21.68
N PRO K 87 31.48 -50.97 -20.98
CA PRO K 87 31.75 -51.09 -19.56
C PRO K 87 31.09 -49.96 -18.82
N THR K 88 30.55 -50.29 -17.67
CA THR K 88 29.97 -49.29 -16.84
C THR K 88 29.85 -49.80 -15.44
N HIS K 89 29.52 -48.92 -14.53
CA HIS K 89 29.26 -49.36 -13.19
C HIS K 89 27.75 -49.21 -12.83
N LEU K 90 26.89 -48.95 -13.80
CA LEU K 90 25.52 -48.56 -13.44
C LEU K 90 24.67 -49.63 -12.79
N ASN K 91 23.73 -49.19 -11.98
CA ASN K 91 22.79 -50.12 -11.40
C ASN K 91 21.81 -50.35 -12.50
N TYR K 92 21.03 -51.36 -12.34
CA TYR K 92 20.31 -51.78 -13.46
C TYR K 92 19.41 -50.69 -13.95
N GLU K 93 18.84 -49.99 -12.96
N GLU K 93 18.73 -50.07 -13.01
CA GLU K 93 17.80 -48.97 -13.19
CA GLU K 93 17.77 -49.00 -13.29
C GLU K 93 18.19 -47.83 -14.16
C GLU K 93 18.24 -47.89 -14.23
N MET K 94 19.36 -47.26 -13.94
CA MET K 94 19.87 -46.26 -14.81
C MET K 94 20.44 -46.87 -16.05
N LEU K 95 20.38 -48.19 -16.16
CA LEU K 95 20.81 -48.80 -17.40
C LEU K 95 19.79 -48.37 -18.45
N PRO K 96 20.26 -47.73 -19.52
CA PRO K 96 19.35 -47.23 -20.55
C PRO K 96 18.34 -48.23 -21.02
N VAL K 97 17.12 -47.76 -21.16
CA VAL K 97 16.04 -48.63 -21.40
C VAL K 97 16.37 -49.45 -22.61
N THR K 98 16.85 -48.73 -23.58
CA THR K 98 17.20 -49.30 -24.84
C THR K 98 18.05 -50.58 -24.66
N VAL K 99 19.09 -50.52 -23.82
CA VAL K 99 19.89 -51.72 -23.57
C VAL K 99 18.99 -52.80 -23.02
N LYS K 100 18.02 -52.41 -22.24
CA LYS K 100 17.18 -53.41 -21.64
C LYS K 100 16.24 -54.00 -22.69
N GLN K 101 15.78 -53.22 -23.64
CA GLN K 101 14.79 -53.72 -24.57
C GLN K 101 15.33 -54.52 -25.73
N LYS K 102 16.52 -54.18 -26.19
CA LYS K 102 17.14 -54.94 -27.28
C LYS K 102 17.79 -56.20 -26.69
N GLN K 103 17.78 -56.30 -25.37
CA GLN K 103 18.41 -57.42 -24.71
C GLN K 103 19.83 -57.65 -25.17
N CYS K 104 20.71 -56.68 -24.99
CA CYS K 104 22.13 -56.89 -25.27
C CYS K 104 22.73 -57.98 -24.41
N LYS K 105 23.81 -58.59 -24.86
CA LYS K 105 24.51 -59.49 -23.99
C LYS K 105 24.98 -58.63 -22.87
N ILE K 106 24.67 -59.07 -21.67
CA ILE K 106 25.21 -58.45 -20.47
C ILE K 106 26.04 -59.43 -19.73
N ILE K 107 27.24 -58.99 -19.31
CA ILE K 107 28.08 -59.75 -18.41
C ILE K 107 28.25 -59.00 -17.06
N TYR K 108 27.68 -59.58 -16.00
CA TYR K 108 27.79 -59.00 -14.65
C TYR K 108 28.85 -59.72 -13.84
N ILE K 109 29.90 -59.01 -13.45
CA ILE K 109 30.88 -59.62 -12.59
C ILE K 109 30.70 -59.16 -11.15
N VAL K 110 30.70 -60.10 -10.22
CA VAL K 110 30.45 -59.76 -8.83
C VAL K 110 31.51 -60.34 -7.94
N ARG K 111 31.78 -59.65 -6.84
CA ARG K 111 32.87 -60.07 -5.97
C ARG K 111 32.37 -60.20 -4.55
N ASN K 112 32.97 -61.02 -3.70
CA ASN K 112 32.61 -60.90 -2.32
C ASN K 112 32.89 -59.49 -1.82
N PRO K 113 31.91 -58.99 -1.07
CA PRO K 113 31.73 -57.61 -0.62
C PRO K 113 32.71 -57.15 0.48
N LYS K 114 33.27 -58.08 1.23
CA LYS K 114 34.27 -57.67 2.19
C LYS K 114 35.53 -57.32 1.42
N ASP K 115 35.95 -58.23 0.54
CA ASP K 115 37.11 -57.98 -0.26
C ASP K 115 36.92 -56.66 -0.95
N THR K 116 35.74 -56.49 -1.50
CA THR K 116 35.46 -55.31 -2.33
C THR K 116 35.47 -54.04 -1.54
N ALA K 117 35.01 -54.11 -0.30
CA ALA K 117 35.01 -52.93 0.51
C ALA K 117 36.48 -52.55 0.61
N VAL K 118 37.27 -53.56 0.91
CA VAL K 118 38.65 -53.34 1.24
C VAL K 118 39.36 -52.78 0.08
N SER K 119 39.23 -53.49 -1.02
CA SER K 119 39.82 -53.02 -2.23
C SER K 119 39.43 -51.59 -2.48
N MET K 120 38.20 -51.28 -2.14
CA MET K 120 37.68 -49.98 -2.48
C MET K 120 38.25 -48.98 -1.49
N PHE K 121 38.38 -49.35 -0.24
CA PHE K 121 39.06 -48.41 0.64
C PHE K 121 40.34 -47.89 -0.04
N HIS K 122 41.20 -48.79 -0.46
CA HIS K 122 42.50 -48.36 -0.97
C HIS K 122 42.39 -47.40 -2.13
N TYR K 123 41.29 -47.49 -2.85
CA TYR K 123 41.18 -46.69 -4.04
C TYR K 123 40.97 -45.23 -3.71
N TYR K 124 40.19 -44.99 -2.66
CA TYR K 124 39.87 -43.63 -2.27
C TYR K 124 41.12 -43.02 -1.76
N ARG K 125 41.78 -43.85 -0.98
CA ARG K 125 42.92 -43.44 -0.27
C ARG K 125 44.01 -43.11 -1.29
N ASP K 126 44.14 -43.95 -2.30
CA ASP K 126 45.12 -43.72 -3.34
C ASP K 126 44.63 -42.98 -4.57
N ASN K 127 43.32 -42.87 -4.75
CA ASN K 127 42.83 -42.34 -6.00
C ASN K 127 42.42 -40.90 -5.88
N PRO K 128 43.22 -40.06 -6.48
CA PRO K 128 43.07 -38.61 -6.33
C PRO K 128 41.76 -38.13 -6.86
N ASN K 129 41.16 -38.92 -7.75
CA ASN K 129 39.79 -38.69 -8.13
C ASN K 129 38.91 -38.89 -6.94
N LEU K 130 39.44 -39.56 -5.96
CA LEU K 130 38.66 -39.91 -4.81
C LEU K 130 39.19 -39.23 -3.59
N PRO K 131 38.27 -38.78 -2.76
CA PRO K 131 38.53 -38.13 -1.48
C PRO K 131 39.09 -39.20 -0.56
N SER K 132 40.37 -39.15 -0.27
CA SER K 132 40.92 -40.17 0.58
C SER K 132 40.16 -40.26 1.86
N THR K 133 39.93 -41.48 2.30
CA THR K 133 39.53 -41.76 3.67
C THR K 133 40.72 -42.10 4.56
N GLU K 134 40.73 -41.54 5.75
CA GLU K 134 41.87 -41.76 6.61
C GLU K 134 41.93 -43.21 7.02
N THR K 135 40.92 -43.61 7.81
CA THR K 135 40.88 -44.92 8.38
C THR K 135 39.95 -45.87 7.65
N TRP K 136 40.19 -47.13 7.95
CA TRP K 136 39.48 -48.22 7.40
C TRP K 136 38.10 -48.09 7.95
N ALA K 137 38.02 -47.97 9.27
CA ALA K 137 36.72 -47.94 9.94
C ALA K 137 35.74 -46.99 9.29
N ALA K 138 36.24 -45.77 9.03
CA ALA K 138 35.38 -44.71 8.55
C ALA K 138 34.79 -45.22 7.28
N PHE K 139 35.69 -45.66 6.44
CA PHE K 139 35.33 -46.08 5.13
C PHE K 139 34.30 -47.14 5.27
N LEU K 140 34.51 -48.07 6.19
CA LEU K 140 33.54 -49.15 6.28
C LEU K 140 32.20 -48.54 6.59
N GLU K 141 32.19 -47.49 7.41
CA GLU K 141 30.91 -46.88 7.77
C GLU K 141 30.17 -46.33 6.55
N LEU K 142 30.85 -45.60 5.70
CA LEU K 142 30.21 -45.20 4.44
C LEU K 142 29.83 -46.35 3.55
N PHE K 143 30.79 -47.19 3.24
CA PHE K 143 30.54 -48.29 2.34
C PHE K 143 29.29 -48.99 2.75
N LEU K 144 29.15 -49.22 4.04
CA LEU K 144 27.94 -49.81 4.55
C LEU K 144 26.72 -48.89 4.42
N LYS K 145 26.88 -47.55 4.39
CA LYS K 145 25.69 -46.70 4.22
C LYS K 145 25.28 -46.61 2.80
N GLY K 146 26.25 -46.89 1.94
CA GLY K 146 26.09 -46.79 0.50
C GLY K 146 26.56 -45.43 0.06
N ASP K 147 27.33 -44.77 0.90
CA ASP K 147 27.70 -43.43 0.57
C ASP K 147 29.02 -43.40 -0.07
N VAL K 148 29.20 -44.27 -1.06
CA VAL K 148 30.48 -44.45 -1.75
C VAL K 148 30.17 -44.26 -3.18
N VAL K 149 31.18 -44.15 -4.04
CA VAL K 149 30.83 -43.89 -5.42
C VAL K 149 30.06 -45.08 -5.95
N TYR K 150 29.06 -44.77 -6.74
CA TYR K 150 28.14 -45.74 -7.28
C TYR K 150 27.30 -46.38 -6.25
N GLY K 151 27.43 -46.00 -4.99
CA GLY K 151 26.43 -46.35 -4.01
C GLY K 151 26.50 -47.74 -3.38
N SER K 152 25.37 -48.18 -2.85
CA SER K 152 25.35 -49.32 -1.96
C SER K 152 25.69 -50.51 -2.72
N TRP K 153 26.58 -51.34 -2.21
CA TRP K 153 26.92 -52.54 -2.95
C TRP K 153 25.79 -53.56 -2.97
N PHE K 154 25.00 -53.55 -1.92
CA PHE K 154 24.03 -54.60 -1.79
C PHE K 154 22.93 -54.37 -2.80
N ASP K 155 22.68 -53.12 -3.11
CA ASP K 155 21.47 -52.81 -3.79
C ASP K 155 21.79 -53.12 -5.25
N HIS K 156 23.04 -52.82 -5.63
CA HIS K 156 23.58 -53.08 -6.97
C HIS K 156 23.44 -54.51 -7.43
N VAL K 157 24.00 -55.38 -6.62
CA VAL K 157 24.04 -56.75 -6.96
C VAL K 157 22.64 -57.33 -7.02
N LEU K 158 21.83 -56.88 -6.07
CA LEU K 158 20.44 -57.31 -5.98
C LEU K 158 19.66 -56.84 -7.17
N SER K 159 19.81 -55.56 -7.51
N SER K 159 19.80 -55.57 -7.51
CA SER K 159 19.13 -55.02 -8.67
CA SER K 159 19.12 -55.04 -8.68
C SER K 159 19.51 -55.86 -9.88
C SER K 159 19.48 -55.88 -9.89
N TRP K 160 20.78 -56.18 -10.04
CA TRP K 160 21.23 -56.95 -11.17
C TRP K 160 20.84 -58.40 -11.04
N GLU K 161 20.82 -58.87 -9.81
CA GLU K 161 20.60 -60.28 -9.54
C GLU K 161 19.18 -60.61 -9.94
N GLU K 162 18.31 -59.62 -9.85
CA GLU K 162 16.94 -59.77 -10.31
C GLU K 162 16.81 -60.05 -11.80
N HIS K 163 17.87 -59.80 -12.60
CA HIS K 163 17.94 -60.18 -14.02
C HIS K 163 18.94 -61.28 -14.42
N LYS K 164 19.62 -61.86 -13.45
CA LYS K 164 20.54 -62.94 -13.70
C LYS K 164 19.92 -64.06 -14.55
N ASN K 165 18.65 -64.31 -14.32
CA ASN K 165 17.92 -65.28 -15.14
C ASN K 165 17.53 -64.74 -16.46
N ASP K 166 18.03 -63.58 -16.87
CA ASP K 166 17.70 -63.17 -18.21
C ASP K 166 18.70 -63.83 -19.12
N LYS K 167 18.17 -64.47 -20.16
CA LYS K 167 18.96 -65.32 -21.04
C LYS K 167 20.21 -64.60 -21.52
N ASN K 168 20.06 -63.30 -21.76
CA ASN K 168 21.16 -62.47 -22.21
C ASN K 168 22.02 -61.91 -21.07
N VAL K 169 21.77 -62.42 -19.87
CA VAL K 169 22.52 -62.03 -18.68
C VAL K 169 23.30 -63.17 -18.03
N LEU K 170 24.59 -62.98 -17.87
CA LEU K 170 25.43 -64.00 -17.31
C LEU K 170 26.21 -63.36 -16.19
N PHE K 171 26.13 -63.98 -15.03
CA PHE K 171 26.90 -63.52 -13.92
C PHE K 171 28.20 -64.19 -13.85
N ILE K 172 29.17 -63.43 -13.40
CA ILE K 172 30.48 -63.95 -13.13
C ILE K 172 30.87 -63.50 -11.73
N PHE K 173 31.64 -64.34 -11.02
CA PHE K 173 32.21 -63.97 -9.75
C PHE K 173 33.70 -63.70 -9.86
N TYR K 174 34.23 -62.75 -9.09
CA TYR K 174 35.67 -62.46 -9.06
C TYR K 174 36.44 -63.63 -8.50
N GLU K 175 35.75 -64.35 -7.63
CA GLU K 175 36.30 -65.47 -6.87
C GLU K 175 36.52 -66.75 -7.71
N GLU K 176 35.69 -67.02 -8.71
CA GLU K 176 35.91 -68.20 -9.55
C GLU K 176 36.99 -67.99 -10.64
N MET K 177 37.22 -66.73 -11.01
CA MET K 177 38.20 -66.39 -12.02
C MET K 177 39.59 -66.47 -11.48
N LYS K 178 39.69 -66.18 -10.20
CA LYS K 178 40.87 -66.50 -9.40
C LYS K 178 41.00 -68.03 -9.24
N LYS K 179 39.92 -68.67 -8.82
CA LYS K 179 39.87 -70.11 -8.56
C LYS K 179 40.21 -71.03 -9.76
N ASP K 180 39.53 -70.85 -10.87
CA ASP K 180 39.67 -71.76 -11.99
C ASP K 180 39.41 -70.94 -13.20
N PHE K 181 40.38 -70.14 -13.60
CA PHE K 181 40.10 -69.17 -14.59
C PHE K 181 39.48 -69.79 -15.81
N VAL K 182 40.03 -70.89 -16.29
CA VAL K 182 39.61 -71.40 -17.60
C VAL K 182 38.18 -71.83 -17.63
N LYS K 183 37.73 -72.38 -16.51
CA LYS K 183 36.38 -72.91 -16.47
C LYS K 183 35.45 -71.77 -16.61
N SER K 184 35.95 -70.61 -16.26
CA SER K 184 35.20 -69.39 -16.47
C SER K 184 35.20 -69.00 -17.95
N LEU K 185 36.38 -68.71 -18.49
CA LEU K 185 36.44 -68.27 -19.86
C LEU K 185 35.59 -69.15 -20.78
N LYS K 186 35.43 -70.41 -20.40
CA LYS K 186 34.56 -71.30 -21.17
C LYS K 186 33.11 -70.81 -21.14
N LYS K 187 32.68 -70.48 -19.94
CA LYS K 187 31.32 -70.01 -19.68
CA LYS K 187 31.32 -70.01 -19.71
C LYS K 187 31.10 -68.75 -20.51
N ILE K 188 31.93 -67.75 -20.24
CA ILE K 188 31.89 -66.49 -20.97
C ILE K 188 31.82 -66.71 -22.45
N THR K 189 32.64 -67.65 -22.88
CA THR K 189 32.91 -67.77 -24.28
C THR K 189 31.69 -68.40 -24.91
N ALA K 190 31.15 -69.40 -24.24
CA ALA K 190 29.90 -69.98 -24.65
C ALA K 190 28.80 -68.91 -24.68
N PHE K 191 28.65 -68.15 -23.61
CA PHE K 191 27.45 -67.29 -23.50
C PHE K 191 27.49 -66.30 -24.63
N LEU K 192 28.69 -65.89 -24.95
CA LEU K 192 28.92 -64.93 -25.98
C LEU K 192 28.98 -65.70 -27.27
N GLY K 193 29.17 -67.00 -27.16
CA GLY K 193 29.34 -67.83 -28.34
C GLY K 193 30.59 -67.54 -29.19
N ILE K 194 31.78 -67.60 -28.61
CA ILE K 194 32.94 -67.54 -29.46
C ILE K 194 33.77 -68.78 -29.21
N ASP K 195 34.09 -69.47 -30.31
CA ASP K 195 35.00 -70.59 -30.26
C ASP K 195 36.36 -70.07 -29.98
N VAL K 196 36.86 -70.41 -28.81
CA VAL K 196 38.23 -70.19 -28.48
C VAL K 196 38.72 -71.50 -27.93
N ASN K 197 39.61 -72.17 -28.66
CA ASN K 197 40.06 -73.48 -28.26
C ASN K 197 40.95 -73.37 -27.06
N ASP K 198 41.45 -74.52 -26.62
CA ASP K 198 42.17 -74.65 -25.37
C ASP K 198 43.47 -73.88 -25.30
N SER K 199 44.22 -73.84 -26.40
CA SER K 199 45.51 -73.17 -26.41
C SER K 199 45.27 -71.68 -26.54
N GLU K 200 44.37 -71.33 -27.43
CA GLU K 200 43.93 -69.97 -27.46
C GLU K 200 43.67 -69.60 -26.02
N MET K 201 42.73 -70.31 -25.43
CA MET K 201 42.40 -70.00 -24.07
C MET K 201 43.57 -70.09 -23.13
N ALA K 202 44.44 -71.06 -23.32
CA ALA K 202 45.67 -71.10 -22.53
C ALA K 202 46.40 -69.77 -22.68
N LYS K 203 46.45 -69.26 -23.90
CA LYS K 203 47.10 -67.99 -24.18
C LYS K 203 46.54 -66.86 -23.35
N ILE K 204 45.22 -66.77 -23.35
CA ILE K 204 44.55 -65.73 -22.63
C ILE K 204 44.85 -65.86 -21.17
N ALA K 205 44.69 -67.09 -20.70
CA ALA K 205 44.94 -67.33 -19.32
C ALA K 205 46.36 -66.91 -19.04
N ARG K 206 47.25 -67.15 -19.99
CA ARG K 206 48.66 -66.78 -19.81
C ARG K 206 48.81 -65.25 -19.78
N SER K 207 47.87 -64.49 -20.33
CA SER K 207 48.10 -63.07 -20.60
C SER K 207 47.25 -62.10 -19.80
N THR K 208 46.29 -62.62 -19.05
CA THR K 208 45.42 -61.78 -18.25
C THR K 208 45.66 -61.99 -16.75
N SER K 209 46.95 -61.99 -16.39
CA SER K 209 47.39 -62.29 -15.02
C SER K 209 47.58 -61.01 -14.23
N PHE K 210 47.46 -61.10 -12.91
CA PHE K 210 47.70 -59.93 -12.08
C PHE K 210 49.06 -59.32 -12.41
N SER K 211 50.12 -60.02 -12.04
CA SER K 211 51.46 -59.46 -12.23
C SER K 211 51.57 -58.97 -13.66
N GLU K 212 51.01 -59.77 -14.57
CA GLU K 212 51.15 -59.53 -16.00
C GLU K 212 50.49 -58.25 -16.48
N MET K 213 49.19 -58.16 -16.22
CA MET K 213 48.49 -56.92 -16.44
C MET K 213 49.04 -55.85 -15.49
N LYS K 214 49.70 -56.27 -14.42
CA LYS K 214 50.35 -55.27 -13.60
C LYS K 214 51.46 -54.62 -14.44
N SER K 215 52.33 -55.42 -15.05
CA SER K 215 53.29 -54.84 -16.00
C SER K 215 52.55 -54.03 -17.06
N ASN K 216 52.82 -52.73 -17.10
CA ASN K 216 52.22 -51.90 -18.13
C ASN K 216 52.59 -50.44 -18.03
N ALA K 217 52.99 -49.90 -19.17
CA ALA K 217 53.28 -48.49 -19.28
C ALA K 217 53.08 -47.94 -20.69
N ALA K 218 52.16 -46.97 -20.84
CA ALA K 218 52.10 -46.08 -22.02
C ALA K 218 50.72 -45.85 -22.58
N LYS K 219 50.27 -46.82 -23.36
CA LYS K 219 48.97 -46.72 -23.99
C LYS K 219 48.61 -48.06 -24.58
N GLU K 220 47.49 -48.08 -25.30
CA GLU K 220 46.68 -49.27 -25.60
C GLU K 220 46.86 -49.72 -27.06
N ASN K 221 45.74 -49.84 -27.79
CA ASN K 221 45.77 -50.04 -29.22
C ASN K 221 46.02 -48.71 -29.94
N CYS K 222 45.99 -47.61 -29.19
CA CYS K 222 46.34 -46.28 -29.69
C CYS K 222 47.03 -45.40 -28.61
N ASP K 223 47.27 -44.14 -28.94
CA ASP K 223 48.14 -43.25 -28.15
C ASP K 223 47.67 -42.87 -26.74
N PRO K 224 46.52 -42.17 -26.68
CA PRO K 224 45.86 -41.77 -25.44
C PRO K 224 45.81 -42.92 -24.46
N ASN K 225 44.60 -43.15 -23.95
CA ASN K 225 44.34 -44.18 -22.95
C ASN K 225 42.83 -44.38 -22.65
N HIS K 226 42.28 -45.43 -23.24
CA HIS K 226 40.85 -45.79 -23.16
C HIS K 226 40.52 -46.21 -21.76
N VAL K 227 40.30 -45.25 -20.90
CA VAL K 227 39.92 -45.63 -19.56
C VAL K 227 38.80 -46.62 -19.79
N ILE K 228 38.61 -47.56 -18.87
CA ILE K 228 37.43 -48.42 -18.92
C ILE K 228 36.68 -48.35 -17.58
N CYS K 229 37.31 -47.71 -16.62
CA CYS K 229 36.60 -47.37 -15.39
C CYS K 229 36.62 -45.85 -15.32
N ALA K 230 35.46 -45.28 -15.01
CA ALA K 230 35.28 -43.82 -15.04
C ALA K 230 36.02 -43.13 -13.88
N LEU K 231 36.03 -43.77 -12.73
CA LEU K 231 36.84 -43.34 -11.60
C LEU K 231 38.36 -43.28 -11.84
N THR K 232 38.84 -43.95 -12.87
CA THR K 232 40.26 -44.19 -12.92
C THR K 232 40.94 -43.53 -14.12
N SER K 233 41.78 -42.56 -13.79
CA SER K 233 42.62 -41.90 -14.77
C SER K 233 43.97 -42.59 -14.85
N ASP K 234 44.39 -43.32 -13.80
CA ASP K 234 45.63 -44.11 -13.89
C ASP K 234 45.50 -45.61 -13.67
N ARG K 235 45.57 -46.35 -14.76
CA ARG K 235 45.42 -47.78 -14.67
C ARG K 235 46.36 -48.37 -13.64
N ASN K 236 47.52 -47.77 -13.46
CA ASN K 236 48.47 -48.35 -12.51
C ASN K 236 47.84 -48.52 -11.15
N LEU K 237 46.90 -47.65 -10.82
CA LEU K 237 46.31 -47.70 -9.50
C LEU K 237 45.53 -49.00 -9.20
N VAL K 238 45.06 -49.72 -10.20
CA VAL K 238 44.04 -50.72 -9.92
C VAL K 238 44.64 -52.04 -9.49
N PHE K 239 45.94 -52.14 -9.65
CA PHE K 239 46.62 -53.40 -9.41
C PHE K 239 47.23 -53.53 -8.06
N ARG K 240 46.36 -53.80 -7.11
CA ARG K 240 46.79 -53.83 -5.75
C ARG K 240 47.21 -55.23 -5.37
N LYS K 241 46.28 -56.07 -4.95
CA LYS K 241 46.63 -57.39 -4.40
C LYS K 241 45.91 -58.52 -5.13
N GLY K 242 44.92 -58.17 -5.94
CA GLY K 242 44.24 -59.15 -6.77
C GLY K 242 44.09 -60.55 -6.17
N VAL K 243 43.86 -60.62 -4.84
CA VAL K 243 43.54 -61.89 -4.19
C VAL K 243 42.12 -62.01 -3.52
N VAL K 244 41.83 -63.16 -2.88
CA VAL K 244 40.55 -63.40 -2.19
C VAL K 244 40.80 -63.54 -0.68
N GLY K 245 40.18 -62.71 0.16
CA GLY K 245 40.24 -62.92 1.62
C GLY K 245 41.11 -61.98 2.48
N ASP K 246 41.85 -61.09 1.82
CA ASP K 246 42.63 -60.02 2.48
C ASP K 246 41.81 -59.40 3.60
N TRP K 247 40.51 -59.54 3.47
CA TRP K 247 39.60 -58.92 4.37
C TRP K 247 39.77 -59.50 5.77
N ILE K 248 40.05 -60.79 5.89
CA ILE K 248 40.23 -61.33 7.23
C ILE K 248 41.23 -60.43 7.92
N ASN K 249 41.91 -59.58 7.15
CA ASN K 249 42.98 -58.79 7.71
C ASN K 249 42.55 -57.39 8.06
N TYR K 250 41.28 -57.06 7.90
CA TYR K 250 40.91 -55.68 8.09
C TYR K 250 39.70 -55.49 9.00
N PHE K 251 38.80 -56.47 9.00
CA PHE K 251 37.63 -56.39 9.85
C PHE K 251 37.88 -56.78 11.28
N THR K 252 37.58 -55.83 12.15
CA THR K 252 37.54 -56.11 13.53
C THR K 252 36.28 -56.91 13.68
N PRO K 253 36.29 -57.78 14.66
CA PRO K 253 35.12 -58.55 15.07
C PRO K 253 33.85 -57.69 15.12
N LYS K 254 33.91 -56.54 15.76
CA LYS K 254 32.71 -55.71 15.81
C LYS K 254 32.20 -55.29 14.41
N GLN K 255 33.13 -54.97 13.52
CA GLN K 255 32.76 -54.48 12.23
C GLN K 255 32.10 -55.54 11.51
N ASN K 256 32.74 -56.68 11.62
CA ASN K 256 32.21 -57.86 11.03
C ASN K 256 30.76 -58.13 11.39
N ARG K 257 30.43 -58.01 12.68
CA ARG K 257 29.10 -58.38 13.14
CA ARG K 257 29.09 -58.30 13.19
C ARG K 257 28.06 -57.43 12.54
N GLY K 258 28.32 -56.13 12.57
CA GLY K 258 27.44 -55.15 11.94
C GLY K 258 27.24 -55.50 10.50
N PHE K 259 28.22 -56.21 9.97
CA PHE K 259 28.17 -56.47 8.57
C PHE K 259 27.35 -57.67 8.21
N ASP K 260 27.67 -58.79 8.81
CA ASP K 260 26.86 -59.94 8.54
C ASP K 260 25.40 -59.56 8.74
N GLU K 261 25.15 -58.83 9.80
CA GLU K 261 23.79 -58.41 10.09
C GLU K 261 23.21 -57.76 8.87
N LEU K 262 23.80 -56.65 8.49
CA LEU K 262 23.37 -56.01 7.29
C LEU K 262 23.29 -57.01 6.15
N PHE K 263 24.29 -57.89 6.04
CA PHE K 263 24.38 -58.68 4.82
C PHE K 263 23.12 -59.45 4.87
N THR K 264 22.80 -59.94 6.03
CA THR K 264 21.74 -60.88 6.04
C THR K 264 20.42 -60.16 5.87
N GLU K 265 20.34 -58.97 6.44
CA GLU K 265 19.13 -58.14 6.33
C GLU K 265 18.90 -57.71 4.88
N LYS K 266 19.98 -57.54 4.13
CA LYS K 266 19.83 -57.01 2.80
C LYS K 266 19.70 -58.15 1.83
N MET K 267 20.46 -59.22 2.03
CA MET K 267 20.52 -60.24 1.00
C MET K 267 19.50 -61.28 1.28
N ARG K 268 19.06 -61.36 2.53
CA ARG K 268 18.07 -62.34 2.85
C ARG K 268 18.40 -63.61 2.05
N ASN K 269 17.47 -64.10 1.27
CA ASN K 269 17.69 -65.37 0.67
C ASN K 269 18.24 -65.36 -0.74
N SER K 270 19.02 -64.34 -1.06
CA SER K 270 19.79 -64.33 -2.32
C SER K 270 20.74 -65.52 -2.54
N ASP K 271 20.50 -66.31 -3.57
CA ASP K 271 21.38 -67.45 -3.76
C ASP K 271 22.71 -66.91 -4.01
N VAL K 272 22.75 -65.79 -4.70
CA VAL K 272 24.06 -65.25 -4.96
C VAL K 272 24.71 -64.91 -3.65
N GLY K 273 23.93 -64.26 -2.78
CA GLY K 273 24.40 -63.83 -1.48
C GLY K 273 25.00 -64.99 -0.81
N ARG K 274 24.35 -66.13 -0.98
CA ARG K 274 24.80 -67.33 -0.35
C ARG K 274 26.15 -67.70 -0.88
N CYS K 275 26.22 -67.90 -2.18
CA CYS K 275 27.46 -68.32 -2.79
C CYS K 275 28.58 -67.41 -2.41
N LEU K 276 28.34 -66.11 -2.34
CA LEU K 276 29.43 -65.19 -2.03
C LEU K 276 29.97 -65.42 -0.65
N LYS K 277 29.07 -65.63 0.33
CA LYS K 277 29.47 -65.86 1.72
C LYS K 277 30.50 -67.01 1.80
N GLU K 278 30.23 -68.07 1.04
CA GLU K 278 31.12 -69.21 1.02
C GLU K 278 32.49 -68.87 0.39
N TYR K 279 32.52 -67.93 -0.57
CA TYR K 279 33.76 -67.53 -1.23
C TYR K 279 34.65 -66.67 -0.36
N ALA K 280 34.02 -65.77 0.37
CA ALA K 280 34.71 -64.81 1.20
C ALA K 280 35.36 -65.51 2.34
N HIS K 281 34.73 -66.59 2.73
CA HIS K 281 35.05 -67.23 3.98
C HIS K 281 36.11 -68.33 3.80
N SER K 282 36.25 -68.84 2.59
CA SER K 282 37.10 -69.98 2.35
C SER K 282 38.33 -69.64 1.52
N ALA L 1 30.75 -96.54 -40.91
CA ALA L 1 31.84 -96.13 -40.03
C ALA L 1 31.77 -94.65 -39.66
N PRO L 2 31.10 -93.82 -40.49
CA PRO L 2 30.94 -92.46 -39.98
C PRO L 2 30.23 -92.59 -38.65
N SER L 3 30.23 -91.55 -37.82
CA SER L 3 29.67 -91.73 -36.51
C SER L 3 28.18 -91.95 -36.61
N LEU L 4 27.61 -92.26 -35.46
CA LEU L 4 26.19 -92.28 -35.28
C LEU L 4 25.82 -90.92 -34.69
N LEU L 5 26.76 -90.31 -33.97
CA LEU L 5 26.55 -88.99 -33.42
C LEU L 5 27.43 -87.99 -34.15
N HIS L 6 27.22 -86.72 -33.83
CA HIS L 6 28.03 -85.64 -34.35
C HIS L 6 27.83 -84.40 -33.48
N LYS L 7 28.65 -83.38 -33.70
CA LYS L 7 28.82 -82.38 -32.69
C LYS L 7 28.56 -81.01 -33.21
N TYR L 8 27.48 -80.40 -32.73
CA TYR L 8 27.13 -79.02 -33.11
C TYR L 8 27.17 -78.13 -31.93
N MET L 9 27.92 -77.05 -32.06
N MET L 9 27.85 -77.00 -32.09
CA MET L 9 28.05 -76.14 -30.99
CA MET L 9 28.03 -76.08 -31.00
C MET L 9 28.28 -76.96 -29.75
C MET L 9 28.34 -76.90 -29.74
N GLY L 10 29.21 -77.90 -29.86
CA GLY L 10 29.68 -78.64 -28.71
C GLY L 10 28.68 -79.58 -28.04
N ILE L 11 27.68 -80.03 -28.75
CA ILE L 11 26.75 -80.97 -28.15
C ILE L 11 26.51 -82.07 -29.11
N PHE L 12 26.53 -83.29 -28.59
CA PHE L 12 26.30 -84.46 -29.38
C PHE L 12 24.86 -84.57 -29.78
N PHE L 13 24.66 -84.71 -31.08
CA PHE L 13 23.33 -84.97 -31.63
C PHE L 13 23.36 -86.23 -32.50
N SER L 14 22.20 -86.73 -32.91
CA SER L 14 22.17 -87.84 -33.84
C SER L 14 22.47 -87.30 -35.19
N THR L 15 23.04 -88.10 -36.06
CA THR L 15 23.24 -87.60 -37.39
C THR L 15 21.86 -87.41 -38.06
N MET L 16 20.83 -87.93 -37.41
CA MET L 16 19.46 -87.84 -37.93
C MET L 16 18.89 -86.49 -37.63
N SER L 17 19.69 -85.65 -37.00
CA SER L 17 19.34 -84.27 -36.90
C SER L 17 20.35 -83.53 -37.73
N SER L 18 19.98 -83.24 -38.97
CA SER L 18 20.94 -82.71 -39.91
C SER L 18 21.48 -81.42 -39.36
N GLU L 19 22.62 -81.03 -39.87
CA GLU L 19 23.19 -79.81 -39.44
C GLU L 19 22.48 -78.63 -40.14
N GLU L 20 22.02 -78.88 -41.37
CA GLU L 20 21.31 -77.86 -42.12
C GLU L 20 20.24 -77.37 -41.20
N LEU L 21 19.51 -78.31 -40.62
CA LEU L 21 18.36 -78.00 -39.82
C LEU L 21 18.78 -77.22 -38.62
N LEU L 22 19.70 -77.79 -37.87
CA LEU L 22 20.10 -77.19 -36.62
C LEU L 22 20.57 -75.78 -36.89
N GLY L 23 21.72 -75.62 -37.53
CA GLY L 23 22.21 -74.29 -37.81
C GLY L 23 21.06 -73.41 -38.27
N SER L 24 19.97 -74.01 -38.76
CA SER L 24 18.83 -73.23 -39.22
C SER L 24 17.65 -73.23 -38.26
N LEU L 25 17.91 -73.16 -36.99
CA LEU L 25 16.80 -73.17 -36.05
C LEU L 25 16.12 -71.81 -35.96
N ASP L 26 16.88 -70.73 -35.97
CA ASP L 26 16.25 -69.46 -35.73
C ASP L 26 15.36 -69.05 -36.89
N SER L 27 15.40 -69.82 -37.96
CA SER L 27 14.54 -69.50 -39.10
C SER L 27 13.12 -70.02 -38.84
N PHE L 28 12.95 -70.88 -37.88
CA PHE L 28 11.61 -71.37 -37.67
C PHE L 28 10.65 -70.22 -37.26
N ASP L 29 9.47 -70.20 -37.91
CA ASP L 29 8.41 -69.20 -37.64
C ASP L 29 7.40 -69.85 -36.75
N ALA L 30 7.48 -69.53 -35.47
CA ALA L 30 6.56 -70.03 -34.45
C ALA L 30 5.28 -69.23 -34.46
N ARG L 31 4.23 -69.80 -33.90
CA ARG L 31 2.91 -69.22 -33.84
C ARG L 31 2.66 -68.96 -32.38
N GLU L 32 1.84 -67.99 -32.05
CA GLU L 32 1.61 -67.64 -30.68
C GLU L 32 0.92 -68.79 -29.91
N ASP L 33 0.11 -69.60 -30.60
CA ASP L 33 -0.54 -70.75 -29.94
C ASP L 33 0.28 -72.07 -30.07
N ASP L 34 1.60 -71.95 -30.06
CA ASP L 34 2.39 -73.15 -30.13
C ASP L 34 2.67 -73.66 -28.76
N ILE L 35 2.54 -74.97 -28.62
CA ILE L 35 3.06 -75.69 -27.47
C ILE L 35 4.39 -76.44 -27.80
N PHE L 36 5.31 -76.37 -26.86
CA PHE L 36 6.59 -77.05 -27.01
C PHE L 36 6.79 -77.94 -25.83
N LEU L 37 7.06 -79.20 -26.12
CA LEU L 37 7.17 -80.21 -25.11
C LEU L 37 8.61 -80.55 -24.85
N VAL L 38 9.14 -80.02 -23.75
CA VAL L 38 10.55 -80.19 -23.49
C VAL L 38 10.85 -81.12 -22.28
N SER L 39 11.86 -81.95 -22.45
CA SER L 39 12.37 -82.79 -21.36
C SER L 39 13.72 -83.22 -21.84
N TYR L 40 14.59 -83.56 -20.92
CA TYR L 40 15.80 -84.24 -21.30
C TYR L 40 15.43 -85.64 -21.73
N PRO L 41 16.20 -86.17 -22.66
CA PRO L 41 15.96 -87.57 -22.98
C PRO L 41 15.78 -88.31 -21.69
N LYS L 42 14.95 -89.31 -21.71
CA LYS L 42 14.86 -90.21 -20.59
C LYS L 42 14.45 -89.44 -19.40
N SER L 43 13.72 -88.38 -19.63
CA SER L 43 13.34 -87.62 -18.47
C SER L 43 11.88 -87.64 -18.32
N GLY L 44 11.23 -87.77 -19.45
CA GLY L 44 9.80 -87.99 -19.46
C GLY L 44 9.19 -87.42 -20.71
N THR L 45 9.59 -87.99 -21.85
CA THR L 45 9.22 -87.45 -23.16
C THR L 45 7.98 -88.14 -23.83
N HIS L 46 7.95 -89.46 -23.91
CA HIS L 46 6.86 -90.12 -24.63
C HIS L 46 5.58 -90.20 -23.81
N TRP L 47 5.69 -90.17 -22.50
CA TRP L 47 4.52 -90.30 -21.68
C TRP L 47 3.80 -88.99 -21.69
N LEU L 48 4.63 -87.95 -21.62
CA LEU L 48 4.16 -86.60 -21.64
C LEU L 48 3.30 -86.36 -22.87
N ALA L 49 3.76 -86.79 -24.05
CA ALA L 49 2.99 -86.64 -25.31
C ALA L 49 1.88 -87.68 -25.57
N GLU L 50 2.01 -88.90 -25.07
CA GLU L 50 0.89 -89.81 -25.17
C GLU L 50 -0.24 -89.12 -24.47
N VAL L 51 0.08 -88.63 -23.30
CA VAL L 51 -0.91 -88.04 -22.40
C VAL L 51 -1.68 -86.90 -23.05
N ILE L 52 -0.96 -85.99 -23.68
CA ILE L 52 -1.61 -84.91 -24.36
C ILE L 52 -2.52 -85.50 -25.45
N GLU L 53 -1.92 -86.24 -26.37
CA GLU L 53 -2.68 -86.89 -27.44
C GLU L 53 -4.05 -87.30 -26.96
N ARG L 54 -4.10 -87.81 -25.74
CA ARG L 54 -5.37 -88.31 -25.27
C ARG L 54 -6.29 -87.20 -24.88
N ILE L 55 -5.79 -86.00 -24.72
CA ILE L 55 -6.75 -85.01 -24.33
C ILE L 55 -7.74 -84.95 -25.45
N PRO L 56 -9.02 -84.95 -25.11
CA PRO L 56 -10.12 -85.05 -26.07
C PRO L 56 -10.61 -83.71 -26.61
N ASP L 57 -10.67 -83.61 -27.93
CA ASP L 57 -11.15 -82.44 -28.65
C ASP L 57 -10.43 -81.24 -28.17
N ALA L 58 -9.12 -81.29 -28.26
CA ALA L 58 -8.32 -80.12 -27.93
C ALA L 58 -7.98 -79.34 -29.19
N GLY L 59 -8.11 -79.96 -30.35
CA GLY L 59 -7.88 -79.23 -31.58
C GLY L 59 -6.39 -79.09 -31.83
N ILE L 60 -5.59 -79.91 -31.18
CA ILE L 60 -4.14 -79.79 -31.26
C ILE L 60 -3.53 -80.90 -32.15
N THR L 61 -2.36 -80.61 -32.72
CA THR L 61 -1.59 -81.61 -33.47
C THR L 61 -0.23 -81.88 -32.78
N LEU L 62 0.09 -83.13 -32.47
CA LEU L 62 1.45 -83.40 -32.02
C LEU L 62 2.40 -83.73 -33.13
N THR L 63 3.30 -82.83 -33.35
CA THR L 63 4.19 -82.93 -34.48
C THR L 63 5.27 -83.90 -34.14
N SER L 64 6.12 -84.02 -35.13
CA SER L 64 7.33 -84.76 -35.04
C SER L 64 8.29 -83.84 -34.38
N PRO L 65 9.37 -84.37 -33.82
CA PRO L 65 10.28 -83.49 -33.10
C PRO L 65 10.76 -82.41 -34.00
N ILE L 66 10.87 -81.21 -33.47
CA ILE L 66 11.32 -80.12 -34.30
C ILE L 66 12.72 -80.36 -34.82
N GLU L 67 13.61 -80.88 -33.96
CA GLU L 67 15.04 -80.96 -34.32
C GLU L 67 15.35 -82.22 -35.09
N LEU L 68 14.37 -82.75 -35.78
CA LEU L 68 14.62 -83.94 -36.56
C LEU L 68 14.39 -83.62 -38.04
N GLY L 69 15.29 -84.10 -38.87
CA GLY L 69 15.06 -84.07 -40.30
C GLY L 69 15.84 -83.02 -41.06
N ASP L 70 15.32 -82.71 -42.23
CA ASP L 70 15.90 -81.70 -43.10
C ASP L 70 15.58 -80.31 -42.65
N ILE L 71 16.25 -79.36 -43.28
CA ILE L 71 15.68 -78.04 -43.46
C ILE L 71 14.24 -78.21 -43.91
N SER L 72 13.94 -79.26 -44.69
CA SER L 72 12.57 -79.80 -44.89
C SER L 72 11.87 -80.43 -43.67
N LYS L 73 12.12 -79.87 -42.50
CA LYS L 73 11.30 -80.15 -41.33
C LYS L 73 10.35 -78.98 -41.11
N PHE L 74 10.85 -77.79 -41.42
CA PHE L 74 10.13 -76.52 -41.24
C PHE L 74 8.92 -76.22 -42.11
N GLU L 75 9.03 -76.48 -43.40
CA GLU L 75 7.82 -76.38 -44.21
C GLU L 75 6.75 -77.17 -43.48
N GLU L 76 7.08 -78.43 -43.24
CA GLU L 76 6.07 -79.36 -42.78
C GLU L 76 5.36 -78.68 -41.65
N LEU L 77 6.14 -78.11 -40.75
CA LEU L 77 5.53 -77.55 -39.56
C LEU L 77 4.69 -76.47 -40.09
N LYS L 78 5.28 -75.68 -40.97
CA LYS L 78 4.59 -74.55 -41.52
C LYS L 78 3.31 -75.03 -42.12
N ARG L 79 3.33 -76.24 -42.60
CA ARG L 79 2.17 -76.73 -43.30
C ARG L 79 1.18 -77.37 -42.36
N ILE L 80 1.49 -77.36 -41.09
CA ILE L 80 0.48 -77.79 -40.19
C ILE L 80 -0.38 -76.56 -39.93
N PRO L 81 -1.70 -76.76 -40.06
CA PRO L 81 -2.83 -75.86 -39.99
C PRO L 81 -3.52 -75.75 -38.63
N LYS L 82 -3.53 -76.81 -37.80
CA LYS L 82 -4.10 -76.76 -36.46
C LYS L 82 -3.07 -76.30 -35.43
N ARG L 83 -3.47 -76.37 -34.17
CA ARG L 83 -2.62 -75.99 -33.08
C ARG L 83 -1.60 -77.06 -32.97
N ARG L 84 -0.34 -76.69 -32.75
CA ARG L 84 0.78 -77.57 -32.90
C ARG L 84 1.41 -77.86 -31.54
N ALA L 85 1.74 -79.12 -31.26
CA ALA L 85 2.58 -79.49 -30.12
C ALA L 85 3.85 -80.11 -30.65
N ILE L 86 4.94 -79.45 -30.32
CA ILE L 86 6.20 -79.73 -30.96
C ILE L 86 7.01 -80.37 -29.90
N PRO L 87 7.28 -81.66 -30.06
CA PRO L 87 8.16 -82.24 -29.08
C PRO L 87 9.58 -81.82 -29.40
N THR L 88 10.39 -81.71 -28.35
CA THR L 88 11.77 -81.22 -28.46
C THR L 88 12.67 -81.67 -27.31
N HIS L 89 13.97 -81.78 -27.57
CA HIS L 89 14.95 -82.02 -26.52
C HIS L 89 16.03 -80.86 -26.51
N LEU L 90 15.78 -79.73 -27.16
CA LEU L 90 16.77 -78.63 -27.21
C LEU L 90 16.97 -77.89 -25.91
N ASN L 91 18.19 -77.38 -25.73
CA ASN L 91 18.50 -76.58 -24.55
C ASN L 91 17.89 -75.22 -24.76
N TYR L 92 17.85 -74.38 -23.73
CA TYR L 92 17.20 -73.13 -23.91
C TYR L 92 17.86 -72.31 -25.01
N GLU L 93 19.18 -72.41 -25.03
N GLU L 93 19.19 -72.36 -25.02
CA GLU L 93 20.00 -71.62 -25.93
CA GLU L 93 19.96 -71.52 -25.93
C GLU L 93 19.63 -71.86 -27.37
C GLU L 93 19.61 -71.85 -27.39
N MET L 94 19.50 -73.12 -27.72
CA MET L 94 19.27 -73.48 -29.11
C MET L 94 17.84 -73.41 -29.55
N LEU L 95 16.91 -73.21 -28.63
CA LEU L 95 15.53 -72.98 -29.01
C LEU L 95 15.33 -71.74 -29.92
N PRO L 96 14.53 -71.88 -31.03
CA PRO L 96 14.39 -70.78 -31.97
C PRO L 96 14.09 -69.51 -31.27
N VAL L 97 14.76 -68.46 -31.66
CA VAL L 97 14.58 -67.25 -30.97
C VAL L 97 13.12 -66.95 -30.96
N THR L 98 12.49 -67.31 -32.04
CA THR L 98 11.15 -66.91 -32.30
C THR L 98 10.15 -67.55 -31.32
N VAL L 99 10.48 -68.72 -30.80
CA VAL L 99 9.63 -69.35 -29.77
C VAL L 99 9.73 -68.52 -28.48
N LYS L 100 10.91 -67.96 -28.25
CA LYS L 100 11.15 -67.03 -27.15
C LYS L 100 10.35 -65.71 -27.28
N GLN L 101 10.24 -65.16 -28.48
CA GLN L 101 9.64 -63.81 -28.67
C GLN L 101 8.14 -63.86 -28.62
N LYS L 102 7.58 -64.90 -29.19
CA LYS L 102 6.17 -65.18 -29.00
C LYS L 102 5.84 -65.79 -27.63
N GLN L 103 6.83 -66.01 -26.78
CA GLN L 103 6.62 -66.63 -25.48
C GLN L 103 5.61 -67.71 -25.55
N CYS L 104 5.82 -68.64 -26.47
CA CYS L 104 4.96 -69.82 -26.61
C CYS L 104 4.98 -70.65 -25.38
N LYS L 105 3.88 -71.33 -25.10
CA LYS L 105 3.80 -72.26 -23.99
C LYS L 105 4.75 -73.45 -24.08
N ILE L 106 5.57 -73.58 -23.05
CA ILE L 106 6.49 -74.70 -22.88
C ILE L 106 6.01 -75.59 -21.75
N ILE L 107 5.88 -76.89 -21.98
CA ILE L 107 5.84 -77.84 -20.87
C ILE L 107 7.20 -78.54 -20.82
N TYR L 108 7.86 -78.47 -19.65
CA TYR L 108 9.19 -79.05 -19.43
C TYR L 108 9.12 -80.18 -18.44
N ILE L 109 9.58 -81.37 -18.81
CA ILE L 109 9.53 -82.47 -17.88
C ILE L 109 10.94 -82.87 -17.63
N VAL L 110 11.26 -82.89 -16.35
CA VAL L 110 12.54 -83.28 -15.90
C VAL L 110 12.35 -84.53 -15.12
N ARG L 111 13.40 -85.31 -15.13
CA ARG L 111 13.40 -86.53 -14.44
C ARG L 111 14.63 -86.50 -13.55
N ASN L 112 14.58 -87.23 -12.47
CA ASN L 112 15.68 -87.19 -11.59
C ASN L 112 16.76 -87.77 -12.41
N PRO L 113 17.97 -87.27 -12.19
CA PRO L 113 18.98 -87.53 -13.19
C PRO L 113 19.51 -88.97 -13.09
N LYS L 114 19.67 -89.51 -11.89
CA LYS L 114 20.10 -90.90 -11.74
C LYS L 114 19.18 -91.87 -12.48
N ASP L 115 17.86 -91.76 -12.32
CA ASP L 115 16.99 -92.63 -13.09
C ASP L 115 17.16 -92.28 -14.53
N THR L 116 17.22 -90.98 -14.80
CA THR L 116 17.34 -90.53 -16.18
C THR L 116 18.65 -91.12 -16.75
N ALA L 117 19.69 -91.22 -15.91
CA ALA L 117 21.01 -91.69 -16.33
C ALA L 117 20.99 -93.16 -16.64
N VAL L 118 20.50 -93.91 -15.70
CA VAL L 118 20.33 -95.32 -15.95
C VAL L 118 19.46 -95.57 -17.19
N SER L 119 18.38 -94.83 -17.32
CA SER L 119 17.47 -94.96 -18.47
C SER L 119 18.15 -94.78 -19.83
N MET L 120 19.04 -93.80 -19.89
CA MET L 120 19.82 -93.44 -21.06
C MET L 120 20.89 -94.53 -21.39
N PHE L 121 21.65 -94.96 -20.39
CA PHE L 121 22.60 -96.01 -20.66
C PHE L 121 21.98 -97.02 -21.60
N HIS L 122 20.88 -97.60 -21.13
CA HIS L 122 20.19 -98.67 -21.79
C HIS L 122 19.77 -98.32 -23.13
N TYR L 123 19.28 -97.11 -23.23
CA TYR L 123 18.93 -96.62 -24.53
C TYR L 123 20.12 -96.61 -25.45
N TYR L 124 21.31 -96.36 -24.92
CA TYR L 124 22.50 -96.38 -25.77
C TYR L 124 22.87 -97.80 -26.17
N ARG L 125 22.70 -98.68 -25.20
CA ARG L 125 22.93 -100.10 -25.37
C ARG L 125 22.00 -100.67 -26.42
N ASP L 126 20.72 -100.32 -26.31
CA ASP L 126 19.68 -100.94 -27.11
C ASP L 126 19.33 -100.13 -28.31
N ASN L 127 19.85 -98.93 -28.43
CA ASN L 127 19.44 -98.12 -29.54
C ASN L 127 20.53 -98.12 -30.54
N PRO L 128 20.31 -98.84 -31.62
CA PRO L 128 21.28 -98.94 -32.69
C PRO L 128 21.54 -97.55 -33.19
N ASN L 129 20.50 -96.71 -33.07
CA ASN L 129 20.64 -95.31 -33.40
C ASN L 129 21.74 -94.74 -32.53
N LEU L 130 22.02 -95.46 -31.47
CA LEU L 130 23.00 -94.99 -30.55
C LEU L 130 24.15 -95.97 -30.45
N PRO L 131 25.36 -95.40 -30.38
CA PRO L 131 26.62 -96.10 -30.16
C PRO L 131 26.63 -96.83 -28.84
N SER L 132 26.15 -98.06 -28.77
CA SER L 132 26.28 -98.81 -27.51
C SER L 132 27.59 -98.49 -26.77
N THR L 133 27.51 -98.39 -25.45
CA THR L 133 28.67 -98.49 -24.58
C THR L 133 28.52 -99.81 -23.87
N GLU L 134 29.62 -100.38 -23.37
CA GLU L 134 29.56 -101.75 -22.82
C GLU L 134 29.24 -101.73 -21.33
N THR L 135 29.87 -100.80 -20.63
CA THR L 135 29.76 -100.72 -19.19
C THR L 135 29.06 -99.44 -18.77
N TRP L 136 28.20 -99.59 -17.78
CA TRP L 136 27.64 -98.47 -17.05
C TRP L 136 28.67 -97.43 -16.61
N ALA L 137 29.81 -97.88 -16.11
CA ALA L 137 30.83 -96.98 -15.64
C ALA L 137 31.23 -96.05 -16.75
N ALA L 138 31.43 -96.66 -17.91
CA ALA L 138 31.87 -95.92 -19.05
C ALA L 138 30.86 -94.81 -19.18
N PHE L 139 29.63 -95.22 -19.35
CA PHE L 139 28.64 -94.24 -19.67
C PHE L 139 28.62 -93.12 -18.64
N LEU L 140 28.35 -93.48 -17.41
CA LEU L 140 28.17 -92.49 -16.39
C LEU L 140 29.21 -91.44 -16.55
N GLU L 141 30.38 -91.86 -16.99
CA GLU L 141 31.47 -90.96 -17.03
C GLU L 141 31.13 -89.98 -18.11
N LEU L 142 30.54 -90.49 -19.16
CA LEU L 142 30.18 -89.63 -20.25
C LEU L 142 29.13 -88.73 -19.76
N PHE L 143 28.10 -89.34 -19.20
CA PHE L 143 26.99 -88.58 -18.72
C PHE L 143 27.42 -87.37 -17.88
N LEU L 144 28.33 -87.63 -16.95
CA LEU L 144 28.80 -86.62 -16.02
C LEU L 144 29.41 -85.47 -16.74
N LYS L 145 30.00 -85.77 -17.88
CA LYS L 145 30.69 -84.79 -18.68
C LYS L 145 29.69 -84.06 -19.56
N GLY L 146 28.48 -84.56 -19.65
CA GLY L 146 27.56 -84.03 -20.64
C GLY L 146 28.02 -84.43 -22.02
N ASP L 147 28.80 -85.50 -22.09
CA ASP L 147 29.25 -85.89 -23.43
C ASP L 147 28.36 -86.99 -23.91
N VAL L 148 27.04 -86.80 -23.75
CA VAL L 148 26.03 -87.67 -24.37
C VAL L 148 25.20 -86.88 -25.35
N VAL L 149 24.23 -87.52 -26.00
CA VAL L 149 23.40 -86.78 -26.95
C VAL L 149 22.65 -85.69 -26.21
N TYR L 150 22.61 -84.49 -26.78
CA TYR L 150 21.95 -83.35 -26.11
C TYR L 150 22.74 -82.70 -24.95
N GLY L 151 23.81 -83.32 -24.50
CA GLY L 151 24.67 -82.71 -23.49
C GLY L 151 24.34 -82.88 -22.03
N SER L 152 24.94 -82.00 -21.22
CA SER L 152 24.84 -82.05 -19.76
C SER L 152 23.43 -81.87 -19.29
N TRP L 153 22.92 -82.86 -18.59
CA TRP L 153 21.59 -82.73 -18.07
C TRP L 153 21.62 -81.45 -17.27
N PHE L 154 22.72 -81.19 -16.58
CA PHE L 154 22.76 -80.07 -15.65
C PHE L 154 22.52 -78.74 -16.32
N ASP L 155 23.31 -78.45 -17.33
CA ASP L 155 23.17 -77.18 -17.97
C ASP L 155 21.82 -77.07 -18.62
N HIS L 156 21.30 -78.21 -19.08
CA HIS L 156 19.98 -78.26 -19.73
C HIS L 156 18.95 -77.75 -18.78
N VAL L 157 18.85 -78.48 -17.70
CA VAL L 157 17.81 -78.28 -16.76
C VAL L 157 18.01 -76.89 -16.18
N LEU L 158 19.25 -76.46 -16.03
CA LEU L 158 19.47 -75.15 -15.44
C LEU L 158 18.97 -74.01 -16.32
N SER L 159 19.30 -74.09 -17.60
CA SER L 159 19.06 -72.98 -18.49
CA SER L 159 19.05 -72.97 -18.47
C SER L 159 17.56 -72.79 -18.63
N TRP L 160 16.85 -73.90 -18.58
CA TRP L 160 15.40 -73.84 -18.72
C TRP L 160 14.76 -73.43 -17.42
N GLU L 161 15.46 -73.60 -16.29
CA GLU L 161 14.84 -73.34 -15.03
C GLU L 161 14.80 -71.84 -14.85
N GLU L 162 15.75 -71.14 -15.47
CA GLU L 162 15.83 -69.67 -15.43
C GLU L 162 14.48 -69.05 -15.79
N HIS L 163 13.59 -69.81 -16.39
CA HIS L 163 12.33 -69.27 -16.82
C HIS L 163 11.21 -70.01 -16.20
N LYS L 164 11.40 -70.56 -15.01
CA LYS L 164 10.36 -71.35 -14.37
C LYS L 164 9.24 -70.51 -13.77
N ASN L 165 9.48 -69.21 -13.60
CA ASN L 165 8.45 -68.29 -13.13
C ASN L 165 7.77 -67.51 -14.29
N ASP L 166 8.10 -67.85 -15.54
CA ASP L 166 7.57 -67.18 -16.71
C ASP L 166 6.17 -67.63 -16.81
N LYS L 167 5.24 -66.73 -17.07
CA LYS L 167 3.86 -67.16 -17.14
C LYS L 167 3.73 -68.30 -18.10
N ASN L 168 4.57 -68.29 -19.11
CA ASN L 168 4.35 -69.18 -20.24
C ASN L 168 5.04 -70.50 -20.08
N VAL L 169 5.52 -70.78 -18.89
CA VAL L 169 6.32 -71.96 -18.65
C VAL L 169 5.70 -72.77 -17.53
N LEU L 170 5.60 -74.09 -17.70
CA LEU L 170 5.21 -74.99 -16.62
C LEU L 170 6.27 -76.06 -16.45
N PHE L 171 6.68 -76.32 -15.20
CA PHE L 171 7.55 -77.46 -14.88
C PHE L 171 6.69 -78.61 -14.41
N ILE L 172 6.96 -79.78 -14.99
CA ILE L 172 6.31 -81.04 -14.60
C ILE L 172 7.38 -82.06 -14.27
N PHE L 173 7.23 -82.71 -13.12
CA PHE L 173 8.21 -83.65 -12.58
C PHE L 173 7.87 -85.09 -12.90
N TYR L 174 8.80 -85.80 -13.56
CA TYR L 174 8.66 -87.22 -13.90
C TYR L 174 8.06 -87.93 -12.68
N GLU L 175 8.65 -87.64 -11.52
CA GLU L 175 8.23 -88.24 -10.27
C GLU L 175 6.79 -87.95 -9.81
N GLU L 176 6.28 -86.74 -10.02
CA GLU L 176 5.01 -86.39 -9.40
C GLU L 176 3.87 -87.09 -10.15
N MET L 177 4.13 -87.33 -11.41
CA MET L 177 3.16 -88.00 -12.22
C MET L 177 2.95 -89.38 -11.64
N LYS L 178 4.01 -90.17 -11.60
CA LYS L 178 3.91 -91.52 -11.08
C LYS L 178 3.20 -91.40 -9.73
N LYS L 179 3.66 -90.48 -8.88
CA LYS L 179 3.12 -90.40 -7.52
C LYS L 179 1.65 -90.03 -7.56
N ASP L 180 1.32 -89.12 -8.47
CA ASP L 180 0.05 -88.47 -8.42
C ASP L 180 -0.12 -87.90 -9.76
N PHE L 181 -0.62 -88.74 -10.66
CA PHE L 181 -0.74 -88.40 -12.08
C PHE L 181 -1.84 -87.42 -12.40
N VAL L 182 -3.02 -87.78 -11.95
CA VAL L 182 -4.16 -86.92 -12.01
C VAL L 182 -3.81 -85.53 -11.51
N LYS L 183 -3.16 -85.47 -10.35
CA LYS L 183 -2.77 -84.18 -9.82
CA LYS L 183 -2.76 -84.19 -9.81
C LYS L 183 -1.98 -83.50 -10.91
N SER L 184 -0.88 -84.12 -11.31
CA SER L 184 -0.10 -83.57 -12.39
C SER L 184 -0.98 -83.19 -13.54
N LEU L 185 -1.80 -84.12 -13.99
CA LEU L 185 -2.59 -83.86 -15.19
C LEU L 185 -3.44 -82.58 -15.07
N LYS L 186 -4.10 -82.43 -13.95
CA LYS L 186 -4.72 -81.19 -13.65
C LYS L 186 -3.70 -80.10 -13.87
N LYS L 187 -2.54 -80.22 -13.24
CA LYS L 187 -1.59 -79.11 -13.29
C LYS L 187 -1.50 -78.58 -14.69
N ILE L 188 -1.44 -79.54 -15.60
CA ILE L 188 -1.20 -79.32 -17.04
C ILE L 188 -2.39 -78.80 -17.83
N THR L 189 -3.44 -79.62 -17.79
CA THR L 189 -4.73 -79.23 -18.27
C THR L 189 -4.91 -77.78 -17.92
N ALA L 190 -4.67 -77.48 -16.65
CA ALA L 190 -4.86 -76.14 -16.10
C ALA L 190 -3.90 -75.09 -16.71
N PHE L 191 -2.66 -75.48 -16.82
CA PHE L 191 -1.74 -74.64 -17.52
C PHE L 191 -2.33 -74.37 -18.88
N LEU L 192 -2.86 -75.41 -19.53
CA LEU L 192 -3.23 -75.35 -20.97
C LEU L 192 -4.62 -74.75 -21.28
N GLY L 193 -5.30 -74.32 -20.22
CA GLY L 193 -6.65 -73.79 -20.32
C GLY L 193 -7.76 -74.76 -20.66
N ILE L 194 -7.59 -76.05 -20.40
CA ILE L 194 -8.59 -77.02 -20.86
C ILE L 194 -9.33 -77.82 -19.77
N ASP L 195 -10.62 -77.55 -19.63
CA ASP L 195 -11.39 -78.36 -18.73
C ASP L 195 -11.41 -79.73 -19.32
N VAL L 196 -11.21 -80.72 -18.47
CA VAL L 196 -11.51 -82.11 -18.79
C VAL L 196 -12.03 -82.71 -17.49
N ASN L 197 -13.17 -83.36 -17.55
CA ASN L 197 -13.80 -83.78 -16.35
C ASN L 197 -13.21 -85.04 -15.75
N ASP L 198 -13.58 -85.20 -14.49
CA ASP L 198 -13.17 -86.34 -13.70
C ASP L 198 -13.22 -87.61 -14.52
N SER L 199 -14.39 -87.89 -15.08
CA SER L 199 -14.56 -89.12 -15.83
C SER L 199 -13.46 -89.18 -16.85
N GLU L 200 -13.34 -88.10 -17.60
CA GLU L 200 -12.48 -88.10 -18.74
C GLU L 200 -11.07 -88.37 -18.25
N MET L 201 -10.54 -87.41 -17.51
CA MET L 201 -9.20 -87.56 -16.99
C MET L 201 -8.98 -88.97 -16.57
N ALA L 202 -9.92 -89.45 -15.77
CA ALA L 202 -9.82 -90.76 -15.18
C ALA L 202 -9.54 -91.70 -16.30
N LYS L 203 -10.32 -91.53 -17.35
CA LYS L 203 -10.09 -92.32 -18.50
C LYS L 203 -8.61 -92.25 -18.78
N ILE L 204 -8.13 -91.04 -19.09
CA ILE L 204 -6.71 -90.83 -19.43
C ILE L 204 -5.74 -91.58 -18.55
N ALA L 205 -5.92 -91.36 -17.26
CA ALA L 205 -5.13 -92.04 -16.27
C ALA L 205 -5.04 -93.46 -16.75
N ARG L 206 -6.20 -94.02 -17.06
CA ARG L 206 -6.29 -95.41 -17.50
C ARG L 206 -5.33 -95.67 -18.68
N SER L 207 -5.50 -94.91 -19.75
CA SER L 207 -4.78 -95.12 -21.00
C SER L 207 -3.26 -94.89 -20.99
N THR L 208 -2.73 -94.18 -20.01
CA THR L 208 -1.32 -93.81 -20.08
C THR L 208 -0.49 -94.36 -18.93
N SER L 209 -0.89 -95.54 -18.47
CA SER L 209 -0.14 -96.30 -17.47
CA SER L 209 -0.13 -96.28 -17.46
C SER L 209 1.07 -96.96 -18.09
N PHE L 210 2.20 -96.89 -17.43
CA PHE L 210 3.35 -97.53 -18.02
C PHE L 210 3.00 -98.79 -18.80
N SER L 211 2.33 -99.73 -18.14
CA SER L 211 2.06 -101.03 -18.76
C SER L 211 1.05 -100.94 -19.86
N GLU L 212 0.38 -99.81 -19.98
CA GLU L 212 -0.61 -99.63 -21.04
C GLU L 212 0.06 -99.12 -22.33
N MET L 213 0.85 -98.07 -22.21
CA MET L 213 1.59 -97.53 -23.33
C MET L 213 2.63 -98.50 -23.86
N LYS L 214 2.93 -99.56 -23.11
CA LYS L 214 3.95 -100.52 -23.54
C LYS L 214 3.43 -101.50 -24.60
N SER L 215 2.21 -102.01 -24.41
CA SER L 215 1.53 -102.90 -25.39
C SER L 215 1.33 -102.20 -26.75
N ASN L 216 2.19 -102.49 -27.73
CA ASN L 216 2.20 -101.70 -28.97
C ASN L 216 2.99 -102.31 -30.14
N ALA L 217 2.59 -101.94 -31.37
CA ALA L 217 3.36 -102.22 -32.59
C ALA L 217 2.67 -101.91 -33.96
N ALA L 218 2.45 -100.63 -34.31
CA ALA L 218 1.99 -100.27 -35.68
C ALA L 218 1.96 -98.76 -36.07
N LYS L 219 0.78 -98.12 -35.97
CA LYS L 219 0.56 -96.74 -36.46
C LYS L 219 -0.42 -95.85 -35.63
N GLU L 220 -0.43 -94.53 -35.91
CA GLU L 220 -1.12 -93.50 -35.08
C GLU L 220 -2.61 -93.11 -35.47
N ASN L 221 -2.96 -91.81 -35.40
CA ASN L 221 -4.29 -91.30 -35.81
C ASN L 221 -4.46 -91.25 -37.33
N CYS L 222 -3.32 -91.40 -38.03
CA CYS L 222 -3.25 -91.70 -39.47
C CYS L 222 -2.16 -92.83 -39.64
N ASP L 223 -1.70 -93.11 -40.87
CA ASP L 223 -0.94 -94.36 -41.13
C ASP L 223 0.54 -94.45 -40.69
N PRO L 224 1.43 -93.75 -41.41
CA PRO L 224 2.84 -93.96 -41.05
C PRO L 224 2.99 -93.72 -39.58
N ASN L 225 4.10 -94.15 -39.02
CA ASN L 225 4.32 -93.90 -37.61
C ASN L 225 4.81 -92.47 -37.40
N HIS L 226 4.29 -91.84 -36.38
CA HIS L 226 4.69 -90.49 -36.01
C HIS L 226 5.77 -90.64 -34.95
N VAL L 227 6.77 -89.79 -35.01
CA VAL L 227 7.76 -89.86 -33.96
C VAL L 227 7.64 -88.64 -33.09
N ILE L 228 8.30 -88.71 -31.94
CA ILE L 228 8.30 -87.60 -31.03
C ILE L 228 9.57 -87.52 -30.19
N CYS L 229 10.49 -88.46 -30.32
CA CYS L 229 11.83 -88.27 -29.77
C CYS L 229 12.77 -88.56 -30.88
N ALA L 230 13.63 -87.59 -31.14
CA ALA L 230 14.46 -87.61 -32.32
C ALA L 230 15.29 -88.87 -32.37
N LEU L 231 15.50 -89.50 -31.22
CA LEU L 231 16.39 -90.66 -31.12
C LEU L 231 15.68 -91.95 -31.43
N THR L 232 14.40 -92.01 -31.13
CA THR L 232 13.71 -93.29 -31.10
C THR L 232 12.89 -93.63 -32.36
N SER L 233 13.39 -94.58 -33.12
CA SER L 233 12.62 -95.14 -34.21
C SER L 233 11.65 -96.21 -33.69
N ASP L 234 12.13 -97.11 -32.84
CA ASP L 234 11.25 -98.14 -32.28
C ASP L 234 10.82 -97.81 -30.87
N ARG L 235 9.54 -97.51 -30.73
CA ARG L 235 9.01 -97.14 -29.44
C ARG L 235 9.04 -98.32 -28.46
N ASN L 236 9.31 -99.53 -28.95
CA ASN L 236 9.33 -100.64 -28.00
C ASN L 236 10.51 -100.46 -27.11
N LEU L 237 11.54 -99.88 -27.70
CA LEU L 237 12.76 -99.68 -27.00
C LEU L 237 12.57 -98.78 -25.81
N VAL L 238 11.48 -98.04 -25.74
CA VAL L 238 11.38 -97.07 -24.65
C VAL L 238 10.74 -97.63 -23.39
N PHE L 239 9.80 -98.57 -23.51
CA PHE L 239 9.14 -99.11 -22.32
C PHE L 239 9.93 -100.25 -21.69
N ARG L 240 10.91 -99.79 -20.91
CA ARG L 240 11.83 -100.63 -20.19
C ARG L 240 11.20 -100.99 -18.85
N LYS L 241 11.48 -100.17 -17.84
CA LYS L 241 10.81 -100.29 -16.54
C LYS L 241 9.70 -99.23 -16.43
N GLY L 242 10.08 -97.96 -16.29
CA GLY L 242 9.09 -96.92 -16.07
C GLY L 242 8.84 -96.72 -14.58
N VAL L 243 9.88 -96.95 -13.79
CA VAL L 243 9.80 -96.70 -12.36
C VAL L 243 10.83 -95.65 -11.97
N VAL L 244 10.64 -95.11 -10.75
CA VAL L 244 11.60 -94.24 -10.06
C VAL L 244 12.51 -95.07 -9.15
N GLY L 245 13.78 -94.71 -9.11
CA GLY L 245 14.70 -95.19 -8.09
C GLY L 245 15.73 -96.19 -8.57
N ASP L 246 15.48 -96.78 -9.74
CA ASP L 246 16.26 -97.92 -10.20
C ASP L 246 17.76 -97.63 -10.30
N TRP L 247 18.12 -96.36 -10.32
CA TRP L 247 19.53 -96.03 -10.38
C TRP L 247 20.23 -96.82 -9.29
N ILE L 248 19.56 -97.02 -8.17
CA ILE L 248 20.23 -97.60 -7.01
C ILE L 248 20.91 -98.92 -7.32
N ASN L 249 20.47 -99.61 -8.37
CA ASN L 249 21.05 -100.90 -8.70
C ASN L 249 22.27 -100.80 -9.58
N TYR L 250 22.73 -99.59 -9.84
CA TYR L 250 23.79 -99.41 -10.81
C TYR L 250 24.93 -98.72 -10.21
N PHE L 251 24.60 -97.64 -9.54
CA PHE L 251 25.63 -96.85 -8.96
C PHE L 251 26.41 -97.61 -7.93
N THR L 252 27.72 -97.46 -8.00
CA THR L 252 28.55 -97.90 -6.92
C THR L 252 28.82 -96.70 -6.07
N PRO L 253 29.08 -96.97 -4.81
CA PRO L 253 29.29 -95.93 -3.82
C PRO L 253 29.97 -94.75 -4.46
N LYS L 254 31.23 -94.91 -4.79
CA LYS L 254 32.00 -93.78 -5.20
C LYS L 254 31.30 -92.98 -6.29
N GLN L 255 30.84 -93.63 -7.34
CA GLN L 255 30.01 -92.93 -8.31
C GLN L 255 28.99 -92.16 -7.58
N ASN L 256 28.30 -92.86 -6.71
CA ASN L 256 27.31 -92.20 -5.92
C ASN L 256 27.83 -90.99 -5.18
N ARG L 257 29.04 -91.08 -4.65
CA ARG L 257 29.65 -89.90 -4.08
C ARG L 257 29.95 -88.91 -5.16
N GLY L 258 30.70 -89.37 -6.16
CA GLY L 258 31.27 -88.44 -7.08
C GLY L 258 30.15 -87.70 -7.74
N PHE L 259 28.96 -88.28 -7.71
CA PHE L 259 27.85 -87.66 -8.37
C PHE L 259 27.28 -86.56 -7.48
N ASP L 260 26.71 -86.99 -6.37
CA ASP L 260 26.17 -86.07 -5.42
C ASP L 260 26.94 -84.78 -5.39
N GLU L 261 28.25 -84.94 -5.40
CA GLU L 261 29.12 -83.80 -5.37
C GLU L 261 28.95 -82.99 -6.60
N LEU L 262 28.96 -83.64 -7.73
CA LEU L 262 28.75 -82.89 -8.95
C LEU L 262 27.52 -82.06 -8.81
N PHE L 263 26.42 -82.75 -8.59
CA PHE L 263 25.15 -82.12 -8.41
C PHE L 263 25.24 -80.90 -7.50
N THR L 264 25.55 -81.11 -6.23
CA THR L 264 25.60 -79.98 -5.34
C THR L 264 26.31 -78.79 -5.92
N GLU L 265 27.42 -79.03 -6.57
CA GLU L 265 28.14 -77.92 -7.18
C GLU L 265 27.41 -77.28 -8.32
N LYS L 266 26.97 -78.06 -9.28
CA LYS L 266 26.22 -77.47 -10.35
C LYS L 266 24.96 -76.93 -9.73
N MET L 267 24.36 -77.68 -8.80
CA MET L 267 23.01 -77.38 -8.29
C MET L 267 22.96 -76.82 -6.85
N ARG L 268 24.00 -76.10 -6.47
CA ARG L 268 23.94 -75.24 -5.30
C ARG L 268 22.53 -74.99 -4.86
N ASN L 269 22.03 -73.83 -5.24
CA ASN L 269 20.85 -73.28 -4.65
C ASN L 269 19.70 -73.29 -5.63
N SER L 270 19.63 -74.36 -6.42
CA SER L 270 18.56 -74.53 -7.39
C SER L 270 17.35 -75.19 -6.73
N ASP L 271 16.18 -74.59 -6.85
CA ASP L 271 15.05 -75.13 -6.14
C ASP L 271 14.75 -76.49 -6.68
N VAL L 272 14.61 -76.56 -7.99
CA VAL L 272 14.20 -77.78 -8.66
C VAL L 272 15.01 -78.99 -8.18
N GLY L 273 16.32 -78.81 -8.05
CA GLY L 273 17.17 -79.86 -7.52
C GLY L 273 16.72 -80.22 -6.13
N ARG L 274 16.68 -79.20 -5.28
CA ARG L 274 16.24 -79.36 -3.92
C ARG L 274 14.98 -80.24 -3.91
N CYS L 275 14.09 -80.09 -4.88
CA CYS L 275 12.92 -80.94 -4.94
C CYS L 275 13.17 -82.37 -5.31
N LEU L 276 14.02 -82.60 -6.29
CA LEU L 276 14.21 -83.96 -6.76
C LEU L 276 14.85 -84.72 -5.67
N LYS L 277 15.63 -84.00 -4.87
CA LYS L 277 16.24 -84.58 -3.69
C LYS L 277 15.14 -85.10 -2.76
N GLU L 278 14.31 -84.16 -2.28
CA GLU L 278 13.07 -84.46 -1.56
C GLU L 278 12.31 -85.69 -2.10
N TYR L 279 12.47 -85.95 -3.39
CA TYR L 279 11.98 -87.19 -3.98
C TYR L 279 12.87 -88.37 -3.56
N ALA L 280 14.12 -88.37 -4.03
CA ALA L 280 15.09 -89.41 -3.72
C ALA L 280 14.99 -89.68 -2.24
N HIS L 281 14.80 -88.58 -1.54
CA HIS L 281 14.67 -88.53 -0.10
C HIS L 281 13.47 -89.34 0.41
N SER L 282 12.98 -90.27 -0.39
CA SER L 282 12.16 -91.35 0.11
C SER L 282 11.71 -92.24 -1.01
N ALA L 283 10.56 -92.87 -0.80
CA ALA L 283 10.01 -93.82 -1.76
C ALA L 283 11.14 -94.52 -2.54
P1 A3P M . -4.17 82.28 42.60
O1P A3P M . -3.10 83.27 42.96
O2P A3P M . -5.56 82.65 43.20
O3P A3P M . -3.82 80.92 43.21
P2 A3P M . -6.95 83.67 35.68
O4P A3P M . -7.90 84.64 36.17
O5P A3P M . -7.69 82.63 34.89
O6P A3P M . -5.91 84.30 34.74
O5' A3P M . -6.29 82.93 36.98
C5' A3P M . -5.81 83.53 38.17
C4' A3P M . -4.75 82.79 38.85
O4' A3P M . -3.60 82.90 38.06
C3' A3P M . -4.36 83.31 40.19
O3' A3P M . -4.23 82.21 41.07
C2' A3P M . -3.11 83.97 39.97
O2' A3P M . -2.41 83.95 41.22
C1' A3P M . -2.49 83.17 38.89
N9 A3P M . -1.39 83.78 38.05
C8 A3P M . -1.50 84.89 37.27
N7 A3P M . -0.34 85.14 36.66
C5 A3P M . 0.53 84.18 37.01
C6 A3P M . 1.86 83.90 36.69
N6 A3P M . 2.61 84.76 35.82
N1 A3P M . 2.46 82.83 37.20
C2 A3P M . 1.78 82.02 38.02
N3 A3P M . 0.51 82.27 38.35
C4 A3P M . -0.15 83.32 37.87
CA CA N . -19.34 63.27 22.29
P1 A3P O . -33.25 41.89 29.80
O1P A3P O . -33.96 42.22 31.06
O2P A3P O . -34.03 40.75 29.08
O3P A3P O . -31.86 41.46 30.30
P2 A3P O . -33.45 46.34 23.53
O4P A3P O . -34.53 47.45 23.41
O5P A3P O . -32.14 46.90 23.05
O6P A3P O . -33.91 45.19 22.77
O5' A3P O . -33.26 45.91 25.10
C5' A3P O . -33.99 44.94 25.83
C4' A3P O . -33.56 44.82 27.24
O4' A3P O . -33.86 46.04 27.84
C3' A3P O . -34.16 43.71 28.05
O3' A3P O . -33.15 43.14 28.91
C2' A3P O . -35.28 44.38 28.69
O2' A3P O . -35.55 43.86 30.00
C1' A3P O . -34.95 45.84 28.71
N9 A3P O . -35.76 47.04 29.18
C8 A3P O . -36.73 47.59 28.41
N7 A3P O . -37.31 48.62 29.02
C5 A3P O . -36.72 48.80 30.20
C6 A3P O . -36.93 49.72 31.21
N6 A3P O . -37.96 50.71 31.03
N1 A3P O . -36.19 49.66 32.33
C2 A3P O . -35.25 48.72 32.45
N3 A3P O . -35.03 47.81 31.47
C4 A3P O . -35.74 47.80 30.33
CA CA P . -19.77 52.01 4.81
CA CA Q . -29.77 40.92 33.75
P1 A3P R . 0.88 52.90 -12.21
O1P A3P R . -0.26 53.89 -12.38
O2P A3P R . 0.22 51.49 -12.37
O3P A3P R . 1.92 53.16 -13.25
P2 A3P R . 1.61 50.79 -5.08
O4P A3P R . 3.09 50.97 -4.64
O5P A3P R . 0.75 51.22 -3.93
O6P A3P R . 1.24 49.40 -5.28
O5' A3P R . 1.29 51.65 -6.42
C5' A3P R . 1.78 51.45 -7.71
C4' A3P R . 1.84 52.62 -8.55
O4' A3P R . 2.85 53.43 -8.04
C3' A3P R . 2.22 52.27 -9.94
O3' A3P R . 1.58 53.17 -10.85
C2' A3P R . 3.66 52.41 -9.80
O2' A3P R . 4.37 52.47 -11.02
C1' A3P R . 3.83 53.64 -9.03
N9 A3P R . 5.18 53.96 -8.50
C8 A3P R . 6.02 53.11 -7.88
N7 A3P R . 7.14 53.76 -7.53
C5 A3P R . 7.05 55.04 -7.95
C6 A3P R . 7.89 56.15 -7.88
N6 A3P R . 9.21 56.05 -7.29
N1 A3P R . 7.49 57.32 -8.39
C2 A3P R . 6.30 57.42 -8.95
N3 A3P R . 5.47 56.37 -9.03
C4 A3P R . 5.80 55.18 -8.55
CA CA S . -11.71 44.77 13.86
CA CA T . -9.43 46.80 2.76
CA CA U . -2.88 37.69 -12.46
P1 A3P V . 16.94 31.31 -30.45
O1P A3P V . 16.21 32.45 -29.91
O2P A3P V . 18.32 31.57 -30.55
O3P A3P V . 16.43 30.87 -31.68
P2 A3P V . 18.15 25.61 -25.40
O4P A3P V . 19.50 26.18 -25.46
O5P A3P V . 18.09 24.28 -25.87
O6P A3P V . 17.45 25.85 -24.13
O5' A3P V . 17.35 26.49 -26.48
C5' A3P V . 17.49 27.91 -26.74
C4' A3P V . 16.70 28.39 -27.92
O4' A3P V . 15.37 28.32 -27.53
C3' A3P V . 16.97 29.82 -28.23
O3' A3P V . 16.62 30.04 -29.58
C2' A3P V . 15.99 30.51 -27.33
O2' A3P V . 15.73 31.83 -27.75
C1' A3P V . 14.82 29.60 -27.45
N9 A3P V . 13.88 29.74 -26.33
C8 A3P V . 14.22 29.85 -25.06
N7 A3P V . 13.17 29.95 -24.28
C5 A3P V . 12.10 29.94 -25.02
C6 A3P V . 10.66 30.01 -24.77
N6 A3P V . 10.15 30.17 -23.54
N1 A3P V . 9.87 29.93 -25.83
C2 A3P V . 10.33 29.79 -27.06
N3 A3P V . 11.63 29.70 -27.33
C4 A3P V . 12.56 29.76 -26.38
CA CA W . 27.28 3.68 -23.94
CA CA X . 7.13 6.82 -26.95
CA CA Y . 15.29 10.48 -8.97
P1 A3P Z . 38.35 -19.79 -32.04
O1P A3P Z . 39.54 -18.83 -32.24
O2P A3P Z . 37.96 -19.50 -30.61
O3P A3P Z . 38.79 -21.19 -32.35
P2 A3P Z . 34.73 -15.53 -36.73
O4P A3P Z . 33.91 -14.33 -36.37
O5P A3P Z . 35.94 -15.02 -37.32
O6P A3P Z . 33.96 -16.54 -37.62
O5' A3P Z . 35.21 -16.31 -35.38
C5' A3P Z . 36.19 -17.29 -35.40
C4' A3P Z . 35.95 -18.34 -34.44
O4' A3P Z . 34.92 -19.08 -34.98
C3' A3P Z . 37.13 -19.21 -34.29
O3' A3P Z . 37.14 -19.54 -32.92
C2' A3P Z . 36.84 -20.28 -35.22
O2' A3P Z . 37.52 -21.49 -34.90
C1' A3P Z . 35.38 -20.43 -35.10
N9 A3P Z . 34.68 -21.24 -36.18
C8 A3P Z . 34.66 -20.98 -37.50
N7 A3P Z . 33.96 -21.96 -38.13
C5 A3P Z . 33.49 -22.83 -37.22
C6 A3P Z . 32.72 -24.00 -37.26
N6 A3P Z . 32.19 -24.54 -38.48
N1 A3P Z . 32.45 -24.64 -36.11
C2 A3P Z . 32.90 -24.20 -34.95
N3 A3P Z . 33.64 -23.08 -34.87
C4 A3P Z . 33.96 -22.37 -35.97
CA CA AA . 24.93 6.49 -38.00
P1 A3P BA . -21.14 -2.99 -36.54
O1P A3P BA . -21.60 -2.03 -35.41
O2P A3P BA . -20.68 -2.14 -37.73
O3P A3P BA . -22.30 -3.86 -36.96
P2 A3P BA . -17.03 -5.25 -31.10
O4P A3P BA . -17.82 -4.44 -30.20
O5P A3P BA . -15.58 -5.00 -30.77
O6P A3P BA . -17.35 -6.74 -30.89
O5' A3P BA . -17.33 -4.85 -32.67
C5' A3P BA . -18.55 -5.16 -33.28
C4' A3P BA . -18.66 -5.12 -34.74
O4' A3P BA . -18.27 -6.32 -35.35
C3' A3P BA . -20.06 -4.87 -35.12
O3' A3P BA . -20.00 -3.91 -36.12
C2' A3P BA . -20.49 -6.22 -35.46
O2' A3P BA . -21.66 -6.30 -36.28
C1' A3P BA . -19.34 -6.77 -36.16
N9 A3P BA . -19.25 -8.24 -36.28
C8 A3P BA . -19.37 -9.11 -35.26
N7 A3P BA . -19.20 -10.36 -35.70
C5 A3P BA . -18.98 -10.29 -37.02
C6 A3P BA . -18.76 -11.25 -37.99
N6 A3P BA . -18.74 -12.62 -37.57
N1 A3P BA . -18.57 -10.92 -39.26
C2 A3P BA . -18.56 -9.64 -39.60
N3 A3P BA . -18.79 -8.67 -38.69
C4 A3P BA . -19.00 -8.96 -37.40
CA CA CA . -0.31 -0.44 -16.83
C1 GOL DA . -4.02 3.11 -7.75
O1 GOL DA . -4.69 2.01 -7.14
C2 GOL DA . -2.57 2.73 -7.98
O2 GOL DA . -1.76 3.35 -7.03
C3 GOL DA . -2.15 3.19 -9.38
O3 GOL DA . -2.64 2.31 -10.37
P1 A3P EA . -25.54 -16.48 6.29
O1P A3P EA . -25.64 -15.01 5.93
O2P A3P EA . -26.97 -16.91 6.59
O3P A3P EA . -25.06 -17.35 5.15
P2 A3P EA . -23.15 -18.02 13.04
O4P A3P EA . -22.71 -16.93 13.95
O5P A3P EA . -24.50 -18.39 13.40
O6P A3P EA . -22.13 -19.12 12.91
O5' A3P EA . -23.26 -17.41 11.58
C5' A3P EA . -23.58 -18.16 10.47
C4' A3P EA . -23.40 -17.32 9.31
O4' A3P EA . -22.04 -17.39 9.02
C3' A3P EA . -24.16 -17.77 8.15
O3' A3P EA . -24.58 -16.61 7.47
C2' A3P EA . -23.13 -18.53 7.50
O2' A3P EA . -23.47 -18.77 6.15
C1' A3P EA . -21.89 -17.76 7.65
N9 A3P EA . -20.57 -18.47 7.40
C8 A3P EA . -20.21 -19.57 8.09
N7 A3P EA . -19.00 -19.99 7.67
C5 A3P EA . -18.56 -19.17 6.72
C6 A3P EA . -17.39 -19.17 5.95
N6 A3P EA . -16.36 -20.16 6.13
N1 A3P EA . -17.23 -18.21 5.06
C2 A3P EA . -18.16 -17.26 4.88
N3 A3P EA . -19.29 -17.25 5.61
C4 A3P EA . -19.55 -18.18 6.54
CA CA FA . -23.36 -9.76 35.54
CA CA GA . -8.66 -3.63 22.36
P1 A3P HA . 12.85 18.14 12.50
O1P A3P HA . 13.84 19.27 12.41
O2P A3P HA . 13.68 16.93 12.02
O3P A3P HA . 11.60 18.20 11.61
P2 A3P HA . 12.40 13.65 18.62
O4P A3P HA . 12.55 14.05 20.11
O5P A3P HA . 11.38 12.59 18.47
O6P A3P HA . 13.65 13.22 18.10
O5' A3P HA . 11.92 14.92 17.70
C5' A3P HA . 12.68 15.58 16.72
C4' A3P HA . 12.11 16.77 16.03
O4' A3P HA . 11.77 17.74 16.96
C3' A3P HA . 13.02 17.46 15.06
O3' A3P HA . 12.32 17.91 13.93
C2' A3P HA . 13.47 18.62 15.77
O2' A3P HA . 13.89 19.62 14.84
C1' A3P HA . 12.27 18.98 16.52
N9 A3P HA . 12.44 19.81 17.71
C8 A3P HA . 13.33 19.56 18.67
N7 A3P HA . 13.23 20.49 19.63
C5 A3P HA . 12.25 21.32 19.30
C6 A3P HA . 11.73 22.44 19.91
N6 A3P HA . 12.28 22.89 21.16
N1 A3P HA . 10.72 23.07 19.33
C2 A3P HA . 10.21 22.66 18.15
N3 A3P HA . 10.71 21.58 17.53
C4 A3P HA . 11.72 20.90 18.07
CA CA IA . 2.45 -7.57 25.64
P1 A3P JA . -29.44 6.16 56.52
O1P A3P JA . -29.84 7.13 57.60
O2P A3P JA . -30.53 5.12 56.18
O3P A3P JA . -28.22 5.37 57.02
P2 A3P JA . -30.30 8.37 49.34
O4P A3P JA . -30.55 9.88 49.18
O5P A3P JA . -29.39 7.86 48.26
O6P A3P JA . -31.53 7.60 49.22
O5' A3P JA . -29.51 8.17 50.77
C5' A3P JA . -30.13 8.04 52.04
C4' A3P JA . -29.23 7.77 53.15
O4' A3P JA . -28.36 8.83 53.32
C3' A3P JA . -29.91 7.69 54.45
O3' A3P JA . -29.07 6.98 55.29
C2' A3P JA . -29.96 9.03 54.88
O2' A3P JA . -30.28 9.08 56.26
C1' A3P JA . -28.60 9.40 54.60
N9 A3P JA . -28.29 10.82 54.49
C8 A3P JA . -29.01 11.74 53.81
N7 A3P JA . -28.39 12.91 53.91
C5 A3P JA . -27.27 12.72 54.64
C6 A3P JA . -26.25 13.56 55.10
N6 A3P JA . -26.31 14.95 54.73
N1 A3P JA . -25.23 13.07 55.82
C2 A3P JA . -25.20 11.78 56.16
N3 A3P JA . -26.17 10.96 55.75
C4 A3P JA . -27.20 11.39 55.01
CA CA KA . -29.16 0.59 26.86
P1 A3P LA . -9.81 -38.65 -12.14
O1P A3P LA . -9.08 -37.47 -11.45
O2P A3P LA . -9.54 -38.51 -13.62
O3P A3P LA . -11.29 -38.64 -11.89
P2 A3P LA . -5.74 -42.80 -7.21
O4P A3P LA . -5.25 -41.51 -6.79
O5P A3P LA . -4.56 -43.69 -7.48
O6P A3P LA . -6.47 -43.41 -6.05
O5' A3P LA . -6.76 -42.54 -8.50
C5' A3P LA . -7.68 -41.47 -8.68
C4' A3P LA . -8.22 -41.25 -10.04
O4' A3P LA . -9.01 -42.34 -10.39
C3' A3P LA . -9.15 -40.14 -10.22
O3' A3P LA . -9.19 -39.92 -11.59
C2' A3P LA . -10.40 -40.70 -9.78
O2' A3P LA . -11.60 -40.07 -10.20
C1' A3P LA . -10.37 -41.94 -10.49
N9 A3P LA . -11.32 -42.94 -9.96
C8 A3P LA . -11.44 -43.24 -8.66
N7 A3P LA . -12.40 -44.18 -8.49
C5 A3P LA . -12.91 -44.48 -9.71
C6 A3P LA . -13.90 -45.36 -10.18
N6 A3P LA . -14.65 -46.20 -9.27
N1 A3P LA . -14.18 -45.40 -11.48
C2 A3P LA . -13.51 -44.63 -12.33
N3 A3P LA . -12.54 -43.78 -11.93
C4 A3P LA . -12.22 -43.68 -10.64
CA CA MA . 15.20 -51.70 -2.19
CA CA NA . -2.87 -28.72 -3.09
C1 GOL OA . 3.05 -21.50 -3.85
O1 GOL OA . 4.44 -21.73 -3.92
C2 GOL OA . 2.37 -22.50 -4.77
O2 GOL OA . 2.04 -23.65 -4.01
C3 GOL OA . 1.18 -21.82 -5.47
O3 GOL OA . 1.73 -21.05 -6.54
P1 A3P PA . 42.61 -55.52 -4.93
O1P A3P PA . 42.72 -54.08 -4.41
O2P A3P PA . 42.12 -56.36 -3.76
O3P A3P PA . 43.96 -56.00 -5.39
P2 A3P PA . 38.42 -52.91 -10.40
O4P A3P PA . 38.32 -51.52 -10.03
O5P A3P PA . 37.06 -53.44 -10.58
O6P A3P PA . 39.22 -53.06 -11.71
O5' A3P PA . 39.14 -53.74 -9.22
C5' A3P PA . 40.43 -53.56 -8.71
C4' A3P PA . 40.72 -54.77 -7.97
O4' A3P PA . 40.78 -55.76 -8.93
C3' A3P PA . 41.98 -54.78 -7.23
O3' A3P PA . 41.69 -55.54 -6.10
C2' A3P PA . 42.86 -55.47 -8.12
O2' A3P PA . 43.94 -56.10 -7.48
C1' A3P PA . 41.96 -56.47 -8.67
N9 A3P PA . 42.52 -57.08 -9.90
C8 A3P PA . 42.84 -56.36 -10.99
N7 A3P PA . 43.35 -57.16 -11.93
C5 A3P PA . 43.37 -58.41 -11.45
C6 A3P PA . 43.80 -59.61 -11.99
N6 A3P PA . 44.36 -59.63 -13.32
N1 A3P PA . 43.68 -60.73 -11.26
C2 A3P PA . 43.19 -60.68 -10.01
N3 A3P PA . 42.76 -59.54 -9.47
C4 A3P PA . 42.84 -58.38 -10.15
CA CA QA . 21.44 -65.43 -17.36
CA CA RA . 16.51 -45.21 -16.58
P1 A3P SA . 13.19 -95.57 -17.61
O1P A3P SA . 13.80 -95.45 -16.19
O2P A3P SA . 14.31 -95.33 -18.65
O3P A3P SA . 12.51 -96.93 -17.80
P2 A3P SA . 12.20 -90.18 -22.10
O4P A3P SA . 12.33 -88.74 -21.57
O5P A3P SA . 13.41 -90.45 -22.88
O6P A3P SA . 11.02 -90.46 -23.04
O5' A3P SA . 11.99 -91.18 -20.82
C5' A3P SA . 11.60 -92.54 -20.82
C4' A3P SA . 11.34 -93.10 -19.47
O4' A3P SA . 9.98 -93.14 -19.15
C3' A3P SA . 11.75 -94.49 -19.29
O3' A3P SA . 12.16 -94.51 -17.95
C2' A3P SA . 10.53 -95.23 -19.56
O2' A3P SA . 10.54 -96.59 -19.16
C1' A3P SA . 9.55 -94.46 -18.82
N9 A3P SA . 8.07 -94.63 -19.13
C8 A3P SA . 7.55 -94.71 -20.37
N7 A3P SA . 6.20 -94.81 -20.30
C5 A3P SA . 5.84 -94.77 -19.02
C6 A3P SA . 4.62 -94.82 -18.36
N6 A3P SA . 3.36 -94.96 -19.04
N1 A3P SA . 4.60 -94.75 -17.04
C2 A3P SA . 5.73 -94.64 -16.35
N3 A3P SA . 6.90 -94.58 -16.95
C4 A3P SA . 7.01 -94.65 -18.27
CA CA TA . 4.26 -62.23 -27.94
#